data_6X64
#
_entry.id   6X64
#
_cell.length_a   1.00
_cell.length_b   1.00
_cell.length_c   1.00
_cell.angle_alpha   90.00
_cell.angle_beta   90.00
_cell.angle_gamma   90.00
#
_symmetry.space_group_name_H-M   'P 1'
#
_entity_poly.entity_id   1
_entity_poly.type   'polypeptide(L)'
_entity_poly.pdbx_seq_one_letter_code
;(UNK)(UNK)(UNK)(UNK)(UNK)(UNK)(UNK)(UNK)(UNK)(UNK)(UNK)(UNK)(UNK)(UNK)(UNK)(UNK)
(UNK)(UNK)(UNK)(UNK)(UNK)(UNK)(UNK)(UNK)(UNK)(UNK)(UNK)(UNK)(UNK)(UNK)(UNK)(UNK)
(UNK)(UNK)(UNK)(UNK)(UNK)(UNK)(UNK)(UNK)(UNK)(UNK)(UNK)(UNK)(UNK)(UNK)(UNK)(UNK)
(UNK)(UNK)(UNK)(UNK)(UNK)(UNK)(UNK)(UNK)(UNK)(UNK)(UNK)(UNK)(UNK)(UNK)(UNK)(UNK)
(UNK)(UNK)(UNK)(UNK)(UNK)(UNK)(UNK)(UNK)(UNK)(UNK)(UNK)(UNK)(UNK)(UNK)(UNK)(UNK)
(UNK)(UNK)(UNK)(UNK)(UNK)(UNK)(UNK)(UNK)(UNK)(UNK)(UNK)(UNK)(UNK)(UNK)(UNK)(UNK)
(UNK)(UNK)(UNK)(UNK)(UNK)(UNK)(UNK)(UNK)(UNK)(UNK)(UNK)(UNK)(UNK)(UNK)(UNK)(UNK)
(UNK)(UNK)(UNK)(UNK)(UNK)(UNK)(UNK)(UNK)(UNK)(UNK)(UNK)(UNK)(UNK)(UNK)(UNK)(UNK)
(UNK)(UNK)(UNK)(UNK)(UNK)(UNK)(UNK)(UNK)(UNK)(UNK)(UNK)(UNK)(UNK)(UNK)(UNK)(UNK)
(UNK)(UNK)(UNK)(UNK)(UNK)(UNK)(UNK)(UNK)(UNK)(UNK)(UNK)(UNK)(UNK)(UNK)(UNK)(UNK)
(UNK)(UNK)(UNK)(UNK)(UNK)(UNK)(UNK)(UNK)(UNK)(UNK)(UNK)(UNK)(UNK)(UNK)(UNK)(UNK)
(UNK)(UNK)(UNK)(UNK)(UNK)(UNK)(UNK)(UNK)(UNK)(UNK)(UNK)(UNK)(UNK)(UNK)(UNK)(UNK)
(UNK)(UNK)(UNK)(UNK)(UNK)(UNK)(UNK)(UNK)(UNK)(UNK)(UNK)(UNK)(UNK)(UNK)(UNK)(UNK)
(UNK)(UNK)(UNK)(UNK)(UNK)(UNK)(UNK)(UNK)(UNK)(UNK)(UNK)(UNK)(UNK)(UNK)(UNK)(UNK)
(UNK)(UNK)(UNK)(UNK)(UNK)(UNK)(UNK)(UNK)(UNK)(UNK)(UNK)(UNK)(UNK)(UNK)(UNK)(UNK)
(UNK)(UNK)(UNK)(UNK)(UNK)(UNK)(UNK)(UNK)(UNK)(UNK)(UNK)(UNK)(UNK)(UNK)(UNK)(UNK)
(UNK)(UNK)(UNK)(UNK)(UNK)(UNK)(UNK)(UNK)(UNK)(UNK)(UNK)(UNK)(UNK)(UNK)(UNK)(UNK)
(UNK)(UNK)(UNK)(UNK)(UNK)(UNK)(UNK)(UNK)(UNK)(UNK)(UNK)(UNK)(UNK)(UNK)(UNK)(UNK)
(UNK)(UNK)(UNK)(UNK)(UNK)(UNK)(UNK)(UNK)(UNK)(UNK)(UNK)(UNK)(UNK)(UNK)(UNK)(UNK)
(UNK)(UNK)(UNK)(UNK)(UNK)(UNK)(UNK)(UNK)(UNK)(UNK)(UNK)(UNK)(UNK)(UNK)(UNK)(UNK)
(UNK)(UNK)(UNK)(UNK)(UNK)(UNK)(UNK)(UNK)(UNK)(UNK)
;
_entity_poly.pdbx_strand_id   AV,AW,BV,BW,CV,CW,DV,DW,EV,EW,FV,FW,GV,GW,HV,HW,IV,IW,JV,JW,KV,KW,LV,LW,MV,MW,NV,NW,OV,OW,PV,PW,QV,QW,RV,RW
#
# COMPACT_ATOMS: atom_id res chain seq x y z
N UNK A 1 18.13 -29.00 -67.48
CA UNK A 1 17.64 -28.29 -66.31
C UNK A 1 17.06 -26.96 -66.71
N UNK A 2 17.37 -26.56 -67.94
CA UNK A 2 16.94 -25.28 -68.47
C UNK A 2 15.45 -25.28 -68.74
N UNK A 3 14.89 -26.43 -69.13
CA UNK A 3 13.46 -26.56 -69.27
C UNK A 3 12.76 -26.57 -67.92
N UNK A 4 13.44 -27.07 -66.88
CA UNK A 4 12.91 -27.03 -65.53
C UNK A 4 12.89 -25.62 -65.00
N UNK A 5 13.90 -24.83 -65.36
CA UNK A 5 13.93 -23.43 -64.98
C UNK A 5 12.91 -22.61 -65.75
N UNK A 6 12.67 -22.97 -67.03
CA UNK A 6 11.72 -22.26 -67.86
C UNK A 6 10.29 -22.53 -67.42
N UNK A 7 10.00 -23.79 -67.06
CA UNK A 7 8.71 -24.11 -66.49
C UNK A 7 8.54 -23.58 -65.09
N UNK A 8 9.64 -23.40 -64.35
CA UNK A 8 9.56 -22.82 -63.02
C UNK A 8 9.24 -21.33 -63.06
N UNK A 9 9.83 -20.61 -64.01
CA UNK A 9 9.52 -19.20 -64.18
C UNK A 9 8.14 -18.99 -64.76
N UNK A 10 7.67 -19.93 -65.59
CA UNK A 10 6.30 -19.88 -66.08
C UNK A 10 5.31 -20.20 -64.99
N UNK A 11 5.68 -21.08 -64.07
CA UNK A 11 4.79 -21.45 -62.97
C UNK A 11 4.72 -20.36 -61.92
N UNK A 12 5.85 -19.70 -61.65
CA UNK A 12 5.83 -18.60 -60.71
C UNK A 12 5.19 -17.36 -61.31
N UNK A 13 5.25 -17.22 -62.63
CA UNK A 13 4.54 -16.16 -63.30
C UNK A 13 3.05 -16.41 -63.32
N UNK A 14 2.64 -17.67 -63.38
CA UNK A 14 1.22 -17.95 -63.24
C UNK A 14 0.77 -17.84 -61.79
N UNK A 15 1.69 -18.06 -60.86
CA UNK A 15 1.32 -18.06 -59.46
C UNK A 15 1.20 -16.65 -58.90
N UNK A 16 2.18 -15.79 -59.20
CA UNK A 16 2.31 -14.53 -58.47
C UNK A 16 1.31 -13.49 -58.95
N UNK A 17 1.45 -13.04 -60.17
CA UNK A 17 0.37 -12.27 -60.80
C UNK A 17 -0.59 -13.34 -61.29
N UNK A 18 -1.57 -13.66 -60.45
CA UNK A 18 -2.36 -14.87 -60.64
C UNK A 18 -3.42 -14.70 -61.72
N UNK A 19 -4.13 -13.58 -61.70
CA UNK A 19 -5.08 -13.30 -62.75
C UNK A 19 -4.34 -12.86 -64.00
N UNK A 20 -4.95 -13.14 -65.15
CA UNK A 20 -4.33 -12.82 -66.42
C UNK A 20 -4.42 -11.33 -66.68
N UNK A 21 -3.51 -10.87 -67.54
CA UNK A 21 -3.41 -9.45 -67.84
C UNK A 21 -4.58 -8.93 -68.68
N UNK A 22 -5.26 -9.80 -69.41
CA UNK A 22 -6.52 -9.43 -70.00
C UNK A 22 -7.67 -9.58 -69.03
N UNK A 23 -7.55 -10.54 -68.11
CA UNK A 23 -8.62 -10.84 -67.19
C UNK A 23 -8.77 -9.79 -66.13
N UNK A 24 -7.71 -9.05 -65.83
CA UNK A 24 -7.80 -7.93 -64.91
C UNK A 24 -8.58 -6.78 -65.51
N UNK A 25 -8.45 -6.57 -66.82
CA UNK A 25 -9.25 -5.55 -67.48
C UNK A 25 -10.68 -6.01 -67.65
N UNK A 26 -10.88 -7.32 -67.80
CA UNK A 26 -12.22 -7.88 -67.83
C UNK A 26 -12.91 -7.78 -66.48
N UNK A 27 -12.15 -7.93 -65.40
CA UNK A 27 -12.73 -7.80 -64.08
C UNK A 27 -12.95 -6.35 -63.71
N UNK A 28 -12.16 -5.43 -64.26
CA UNK A 28 -12.41 -4.02 -64.02
C UNK A 28 -13.63 -3.53 -64.76
N UNK A 29 -13.88 -4.08 -65.95
CA UNK A 29 -15.12 -3.76 -66.65
C UNK A 29 -16.31 -4.40 -65.98
N UNK A 30 -16.10 -5.57 -65.37
CA UNK A 30 -17.15 -6.23 -64.57
C UNK A 30 -17.46 -5.45 -63.31
N UNK A 31 -16.43 -4.85 -62.70
CA UNK A 31 -16.61 -4.07 -61.48
C UNK A 31 -17.28 -2.75 -61.77
N UNK A 32 -16.94 -2.13 -62.90
CA UNK A 32 -17.56 -0.85 -63.23
C UNK A 32 -18.98 -1.03 -63.72
N UNK A 33 -19.28 -2.15 -64.40
CA UNK A 33 -20.65 -2.44 -64.76
C UNK A 33 -21.48 -2.80 -63.55
N UNK A 34 -20.85 -3.45 -62.57
CA UNK A 34 -21.48 -3.72 -61.28
C UNK A 34 -21.72 -2.43 -60.51
N UNK A 35 -20.84 -1.47 -60.66
CA UNK A 35 -21.00 -0.20 -59.97
C UNK A 35 -22.08 0.65 -60.62
N UNK A 36 -22.25 0.58 -61.94
CA UNK A 36 -23.37 1.29 -62.57
C UNK A 36 -24.69 0.61 -62.26
N UNK A 37 -24.66 -0.71 -62.09
CA UNK A 37 -25.85 -1.45 -61.72
C UNK A 37 -26.25 -1.19 -60.28
N UNK A 38 -25.28 -1.02 -59.38
CA UNK A 38 -25.62 -0.62 -58.02
C UNK A 38 -25.94 0.85 -57.95
N UNK A 39 -25.47 1.61 -58.92
CA UNK A 39 -25.64 3.05 -58.92
C UNK A 39 -27.04 3.48 -59.29
N UNK A 40 -27.63 2.84 -60.29
CA UNK A 40 -28.79 3.41 -60.98
C UNK A 40 -30.06 3.35 -60.14
N UNK A 41 -30.95 4.29 -60.41
CA UNK A 41 -32.21 4.34 -59.72
C UNK A 41 -33.16 3.30 -60.29
N UNK A 42 -34.26 3.07 -59.58
CA UNK A 42 -35.38 2.43 -60.22
C UNK A 42 -36.00 3.40 -61.20
N UNK A 43 -36.71 2.83 -62.18
CA UNK A 43 -36.70 3.19 -63.60
C UNK A 43 -36.63 4.67 -63.99
N UNK A 44 -37.49 5.50 -63.42
CA UNK A 44 -37.49 6.92 -63.72
C UNK A 44 -36.42 7.59 -62.88
N UNK A 45 -35.37 8.07 -63.52
CA UNK A 45 -34.48 9.01 -62.87
C UNK A 45 -35.23 10.31 -62.71
N UNK A 46 -35.75 10.54 -61.50
CA UNK A 46 -36.86 11.44 -61.21
C UNK A 46 -36.44 12.89 -61.38
N UNK A 47 -36.82 13.46 -62.52
CA UNK A 47 -36.11 14.53 -63.17
C UNK A 47 -36.31 15.85 -62.46
N UNK A 48 -35.36 16.75 -62.69
CA UNK A 48 -35.23 17.97 -61.92
C UNK A 48 -36.27 18.97 -62.35
N UNK A 49 -36.57 19.89 -61.44
CA UNK A 49 -37.45 21.02 -61.69
C UNK A 49 -37.11 22.10 -60.70
N UNK A 50 -37.51 23.31 -61.03
CA UNK A 50 -37.71 24.34 -60.05
C UNK A 50 -39.17 24.70 -60.11
N UNK A 51 -39.63 25.47 -59.13
CA UNK A 51 -41.03 25.83 -59.09
C UNK A 51 -41.19 27.13 -58.35
N UNK A 52 -42.36 27.70 -58.46
CA UNK A 52 -42.80 28.77 -57.58
C UNK A 52 -44.27 28.58 -57.31
N UNK A 53 -44.70 29.00 -56.14
CA UNK A 53 -46.09 28.87 -55.76
C UNK A 53 -46.43 29.99 -54.81
N UNK A 54 -47.60 30.57 -54.98
CA UNK A 54 -48.08 31.48 -53.96
C UNK A 54 -48.67 30.67 -52.84
N UNK A 55 -48.75 31.29 -51.68
CA UNK A 55 -49.35 30.67 -50.51
C UNK A 55 -50.61 31.44 -50.17
N UNK A 56 -51.65 30.72 -49.80
CA UNK A 56 -52.87 31.36 -49.35
C UNK A 56 -52.79 31.59 -47.85
N UNK A 57 -53.89 32.07 -47.26
CA UNK A 57 -53.88 32.22 -45.82
C UNK A 57 -55.15 31.71 -45.18
N UNK A 58 -56.27 31.73 -45.90
CA UNK A 58 -57.56 31.59 -45.21
C UNK A 58 -57.94 30.13 -44.97
N UNK A 59 -58.27 29.42 -46.03
CA UNK A 59 -58.53 27.98 -45.97
C UNK A 59 -58.28 27.45 -47.37
N UNK A 60 -57.09 26.91 -47.59
CA UNK A 60 -56.78 26.32 -48.87
C UNK A 60 -55.92 25.10 -48.62
N UNK A 61 -55.34 24.57 -49.70
CA UNK A 61 -54.40 23.48 -49.55
C UNK A 61 -53.09 24.01 -49.01
N UNK A 62 -52.46 23.24 -48.14
CA UNK A 62 -51.09 23.53 -47.76
C UNK A 62 -50.19 23.22 -48.94
N UNK A 63 -49.12 24.00 -49.07
CA UNK A 63 -48.29 23.95 -50.26
C UNK A 63 -47.41 22.71 -50.27
N UNK A 64 -47.43 21.98 -51.37
CA UNK A 64 -46.75 20.70 -51.47
C UNK A 64 -45.36 20.92 -52.06
N UNK A 65 -44.34 20.43 -51.39
CA UNK A 65 -42.99 20.48 -51.89
C UNK A 65 -42.53 19.05 -52.15
N UNK A 66 -42.22 18.75 -53.41
CA UNK A 66 -41.90 17.39 -53.82
C UNK A 66 -40.39 17.21 -53.80
N UNK A 67 -39.87 16.63 -52.72
CA UNK A 67 -38.43 16.45 -52.59
C UNK A 67 -38.07 15.00 -52.93
N UNK A 68 -36.79 14.66 -52.82
CA UNK A 68 -36.31 13.31 -53.04
C UNK A 68 -35.13 13.08 -52.10
N UNK A 69 -34.35 12.03 -52.34
CA UNK A 69 -33.18 11.80 -51.51
C UNK A 69 -32.00 12.72 -51.84
N UNK A 70 -32.03 13.39 -52.99
CA UNK A 70 -31.16 14.51 -53.30
C UNK A 70 -31.68 15.76 -52.60
N UNK A 71 -30.85 16.81 -52.58
CA UNK A 71 -31.14 17.99 -51.81
C UNK A 71 -32.18 18.86 -52.51
N UNK A 72 -32.72 19.82 -51.77
CA UNK A 72 -33.77 20.70 -52.30
C UNK A 72 -33.76 21.97 -51.50
N UNK A 73 -34.27 23.03 -52.10
CA UNK A 73 -34.21 24.35 -51.49
C UNK A 73 -35.59 24.96 -51.47
N UNK A 74 -35.96 25.51 -50.33
CA UNK A 74 -37.20 26.28 -50.22
C UNK A 74 -36.76 27.71 -50.03
N UNK A 75 -36.87 28.48 -51.10
CA UNK A 75 -36.60 29.91 -51.04
C UNK A 75 -37.91 30.62 -50.80
N UNK A 76 -38.08 31.15 -49.60
CA UNK A 76 -39.25 31.97 -49.33
C UNK A 76 -39.07 33.33 -49.95
N UNK A 77 -40.19 34.04 -50.13
CA UNK A 77 -40.17 35.44 -50.51
C UNK A 77 -39.55 36.27 -49.41
N UNK A 78 -38.98 37.42 -49.77
CA UNK A 78 -37.72 37.96 -49.22
C UNK A 78 -37.70 38.30 -47.72
N UNK A 79 -38.81 38.19 -46.99
CA UNK A 79 -38.79 38.18 -45.54
C UNK A 79 -38.14 36.89 -45.04
N UNK A 80 -37.58 36.98 -43.84
CA UNK A 80 -36.79 35.90 -43.29
C UNK A 80 -37.65 34.92 -42.52
N UNK A 81 -37.27 33.65 -42.58
CA UNK A 81 -37.88 32.62 -41.78
C UNK A 81 -37.43 32.80 -40.34
N UNK A 82 -38.35 32.63 -39.40
CA UNK A 82 -37.97 32.79 -38.01
C UNK A 82 -37.74 31.46 -37.31
N UNK A 83 -38.60 30.47 -37.55
CA UNK A 83 -38.44 29.17 -36.91
C UNK A 83 -39.00 28.09 -37.80
N UNK A 84 -38.20 27.06 -38.01
CA UNK A 84 -38.69 25.84 -38.62
C UNK A 84 -39.22 24.95 -37.52
N UNK A 85 -40.23 24.15 -37.83
CA UNK A 85 -40.65 23.08 -36.94
C UNK A 85 -41.00 21.91 -37.83
N UNK A 86 -40.13 20.90 -37.84
CA UNK A 86 -40.25 19.78 -38.75
C UNK A 86 -40.63 18.53 -37.99
N UNK A 87 -41.08 17.54 -38.74
CA UNK A 87 -41.27 16.19 -38.24
C UNK A 87 -40.04 15.40 -38.62
N UNK A 88 -39.07 15.36 -37.71
CA UNK A 88 -37.69 14.99 -37.98
C UNK A 88 -37.52 13.50 -38.18
N UNK A 89 -36.26 13.12 -38.47
CA UNK A 89 -35.77 11.80 -38.89
C UNK A 89 -36.46 11.27 -40.12
N UNK A 90 -36.87 12.17 -41.00
CA UNK A 90 -37.24 11.85 -42.35
C UNK A 90 -36.71 12.87 -43.32
N UNK A 91 -36.27 14.02 -42.83
CA UNK A 91 -35.82 15.12 -43.66
C UNK A 91 -34.91 16.00 -42.82
N UNK A 92 -33.75 16.36 -43.35
CA UNK A 92 -32.80 17.20 -42.64
C UNK A 92 -32.89 18.60 -43.24
N UNK A 93 -33.40 19.53 -42.46
CA UNK A 93 -33.62 20.89 -42.95
C UNK A 93 -32.48 21.75 -42.47
N UNK A 94 -31.43 21.86 -43.27
CA UNK A 94 -30.30 22.70 -42.95
C UNK A 94 -30.67 24.13 -43.32
N UNK A 95 -30.61 25.02 -42.33
CA UNK A 95 -30.86 26.45 -42.52
C UNK A 95 -30.23 27.22 -41.39
N UNK A 96 -29.82 28.43 -41.72
CA UNK A 96 -29.40 29.41 -40.75
C UNK A 96 -30.59 30.28 -40.38
N UNK A 97 -30.29 31.50 -39.94
CA UNK A 97 -31.25 32.60 -39.77
C UNK A 97 -31.46 33.42 -41.05
N UNK A 98 -31.35 32.81 -42.23
CA UNK A 98 -31.58 33.44 -43.52
C UNK A 98 -33.04 33.27 -43.93
N UNK A 99 -33.34 33.49 -45.21
CA UNK A 99 -34.70 33.40 -45.72
C UNK A 99 -34.89 32.23 -46.67
N UNK A 100 -34.05 31.22 -46.60
CA UNK A 100 -34.17 30.05 -47.46
C UNK A 100 -33.64 28.83 -46.74
N UNK A 101 -34.44 27.76 -46.71
CA UNK A 101 -34.13 26.57 -45.94
C UNK A 101 -33.94 25.41 -46.89
N UNK A 102 -32.78 24.77 -46.84
CA UNK A 102 -32.49 23.68 -47.76
C UNK A 102 -32.81 22.38 -47.05
N UNK A 103 -33.79 21.65 -47.55
CA UNK A 103 -34.18 20.38 -46.97
C UNK A 103 -33.62 19.25 -47.82
N UNK A 104 -33.19 18.18 -47.17
CA UNK A 104 -32.71 16.99 -47.87
C UNK A 104 -33.39 15.80 -47.23
N UNK A 105 -34.24 15.12 -47.98
CA UNK A 105 -35.11 14.13 -47.37
C UNK A 105 -34.35 12.82 -47.23
N UNK A 106 -34.22 12.36 -45.98
CA UNK A 106 -33.47 11.16 -45.66
C UNK A 106 -34.23 9.91 -46.08
N UNK A 107 -35.54 9.90 -45.89
CA UNK A 107 -36.33 8.71 -46.19
C UNK A 107 -36.53 8.57 -47.69
N UNK A 108 -36.84 7.35 -48.12
CA UNK A 108 -36.99 7.10 -49.54
C UNK A 108 -38.39 7.48 -50.02
N UNK A 109 -39.39 7.22 -49.19
CA UNK A 109 -40.77 7.63 -49.46
C UNK A 109 -41.40 7.82 -48.08
N UNK A 110 -41.82 9.06 -47.79
CA UNK A 110 -42.58 9.42 -46.60
C UNK A 110 -43.22 10.77 -46.81
N UNK A 111 -44.42 10.94 -46.28
CA UNK A 111 -45.01 12.26 -46.20
C UNK A 111 -44.45 12.96 -44.97
N UNK A 112 -44.60 14.28 -44.95
CA UNK A 112 -44.08 15.11 -43.88
C UNK A 112 -44.83 16.43 -43.90
N UNK A 113 -44.90 17.09 -42.75
CA UNK A 113 -45.60 18.37 -42.68
C UNK A 113 -44.75 19.38 -41.93
N UNK A 114 -43.89 20.08 -42.66
CA UNK A 114 -43.04 21.10 -42.04
C UNK A 114 -43.86 22.34 -41.77
N UNK A 115 -43.36 23.18 -40.86
CA UNK A 115 -44.06 24.43 -40.57
C UNK A 115 -43.06 25.54 -40.36
N UNK A 116 -43.11 26.55 -41.21
CA UNK A 116 -42.22 27.68 -41.14
C UNK A 116 -42.97 28.85 -40.56
N UNK A 117 -42.50 29.35 -39.43
CA UNK A 117 -42.91 30.66 -38.94
C UNK A 117 -41.87 31.62 -39.52
N UNK A 118 -42.33 32.55 -40.36
CA UNK A 118 -41.50 33.60 -40.92
C UNK A 118 -41.60 34.82 -39.99
N UNK A 119 -41.19 35.99 -40.46
CA UNK A 119 -41.48 37.21 -39.70
C UNK A 119 -42.90 37.69 -40.05
N UNK A 120 -43.87 37.02 -39.43
CA UNK A 120 -45.31 37.24 -39.61
C UNK A 120 -45.98 36.67 -38.36
N UNK A 121 -47.30 36.48 -38.43
CA UNK A 121 -48.01 35.99 -37.25
C UNK A 121 -49.09 34.96 -37.56
N UNK A 122 -49.07 34.37 -38.74
CA UNK A 122 -49.92 33.23 -39.05
C UNK A 122 -49.00 32.27 -39.77
N UNK A 123 -48.44 31.32 -39.03
CA UNK A 123 -47.27 30.58 -39.47
C UNK A 123 -47.64 29.55 -40.52
N UNK A 124 -46.86 29.53 -41.60
CA UNK A 124 -47.22 28.72 -42.75
C UNK A 124 -46.86 27.29 -42.49
N UNK A 125 -47.71 26.39 -42.95
CA UNK A 125 -47.35 24.99 -43.00
C UNK A 125 -47.00 24.67 -44.43
N UNK A 126 -46.38 23.52 -44.63
CA UNK A 126 -45.99 23.06 -45.96
C UNK A 126 -45.90 21.55 -45.91
N UNK A 127 -46.55 20.89 -46.85
CA UNK A 127 -46.52 19.45 -46.86
C UNK A 127 -45.38 18.99 -47.75
N UNK A 128 -44.36 18.42 -47.16
CA UNK A 128 -43.25 17.88 -47.91
C UNK A 128 -43.56 16.44 -48.24
N UNK A 129 -43.41 16.09 -49.50
CA UNK A 129 -43.62 14.73 -49.93
C UNK A 129 -42.37 14.22 -50.61
N UNK A 130 -41.93 13.05 -50.20
CA UNK A 130 -40.79 12.43 -50.85
C UNK A 130 -41.22 11.80 -52.16
N UNK A 131 -40.28 11.71 -53.10
CA UNK A 131 -40.23 10.77 -54.22
C UNK A 131 -41.31 10.95 -55.29
N UNK A 132 -42.10 12.02 -55.27
CA UNK A 132 -43.25 12.12 -56.17
C UNK A 132 -42.81 12.71 -57.51
N UNK A 133 -42.16 11.86 -58.31
CA UNK A 133 -42.05 11.94 -59.77
C UNK A 133 -41.29 13.11 -60.40
N UNK A 134 -40.83 14.08 -59.61
CA UNK A 134 -40.03 15.22 -60.03
C UNK A 134 -39.38 15.78 -58.79
N UNK A 135 -38.15 16.25 -58.95
CA UNK A 135 -37.39 16.76 -57.82
C UNK A 135 -37.41 18.27 -57.85
N UNK A 136 -38.07 18.88 -56.87
CA UNK A 136 -38.17 20.33 -56.81
C UNK A 136 -36.89 20.85 -56.16
N UNK A 137 -35.88 21.15 -56.99
CA UNK A 137 -34.59 21.57 -56.47
C UNK A 137 -34.59 22.99 -55.93
N UNK A 138 -35.53 23.82 -56.36
CA UNK A 138 -35.74 25.13 -55.74
C UNK A 138 -37.20 25.50 -55.90
N UNK A 139 -37.93 25.53 -54.80
CA UNK A 139 -39.30 26.00 -54.81
C UNK A 139 -39.33 27.39 -54.20
N UNK A 140 -39.99 28.31 -54.87
CA UNK A 140 -40.05 29.70 -54.47
C UNK A 140 -41.43 29.99 -53.91
N UNK A 141 -41.49 30.18 -52.60
CA UNK A 141 -42.76 30.43 -51.93
C UNK A 141 -43.05 31.92 -51.92
N UNK A 142 -43.99 32.34 -52.73
CA UNK A 142 -44.47 33.71 -52.70
C UNK A 142 -45.60 33.75 -51.68
N UNK A 143 -45.30 34.33 -50.52
CA UNK A 143 -46.29 34.37 -49.46
C UNK A 143 -47.30 35.47 -49.70
N UNK A 144 -48.42 35.37 -48.98
CA UNK A 144 -49.46 36.39 -49.06
C UNK A 144 -49.21 37.50 -48.06
N UNK B 1 -42.34 -26.39 -43.78
CA UNK B 1 -42.02 -25.61 -44.96
C UNK B 1 -42.78 -24.31 -44.93
N UNK B 2 -44.11 -24.47 -44.92
CA UNK B 2 -45.00 -23.33 -44.73
C UNK B 2 -44.89 -22.75 -43.33
N UNK B 3 -44.56 -23.58 -42.34
CA UNK B 3 -44.24 -23.10 -41.01
C UNK B 3 -42.97 -22.27 -40.99
N UNK B 4 -41.97 -22.64 -41.80
CA UNK B 4 -40.72 -21.89 -41.85
C UNK B 4 -40.89 -20.56 -42.58
N UNK B 5 -41.72 -20.56 -43.63
CA UNK B 5 -42.05 -19.30 -44.31
C UNK B 5 -42.93 -18.42 -43.45
N UNK B 6 -43.77 -19.03 -42.60
CA UNK B 6 -44.56 -18.28 -41.64
C UNK B 6 -43.71 -17.67 -40.53
N UNK B 7 -42.67 -18.39 -40.09
CA UNK B 7 -41.79 -17.87 -39.06
C UNK B 7 -40.88 -16.75 -39.57
N UNK B 8 -40.44 -16.87 -40.83
CA UNK B 8 -39.67 -15.80 -41.44
C UNK B 8 -40.53 -14.58 -41.72
N UNK B 9 -41.80 -14.81 -42.06
CA UNK B 9 -42.77 -13.74 -42.20
C UNK B 9 -43.05 -13.06 -40.87
N UNK B 10 -43.06 -13.82 -39.77
CA UNK B 10 -43.29 -13.25 -38.45
C UNK B 10 -42.12 -12.43 -37.96
N UNK B 11 -40.90 -12.84 -38.30
CA UNK B 11 -39.72 -12.07 -37.92
C UNK B 11 -39.62 -10.77 -38.69
N UNK B 12 -39.90 -10.82 -39.99
CA UNK B 12 -39.91 -9.61 -40.81
C UNK B 12 -41.09 -8.71 -40.49
N UNK B 13 -42.19 -9.31 -40.06
CA UNK B 13 -43.35 -8.55 -39.64
C UNK B 13 -43.14 -7.88 -38.30
N UNK B 14 -42.36 -8.50 -37.42
CA UNK B 14 -42.06 -7.89 -36.14
C UNK B 14 -41.13 -6.70 -36.29
N UNK B 15 -40.17 -6.81 -37.22
CA UNK B 15 -39.31 -5.67 -37.53
C UNK B 15 -40.09 -4.56 -38.23
N UNK B 16 -41.03 -4.93 -39.10
CA UNK B 16 -41.84 -3.94 -39.80
C UNK B 16 -42.86 -3.30 -38.87
N UNK B 17 -43.31 -4.03 -37.86
CA UNK B 17 -44.26 -3.45 -36.93
C UNK B 17 -43.59 -2.52 -35.94
N UNK B 18 -42.35 -2.83 -35.56
CA UNK B 18 -41.63 -1.92 -34.67
C UNK B 18 -41.18 -0.66 -35.40
N UNK B 19 -40.83 -0.80 -36.68
CA UNK B 19 -40.51 0.36 -37.49
C UNK B 19 -41.74 1.20 -37.80
N UNK B 20 -42.90 0.57 -37.98
CA UNK B 20 -44.11 1.34 -38.19
C UNK B 20 -44.65 1.93 -36.89
N UNK B 21 -44.27 1.39 -35.74
CA UNK B 21 -44.71 1.96 -34.49
C UNK B 21 -43.80 3.08 -34.00
N UNK B 22 -42.56 3.12 -34.46
CA UNK B 22 -41.67 4.21 -34.06
C UNK B 22 -42.06 5.52 -34.76
N UNK B 23 -41.88 6.62 -34.04
CA UNK B 23 -42.30 7.94 -34.54
C UNK B 23 -41.42 9.00 -33.88
N UNK B 24 -40.61 9.68 -34.68
CA UNK B 24 -39.72 10.71 -34.16
C UNK B 24 -40.48 11.97 -33.85
N UNK B 25 -39.98 12.74 -32.89
CA UNK B 25 -40.76 13.83 -32.32
C UNK B 25 -40.68 15.07 -33.21
N UNK B 26 -41.31 16.15 -32.74
CA UNK B 26 -41.19 17.42 -33.40
C UNK B 26 -39.82 18.02 -33.13
N UNK B 27 -39.38 18.91 -34.00
CA UNK B 27 -38.18 19.69 -33.76
C UNK B 27 -38.42 21.12 -34.17
N UNK B 28 -38.34 22.04 -33.22
CA UNK B 28 -38.65 23.45 -33.46
C UNK B 28 -37.35 24.23 -33.44
N UNK B 29 -36.71 24.32 -34.58
CA UNK B 29 -35.48 25.10 -34.69
C UNK B 29 -35.81 26.57 -34.77
N UNK B 30 -35.26 27.35 -33.87
CA UNK B 30 -35.52 28.79 -33.81
C UNK B 30 -34.20 29.52 -33.95
N UNK B 31 -34.13 30.44 -34.89
CA UNK B 31 -32.86 31.09 -35.26
C UNK B 31 -33.02 32.60 -35.25
N UNK B 32 -32.35 33.26 -34.31
CA UNK B 32 -32.41 34.71 -34.21
C UNK B 32 -31.27 35.33 -34.98
N UNK C 1 38.21 -32.98 -56.38
CA UNK C 1 37.40 -32.20 -55.46
C UNK C 1 37.05 -30.86 -56.07
N UNK C 2 37.78 -30.54 -57.14
CA UNK C 2 37.61 -29.27 -57.83
C UNK C 2 36.29 -29.22 -58.60
N UNK C 3 35.86 -30.37 -59.10
CA UNK C 3 34.54 -30.47 -59.72
C UNK C 3 33.44 -30.37 -58.68
N UNK C 4 33.70 -30.84 -57.46
CA UNK C 4 32.74 -30.72 -56.37
C UNK C 4 32.62 -29.28 -55.92
N UNK C 5 33.74 -28.55 -55.95
CA UNK C 5 33.71 -27.14 -55.63
C UNK C 5 33.05 -26.32 -56.73
N UNK C 6 33.24 -26.74 -57.99
CA UNK C 6 32.66 -26.03 -59.12
C UNK C 6 31.15 -26.23 -59.19
N UNK C 7 30.69 -27.44 -58.90
CA UNK C 7 29.26 -27.71 -58.79
C UNK C 7 28.66 -27.10 -57.54
N UNK C 8 29.47 -26.91 -56.48
CA UNK C 8 28.97 -26.26 -55.28
C UNK C 8 28.76 -24.78 -55.49
N UNK C 9 29.68 -24.12 -56.20
CA UNK C 9 29.51 -22.71 -56.51
C UNK C 9 28.41 -22.48 -57.53
N UNK C 10 28.21 -23.45 -58.44
CA UNK C 10 27.08 -23.37 -59.36
C UNK C 10 25.77 -23.60 -58.65
N UNK C 11 25.76 -24.45 -57.63
CA UNK C 11 24.54 -24.72 -56.90
C UNK C 11 24.17 -23.58 -55.98
N UNK C 12 25.17 -22.96 -55.35
CA UNK C 12 24.91 -21.81 -54.51
C UNK C 12 24.56 -20.58 -55.34
N UNK C 13 25.08 -20.52 -56.56
CA UNK C 13 24.69 -19.45 -57.46
C UNK C 13 23.28 -19.65 -57.98
N UNK C 14 22.84 -20.89 -58.13
CA UNK C 14 21.45 -21.10 -58.48
C UNK C 14 20.55 -20.92 -57.26
N UNK C 15 21.09 -21.11 -56.08
CA UNK C 15 20.27 -21.04 -54.89
C UNK C 15 20.04 -19.60 -54.44
N UNK C 16 21.11 -18.79 -54.43
CA UNK C 16 21.05 -17.51 -53.73
C UNK C 16 20.33 -16.46 -54.56
N UNK C 17 20.90 -16.07 -55.69
CA UNK C 17 20.12 -15.30 -56.65
C UNK C 17 19.33 -16.35 -57.41
N UNK C 18 18.10 -16.60 -56.95
CA UNK C 18 17.37 -17.79 -57.35
C UNK C 18 16.75 -17.63 -58.71
N UNK C 19 16.13 -16.48 -58.97
CA UNK C 19 15.60 -16.21 -60.30
C UNK C 19 16.74 -15.87 -61.24
N UNK C 20 16.54 -16.18 -62.52
CA UNK C 20 17.56 -15.95 -63.51
C UNK C 20 17.65 -14.48 -63.84
N UNK C 21 18.81 -14.08 -64.35
CA UNK C 21 19.08 -12.68 -64.66
C UNK C 21 18.28 -12.17 -65.85
N UNK C 22 17.85 -13.04 -66.74
CA UNK C 22 16.88 -12.66 -67.74
C UNK C 22 15.47 -12.72 -67.20
N UNK C 23 15.22 -13.63 -66.27
CA UNK C 23 13.89 -13.85 -65.76
C UNK C 23 13.44 -12.74 -64.84
N UNK C 24 14.38 -12.03 -64.22
CA UNK C 24 14.05 -10.86 -63.44
C UNK C 24 13.57 -9.72 -64.31
N UNK C 25 14.14 -9.58 -65.50
CA UNK C 25 13.66 -8.57 -66.42
C UNK C 25 12.35 -8.97 -67.04
N UNK C 26 12.14 -10.29 -67.20
CA UNK C 26 10.87 -10.79 -67.67
C UNK C 26 9.78 -10.60 -66.63
N UNK C 27 10.12 -10.73 -65.36
CA UNK C 27 9.14 -10.51 -64.32
C UNK C 27 8.87 -9.04 -64.10
N UNK C 28 9.85 -8.18 -64.39
CA UNK C 28 9.62 -6.74 -64.28
C UNK C 28 8.74 -6.25 -65.41
N UNK C 29 8.87 -6.84 -66.60
CA UNK C 29 7.95 -6.52 -67.68
C UNK C 29 6.57 -7.09 -67.43
N UNK C 30 6.51 -8.23 -66.75
CA UNK C 30 5.23 -8.80 -66.33
C UNK C 30 4.55 -7.95 -65.27
N UNK C 31 5.35 -7.36 -64.37
CA UNK C 31 4.81 -6.52 -63.32
C UNK C 31 4.34 -5.19 -63.86
N UNK C 32 5.07 -4.64 -64.82
CA UNK C 32 4.66 -3.36 -65.38
C UNK C 32 3.48 -3.50 -66.33
N UNK C 33 3.37 -4.63 -67.02
CA UNK C 33 2.19 -4.90 -67.82
C UNK C 33 0.98 -5.17 -66.95
N UNK C 34 1.22 -5.79 -65.78
CA UNK C 34 0.18 -5.97 -64.79
C UNK C 34 -0.24 -4.64 -64.18
N UNK C 35 0.69 -3.72 -64.06
CA UNK C 35 0.36 -2.42 -63.52
C UNK C 35 -0.39 -1.56 -64.50
N UNK C 36 -0.10 -1.69 -65.81
CA UNK C 36 -0.91 -0.98 -66.80
C UNK C 36 -2.30 -1.59 -66.93
N UNK C 37 -2.39 -2.90 -66.72
CA UNK C 37 -3.67 -3.58 -66.74
C UNK C 37 -4.51 -3.23 -65.53
N UNK C 38 -3.88 -3.05 -64.38
CA UNK C 38 -4.65 -2.57 -63.23
C UNK C 38 -4.90 -1.09 -63.32
N UNK C 39 -4.09 -0.38 -64.08
CA UNK C 39 -4.18 1.05 -64.21
C UNK C 39 -5.35 1.51 -65.04
N UNK C 40 -5.60 0.85 -66.16
CA UNK C 40 -6.44 1.42 -67.21
C UNK C 40 -7.91 1.45 -66.85
N UNK C 41 -8.61 2.42 -67.44
CA UNK C 41 -10.03 2.55 -67.21
C UNK C 41 -10.79 1.52 -68.04
N UNK C 42 -12.06 1.36 -67.73
CA UNK C 42 -12.93 0.73 -68.69
C UNK C 42 -13.14 1.67 -69.85
N UNK C 43 -13.51 1.08 -71.00
CA UNK C 43 -13.01 1.37 -72.35
C UNK C 43 -12.73 2.82 -72.72
N UNK C 44 -13.69 3.71 -72.52
CA UNK C 44 -13.52 5.11 -72.85
C UNK C 44 -12.75 5.79 -71.72
N UNK C 45 -11.52 6.20 -71.99
CA UNK C 45 -10.86 7.13 -71.10
C UNK C 45 -11.55 8.46 -71.25
N UNK C 46 -12.44 8.77 -70.30
CA UNK C 46 -13.54 9.73 -70.43
C UNK C 46 -13.01 11.15 -70.49
N UNK C 47 -12.96 11.67 -71.72
CA UNK C 47 -12.00 12.69 -72.12
C UNK C 47 -12.36 14.06 -71.56
N UNK C 48 -11.35 14.90 -71.50
CA UNK C 48 -11.42 16.14 -70.77
C UNK C 48 -12.21 17.17 -71.56
N UNK C 49 -12.74 18.14 -70.83
CA UNK C 49 -13.42 19.28 -71.41
C UNK C 49 -13.39 20.39 -70.40
N UNK C 50 -13.59 21.60 -70.88
CA UNK C 50 -14.07 22.69 -70.06
C UNK C 50 -15.39 23.11 -70.63
N UNK C 51 -16.11 23.93 -69.88
CA UNK C 51 -17.43 24.35 -70.33
C UNK C 51 -17.76 25.69 -69.72
N UNK C 52 -18.80 26.30 -70.26
CA UNK C 52 -19.45 27.42 -69.61
C UNK C 52 -20.93 27.30 -69.85
N UNK C 53 -21.71 27.79 -68.90
CA UNK C 53 -23.15 27.73 -69.02
C UNK C 53 -23.73 28.92 -68.27
N UNK C 54 -24.74 29.52 -68.85
CA UNK C 54 -25.49 30.50 -68.10
C UNK C 54 -26.46 29.77 -67.19
N UNK C 55 -26.89 30.45 -66.16
CA UNK C 55 -27.88 29.91 -65.25
C UNK C 55 -29.14 30.74 -65.38
N UNK C 56 -30.28 30.07 -65.35
CA UNK C 56 -31.55 30.79 -65.37
C UNK C 56 -31.97 31.10 -63.94
N UNK C 57 -33.16 31.63 -63.76
CA UNK C 57 -33.63 31.86 -62.41
C UNK C 57 -35.08 31.43 -62.22
N UNK C 58 -35.89 31.45 -63.27
CA UNK C 58 -37.34 31.40 -63.06
C UNK C 58 -37.86 29.97 -62.91
N UNK C 59 -37.84 29.21 -64.00
CA UNK C 59 -38.18 27.79 -63.98
C UNK C 59 -37.50 27.18 -65.20
N UNK C 60 -36.34 26.58 -64.98
CA UNK C 60 -35.65 25.92 -66.07
C UNK C 60 -34.97 24.69 -65.49
N UNK C 61 -34.11 24.09 -66.28
CA UNK C 61 -33.32 22.97 -65.80
C UNK C 61 -32.24 23.48 -64.87
N UNK C 62 -31.98 22.72 -63.81
CA UNK C 62 -30.81 22.98 -63.00
C UNK C 62 -29.58 22.59 -63.79
N UNK C 63 -28.49 23.32 -63.58
CA UNK C 63 -27.31 23.18 -64.41
C UNK C 63 -26.54 21.90 -64.09
N UNK C 64 -26.24 21.12 -65.11
CA UNK C 64 -25.63 19.82 -64.92
C UNK C 64 -24.12 19.96 -65.02
N UNK C 65 -23.41 19.45 -64.02
CA UNK C 65 -21.96 19.43 -64.04
C UNK C 65 -21.52 17.98 -64.09
N UNK C 66 -20.82 17.60 -65.15
CA UNK C 66 -20.45 16.21 -65.37
C UNK C 66 -19.04 15.98 -64.85
N UNK C 67 -18.95 15.44 -63.64
CA UNK C 67 -17.65 15.20 -63.02
C UNK C 67 -17.26 13.73 -63.17
N UNK C 68 -16.13 13.36 -62.62
CA UNK C 68 -15.66 11.97 -62.62
C UNK C 68 -14.88 11.75 -61.33
N UNK C 69 -14.12 10.66 -61.26
CA UNK C 69 -13.31 10.43 -60.07
C UNK C 69 -12.04 11.29 -60.02
N UNK C 70 -11.65 11.90 -61.14
CA UNK C 70 -10.67 12.97 -61.16
C UNK C 70 -11.32 14.28 -60.73
N UNK C 71 -10.50 15.29 -60.46
CA UNK C 71 -10.98 16.52 -59.87
C UNK C 71 -11.66 17.39 -60.92
N UNK C 72 -12.38 18.40 -60.44
CA UNK C 72 -13.15 19.29 -61.31
C UNK C 72 -13.33 20.61 -60.61
N UNK C 73 -13.56 21.65 -61.38
CA UNK C 73 -13.65 22.99 -60.84
C UNK C 73 -14.92 23.65 -61.29
N UNK C 74 -15.62 24.28 -60.37
CA UNK C 74 -16.78 25.09 -60.71
C UNK C 74 -16.36 26.52 -60.44
N UNK C 75 -16.06 27.24 -61.51
CA UNK C 75 -15.75 28.65 -61.40
C UNK C 75 -17.03 29.42 -61.65
N UNK C 76 -17.57 30.02 -60.60
CA UNK C 76 -18.72 30.89 -60.76
C UNK C 76 -18.27 32.22 -61.33
N UNK C 77 -19.22 32.96 -61.90
CA UNK C 77 -19.01 34.33 -62.31
C UNK C 77 -18.76 35.19 -61.08
N UNK C 78 -18.03 36.30 -61.27
CA UNK C 78 -17.01 36.82 -60.34
C UNK C 78 -17.48 37.24 -58.94
N UNK C 79 -18.76 37.20 -58.63
CA UNK C 79 -19.23 37.26 -57.25
C UNK C 79 -18.85 35.98 -56.51
N UNK C 80 -18.73 36.10 -55.21
CA UNK C 80 -18.22 35.03 -54.38
C UNK C 80 -19.35 34.11 -53.92
N UNK C 81 -19.03 32.83 -53.80
CA UNK C 81 -19.93 31.86 -53.22
C UNK C 81 -19.99 32.10 -51.72
N UNK C 82 -21.17 32.01 -51.14
CA UNK C 82 -21.28 32.23 -49.70
C UNK C 82 -21.36 30.92 -48.93
N UNK C 83 -22.13 29.95 -49.42
CA UNK C 83 -22.27 28.70 -48.71
C UNK C 83 -22.55 27.59 -49.70
N UNK C 84 -21.79 26.52 -49.60
CA UNK C 84 -22.10 25.28 -50.29
C UNK C 84 -23.02 24.47 -49.40
N UNK C 85 -23.90 23.69 -50.02
CA UNK C 85 -24.65 22.68 -49.27
C UNK C 85 -24.73 21.48 -50.20
N UNK C 86 -23.97 20.45 -49.87
CA UNK C 86 -23.83 19.29 -50.73
C UNK C 86 -24.51 18.09 -50.10
N UNK C 87 -24.73 17.09 -50.93
CA UNK C 87 -25.16 15.77 -50.48
C UNK C 87 -23.91 14.91 -50.39
N UNK C 88 -23.30 14.88 -49.20
CA UNK C 88 -21.93 14.45 -48.98
C UNK C 88 -21.78 12.95 -49.06
N UNK C 89 -20.53 12.51 -48.89
CA UNK C 89 -19.99 11.15 -49.08
C UNK C 89 -20.24 10.59 -50.46
N UNK C 90 -20.30 11.44 -51.45
CA UNK C 90 -20.19 11.08 -52.83
C UNK C 90 -19.32 12.04 -53.60
N UNK C 91 -19.02 13.19 -53.03
CA UNK C 91 -18.26 14.23 -53.69
C UNK C 91 -17.64 15.12 -52.62
N UNK C 92 -16.35 15.41 -52.74
CA UNK C 92 -15.65 16.25 -51.78
C UNK C 92 -15.47 17.61 -52.42
N UNK C 93 -16.16 18.61 -51.91
CA UNK C 93 -16.14 19.94 -52.47
C UNK C 93 -15.18 20.78 -51.67
N UNK C 94 -13.92 20.82 -52.08
CA UNK C 94 -12.92 21.63 -51.42
C UNK C 94 -13.07 23.04 -51.94
N UNK C 95 -13.29 23.99 -51.02
CA UNK C 95 -13.39 25.41 -51.34
C UNK C 95 -13.14 26.21 -50.09
N UNK C 96 -12.59 27.39 -50.29
CA UNK C 96 -12.47 28.40 -49.26
C UNK C 96 -13.66 29.33 -49.36
N UNK C 97 -13.47 30.57 -48.89
CA UNK C 97 -14.37 31.70 -49.09
C UNK C 97 -14.08 32.47 -50.39
N UNK C 98 -13.62 31.79 -51.43
CA UNK C 98 -13.38 32.36 -52.75
C UNK C 98 -14.63 32.22 -53.63
N UNK C 99 -14.47 32.39 -54.93
CA UNK C 99 -15.57 32.33 -55.88
C UNK C 99 -15.50 31.12 -56.79
N UNK C 100 -14.77 30.09 -56.41
CA UNK C 100 -14.66 28.89 -57.23
C UNK C 100 -14.47 27.68 -56.33
N UNK C 101 -15.29 26.65 -56.53
CA UNK C 101 -15.33 25.49 -55.66
C UNK C 101 -14.88 24.26 -56.45
N UNK C 102 -13.84 23.59 -55.99
CA UNK C 102 -13.31 22.45 -56.72
C UNK C 102 -13.91 21.20 -56.11
N UNK C 103 -14.71 20.48 -56.89
CA UNK C 103 -15.33 19.25 -56.43
C UNK C 103 -14.58 18.06 -57.01
N UNK C 104 -14.45 17.01 -56.21
CA UNK C 104 -13.83 15.77 -56.66
C UNK C 104 -14.75 14.64 -56.26
N UNK C 105 -15.33 13.96 -57.22
CA UNK C 105 -16.39 13.03 -56.91
C UNK C 105 -15.80 11.70 -56.47
N UNK C 106 -16.12 11.30 -55.24
CA UNK C 106 -15.59 10.08 -54.65
C UNK C 106 -16.22 8.85 -55.25
N UNK C 107 -17.52 8.89 -55.52
CA UNK C 107 -18.22 7.73 -56.03
C UNK C 107 -17.92 7.52 -57.51
N UNK C 108 -18.12 6.29 -57.97
CA UNK C 108 -17.80 5.98 -59.36
C UNK C 108 -18.93 6.38 -60.28
N UNK C 109 -20.16 6.21 -59.84
CA UNK C 109 -21.35 6.65 -60.57
C UNK C 109 -22.40 6.94 -59.50
N UNK C 110 -22.82 8.20 -59.40
CA UNK C 110 -23.92 8.64 -58.55
C UNK C 110 -24.37 10.01 -59.00
N UNK C 111 -25.68 10.25 -58.93
CA UNK C 111 -26.21 11.58 -59.09
C UNK C 111 -26.05 12.33 -57.78
N UNK C 112 -26.13 13.65 -57.84
CA UNK C 112 -25.95 14.52 -56.69
C UNK C 112 -26.59 15.85 -57.00
N UNK C 113 -27.00 16.58 -55.97
CA UNK C 113 -27.62 17.88 -56.19
C UNK C 113 -27.02 18.90 -55.23
N UNK C 114 -25.93 19.53 -55.64
CA UNK C 114 -25.29 20.54 -54.82
C UNK C 114 -26.09 21.82 -54.87
N UNK C 115 -25.88 22.70 -53.89
CA UNK C 115 -26.58 23.97 -53.89
C UNK C 115 -25.64 25.05 -53.38
N UNK C 116 -25.36 26.02 -54.23
CA UNK C 116 -24.48 27.13 -53.91
C UNK C 116 -25.32 28.36 -53.67
N UNK C 117 -25.24 28.90 -52.47
CA UNK C 117 -25.70 30.24 -52.18
C UNK C 117 -24.49 31.12 -52.42
N UNK C 118 -24.60 32.03 -53.38
CA UNK C 118 -23.58 33.03 -53.66
C UNK C 118 -23.90 34.29 -52.87
N UNK C 119 -23.31 35.43 -53.21
CA UNK C 119 -23.78 36.68 -52.63
C UNK C 119 -24.97 37.19 -53.45
N UNK C 120 -26.13 36.59 -53.19
CA UNK C 120 -27.41 36.86 -53.84
C UNK C 120 -28.48 36.38 -52.89
N UNK C 121 -29.71 36.23 -53.38
CA UNK C 121 -30.80 35.84 -52.50
C UNK C 121 -31.76 34.83 -53.11
N UNK C 122 -31.38 34.17 -54.19
CA UNK C 122 -32.14 33.06 -54.74
C UNK C 122 -31.08 32.03 -55.07
N UNK C 123 -30.86 31.09 -54.16
CA UNK C 123 -29.65 30.29 -54.15
C UNK C 123 -29.68 29.22 -55.23
N UNK C 124 -28.60 29.12 -55.98
CA UNK C 124 -28.59 28.28 -57.15
C UNK C 124 -28.41 26.84 -56.74
N UNK C 125 -29.11 25.96 -57.43
CA UNK C 125 -28.82 24.55 -57.30
C UNK C 125 -28.03 24.14 -58.53
N UNK C 126 -27.44 22.95 -58.47
CA UNK C 126 -26.64 22.42 -59.56
C UNK C 126 -26.64 20.91 -59.43
N UNK C 127 -26.98 20.23 -60.51
CA UNK C 127 -27.03 18.78 -60.47
C UNK C 127 -25.67 18.25 -60.90
N UNK C 128 -24.94 17.66 -59.98
CA UNK C 128 -23.68 17.05 -60.29
C UNK C 128 -23.93 15.60 -60.66
N UNK C 129 -23.39 15.19 -61.79
CA UNK C 129 -23.52 13.81 -62.21
C UNK C 129 -22.14 13.23 -62.41
N UNK C 130 -21.91 12.06 -61.84
CA UNK C 130 -20.66 11.37 -62.05
C UNK C 130 -20.66 10.70 -63.40
N UNK C 131 -19.46 10.53 -63.96
CA UNK C 131 -19.09 9.53 -64.97
C UNK C 131 -19.73 9.70 -66.34
N UNK C 132 -20.42 10.79 -66.62
CA UNK C 132 -21.19 10.89 -67.86
C UNK C 132 -20.31 11.40 -69.00
N UNK C 133 -19.47 10.49 -69.51
CA UNK C 133 -18.87 10.48 -70.86
C UNK C 133 -17.88 11.60 -71.23
N UNK C 134 -17.68 12.59 -70.35
CA UNK C 134 -16.72 13.67 -70.52
C UNK C 134 -16.49 14.28 -69.15
N UNK C 135 -15.26 14.69 -68.90
CA UNK C 135 -14.90 15.23 -67.60
C UNK C 135 -14.83 16.74 -67.69
N UNK C 136 -15.74 17.41 -67.01
CA UNK C 136 -15.78 18.87 -67.03
C UNK C 136 -14.77 19.37 -66.01
N UNK C 137 -13.53 19.59 -66.45
CA UNK C 137 -12.46 19.99 -65.54
C UNK C 137 -12.57 21.43 -65.09
N UNK C 138 -13.27 22.27 -65.84
CA UNK C 138 -13.62 23.62 -65.38
C UNK C 138 -14.92 24.02 -66.03
N UNK C 139 -15.96 24.15 -65.24
CA UNK C 139 -17.22 24.67 -65.72
C UNK C 139 -17.39 26.08 -65.21
N UNK C 140 -17.74 26.99 -66.10
CA UNK C 140 -17.86 28.40 -65.79
C UNK C 140 -19.33 28.77 -65.73
N UNK C 141 -19.82 29.03 -64.54
CA UNK C 141 -21.22 29.35 -64.34
C UNK C 141 -21.42 30.85 -64.48
N UNK C 142 -22.02 31.27 -65.58
CA UNK C 142 -22.40 32.66 -65.76
C UNK C 142 -23.80 32.79 -65.17
N UNK C 143 -23.89 33.41 -64.01
CA UNK C 143 -25.17 33.53 -63.34
C UNK C 143 -25.98 34.67 -63.95
N UNK C 144 -27.27 34.64 -63.64
CA UNK C 144 -28.18 35.69 -64.11
C UNK C 144 -28.22 36.85 -63.12
N UNK D 1 -26.20 -27.06 -54.01
CA UNK D 1 -25.43 -26.36 -55.02
C UNK D 1 -26.08 -25.04 -55.33
N UNK D 2 -27.33 -25.15 -55.79
CA UNK D 2 -28.17 -23.98 -55.99
C UNK D 2 -28.56 -23.32 -54.68
N UNK D 3 -28.64 -24.10 -53.60
CA UNK D 3 -28.80 -23.55 -52.27
C UNK D 3 -27.58 -22.75 -51.83
N UNK D 4 -26.38 -23.20 -52.21
CA UNK D 4 -25.16 -22.48 -51.83
C UNK D 4 -24.99 -21.21 -52.63
N UNK D 5 -25.37 -21.23 -53.91
CA UNK D 5 -25.38 -20.01 -54.71
C UNK D 5 -26.47 -19.06 -54.27
N UNK D 6 -27.58 -19.59 -53.75
CA UNK D 6 -28.63 -18.76 -53.19
C UNK D 6 -28.20 -18.12 -51.88
N UNK D 7 -27.43 -18.84 -51.05
CA UNK D 7 -26.96 -18.27 -49.80
C UNK D 7 -25.88 -17.23 -50.00
N UNK D 8 -25.02 -17.42 -51.01
CA UNK D 8 -24.03 -16.42 -51.34
C UNK D 8 -24.66 -15.19 -51.96
N UNK D 9 -25.74 -15.41 -52.73
CA UNK D 9 -26.53 -14.32 -53.27
C UNK D 9 -27.26 -13.56 -52.16
N UNK D 10 -27.68 -14.25 -51.11
CA UNK D 10 -28.35 -13.59 -49.99
C UNK D 10 -27.39 -12.78 -49.14
N UNK D 11 -26.15 -13.25 -49.00
CA UNK D 11 -25.15 -12.49 -48.25
C UNK D 11 -24.73 -11.23 -48.99
N UNK D 12 -24.51 -11.36 -50.31
CA UNK D 12 -24.17 -10.20 -51.12
C UNK D 12 -25.33 -9.25 -51.29
N UNK D 13 -26.55 -9.79 -51.26
CA UNK D 13 -27.74 -8.97 -51.33
C UNK D 13 -27.99 -8.23 -50.04
N UNK D 14 -27.61 -8.82 -48.90
CA UNK D 14 -27.77 -8.13 -47.63
C UNK D 14 -26.78 -6.99 -47.49
N UNK D 15 -25.56 -7.19 -48.00
CA UNK D 15 -24.60 -6.10 -48.03
C UNK D 15 -25.01 -5.00 -49.01
N UNK D 16 -25.59 -5.40 -50.15
CA UNK D 16 -26.04 -4.43 -51.14
C UNK D 16 -27.29 -3.70 -50.68
N UNK D 17 -28.12 -4.35 -49.86
CA UNK D 17 -29.32 -3.70 -49.36
C UNK D 17 -28.98 -2.73 -48.25
N UNK D 18 -27.99 -3.04 -47.42
CA UNK D 18 -27.59 -2.11 -46.37
C UNK D 18 -26.86 -0.92 -46.96
N UNK D 19 -26.07 -1.13 -48.01
CA UNK D 19 -25.43 -0.04 -48.70
C UNK D 19 -26.42 0.82 -49.46
N UNK D 20 -27.47 0.21 -50.02
CA UNK D 20 -28.48 1.00 -50.70
C UNK D 20 -29.43 1.69 -49.72
N UNK D 21 -29.51 1.20 -48.48
CA UNK D 21 -30.34 1.87 -47.50
C UNK D 21 -29.62 2.98 -46.77
N UNK D 22 -28.29 2.96 -46.74
CA UNK D 22 -27.55 4.05 -46.11
C UNK D 22 -27.60 5.31 -46.95
N UNK D 23 -27.62 6.47 -46.27
CA UNK D 23 -27.77 7.75 -46.94
C UNK D 23 -27.14 8.83 -46.07
N UNK D 24 -26.06 9.44 -46.54
CA UNK D 24 -25.37 10.46 -45.78
C UNK D 24 -26.13 11.77 -45.83
N UNK D 25 -25.98 12.57 -44.79
CA UNK D 25 -26.85 13.72 -44.59
C UNK D 25 -26.40 14.90 -45.43
N UNK D 26 -27.10 16.01 -45.28
CA UNK D 26 -26.68 17.25 -45.92
C UNK D 26 -25.47 17.82 -45.18
N UNK D 27 -24.71 18.65 -45.88
CA UNK D 27 -23.62 19.40 -45.26
C UNK D 27 -23.65 20.81 -45.79
N UNK D 28 -23.86 21.78 -44.91
CA UNK D 28 -23.99 23.18 -45.32
C UNK D 28 -22.75 23.92 -44.86
N UNK D 29 -21.74 23.94 -45.70
CA UNK D 29 -20.51 24.66 -45.38
C UNK D 29 -20.71 26.14 -45.66
N UNK D 30 -20.49 26.96 -44.64
CA UNK D 30 -20.69 28.40 -44.74
C UNK D 30 -19.37 29.08 -44.43
N UNK D 31 -18.91 29.95 -45.32
CA UNK D 31 -17.57 30.52 -45.24
C UNK D 31 -17.65 32.03 -45.36
N UNK D 32 -17.34 32.73 -44.28
CA UNK D 32 -17.34 34.18 -44.27
C UNK D 32 -15.98 34.73 -44.60
N UNK E 1 53.21 -37.07 -38.98
CA UNK E 1 52.18 -36.22 -38.41
C UNK E 1 52.13 -34.90 -39.16
N UNK E 2 53.20 -34.65 -39.93
CA UNK E 2 53.32 -33.42 -40.68
C UNK E 2 52.35 -33.36 -41.84
N UNK E 3 52.05 -34.52 -42.43
CA UNK E 3 51.01 -34.59 -43.45
C UNK E 3 49.63 -34.41 -42.85
N UNK E 4 49.45 -34.83 -41.60
CA UNK E 4 48.19 -34.61 -40.90
C UNK E 4 47.99 -33.16 -40.57
N UNK E 5 49.09 -32.47 -40.24
CA UNK E 5 49.02 -31.04 -40.00
C UNK E 5 48.81 -30.25 -41.29
N UNK E 6 49.40 -30.74 -42.39
CA UNK E 6 49.27 -30.07 -43.68
C UNK E 6 47.86 -30.22 -44.24
N UNK E 7 47.27 -31.40 -44.08
CA UNK E 7 45.88 -31.59 -44.46
C UNK E 7 44.92 -30.91 -43.51
N UNK E 8 45.33 -30.70 -42.25
CA UNK E 8 44.49 -29.98 -41.30
C UNK E 8 44.44 -28.50 -41.62
N UNK E 9 45.57 -27.91 -42.00
CA UNK E 9 45.60 -26.51 -42.40
C UNK E 9 44.91 -26.29 -43.74
N UNK E 10 44.98 -27.29 -44.63
CA UNK E 10 44.24 -27.22 -45.87
C UNK E 10 42.74 -27.36 -45.65
N UNK E 11 42.36 -28.16 -44.67
CA UNK E 11 40.95 -28.36 -44.37
C UNK E 11 40.35 -27.16 -43.67
N UNK E 12 41.11 -26.55 -42.77
CA UNK E 12 40.63 -25.34 -42.10
C UNK E 12 40.66 -24.15 -43.04
N UNK E 13 41.55 -24.15 -44.03
CA UNK E 13 41.55 -23.13 -45.04
C UNK E 13 40.38 -23.30 -45.99
N UNK E 14 39.96 -24.54 -46.25
CA UNK E 14 38.76 -24.71 -47.02
C UNK E 14 37.52 -24.44 -46.20
N UNK E 15 37.62 -24.59 -44.89
CA UNK E 15 36.44 -24.42 -44.05
C UNK E 15 36.15 -22.96 -43.76
N UNK E 16 37.19 -22.19 -43.41
CA UNK E 16 36.96 -20.88 -42.82
C UNK E 16 36.62 -19.83 -43.89
N UNK E 17 37.55 -19.53 -44.76
CA UNK E 17 37.19 -18.79 -45.95
C UNK E 17 36.64 -19.84 -46.90
N UNK E 18 35.33 -20.01 -46.86
CA UNK E 18 34.71 -21.19 -47.46
C UNK E 18 34.60 -21.08 -48.96
N UNK E 19 34.16 -19.93 -49.45
CA UNK E 19 34.11 -19.70 -50.88
C UNK E 19 35.52 -19.46 -51.39
N UNK E 20 35.75 -19.82 -52.65
CA UNK E 20 37.05 -19.67 -53.26
C UNK E 20 37.32 -18.22 -53.59
N UNK E 21 38.60 -17.90 -53.69
CA UNK E 21 39.03 -16.53 -53.93
C UNK E 21 38.71 -16.04 -55.33
N UNK E 22 38.56 -16.94 -56.29
CA UNK E 22 38.00 -16.57 -57.57
C UNK E 22 36.49 -16.55 -57.55
N UNK E 23 35.90 -17.41 -56.71
CA UNK E 23 34.46 -17.56 -56.69
C UNK E 23 33.78 -16.38 -56.00
N UNK E 24 34.49 -15.69 -55.13
CA UNK E 24 33.98 -14.46 -54.54
C UNK E 24 33.88 -13.35 -55.56
N UNK E 25 34.83 -13.28 -56.49
CA UNK E 25 34.74 -12.30 -57.56
C UNK E 25 33.69 -12.70 -58.57
N UNK E 26 33.49 -14.01 -58.75
CA UNK E 26 32.42 -14.49 -59.61
C UNK E 26 31.06 -14.21 -59.01
N UNK E 27 30.94 -14.28 -57.68
CA UNK E 27 29.68 -13.99 -57.04
C UNK E 27 29.43 -12.49 -56.98
N UNK E 28 30.49 -11.68 -56.95
CA UNK E 28 30.30 -10.24 -56.97
C UNK E 28 29.89 -9.76 -58.35
N UNK E 29 30.37 -10.43 -59.41
CA UNK E 29 29.90 -10.12 -60.74
C UNK E 29 28.48 -10.62 -60.96
N UNK E 30 28.13 -11.73 -60.29
CA UNK E 30 26.77 -12.23 -60.31
C UNK E 30 25.82 -11.30 -59.58
N UNK E 31 26.28 -10.71 -58.48
CA UNK E 31 25.47 -9.79 -57.70
C UNK E 31 25.27 -8.48 -58.41
N UNK E 32 26.31 -7.99 -59.09
CA UNK E 32 26.19 -6.74 -59.80
C UNK E 32 25.39 -6.88 -61.09
N UNK E 33 25.46 -8.05 -61.73
CA UNK E 33 24.60 -8.30 -62.88
C UNK E 33 23.16 -8.48 -62.45
N UNK E 34 22.96 -9.06 -61.26
CA UNK E 34 21.64 -9.14 -60.66
C UNK E 34 21.10 -7.79 -60.28
N UNK E 35 21.99 -6.88 -59.89
CA UNK E 35 21.57 -5.55 -59.53
C UNK E 35 21.23 -4.71 -60.74
N UNK E 36 21.93 -4.92 -61.87
CA UNK E 36 21.54 -4.23 -63.10
C UNK E 36 20.26 -4.79 -63.67
N UNK E 37 20.04 -6.09 -63.46
CA UNK E 37 18.80 -6.72 -63.89
C UNK E 37 17.62 -6.29 -63.05
N UNK E 38 17.82 -6.06 -61.75
CA UNK E 38 16.75 -5.52 -60.95
C UNK E 38 16.61 -4.02 -61.16
N UNK E 39 17.67 -3.39 -61.65
CA UNK E 39 17.69 -1.95 -61.83
C UNK E 39 16.90 -1.49 -63.02
N UNK E 40 17.01 -2.20 -64.14
CA UNK E 40 16.61 -1.65 -65.43
C UNK E 40 15.11 -1.55 -65.60
N UNK E 41 14.69 -0.60 -66.42
CA UNK E 41 13.28 -0.41 -66.69
C UNK E 41 12.80 -1.44 -67.69
N UNK E 42 11.49 -1.54 -67.82
CA UNK E 42 10.96 -2.18 -69.00
C UNK E 42 11.20 -1.28 -70.20
N UNK E 43 11.21 -1.93 -71.37
CA UNK E 43 12.16 -1.72 -72.49
C UNK E 43 12.62 -0.29 -72.80
N UNK E 44 11.68 0.63 -72.96
CA UNK E 44 12.03 2.01 -73.26
C UNK E 44 12.40 2.71 -71.96
N UNK E 45 13.66 3.06 -71.82
CA UNK E 45 14.04 4.01 -70.78
C UNK E 45 13.51 5.36 -71.21
N UNK E 46 12.37 5.75 -70.62
CA UNK E 46 11.43 6.74 -71.15
C UNK E 46 12.01 8.13 -71.08
N UNK E 47 12.51 8.59 -72.22
CA UNK E 47 13.59 9.55 -72.32
C UNK E 47 13.13 10.95 -71.97
N UNK E 48 14.10 11.77 -71.58
CA UNK E 48 13.86 13.05 -70.97
C UNK E 48 13.44 14.06 -72.01
N UNK E 49 12.74 15.09 -71.54
CA UNK E 49 12.34 16.22 -72.36
C UNK E 49 12.10 17.38 -71.43
N UNK E 50 12.13 18.57 -71.99
CA UNK E 50 11.47 19.71 -71.42
C UNK E 50 10.43 20.15 -72.41
N UNK E 51 9.55 21.04 -71.99
CA UNK E 51 8.48 21.48 -72.87
C UNK E 51 8.03 22.86 -72.46
N UNK E 52 7.26 23.47 -73.33
CA UNK E 52 6.50 24.65 -72.98
C UNK E 52 5.16 24.57 -73.71
N UNK E 53 4.15 25.14 -73.08
CA UNK E 53 2.82 25.12 -73.67
C UNK E 53 2.08 26.37 -73.21
N UNK E 54 1.36 26.98 -74.13
CA UNK E 54 0.45 28.01 -73.69
C UNK E 54 -0.81 27.36 -73.15
N UNK E 55 -1.52 28.11 -72.35
CA UNK E 55 -2.78 27.65 -71.81
C UNK E 55 -3.88 28.52 -72.38
N UNK E 56 -5.00 27.90 -72.72
CA UNK E 56 -6.15 28.65 -73.19
C UNK E 56 -7.01 29.05 -71.99
N UNK E 57 -8.17 29.64 -72.26
CA UNK E 57 -9.05 29.95 -71.15
C UNK E 57 -10.49 29.57 -71.44
N UNK E 58 -10.91 29.58 -72.71
CA UNK E 58 -12.34 29.59 -73.00
C UNK E 58 -12.95 28.19 -72.98
N UNK E 59 -12.60 27.38 -73.98
CA UNK E 59 -13.01 25.97 -74.02
C UNK E 59 -11.98 25.28 -74.92
N UNK E 60 -10.99 24.65 -74.31
CA UNK E 60 -10.01 23.91 -75.07
C UNK E 60 -9.63 22.69 -74.26
N UNK E 61 -8.58 22.01 -74.69
CA UNK E 61 -8.07 20.89 -73.92
C UNK E 61 -7.34 21.41 -72.70
N UNK E 62 -7.48 20.70 -71.60
CA UNK E 62 -6.64 20.96 -70.45
C UNK E 62 -5.24 20.48 -70.75
N UNK E 63 -4.25 21.17 -70.22
CA UNK E 63 -2.86 20.95 -70.60
C UNK E 63 -2.33 19.67 -70.00
N UNK E 64 -1.74 18.82 -70.82
CA UNK E 64 -1.29 17.51 -70.39
C UNK E 64 0.17 17.59 -69.98
N UNK E 65 0.48 17.12 -68.79
CA UNK E 65 1.85 17.04 -68.31
C UNK E 65 2.21 15.58 -68.16
N UNK E 66 3.21 15.12 -68.90
CA UNK E 66 3.56 13.71 -68.94
C UNK E 66 4.69 13.45 -67.97
N UNK E 67 4.35 12.97 -66.78
CA UNK E 67 5.35 12.71 -65.75
C UNK E 67 5.69 11.23 -65.72
N UNK E 68 6.56 10.84 -64.80
CA UNK E 68 6.92 9.43 -64.60
C UNK E 68 7.22 9.25 -63.12
N UNK E 69 7.85 8.14 -62.75
CA UNK E 69 8.19 7.94 -61.35
C UNK E 69 9.42 8.74 -60.91
N UNK E 70 10.19 9.30 -61.84
CA UNK E 70 11.18 10.33 -61.58
C UNK E 70 10.48 11.68 -61.43
N UNK E 71 11.21 12.66 -60.93
CA UNK E 71 10.63 13.95 -60.59
C UNK E 71 10.38 14.79 -61.83
N UNK E 72 9.59 15.85 -61.66
CA UNK E 72 9.22 16.72 -62.77
C UNK E 72 8.87 18.07 -62.21
N UNK E 73 8.96 19.08 -63.05
CA UNK E 73 8.77 20.45 -62.61
C UNK E 73 7.76 21.13 -63.49
N UNK E 74 6.82 21.83 -62.89
CA UNK E 74 5.89 22.66 -63.62
C UNK E 74 6.27 24.08 -63.27
N UNK E 75 6.95 24.75 -64.20
CA UNK E 75 7.27 26.15 -64.05
C UNK E 75 6.19 26.94 -64.74
N UNK E 76 5.36 27.62 -63.95
CA UNK E 76 4.38 28.51 -64.52
C UNK E 76 5.06 29.80 -64.95
N UNK E 77 4.39 30.55 -65.84
CA UNK E 77 4.80 31.89 -66.19
C UNK E 77 4.67 32.80 -64.98
N UNK E 78 5.47 33.88 -64.96
CA UNK E 78 6.14 34.39 -63.75
C UNK E 78 5.25 34.90 -62.60
N UNK E 79 3.92 34.92 -62.75
CA UNK E 79 3.04 35.07 -61.62
C UNK E 79 3.09 33.82 -60.75
N UNK E 80 2.76 34.00 -59.48
CA UNK E 80 2.91 32.95 -58.50
C UNK E 80 1.65 32.10 -58.41
N UNK E 81 1.84 30.81 -58.15
CA UNK E 81 0.75 29.90 -57.88
C UNK E 81 0.21 30.21 -56.50
N UNK E 82 -1.11 30.21 -56.34
CA UNK E 82 -1.68 30.48 -55.03
C UNK E 82 -2.09 29.23 -54.29
N UNK E 83 -2.70 28.26 -54.97
CA UNK E 83 -3.13 27.04 -54.31
C UNK E 83 -3.11 25.90 -55.31
N UNK E 84 -2.48 24.81 -54.91
CA UNK E 84 -2.60 23.56 -55.63
C UNK E 84 -3.81 22.82 -55.08
N UNK E 85 -4.48 22.06 -55.92
CA UNK E 85 -5.48 21.10 -55.45
C UNK E 85 -5.31 19.86 -56.30
N UNK E 86 -4.76 18.82 -55.70
CA UNK E 86 -4.40 17.62 -56.42
C UNK E 86 -5.31 16.48 -56.03
N UNK E 87 -5.28 15.44 -56.84
CA UNK E 87 -5.90 14.16 -56.51
C UNK E 87 -4.79 13.26 -55.99
N UNK E 88 -4.62 13.28 -54.65
CA UNK E 88 -3.43 12.81 -53.97
C UNK E 88 -3.34 11.29 -53.94
N UNK E 89 -2.24 10.82 -53.34
CA UNK E 89 -1.75 9.43 -53.29
C UNK E 89 -1.55 8.81 -54.65
N UNK E 90 -1.22 9.63 -55.64
CA UNK E 90 -0.68 9.19 -56.89
C UNK E 90 0.45 10.07 -57.34
N UNK E 91 0.60 11.24 -56.74
CA UNK E 91 1.59 12.22 -57.16
C UNK E 91 1.85 13.14 -55.98
N UNK E 92 3.12 13.37 -55.65
CA UNK E 92 3.50 14.24 -54.55
C UNK E 92 3.96 15.57 -55.13
N UNK E 93 3.19 16.61 -54.91
CA UNK E 93 3.46 17.91 -55.48
C UNK E 93 4.15 18.76 -54.44
N UNK E 94 5.46 18.72 -54.40
CA UNK E 94 6.22 19.53 -53.46
C UNK E 94 6.33 20.92 -54.04
N UNK E 95 5.86 21.91 -53.29
CA UNK E 95 5.94 23.32 -53.68
C UNK E 95 5.80 24.18 -52.44
N UNK E 96 6.45 25.32 -52.48
CA UNK E 96 6.27 26.38 -51.52
C UNK E 96 5.22 27.35 -52.04
N UNK E 97 5.31 28.59 -51.57
CA UNK E 97 4.58 29.75 -52.11
C UNK E 97 5.32 30.44 -53.26
N UNK E 98 6.08 29.69 -54.06
CA UNK E 98 6.78 30.19 -55.24
C UNK E 98 5.90 30.06 -56.48
N UNK E 99 6.49 30.15 -57.66
CA UNK E 99 5.76 30.08 -58.92
C UNK E 99 6.08 28.83 -59.72
N UNK E 100 6.58 27.78 -59.07
CA UNK E 100 6.90 26.54 -59.76
C UNK E 100 6.71 25.38 -58.81
N UNK E 101 5.96 24.37 -59.25
CA UNK E 101 5.58 23.25 -58.40
C UNK E 101 6.20 21.98 -58.94
N UNK E 102 7.00 21.29 -58.14
CA UNK E 102 7.68 20.10 -58.61
C UNK E 102 6.85 18.90 -58.20
N UNK E 103 6.32 18.18 -59.18
CA UNK E 103 5.52 17.00 -58.92
C UNK E 103 6.35 15.76 -59.15
N UNK E 104 6.16 14.74 -58.33
CA UNK E 104 6.83 13.46 -58.51
C UNK E 104 5.78 12.39 -58.40
N UNK E 105 5.52 11.67 -59.47
CA UNK E 105 4.36 10.80 -59.50
C UNK E 105 4.71 9.48 -58.86
N UNK E 106 3.98 9.15 -57.79
CA UNK E 106 4.21 7.94 -57.01
C UNK E 106 3.76 6.70 -57.75
N UNK E 107 2.63 6.78 -58.44
CA UNK E 107 2.08 5.62 -59.11
C UNK E 107 2.86 5.33 -60.39
N UNK E 108 2.75 4.08 -60.86
CA UNK E 108 3.51 3.69 -62.04
C UNK E 108 2.78 4.09 -63.31
N UNK E 109 1.46 3.97 -63.31
CA UNK E 109 0.61 4.42 -64.41
C UNK E 109 -0.72 4.80 -63.76
N UNK E 110 -1.08 6.09 -63.86
CA UNK E 110 -2.39 6.61 -63.44
C UNK E 110 -2.59 7.97 -64.07
N UNK E 111 -3.83 8.26 -64.44
CA UNK E 111 -4.20 9.60 -64.82
C UNK E 111 -4.45 10.41 -63.56
N UNK E 112 -4.45 11.72 -63.70
CA UNK E 112 -4.62 12.64 -62.59
C UNK E 112 -5.05 13.98 -63.14
N UNK E 113 -5.75 14.77 -62.33
CA UNK E 113 -6.19 16.08 -62.79
C UNK E 113 -5.90 17.11 -61.72
N UNK E 114 -4.70 17.69 -61.76
CA UNK E 114 -4.33 18.72 -60.80
C UNK E 114 -4.99 20.03 -61.17
N UNK E 115 -5.08 20.94 -60.21
CA UNK E 115 -5.67 22.24 -60.49
C UNK E 115 -4.91 23.31 -59.73
N UNK E 116 -4.30 24.22 -60.46
CA UNK E 116 -3.54 25.30 -59.90
C UNK E 116 -4.35 26.57 -60.00
N UNK E 117 -4.64 27.17 -58.86
CA UNK E 117 -5.11 28.54 -58.80
C UNK E 117 -3.85 29.38 -58.64
N UNK E 118 -3.58 30.23 -59.61
CA UNK E 118 -2.47 31.18 -59.57
C UNK E 118 -2.99 32.48 -58.98
N UNK E 119 -2.26 33.58 -59.13
CA UNK E 119 -2.82 34.88 -58.79
C UNK E 119 -3.64 35.39 -59.98
N UNK E 120 -4.86 34.86 -60.10
CA UNK E 120 -5.81 35.13 -61.16
C UNK E 120 -7.18 34.74 -60.60
N UNK E 121 -8.18 34.61 -61.48
CA UNK E 121 -9.52 34.29 -61.00
C UNK E 121 -10.26 33.30 -61.87
N UNK E 122 -9.57 32.58 -62.75
CA UNK E 122 -10.16 31.47 -63.46
C UNK E 122 -9.10 30.37 -63.40
N UNK E 123 -9.25 29.48 -62.43
CA UNK E 123 -8.16 28.64 -61.98
C UNK E 123 -7.89 27.53 -62.98
N UNK E 124 -6.61 27.35 -63.30
CA UNK E 124 -6.24 26.45 -64.38
C UNK E 124 -6.29 25.02 -63.88
N UNK E 125 -6.75 24.14 -64.73
CA UNK E 125 -6.60 22.72 -64.47
C UNK E 125 -5.47 22.23 -65.34
N UNK E 126 -4.99 21.02 -65.04
CA UNK E 126 -3.91 20.42 -65.78
C UNK E 126 -4.03 18.92 -65.62
N UNK E 127 -4.02 18.19 -66.71
CA UNK E 127 -4.14 16.75 -66.64
C UNK E 127 -2.76 16.14 -66.58
N UNK E 128 -2.41 15.58 -65.44
CA UNK E 128 -1.14 14.91 -65.29
C UNK E 128 -1.33 13.46 -65.67
N UNK E 129 -0.46 12.96 -66.54
CA UNK E 129 -0.50 11.58 -66.93
C UNK E 129 0.83 10.94 -66.63
N UNK E 130 0.78 9.79 -65.98
CA UNK E 130 2.00 9.05 -65.73
C UNK E 130 2.41 8.30 -66.98
N UNK E 131 3.73 8.07 -67.09
CA UNK E 131 4.36 7.00 -67.88
C UNK E 131 4.23 7.13 -69.39
N UNK E 132 3.73 8.24 -69.94
CA UNK E 132 3.42 8.30 -71.36
C UNK E 132 4.66 8.71 -72.15
N UNK E 133 5.58 7.76 -72.31
CA UNK E 133 6.59 7.67 -73.38
C UNK E 133 7.71 8.72 -73.42
N UNK E 134 7.66 9.75 -72.57
CA UNK E 134 8.67 10.78 -72.44
C UNK E 134 8.46 11.44 -71.10
N UNK E 135 9.54 11.83 -70.46
CA UNK E 135 9.47 12.41 -69.13
C UNK E 135 9.65 13.91 -69.24
N UNK E 136 8.59 14.65 -68.94
CA UNK E 136 8.64 16.10 -69.02
C UNK E 136 9.27 16.62 -67.75
N UNK E 137 10.59 16.78 -67.74
CA UNK E 137 11.32 17.17 -66.53
C UNK E 137 11.14 18.65 -66.20
N UNK E 138 10.77 19.48 -67.17
CA UNK E 138 10.36 20.85 -66.90
C UNK E 138 9.38 21.27 -67.96
N UNK E 139 8.13 21.48 -67.58
CA UNK E 139 7.13 22.01 -68.48
C UNK E 139 6.88 23.46 -68.10
N UNK E 140 6.90 24.34 -69.08
CA UNK E 140 6.75 25.76 -68.87
C UNK E 140 5.37 26.18 -69.33
N UNK E 141 4.51 26.52 -68.39
CA UNK E 141 3.15 26.90 -68.70
C UNK E 141 3.09 28.39 -68.94
N UNK E 142 2.91 28.78 -70.19
CA UNK E 142 2.67 30.17 -70.53
C UNK E 142 1.17 30.39 -70.46
N UNK E 143 0.73 31.06 -69.41
CA UNK E 143 -0.69 31.26 -69.22
C UNK E 143 -1.19 32.40 -70.10
N UNK E 144 -2.52 32.44 -70.26
CA UNK E 144 -3.15 33.49 -71.03
C UNK E 144 -3.47 34.69 -70.16
N UNK F 1 -7.74 -28.71 -59.03
CA UNK F 1 -6.64 -28.09 -59.74
C UNK F 1 -7.08 -26.75 -60.29
N UNK F 2 -8.10 -26.84 -61.14
CA UNK F 2 -8.76 -25.65 -61.66
C UNK F 2 -9.53 -24.92 -60.58
N UNK F 3 -10.02 -25.65 -59.57
CA UNK F 3 -10.60 -25.03 -58.38
C UNK F 3 -9.56 -24.26 -57.57
N UNK F 4 -8.33 -24.77 -57.51
CA UNK F 4 -7.28 -24.09 -56.76
C UNK F 4 -6.78 -22.86 -57.49
N UNK F 5 -6.71 -22.92 -58.82
CA UNK F 5 -6.37 -21.75 -59.61
C UNK F 5 -7.49 -20.73 -59.59
N UNK F 6 -8.74 -21.20 -59.48
CA UNK F 6 -9.88 -20.29 -59.33
C UNK F 6 -9.89 -19.61 -57.97
N UNK F 7 -9.48 -20.33 -56.92
CA UNK F 7 -9.44 -19.73 -55.59
C UNK F 7 -8.31 -18.73 -55.44
N UNK F 8 -7.17 -19.02 -56.07
CA UNK F 8 -6.07 -18.06 -56.08
C UNK F 8 -6.39 -16.84 -56.92
N UNK F 9 -7.15 -17.04 -58.01
CA UNK F 9 -7.66 -15.94 -58.81
C UNK F 9 -8.67 -15.11 -58.05
N UNK F 10 -9.47 -15.74 -57.18
CA UNK F 10 -10.43 -15.00 -56.39
C UNK F 10 -9.80 -14.20 -55.28
N UNK F 11 -8.70 -14.70 -54.71
CA UNK F 11 -7.98 -13.96 -53.68
C UNK F 11 -7.26 -12.75 -54.26
N UNK F 12 -6.62 -12.94 -55.42
CA UNK F 12 -5.95 -11.84 -56.10
C UNK F 12 -6.95 -10.85 -56.68
N UNK F 13 -8.12 -11.34 -57.06
CA UNK F 13 -9.17 -10.48 -57.56
C UNK F 13 -9.81 -9.67 -56.46
N UNK F 14 -9.88 -10.22 -55.25
CA UNK F 14 -10.43 -9.48 -54.12
C UNK F 14 -9.50 -8.38 -53.68
N UNK F 15 -8.18 -8.63 -53.75
CA UNK F 15 -7.21 -7.58 -53.46
C UNK F 15 -7.20 -6.52 -54.56
N UNK F 16 -7.38 -6.95 -55.81
CA UNK F 16 -7.42 -6.01 -56.92
C UNK F 16 -8.71 -5.20 -56.94
N UNK F 17 -9.79 -5.78 -56.45
CA UNK F 17 -11.05 -5.06 -56.40
C UNK F 17 -11.08 -4.06 -55.27
N UNK F 18 -10.45 -4.38 -54.15
CA UNK F 18 -10.38 -3.41 -53.06
C UNK F 18 -9.43 -2.27 -53.38
N UNK F 19 -8.35 -2.58 -54.09
CA UNK F 19 -7.44 -1.53 -54.55
C UNK F 19 -8.06 -0.67 -55.64
N UNK F 20 -8.89 -1.26 -56.50
CA UNK F 20 -9.57 -0.46 -57.51
C UNK F 20 -10.76 0.29 -56.93
N UNK F 21 -11.28 -0.13 -55.79
CA UNK F 21 -12.37 0.61 -55.17
C UNK F 21 -11.89 1.72 -54.26
N UNK F 22 -10.65 1.66 -53.78
CA UNK F 22 -10.11 2.74 -52.96
C UNK F 22 -9.81 3.97 -53.81
N UNK F 23 -10.00 5.14 -53.21
CA UNK F 23 -9.85 6.42 -53.93
C UNK F 23 -9.50 7.50 -52.93
N UNK F 24 -8.28 8.05 -53.02
CA UNK F 24 -7.85 9.08 -52.09
C UNK F 24 -8.48 10.41 -52.43
N UNK F 25 -8.65 11.25 -51.43
CA UNK F 25 -9.47 12.44 -51.57
C UNK F 25 -8.70 13.56 -52.24
N UNK F 26 -9.35 14.71 -52.38
CA UNK F 26 -8.69 15.90 -52.87
C UNK F 26 -7.77 16.46 -51.78
N UNK F 27 -6.77 17.22 -52.19
CA UNK F 27 -5.93 17.95 -51.26
C UNK F 27 -5.70 19.34 -51.81
N UNK F 28 -6.14 20.36 -51.09
CA UNK F 28 -6.06 21.74 -51.55
C UNK F 28 -5.02 22.46 -50.71
N UNK F 29 -3.77 22.39 -51.15
CA UNK F 29 -2.69 23.08 -50.46
C UNK F 29 -2.72 24.55 -50.82
N UNK F 30 -2.81 25.40 -49.81
CA UNK F 30 -2.88 26.85 -50.02
C UNK F 30 -1.72 27.49 -49.29
N UNK F 31 -0.95 28.29 -50.00
CA UNK F 31 0.31 28.82 -49.48
C UNK F 31 0.35 30.33 -49.66
N UNK F 32 0.32 31.06 -48.55
CA UNK F 32 0.39 32.51 -48.59
C UNK F 32 1.80 33.00 -48.44
N UNK G 1 61.20 -40.85 -17.40
CA UNK G 1 60.08 -39.93 -17.24
C UNK G 1 60.36 -38.65 -18.01
N UNK G 2 61.62 -38.48 -18.38
CA UNK G 2 62.06 -37.29 -19.09
C UNK G 2 61.54 -37.25 -20.51
N UNK G 3 61.39 -38.43 -21.12
CA UNK G 3 60.76 -38.52 -22.43
C UNK G 3 59.27 -38.25 -22.35
N UNK G 4 58.66 -38.60 -21.21
CA UNK G 4 57.24 -38.32 -20.99
C UNK G 4 57.02 -36.83 -20.79
N UNK G 5 57.97 -36.17 -20.14
CA UNK G 5 57.91 -34.73 -19.98
C UNK G 5 58.19 -34.00 -21.29
N UNK G 6 59.08 -34.56 -22.12
CA UNK G 6 59.43 -33.95 -23.40
C UNK G 6 58.29 -34.08 -24.39
N UNK G 7 57.61 -35.23 -24.40
CA UNK G 7 56.43 -35.40 -25.21
C UNK G 7 55.24 -34.63 -24.66
N UNK G 8 55.21 -34.38 -23.35
CA UNK G 8 54.14 -33.57 -22.78
C UNK G 8 54.27 -32.10 -23.14
N UNK G 9 55.50 -31.59 -23.14
CA UNK G 9 55.73 -30.20 -23.55
C UNK G 9 55.54 -30.04 -25.05
N UNK G 10 55.87 -31.07 -25.83
CA UNK G 10 55.58 -31.04 -27.26
C UNK G 10 54.10 -31.12 -27.55
N UNK G 11 53.36 -31.85 -26.73
CA UNK G 11 51.93 -31.98 -26.92
C UNK G 11 51.19 -30.72 -26.50
N UNK G 12 51.63 -30.10 -25.42
CA UNK G 12 51.02 -28.84 -24.99
C UNK G 12 51.42 -27.70 -25.91
N UNK G 13 52.59 -27.79 -26.53
CA UNK G 13 52.98 -26.81 -27.53
C UNK G 13 52.20 -26.99 -28.81
N UNK G 14 51.83 -28.22 -29.14
CA UNK G 14 50.94 -28.39 -30.28
C UNK G 14 49.51 -28.03 -29.93
N UNK G 15 49.16 -28.12 -28.66
CA UNK G 15 47.78 -27.87 -28.28
C UNK G 15 47.49 -26.39 -28.14
N UNK G 16 48.38 -25.64 -27.50
CA UNK G 16 48.03 -24.29 -27.07
C UNK G 16 48.12 -23.30 -28.22
N UNK G 17 49.31 -23.06 -28.74
CA UNK G 17 49.41 -22.36 -30.01
C UNK G 17 49.16 -23.44 -31.05
N UNK G 18 47.90 -23.57 -31.46
CA UNK G 18 47.47 -24.75 -32.17
C UNK G 18 47.87 -24.72 -33.63
N UNK G 19 47.68 -23.57 -34.28
CA UNK G 19 48.13 -23.42 -35.64
C UNK G 19 49.64 -23.24 -35.66
N UNK G 20 50.25 -23.67 -36.76
CA UNK G 20 51.69 -23.61 -36.90
C UNK G 20 52.13 -22.19 -37.16
N UNK G 21 53.38 -21.91 -36.83
CA UNK G 21 53.94 -20.57 -36.96
C UNK G 21 54.13 -20.15 -38.41
N UNK G 22 54.27 -21.09 -39.33
CA UNK G 22 54.20 -20.77 -40.74
C UNK G 22 52.77 -20.69 -41.22
N UNK G 23 51.89 -21.48 -40.61
CA UNK G 23 50.51 -21.57 -41.07
C UNK G 23 49.71 -20.35 -40.70
N UNK G 24 50.12 -19.63 -39.65
CA UNK G 24 49.49 -18.37 -39.32
C UNK G 24 49.80 -17.30 -40.35
N UNK G 25 51.01 -17.32 -40.91
CA UNK G 25 51.34 -16.39 -41.97
C UNK G 25 50.67 -16.79 -43.27
N UNK G 26 50.48 -18.10 -43.45
CA UNK G 26 49.73 -18.58 -44.61
C UNK G 26 48.26 -18.23 -44.52
N UNK G 27 47.71 -18.23 -43.31
CA UNK G 27 46.32 -17.85 -43.14
C UNK G 27 46.14 -16.35 -43.22
N UNK G 28 47.16 -15.58 -42.86
CA UNK G 28 47.08 -14.13 -42.99
C UNK G 28 47.17 -13.71 -44.45
N UNK G 29 47.95 -14.44 -45.25
CA UNK G 29 47.96 -14.19 -46.69
C UNK G 29 46.69 -14.64 -47.34
N UNK G 30 46.07 -15.71 -46.80
CA UNK G 30 44.77 -16.16 -47.26
C UNK G 30 43.68 -15.16 -46.93
N UNK G 31 43.78 -14.53 -45.76
CA UNK G 31 42.79 -13.55 -45.32
C UNK G 31 42.92 -12.26 -46.11
N UNK G 32 44.15 -11.86 -46.42
CA UNK G 32 44.35 -10.63 -47.17
C UNK G 32 44.00 -10.80 -48.64
N UNK G 33 44.23 -12.00 -49.19
CA UNK G 33 43.80 -12.29 -50.54
C UNK G 33 42.29 -12.40 -50.63
N UNK G 34 41.67 -12.90 -49.56
CA UNK G 34 40.23 -12.92 -49.44
C UNK G 34 39.66 -11.51 -49.30
N UNK G 35 40.40 -10.63 -48.66
CA UNK G 35 39.96 -9.26 -48.52
C UNK G 35 40.10 -8.47 -49.80
N UNK G 36 41.12 -8.76 -50.61
CA UNK G 36 41.21 -8.12 -51.93
C UNK G 36 40.16 -8.66 -52.88
N UNK G 37 39.81 -9.93 -52.72
CA UNK G 37 38.77 -10.55 -53.51
C UNK G 37 37.39 -10.03 -53.14
N UNK G 38 37.16 -9.76 -51.86
CA UNK G 38 35.91 -9.12 -51.47
C UNK G 38 35.93 -7.63 -51.78
N UNK G 39 37.12 -7.07 -51.89
CA UNK G 39 37.28 -5.65 -52.12
C UNK G 39 36.95 -5.22 -53.52
N UNK G 40 37.39 -5.99 -54.52
CA UNK G 40 37.48 -5.48 -55.88
C UNK G 40 36.12 -5.34 -56.55
N UNK G 41 36.06 -4.41 -57.49
CA UNK G 41 34.83 -4.18 -58.23
C UNK G 41 34.67 -5.26 -59.29
N UNK G 42 33.48 -5.31 -59.85
CA UNK G 42 33.34 -5.99 -61.13
C UNK G 42 34.02 -5.16 -62.20
N UNK G 43 34.39 -5.86 -63.28
CA UNK G 43 35.66 -5.75 -64.02
C UNK G 43 36.27 -4.35 -64.20
N UNK G 44 35.50 -3.40 -64.70
CA UNK G 44 35.99 -2.05 -64.91
C UNK G 44 35.94 -1.31 -63.59
N UNK G 45 37.10 -0.99 -63.04
CA UNK G 45 37.15 -0.01 -61.98
C UNK G 45 36.87 1.35 -62.60
N UNK G 46 35.62 1.80 -62.44
CA UNK G 46 34.96 2.79 -63.29
C UNK G 46 35.56 4.16 -63.08
N UNK G 47 36.44 4.55 -64.01
CA UNK G 47 37.54 5.47 -63.77
C UNK G 47 37.05 6.90 -63.63
N UNK G 48 37.88 7.69 -62.98
CA UNK G 48 37.50 9.01 -62.52
C UNK G 48 37.51 9.99 -63.68
N UNK G 49 36.75 11.06 -63.51
CA UNK G 49 36.71 12.16 -64.46
C UNK G 49 36.23 13.37 -63.70
N UNK G 50 36.50 14.53 -64.26
CA UNK G 50 35.75 15.73 -63.99
C UNK G 50 35.12 16.15 -65.29
N UNK G 51 34.20 17.09 -65.22
CA UNK G 51 33.52 17.52 -66.42
C UNK G 51 33.03 18.94 -66.23
N UNK G 52 32.62 19.53 -67.34
CA UNK G 52 31.85 20.75 -67.30
C UNK G 52 30.84 20.69 -68.43
N UNK G 53 29.70 21.33 -68.21
CA UNK G 53 28.66 21.33 -69.22
C UNK G 53 27.87 22.61 -69.07
N UNK G 54 27.53 23.21 -70.20
CA UNK G 54 26.58 24.30 -70.14
C UNK G 54 25.19 23.72 -70.03
N UNK G 55 24.27 24.54 -69.54
CA UNK G 55 22.88 24.15 -69.44
C UNK G 55 22.09 25.03 -70.39
N UNK G 56 21.12 24.43 -71.07
CA UNK G 56 20.24 25.20 -71.92
C UNK G 56 19.05 25.69 -71.10
N UNK G 57 18.07 26.30 -71.76
CA UNK G 57 16.89 26.70 -71.03
C UNK G 57 15.61 26.37 -71.78
N UNK G 58 15.65 26.33 -73.11
CA UNK G 58 14.40 26.37 -73.86
C UNK G 58 13.75 24.99 -74.00
N UNK G 59 14.36 24.12 -74.80
CA UNK G 59 13.92 22.73 -74.92
C UNK G 59 15.15 21.96 -75.40
N UNK G 60 15.84 21.33 -74.46
CA UNK G 60 16.98 20.51 -74.83
C UNK G 60 17.01 19.32 -73.89
N UNK G 61 18.11 18.59 -73.93
CA UNK G 61 18.29 17.49 -72.99
C UNK G 61 18.59 18.04 -71.61
N UNK G 62 18.03 17.39 -70.59
CA UNK G 62 18.45 17.67 -69.24
C UNK G 62 19.85 17.13 -69.04
N UNK G 63 20.64 17.81 -68.22
CA UNK G 63 22.06 17.53 -68.10
C UNK G 63 22.30 16.26 -67.31
N UNK G 64 23.09 15.35 -67.87
CA UNK G 64 23.31 14.05 -67.26
C UNK G 64 24.54 14.10 -66.38
N UNK G 65 24.40 13.67 -65.14
CA UNK G 65 25.53 13.56 -64.22
C UNK G 65 25.74 12.10 -63.91
N UNK G 66 26.90 11.57 -64.26
CA UNK G 66 27.18 10.15 -64.13
C UNK G 66 27.90 9.90 -62.82
N UNK G 67 27.15 9.49 -61.80
CA UNK G 67 27.74 9.25 -60.49
C UNK G 67 27.97 7.75 -60.29
N UNK G 68 28.46 7.38 -59.11
CA UNK G 68 28.65 5.97 -58.75
C UNK G 68 28.43 5.85 -57.25
N UNK G 69 28.84 4.74 -56.66
CA UNK G 69 28.69 4.59 -55.21
C UNK G 69 29.72 5.38 -54.42
N UNK G 70 30.80 5.85 -55.05
CA UNK G 70 31.69 6.86 -54.50
C UNK G 70 31.05 8.24 -54.64
N UNK G 71 31.63 9.22 -53.97
CA UNK G 71 31.03 10.54 -53.88
C UNK G 71 31.24 11.32 -55.16
N UNK G 72 30.50 12.42 -55.31
CA UNK G 72 30.57 13.24 -56.50
C UNK G 72 30.12 14.64 -56.14
N UNK G 73 30.55 15.60 -56.94
CA UNK G 73 30.29 17.00 -56.63
C UNK G 73 29.67 17.68 -57.84
N UNK G 74 28.61 18.44 -57.61
CA UNK G 74 28.03 19.26 -58.64
C UNK G 74 28.35 20.69 -58.23
N UNK G 75 29.33 21.28 -58.90
CA UNK G 75 29.65 22.68 -58.70
C UNK G 75 28.91 23.48 -59.74
N UNK G 76 27.89 24.21 -59.30
CA UNK G 76 27.21 25.11 -60.20
C UNK G 76 28.07 26.35 -60.42
N UNK G 77 27.77 27.08 -61.50
CA UNK G 77 28.34 28.39 -61.75
C UNK G 77 27.86 29.36 -60.68
N UNK G 78 28.65 30.40 -60.42
CA UNK G 78 28.91 30.95 -59.09
C UNK G 78 27.72 31.55 -58.32
N UNK G 79 26.52 31.61 -58.90
CA UNK G 79 25.31 31.85 -58.15
C UNK G 79 25.00 30.64 -57.28
N UNK G 80 24.28 30.89 -56.20
CA UNK G 80 24.03 29.89 -55.18
C UNK G 80 22.77 29.09 -55.51
N UNK G 81 22.80 27.82 -55.14
CA UNK G 81 21.64 26.96 -55.22
C UNK G 81 20.67 27.36 -54.12
N UNK G 82 19.38 27.40 -54.43
CA UNK G 82 18.42 27.77 -53.40
C UNK G 82 17.73 26.57 -52.79
N UNK G 83 17.33 25.60 -53.60
CA UNK G 83 16.65 24.43 -53.08
C UNK G 83 16.94 23.24 -53.97
N UNK G 84 17.34 22.14 -53.35
CA UNK G 84 17.41 20.87 -54.03
C UNK G 84 16.05 20.20 -53.89
N UNK G 85 15.67 19.42 -54.88
CA UNK G 85 14.52 18.53 -54.75
C UNK G 85 14.90 17.24 -55.44
N UNK G 86 15.17 16.21 -54.66
CA UNK G 86 15.68 14.95 -55.17
C UNK G 86 14.64 13.87 -55.07
N UNK G 87 14.88 12.80 -55.80
CA UNK G 87 14.12 11.56 -55.65
C UNK G 87 14.93 10.65 -54.75
N UNK G 88 14.65 10.73 -53.45
CA UNK G 88 15.51 10.25 -52.38
C UNK G 88 15.52 8.73 -52.27
N UNK G 89 16.33 8.25 -51.32
CA UNK G 89 16.70 6.85 -51.05
C UNK G 89 17.32 6.16 -52.25
N UNK G 90 18.00 6.91 -53.08
CA UNK G 90 18.90 6.39 -54.07
C UNK G 90 20.16 7.21 -54.14
N UNK G 91 20.16 8.40 -53.57
CA UNK G 91 21.28 9.32 -53.66
C UNK G 91 21.18 10.28 -52.48
N UNK G 92 22.27 10.49 -51.76
CA UNK G 92 22.30 11.40 -50.62
C UNK G 92 23.00 12.67 -51.06
N UNK G 93 22.25 13.75 -51.15
CA UNK G 93 22.77 15.01 -51.64
C UNK G 93 23.10 15.89 -50.46
N UNK G 94 24.32 15.81 -49.97
CA UNK G 94 24.77 16.64 -48.87
C UNK G 94 25.14 17.99 -49.43
N UNK G 95 24.49 19.03 -48.92
CA UNK G 95 24.76 20.41 -49.29
C UNK G 95 24.27 21.33 -48.21
N UNK G 96 24.95 22.44 -48.07
CA UNK G 96 24.51 23.56 -47.27
C UNK G 96 23.75 24.54 -48.14
N UNK G 97 23.73 25.80 -47.71
CA UNK G 97 23.29 26.95 -48.50
C UNK G 97 24.41 27.56 -49.35
N UNK G 98 25.35 26.75 -49.83
CA UNK G 98 26.44 27.16 -50.72
C UNK G 98 26.01 26.99 -52.18
N UNK G 99 26.97 27.01 -53.10
CA UNK G 99 26.71 26.91 -54.51
C UNK G 99 27.21 25.61 -55.11
N UNK G 100 27.41 24.57 -54.30
CA UNK G 100 27.88 23.30 -54.80
C UNK G 100 27.32 22.19 -53.93
N UNK G 101 26.72 21.19 -54.56
CA UNK G 101 26.02 20.13 -53.85
C UNK G 101 26.72 18.80 -54.11
N UNK G 102 27.15 18.13 -53.06
CA UNK G 102 27.90 16.89 -53.23
C UNK G 102 26.91 15.74 -53.09
N UNK G 103 26.72 14.99 -54.15
CA UNK G 103 25.81 13.85 -54.15
C UNK G 103 26.62 12.57 -54.05
N UNK G 104 26.11 11.60 -53.30
CA UNK G 104 26.73 10.29 -53.19
C UNK G 104 25.64 9.27 -53.40
N UNK G 105 25.73 8.51 -54.49
CA UNK G 105 24.60 7.69 -54.88
C UNK G 105 24.64 6.38 -54.10
N UNK G 106 23.58 6.13 -53.33
CA UNK G 106 23.48 4.96 -52.48
C UNK G 106 23.24 3.70 -53.28
N UNK G 107 22.41 3.78 -54.32
CA UNK G 107 22.06 2.61 -55.10
C UNK G 107 23.21 2.23 -56.04
N UNK G 108 23.21 0.97 -56.46
CA UNK G 108 24.30 0.50 -57.31
C UNK G 108 24.05 0.86 -58.76
N UNK G 109 22.80 0.79 -59.20
CA UNK G 109 22.40 1.22 -60.54
C UNK G 109 20.95 1.66 -60.39
N UNK G 110 20.71 2.96 -60.65
CA UNK G 110 19.37 3.55 -60.72
C UNK G 110 19.46 4.89 -61.43
N UNK G 111 18.43 5.19 -62.21
CA UNK G 111 18.28 6.54 -62.73
C UNK G 111 17.66 7.40 -61.66
N UNK G 112 17.78 8.72 -61.83
CA UNK G 112 17.29 9.70 -60.88
C UNK G 112 17.14 11.02 -61.59
N UNK G 113 16.26 11.87 -61.08
CA UNK G 113 16.06 13.18 -61.72
C UNK G 113 16.03 14.25 -60.65
N UNK G 114 17.20 14.78 -60.29
CA UNK G 114 17.28 15.84 -59.31
C UNK G 114 16.84 17.16 -59.93
N UNK G 115 16.48 18.11 -59.09
CA UNK G 115 16.08 19.42 -59.58
C UNK G 115 16.60 20.50 -58.65
N UNK G 116 17.46 21.34 -59.17
CA UNK G 116 18.06 22.43 -58.42
C UNK G 116 17.39 23.72 -58.83
N UNK G 117 16.76 24.38 -57.88
CA UNK G 117 16.37 25.77 -58.02
C UNK G 117 17.54 26.57 -57.47
N UNK G 118 18.17 27.36 -58.34
CA UNK G 118 19.24 28.27 -57.95
C UNK G 118 18.62 29.62 -57.61
N UNK G 119 19.42 30.68 -57.54
CA UNK G 119 18.84 32.02 -57.46
C UNK G 119 18.49 32.50 -58.88
N UNK G 120 17.37 31.99 -59.38
CA UNK G 120 16.83 32.25 -60.71
C UNK G 120 15.35 31.95 -60.64
N UNK G 121 14.69 31.81 -61.80
CA UNK G 121 13.26 31.56 -61.79
C UNK G 121 12.80 30.55 -62.82
N UNK G 122 13.70 29.77 -63.39
CA UNK G 122 13.33 28.63 -64.23
C UNK G 122 14.25 27.52 -63.77
N UNK G 123 13.74 26.68 -62.87
CA UNK G 123 14.57 25.82 -62.05
C UNK G 123 15.11 24.65 -62.86
N UNK G 124 16.41 24.41 -62.73
CA UNK G 124 17.06 23.44 -63.58
C UNK G 124 16.78 22.05 -63.09
N UNK G 125 16.59 21.14 -64.02
CA UNK G 125 16.57 19.74 -63.67
C UNK G 125 17.91 19.15 -64.08
N UNK G 126 18.19 17.96 -63.60
CA UNK G 126 19.43 17.27 -63.92
C UNK G 126 19.18 15.78 -63.75
N UNK G 127 19.53 15.01 -64.75
CA UNK G 127 19.31 13.57 -64.67
C UNK G 127 20.56 12.92 -64.12
N UNK G 128 20.48 12.41 -62.91
CA UNK G 128 21.58 11.70 -62.32
C UNK G 128 21.46 10.24 -62.70
N UNK G 129 22.54 9.68 -63.19
CA UNK G 129 22.56 8.27 -63.53
C UNK G 129 23.69 7.59 -62.78
N UNK G 130 23.37 6.48 -62.14
CA UNK G 130 24.39 5.71 -61.47
C UNK G 130 25.16 4.88 -62.47
N UNK G 131 26.42 4.60 -62.13
CA UNK G 131 27.23 3.48 -62.62
C UNK G 131 27.62 3.54 -64.10
N UNK G 132 27.39 4.63 -64.81
CA UNK G 132 27.59 4.63 -66.25
C UNK G 132 29.04 4.96 -66.59
N UNK G 133 29.90 3.96 -66.40
CA UNK G 133 31.21 3.79 -67.06
C UNK G 133 32.32 4.79 -66.76
N UNK G 134 32.05 5.86 -66.01
CA UNK G 134 33.00 6.87 -65.59
C UNK G 134 32.38 7.60 -64.42
N UNK G 135 33.21 7.97 -63.46
CA UNK G 135 32.73 8.63 -62.26
C UNK G 135 33.00 10.11 -62.35
N UNK G 136 31.96 10.91 -62.45
CA UNK G 136 32.10 12.34 -62.56
C UNK G 136 32.29 12.90 -61.16
N UNK G 137 33.54 13.02 -60.72
CA UNK G 137 33.84 13.44 -59.35
C UNK G 137 33.62 14.94 -59.15
N UNK G 138 33.65 15.73 -60.22
CA UNK G 138 33.25 17.13 -60.14
C UNK G 138 32.70 17.54 -61.49
N UNK G 139 31.41 17.80 -61.56
CA UNK G 139 30.80 18.33 -62.76
C UNK G 139 30.51 19.80 -62.55
N UNK G 140 30.91 20.62 -63.50
CA UNK G 140 30.76 22.06 -63.40
C UNK G 140 29.63 22.51 -64.31
N UNK G 141 28.54 22.93 -63.72
CA UNK G 141 27.38 23.34 -64.48
C UNK G 141 27.48 24.82 -64.79
N UNK G 142 27.75 25.15 -66.03
CA UNK G 142 27.72 26.53 -66.48
C UNK G 142 26.29 26.80 -66.93
N UNK G 143 25.55 27.55 -66.12
CA UNK G 143 24.17 27.81 -66.43
C UNK G 143 24.04 28.90 -67.47
N UNK G 144 22.86 28.99 -68.07
CA UNK G 144 22.58 30.03 -69.05
C UNK G 144 22.04 31.29 -68.37
N UNK H 1 10.94 -31.27 -57.38
CA UNK H 1 12.26 -30.72 -57.67
C UNK H 1 12.11 -29.40 -58.39
N UNK H 2 11.44 -29.48 -59.54
CA UNK H 2 11.06 -28.29 -60.28
C UNK H 2 10.01 -27.47 -59.55
N UNK H 3 9.17 -28.14 -58.76
CA UNK H 3 8.25 -27.44 -57.86
C UNK H 3 8.99 -26.67 -56.77
N UNK H 4 10.09 -27.24 -56.27
CA UNK H 4 10.86 -26.58 -55.21
C UNK H 4 11.65 -25.40 -55.76
N UNK H 5 12.16 -25.53 -56.99
CA UNK H 5 12.82 -24.40 -57.64
C UNK H 5 11.81 -23.34 -58.05
N UNK H 6 10.58 -23.74 -58.35
CA UNK H 6 9.51 -22.79 -58.63
C UNK H 6 9.07 -22.05 -57.38
N UNK H 7 9.05 -22.73 -56.24
CA UNK H 7 8.66 -22.07 -54.99
C UNK H 7 9.73 -21.12 -54.48
N UNK H 8 11.01 -21.47 -54.68
CA UNK H 8 12.09 -20.58 -54.33
C UNK H 8 12.15 -19.38 -55.27
N UNK H 9 11.80 -19.60 -56.53
CA UNK H 9 11.66 -18.51 -57.49
C UNK H 9 10.50 -17.61 -57.15
N UNK H 10 9.42 -18.16 -56.59
CA UNK H 10 8.27 -17.34 -56.21
C UNK H 10 8.53 -16.52 -54.98
N UNK H 11 9.34 -17.05 -54.04
CA UNK H 11 9.70 -16.29 -52.85
C UNK H 11 10.64 -15.14 -53.18
N UNK H 12 11.63 -15.41 -54.04
CA UNK H 12 12.55 -14.37 -54.48
C UNK H 12 11.88 -13.36 -55.40
N UNK H 13 10.89 -13.82 -56.15
CA UNK H 13 10.12 -12.94 -57.00
C UNK H 13 9.19 -12.05 -56.21
N UNK H 14 8.67 -12.55 -55.08
CA UNK H 14 7.81 -11.73 -54.25
C UNK H 14 8.59 -10.65 -53.54
N UNK H 15 9.83 -10.96 -53.13
CA UNK H 15 10.71 -9.95 -52.57
C UNK H 15 11.15 -8.93 -53.61
N UNK H 16 11.40 -9.40 -54.84
CA UNK H 16 11.78 -8.52 -55.92
C UNK H 16 10.63 -7.67 -56.41
N UNK H 17 9.41 -8.18 -56.30
CA UNK H 17 8.26 -7.40 -56.71
C UNK H 17 7.90 -6.35 -55.70
N UNK H 18 8.09 -6.64 -54.40
CA UNK H 18 7.83 -5.63 -53.39
C UNK H 18 8.89 -4.55 -53.39
N UNK H 19 10.14 -4.93 -53.68
CA UNK H 19 11.20 -3.94 -53.83
C UNK H 19 11.03 -3.11 -55.09
N UNK H 20 10.53 -3.70 -56.17
CA UNK H 20 10.28 -2.92 -57.36
C UNK H 20 9.01 -2.10 -57.26
N UNK H 21 8.10 -2.43 -56.36
CA UNK H 21 6.92 -1.63 -56.17
C UNK H 21 7.12 -0.49 -55.19
N UNK H 22 8.11 -0.59 -54.31
CA UNK H 22 8.39 0.50 -53.38
C UNK H 22 9.04 1.68 -54.10
N UNK H 23 8.71 2.88 -53.64
CA UNK H 23 9.17 4.11 -54.30
C UNK H 23 9.21 5.23 -53.27
N UNK H 24 10.42 5.71 -52.95
CA UNK H 24 10.56 6.77 -51.96
C UNK H 24 10.16 8.11 -52.54
N UNK H 25 9.71 9.00 -51.67
CA UNK H 25 9.05 10.21 -52.13
C UNK H 25 10.07 11.28 -52.52
N UNK H 26 9.56 12.44 -52.90
CA UNK H 26 10.42 13.58 -53.16
C UNK H 26 10.94 14.15 -51.84
N UNK H 27 12.06 14.85 -51.91
CA UNK H 27 12.56 15.59 -50.76
C UNK H 27 13.05 16.94 -51.23
N UNK H 28 12.44 18.00 -50.73
CA UNK H 28 12.75 19.35 -51.18
C UNK H 28 13.49 20.06 -50.05
N UNK H 29 14.79 19.93 -50.02
CA UNK H 29 15.61 20.59 -49.03
C UNK H 29 15.79 22.05 -49.42
N UNK H 30 15.40 22.95 -48.53
CA UNK H 30 15.49 24.39 -48.79
C UNK H 30 16.37 25.01 -47.72
N UNK H 31 17.38 25.76 -48.13
CA UNK H 31 18.41 26.24 -47.23
C UNK H 31 18.59 27.74 -47.42
N UNK H 32 18.22 28.52 -46.41
CA UNK H 32 18.37 29.96 -46.47
C UNK H 32 19.68 30.39 -45.86
N UNK I 1 61.33 -43.77 5.75
CA UNK I 1 60.28 -42.81 5.48
C UNK I 1 60.85 -41.58 4.81
N UNK I 2 62.19 -41.48 4.88
CA UNK I 2 62.89 -40.33 4.32
C UNK I 2 62.88 -40.36 2.81
N UNK I 3 62.89 -41.56 2.23
CA UNK I 3 62.74 -41.68 0.78
C UNK I 3 61.32 -41.36 0.35
N UNK I 4 60.34 -41.64 1.22
CA UNK I 4 58.95 -41.28 0.94
C UNK I 4 58.75 -39.79 1.01
N UNK I 5 59.46 -39.13 1.92
CA UNK I 5 59.41 -37.67 1.99
C UNK I 5 60.16 -37.03 0.83
N UNK I 6 61.24 -37.66 0.38
CA UNK I 6 62.03 -37.13 -0.73
C UNK I 6 61.28 -37.26 -2.05
N UNK I 7 60.60 -38.38 -2.25
CA UNK I 7 59.75 -38.55 -3.42
C UNK I 7 58.49 -37.72 -3.33
N UNK I 8 58.04 -37.40 -2.11
CA UNK I 8 56.87 -36.53 -1.95
C UNK I 8 57.20 -35.09 -2.30
N UNK I 9 58.37 -34.61 -1.91
CA UNK I 9 58.79 -33.26 -2.26
C UNK I 9 59.13 -33.16 -3.74
N UNK I 10 59.64 -34.25 -4.33
CA UNK I 10 59.86 -34.27 -5.77
C UNK I 10 58.56 -34.32 -6.54
N UNK I 11 57.56 -34.99 -6.00
CA UNK I 11 56.26 -35.07 -6.66
C UNK I 11 55.49 -33.77 -6.56
N UNK I 12 55.58 -33.10 -5.41
CA UNK I 12 54.93 -31.81 -5.26
C UNK I 12 55.66 -30.73 -6.03
N UNK I 13 56.97 -30.89 -6.22
CA UNK I 13 57.71 -29.98 -7.05
C UNK I 13 57.40 -30.19 -8.52
N UNK I 14 57.11 -31.43 -8.91
CA UNK I 14 56.65 -31.62 -10.28
C UNK I 14 55.21 -31.20 -10.45
N UNK I 15 54.44 -31.21 -9.37
CA UNK I 15 53.03 -30.90 -9.49
C UNK I 15 52.79 -29.39 -9.51
N UNK I 16 53.44 -28.64 -8.62
CA UNK I 16 53.04 -27.26 -8.39
C UNK I 16 53.56 -26.33 -9.47
N UNK I 17 54.86 -26.17 -9.56
CA UNK I 17 55.42 -25.54 -10.75
C UNK I 17 55.48 -26.65 -11.77
N UNK I 18 54.43 -26.76 -12.58
CA UNK I 18 54.20 -27.97 -13.36
C UNK I 18 55.07 -28.01 -14.60
N UNK I 19 55.16 -26.90 -15.31
CA UNK I 19 56.06 -26.83 -16.45
C UNK I 19 57.50 -26.70 -15.96
N UNK I 20 58.42 -27.21 -16.76
CA UNK I 20 59.82 -27.21 -16.40
C UNK I 20 60.39 -25.81 -16.56
N UNK I 21 61.48 -25.56 -15.84
CA UNK I 21 62.11 -24.25 -15.82
C UNK I 21 62.80 -23.91 -17.12
N UNK I 22 63.19 -24.90 -17.91
CA UNK I 22 63.62 -24.64 -19.27
C UNK I 22 62.44 -24.53 -20.21
N UNK I 23 61.38 -25.26 -19.91
CA UNK I 23 60.23 -25.33 -20.80
C UNK I 23 59.41 -24.07 -20.77
N UNK I 24 59.49 -23.31 -19.67
CA UNK I 24 58.84 -22.01 -19.61
C UNK I 24 59.53 -21.01 -20.51
N UNK I 25 60.85 -21.09 -20.62
CA UNK I 25 61.57 -20.23 -21.55
C UNK I 25 61.35 -20.67 -22.98
N UNK I 26 61.17 -21.98 -23.18
CA UNK I 26 60.84 -22.51 -24.49
C UNK I 26 59.44 -22.08 -24.93
N UNK I 27 58.52 -22.01 -23.98
CA UNK I 27 57.17 -21.58 -24.30
C UNK I 27 57.10 -20.07 -24.49
N UNK I 28 57.98 -19.32 -23.82
CA UNK I 28 58.02 -17.89 -24.03
C UNK I 28 58.62 -17.54 -25.39
N UNK I 29 59.58 -18.34 -25.85
CA UNK I 29 60.10 -18.15 -27.19
C UNK I 29 59.09 -18.60 -28.24
N UNK I 30 58.28 -19.61 -27.89
CA UNK I 30 57.20 -20.04 -28.76
C UNK I 30 56.10 -18.98 -28.85
N UNK I 31 55.83 -18.30 -27.74
CA UNK I 31 54.81 -17.26 -27.70
C UNK I 31 55.26 -16.03 -28.44
N UNK I 32 56.53 -15.68 -28.32
CA UNK I 32 57.03 -14.50 -29.01
C UNK I 32 57.20 -14.73 -30.50
N UNK I 33 57.54 -15.96 -30.89
CA UNK I 33 57.57 -16.29 -32.31
C UNK I 33 56.18 -16.36 -32.89
N UNK I 34 55.21 -16.79 -32.07
CA UNK I 34 53.80 -16.74 -32.46
C UNK I 34 53.30 -15.33 -32.58
N UNK I 35 53.83 -14.43 -31.74
CA UNK I 35 53.43 -13.04 -31.81
C UNK I 35 54.03 -12.33 -32.99
N UNK I 36 55.25 -12.70 -33.41
CA UNK I 36 55.81 -12.12 -34.63
C UNK I 36 55.12 -12.67 -35.87
N UNK I 37 54.68 -13.93 -35.78
CA UNK I 37 53.93 -14.54 -36.86
C UNK I 37 52.53 -13.95 -36.99
N UNK I 38 51.90 -13.60 -35.88
CA UNK I 38 50.62 -12.91 -35.97
C UNK I 38 50.83 -11.44 -36.30
N UNK I 39 52.01 -10.92 -36.03
CA UNK I 39 52.30 -9.53 -36.23
C UNK I 39 52.49 -9.16 -37.67
N UNK I 40 53.20 -9.99 -38.43
CA UNK I 40 53.77 -9.55 -39.70
C UNK I 40 52.72 -9.39 -40.80
N UNK I 41 53.03 -8.51 -41.73
CA UNK I 41 52.14 -8.28 -42.85
C UNK I 41 52.29 -9.39 -43.87
N UNK I 42 51.36 -9.43 -44.81
CA UNK I 42 51.62 -10.17 -46.02
C UNK I 42 52.66 -9.43 -46.84
N UNK I 43 53.34 -10.18 -47.70
CA UNK I 43 54.80 -10.15 -47.96
C UNK I 43 55.50 -8.80 -47.98
N UNK I 44 54.99 -7.84 -48.74
CA UNK I 44 55.59 -6.52 -48.81
C UNK I 44 55.14 -5.71 -47.62
N UNK I 45 56.05 -5.41 -46.72
CA UNK I 45 55.79 -4.38 -45.73
C UNK I 45 55.80 -3.06 -46.46
N UNK I 46 54.59 -2.54 -46.76
CA UNK I 46 54.31 -1.57 -47.81
C UNK I 46 54.87 -0.21 -47.46
N UNK I 47 56.02 0.10 -48.05
CA UNK I 47 57.03 0.99 -47.48
C UNK I 47 56.60 2.44 -47.57
N UNK I 48 57.19 3.24 -46.69
CA UNK I 48 56.75 4.58 -46.44
C UNK I 48 57.19 5.50 -47.56
N UNK I 49 56.48 6.61 -47.70
CA UNK I 49 56.81 7.66 -48.63
C UNK I 49 56.16 8.93 -48.14
N UNK I 50 56.68 10.04 -48.61
CA UNK I 50 55.93 11.28 -48.65
C UNK I 50 55.80 11.66 -50.10
N UNK I 51 54.96 12.64 -50.38
CA UNK I 51 54.74 13.03 -51.76
C UNK I 51 54.28 14.46 -51.79
N UNK I 52 54.31 15.03 -52.99
CA UNK I 52 53.63 16.27 -53.26
C UNK I 52 53.06 16.18 -54.66
N UNK I 53 51.95 16.87 -54.87
CA UNK I 53 51.30 16.86 -56.17
C UNK I 53 50.58 18.18 -56.35
N UNK I 54 50.67 18.73 -57.54
CA UNK I 54 49.81 19.85 -57.85
C UNK I 54 48.43 19.32 -58.19
N UNK I 55 47.45 20.19 -58.07
CA UNK I 55 46.09 19.87 -58.44
C UNK I 55 45.71 20.72 -59.62
N UNK I 56 45.00 20.13 -60.57
CA UNK I 56 44.49 20.89 -61.69
C UNK I 56 43.12 21.45 -61.35
N UNK I 57 42.46 22.07 -62.32
CA UNK I 57 41.11 22.54 -62.05
C UNK I 57 40.15 22.21 -63.17
N UNK I 58 40.64 22.10 -64.41
CA UNK I 58 39.71 22.15 -65.54
C UNK I 58 39.09 20.80 -65.85
N UNK I 59 39.88 19.87 -66.36
CA UNK I 59 39.45 18.49 -66.58
C UNK I 59 40.72 17.65 -66.58
N UNK I 60 41.04 17.04 -65.45
CA UNK I 60 42.19 16.17 -65.37
C UNK I 60 41.84 15.03 -64.44
N UNK I 61 42.84 14.26 -64.07
CA UNK I 61 42.64 13.20 -63.11
C UNK I 61 42.48 13.81 -61.73
N UNK I 62 41.60 13.22 -60.93
CA UNK I 62 41.53 13.56 -59.53
C UNK I 62 42.76 12.97 -58.84
N UNK I 63 43.25 13.68 -57.83
CA UNK I 63 44.54 13.35 -57.23
C UNK I 63 44.43 12.11 -56.35
N UNK I 64 45.31 11.15 -56.57
CA UNK I 64 45.25 9.87 -55.89
C UNK I 64 46.11 9.92 -54.65
N UNK I 65 45.54 9.56 -53.51
CA UNK I 65 46.29 9.46 -52.26
C UNK I 65 46.30 8.00 -51.84
N UNK I 66 47.50 7.43 -51.76
CA UNK I 66 47.65 5.99 -51.50
C UNK I 66 47.86 5.80 -50.00
N UNK I 67 46.80 5.45 -49.29
CA UNK I 67 46.90 5.26 -47.86
C UNK I 67 46.97 3.77 -47.54
N UNK I 68 47.01 3.43 -46.26
CA UNK I 68 47.01 2.05 -45.80
C UNK I 68 46.28 2.01 -44.47
N UNK I 69 46.42 0.91 -43.72
CA UNK I 69 45.78 0.85 -42.42
C UNK I 69 46.52 1.63 -41.34
N UNK I 70 47.77 2.04 -41.59
CA UNK I 70 48.47 3.04 -40.80
C UNK I 70 47.99 4.43 -41.21
N UNK I 71 48.35 5.42 -40.40
CA UNK I 71 47.82 6.77 -40.57
C UNK I 71 48.50 7.48 -41.72
N UNK I 72 47.91 8.59 -42.15
CA UNK I 72 48.41 9.36 -43.28
C UNK I 72 47.94 10.78 -43.14
N UNK I 73 48.65 11.69 -43.79
CA UNK I 73 48.38 13.10 -43.63
C UNK I 73 48.23 13.74 -45.00
N UNK I 74 47.21 14.54 -45.17
CA UNK I 74 47.04 15.34 -46.36
C UNK I 74 47.27 16.77 -45.92
N UNK I 75 48.44 17.29 -46.24
CA UNK I 75 48.75 18.68 -45.99
C UNK I 75 48.45 19.46 -47.25
N UNK I 76 47.39 20.26 -47.21
CA UNK I 76 47.09 21.14 -48.32
C UNK I 76 48.03 22.33 -48.27
N UNK I 77 48.15 23.00 -49.42
CA UNK I 77 48.84 24.29 -49.50
C UNK I 77 48.07 25.32 -48.69
N UNK I 78 48.79 26.35 -48.22
CA UNK I 78 48.60 26.96 -46.89
C UNK I 78 47.25 27.63 -46.60
N UNK I 79 46.33 27.71 -47.55
CA UNK I 79 44.94 28.02 -47.27
C UNK I 79 44.30 26.87 -46.51
N UNK I 80 43.27 27.20 -45.75
CA UNK I 80 42.64 26.26 -44.85
C UNK I 80 41.53 25.49 -45.54
N UNK I 81 41.37 24.23 -45.15
CA UNK I 81 40.26 23.42 -45.59
C UNK I 81 39.01 23.90 -44.90
N UNK I 82 37.90 23.98 -45.62
CA UNK I 82 36.67 24.43 -44.98
C UNK I 82 35.75 23.28 -44.62
N UNK I 83 35.60 22.29 -45.48
CA UNK I 83 34.73 21.17 -45.19
C UNK I 83 35.23 19.92 -45.87
N UNK I 84 35.34 18.85 -45.12
CA UNK I 84 35.58 17.54 -45.70
C UNK I 84 34.22 16.93 -46.00
N UNK I 85 34.16 16.11 -47.03
CA UNK I 85 32.98 15.27 -47.26
C UNK I 85 33.52 13.94 -47.75
N UNK I 86 33.46 12.94 -46.89
CA UNK I 86 34.06 11.65 -47.15
C UNK I 86 32.97 10.60 -47.37
N UNK I 87 33.40 9.48 -47.92
CA UNK I 87 32.58 8.28 -48.00
C UNK I 87 33.00 7.39 -46.84
N UNK I 88 32.28 7.54 -45.73
CA UNK I 88 32.72 7.09 -44.41
C UNK I 88 32.61 5.57 -44.25
N UNK I 89 33.02 5.12 -43.07
CA UNK I 89 33.23 3.72 -42.64
C UNK I 89 34.17 2.94 -43.54
N UNK I 90 35.12 3.63 -44.11
CA UNK I 90 36.28 3.03 -44.72
C UNK I 90 37.54 3.80 -44.39
N UNK I 91 37.40 5.03 -43.89
CA UNK I 91 38.52 5.90 -43.62
C UNK I 91 38.08 6.92 -42.59
N UNK I 92 38.88 7.12 -41.55
CA UNK I 92 38.56 8.08 -40.50
C UNK I 92 39.43 9.31 -40.72
N UNK I 93 38.81 10.41 -41.09
CA UNK I 93 39.53 11.63 -41.42
C UNK I 93 39.48 12.55 -40.23
N UNK I 94 40.47 12.45 -39.35
CA UNK I 94 40.54 13.31 -38.18
C UNK I 94 41.15 14.63 -38.64
N UNK I 95 40.42 15.71 -38.42
CA UNK I 95 40.87 17.06 -38.73
C UNK I 95 40.09 18.05 -37.91
N UNK I 96 40.73 19.15 -37.59
CA UNK I 96 40.10 20.32 -37.02
C UNK I 96 39.74 21.28 -38.13
N UNK I 97 39.63 22.56 -37.77
CA UNK I 97 39.55 23.68 -38.70
C UNK I 97 40.92 24.21 -39.15
N UNK I 98 41.93 23.34 -39.25
CA UNK I 98 43.26 23.68 -39.73
C UNK I 98 43.34 23.44 -41.24
N UNK I 99 44.56 23.39 -41.77
CA UNK I 99 44.79 23.22 -43.20
C UNK I 99 45.39 21.87 -43.55
N UNK I 100 45.27 20.88 -42.69
CA UNK I 100 45.81 19.56 -42.95
C UNK I 100 44.94 18.51 -42.28
N UNK I 101 44.53 17.50 -43.04
CA UNK I 101 43.58 16.51 -42.58
C UNK I 101 44.26 15.15 -42.54
N UNK I 102 44.29 14.52 -41.37
CA UNK I 102 44.97 13.25 -41.25
C UNK I 102 43.95 12.15 -41.40
N UNK I 103 44.09 11.35 -42.44
CA UNK I 103 43.18 10.25 -42.71
C UNK I 103 43.83 8.93 -42.29
N UNK I 104 43.05 8.03 -41.73
CA UNK I 104 43.54 6.71 -41.37
C UNK I 104 42.53 5.71 -41.90
N UNK I 105 42.94 4.90 -42.86
CA UNK I 105 41.98 4.09 -43.58
C UNK I 105 41.69 2.82 -42.80
N UNK I 106 40.42 2.65 -42.44
CA UNK I 106 39.98 1.53 -41.62
C UNK I 106 39.95 0.24 -42.41
N UNK I 107 39.54 0.30 -43.67
CA UNK I 107 39.42 -0.90 -44.49
C UNK I 107 40.78 -1.36 -44.95
N UNK I 108 40.87 -2.64 -45.32
CA UNK I 108 42.15 -3.20 -45.73
C UNK I 108 42.44 -2.90 -47.19
N UNK I 109 41.40 -2.94 -48.02
CA UNK I 109 41.50 -2.57 -49.43
C UNK I 109 40.10 -2.07 -49.80
N UNK I 110 40.03 -0.78 -50.18
CA UNK I 110 38.83 -0.15 -50.71
C UNK I 110 39.21 1.14 -51.40
N UNK I 111 38.53 1.45 -52.48
CA UNK I 111 38.63 2.77 -53.08
C UNK I 111 37.72 3.72 -52.31
N UNK I 112 37.96 5.01 -52.48
CA UNK I 112 37.23 6.05 -51.78
C UNK I 112 37.39 7.35 -52.54
N UNK I 113 36.43 8.25 -52.40
CA UNK I 113 36.52 9.53 -53.11
C UNK I 113 36.19 10.65 -52.15
N UNK I 114 37.20 11.16 -51.45
CA UNK I 114 36.98 12.27 -50.52
C UNK I 114 36.85 13.56 -51.30
N UNK I 115 36.27 14.57 -50.66
CA UNK I 115 36.14 15.87 -51.31
C UNK I 115 36.37 16.97 -50.30
N UNK I 116 37.40 17.76 -50.53
CA UNK I 116 37.75 18.86 -49.65
C UNK I 116 37.32 20.15 -50.31
N UNK I 117 36.45 20.88 -49.65
CA UNK I 117 36.19 22.27 -49.97
C UNK I 117 37.15 23.05 -49.09
N UNK I 118 38.07 23.78 -49.70
CA UNK I 118 39.00 24.67 -49.00
C UNK I 118 38.36 26.06 -48.95
N UNK I 119 39.14 27.09 -48.65
CA UNK I 119 38.64 28.45 -48.82
C UNK I 119 38.81 28.87 -50.28
N UNK I 120 37.90 28.38 -51.13
CA UNK I 120 37.85 28.59 -52.57
C UNK I 120 36.42 28.34 -53.00
N UNK I 121 36.19 28.17 -54.29
CA UNK I 121 34.83 27.97 -54.76
C UNK I 121 34.70 26.93 -55.86
N UNK I 122 35.70 26.09 -56.06
CA UNK I 122 35.58 24.93 -56.93
C UNK I 122 36.23 23.81 -56.14
N UNK I 123 35.40 23.03 -55.44
CA UNK I 123 35.87 22.18 -54.37
C UNK I 123 36.59 20.96 -54.89
N UNK I 124 37.75 20.68 -54.33
CA UNK I 124 38.61 19.65 -54.88
C UNK I 124 38.11 18.29 -54.46
N UNK I 125 38.19 17.34 -55.36
CA UNK I 125 37.99 15.97 -55.00
C UNK I 125 39.36 15.31 -54.91
N UNK I 126 39.41 14.13 -54.31
CA UNK I 126 40.63 13.38 -54.17
C UNK I 126 40.28 11.93 -54.04
N UNK I 127 40.91 11.09 -54.85
CA UNK I 127 40.60 9.67 -54.80
C UNK I 127 41.56 9.00 -53.83
N UNK I 128 41.04 8.55 -52.71
CA UNK I 128 41.85 7.83 -51.75
C UNK I 128 41.79 6.36 -52.08
N UNK I 129 42.95 5.74 -52.17
CA UNK I 129 43.01 4.31 -52.44
C UNK I 129 43.77 3.64 -51.33
N UNK I 130 43.21 2.57 -50.80
CA UNK I 130 43.90 1.80 -49.79
C UNK I 130 44.92 0.90 -50.45
N UNK I 131 45.98 0.58 -49.68
CA UNK I 131 46.85 -0.58 -49.83
C UNK I 131 47.72 -0.62 -51.09
N UNK I 132 47.80 0.45 -51.87
CA UNK I 132 48.47 0.37 -53.17
C UNK I 132 49.96 0.64 -52.99
N UNK I 133 50.67 -0.39 -52.49
CA UNK I 133 52.11 -0.64 -52.66
C UNK I 133 53.10 0.35 -52.04
N UNK I 134 52.64 1.46 -51.46
CA UNK I 134 53.45 2.45 -50.78
C UNK I 134 52.51 3.26 -49.91
N UNK I 135 52.98 3.66 -48.74
CA UNK I 135 52.16 4.38 -47.80
C UNK I 135 52.52 5.85 -47.85
N UNK I 136 51.60 6.67 -48.33
CA UNK I 136 51.85 8.10 -48.43
C UNK I 136 51.58 8.72 -47.07
N UNK I 137 52.61 8.81 -46.23
CA UNK I 137 52.45 9.29 -44.87
C UNK I 137 52.26 10.80 -44.79
N UNK I 138 52.68 11.54 -45.82
CA UNK I 138 52.35 12.96 -45.93
C UNK I 138 52.31 13.31 -47.41
N UNK I 139 51.13 13.62 -47.91
CA UNK I 139 50.99 14.11 -49.27
C UNK I 139 50.72 15.59 -49.21
N UNK I 140 51.45 16.35 -50.00
CA UNK I 140 51.36 17.81 -50.00
C UNK I 140 50.63 18.24 -51.26
N UNK I 141 49.41 18.73 -51.10
CA UNK I 141 48.60 19.14 -52.23
C UNK I 141 48.87 20.60 -52.52
N UNK I 142 49.56 20.87 -53.61
CA UNK I 142 49.76 22.22 -54.10
C UNK I 142 48.58 22.52 -55.01
N UNK I 143 47.65 23.32 -54.52
CA UNK I 143 46.46 23.62 -55.29
C UNK I 143 46.75 24.67 -56.36
N UNK I 144 45.85 24.77 -57.32
CA UNK I 144 45.96 25.76 -58.37
C UNK I 144 45.29 27.06 -57.96
N UNK J 1 27.83 -34.41 -49.12
CA UNK J 1 29.19 -33.93 -48.98
C UNK J 1 29.36 -32.65 -49.74
N UNK J 2 29.11 -32.75 -51.05
CA UNK J 2 29.08 -31.59 -51.92
C UNK J 2 27.88 -30.70 -51.61
N UNK J 3 26.78 -31.29 -51.12
CA UNK J 3 25.66 -30.51 -50.61
C UNK J 3 26.04 -29.71 -49.37
N UNK J 4 26.88 -30.30 -48.50
CA UNK J 4 27.28 -29.61 -47.28
C UNK J 4 28.27 -28.50 -47.58
N UNK J 5 29.17 -28.71 -48.55
CA UNK J 5 30.06 -27.64 -48.99
C UNK J 5 29.31 -26.56 -49.74
N UNK J 6 28.23 -26.94 -50.43
CA UNK J 6 27.37 -25.95 -51.08
C UNK J 6 26.58 -25.14 -50.09
N UNK J 7 26.14 -25.75 -48.98
CA UNK J 7 25.40 -25.01 -47.96
C UNK J 7 26.29 -24.08 -47.17
N UNK J 8 27.53 -24.50 -46.91
CA UNK J 8 28.49 -23.62 -46.25
C UNK J 8 28.92 -22.48 -47.16
N UNK J 9 29.01 -22.75 -48.46
CA UNK J 9 29.25 -21.72 -49.45
C UNK J 9 28.09 -20.75 -49.55
N UNK J 10 26.86 -21.22 -49.37
CA UNK J 10 25.70 -20.35 -49.42
C UNK J 10 25.58 -19.47 -48.19
N UNK J 11 26.00 -19.98 -47.03
CA UNK J 11 25.99 -19.16 -45.81
C UNK J 11 27.05 -18.08 -45.86
N UNK J 12 28.25 -18.44 -46.32
CA UNK J 12 29.32 -17.45 -46.47
C UNK J 12 29.05 -16.48 -47.60
N UNK J 13 28.34 -16.93 -48.62
CA UNK J 13 27.95 -16.06 -49.71
C UNK J 13 26.85 -15.11 -49.30
N UNK J 14 25.97 -15.52 -48.40
CA UNK J 14 24.92 -14.63 -47.93
C UNK J 14 25.49 -13.53 -47.03
N UNK J 15 26.50 -13.88 -46.23
CA UNK J 15 27.19 -12.87 -45.44
C UNK J 15 28.02 -11.94 -46.32
N UNK J 16 28.62 -12.48 -47.38
CA UNK J 16 29.41 -11.66 -48.30
C UNK J 16 28.52 -10.80 -49.17
N UNK J 17 27.31 -11.25 -49.47
CA UNK J 17 26.41 -10.45 -50.27
C UNK J 17 25.79 -9.34 -49.46
N UNK J 18 25.52 -9.57 -48.18
CA UNK J 18 25.00 -8.50 -47.34
C UNK J 18 26.07 -7.46 -47.03
N UNK J 19 27.31 -7.90 -46.87
CA UNK J 19 28.41 -6.97 -46.69
C UNK J 19 28.72 -6.20 -47.96
N UNK J 20 28.58 -6.82 -49.13
CA UNK J 20 28.78 -6.10 -50.37
C UNK J 20 27.59 -5.21 -50.72
N UNK J 21 26.42 -5.48 -50.16
CA UNK J 21 25.29 -4.60 -50.41
C UNK J 21 25.21 -3.43 -49.46
N UNK J 22 25.84 -3.52 -48.30
CA UNK J 22 25.87 -2.39 -47.38
C UNK J 22 26.78 -1.28 -47.89
N UNK J 23 26.39 -0.04 -47.60
CA UNK J 23 27.11 1.12 -48.11
C UNK J 23 26.87 2.29 -47.17
N UNK J 24 27.92 2.75 -46.48
CA UNK J 24 27.79 3.85 -45.53
C UNK J 24 27.68 5.16 -46.26
N UNK J 25 27.01 6.12 -45.64
CA UNK J 25 26.61 7.34 -46.33
C UNK J 25 27.76 8.34 -46.40
N UNK J 26 27.48 9.49 -46.96
CA UNK J 26 28.44 10.58 -46.97
C UNK J 26 28.52 11.20 -45.57
N UNK J 27 29.64 11.85 -45.29
CA UNK J 27 29.77 12.63 -44.07
C UNK J 27 30.47 13.93 -44.39
N UNK J 28 29.78 15.05 -44.17
CA UNK J 28 30.30 16.36 -44.54
C UNK J 28 30.66 17.10 -43.25
N UNK J 29 31.88 16.91 -42.79
CA UNK J 29 32.34 17.60 -41.60
C UNK J 29 32.73 19.02 -41.96
N UNK J 30 32.11 19.98 -41.28
CA UNK J 30 32.36 21.40 -41.56
C UNK J 30 32.87 22.04 -40.28
N UNK J 31 34.01 22.72 -40.35
CA UNK J 31 34.70 23.22 -39.17
C UNK J 31 35.02 24.69 -39.35
N UNK J 32 34.38 25.54 -38.56
CA UNK J 32 34.62 26.97 -38.61
C UNK J 32 35.68 27.37 -37.62
N UNK K 1 53.46 -45.74 27.49
CA UNK K 1 52.61 -44.75 26.85
C UNK K 1 53.44 -43.57 26.38
N UNK K 2 54.66 -43.52 26.90
CA UNK K 2 55.57 -42.42 26.57
C UNK K 2 56.08 -42.51 25.15
N UNK K 3 56.22 -43.74 24.64
CA UNK K 3 56.56 -43.93 23.23
C UNK K 3 55.38 -43.58 22.34
N UNK K 4 54.16 -43.78 22.83
CA UNK K 4 52.96 -43.39 22.09
C UNK K 4 52.83 -41.88 22.02
N UNK K 5 53.23 -41.21 23.10
CA UNK K 5 53.23 -39.76 23.12
C UNK K 5 54.35 -39.19 22.25
N UNK K 6 55.49 -39.88 22.22
CA UNK K 6 56.63 -39.43 21.42
C UNK K 6 56.38 -39.60 19.94
N UNK K 7 55.74 -40.71 19.56
CA UNK K 7 55.33 -40.90 18.18
C UNK K 7 54.16 -40.01 17.81
N UNK K 8 53.33 -39.62 18.79
CA UNK K 8 52.23 -38.71 18.51
C UNK K 8 52.71 -37.29 18.24
N UNK K 9 53.72 -36.84 19.00
CA UNK K 9 54.30 -35.52 18.76
C UNK K 9 55.12 -35.50 17.49
N UNK K 10 55.75 -36.63 17.14
CA UNK K 10 56.44 -36.74 15.87
C UNK K 10 55.48 -36.77 14.70
N UNK K 11 54.31 -37.37 14.90
CA UNK K 11 53.32 -37.45 13.83
C UNK K 11 52.62 -36.12 13.62
N UNK K 12 52.34 -35.39 14.72
CA UNK K 12 51.74 -34.08 14.58
C UNK K 12 52.75 -33.07 14.09
N UNK K 13 54.04 -33.28 14.36
CA UNK K 13 55.07 -32.44 13.79
C UNK K 13 55.25 -32.70 12.32
N UNK K 14 55.05 -33.94 11.88
CA UNK K 14 55.07 -34.19 10.45
C UNK K 14 53.79 -33.71 9.79
N UNK K 15 52.70 -33.65 10.54
CA UNK K 15 51.44 -33.30 9.94
C UNK K 15 51.29 -31.80 9.79
N UNK K 16 51.65 -31.03 10.82
CA UNK K 16 51.25 -29.61 10.86
C UNK K 16 52.16 -28.76 9.99
N UNK K 17 53.43 -28.65 10.34
CA UNK K 17 54.38 -28.09 9.39
C UNK K 17 54.72 -29.26 8.49
N UNK K 18 54.00 -29.36 7.38
CA UNK K 18 54.00 -30.59 6.60
C UNK K 18 55.22 -30.72 5.73
N UNK K 19 55.62 -29.65 5.07
CA UNK K 19 56.84 -29.66 4.30
C UNK K 19 58.03 -29.57 5.24
N UNK K 20 59.14 -30.15 4.81
CA UNK K 20 60.34 -30.18 5.63
C UNK K 20 61.00 -28.82 5.63
N UNK K 21 61.78 -28.57 6.67
CA UNK K 21 62.44 -27.29 6.86
C UNK K 21 63.55 -27.03 5.86
N UNK K 22 64.13 -28.07 5.28
CA UNK K 22 65.00 -27.89 4.13
C UNK K 22 64.22 -27.79 2.85
N UNK K 23 63.07 -28.47 2.79
CA UNK K 23 62.30 -28.53 1.57
C UNK K 23 61.58 -27.23 1.29
N UNK K 24 61.32 -26.44 2.32
CA UNK K 24 60.76 -25.11 2.12
C UNK K 24 61.76 -24.17 1.47
N UNK K 25 63.04 -24.31 1.81
CA UNK K 25 64.06 -23.52 1.16
C UNK K 25 64.33 -24.03 -0.25
N UNK K 26 64.15 -25.33 -0.45
CA UNK K 26 64.26 -25.90 -1.79
C UNK K 26 63.11 -25.45 -2.68
N UNK K 27 61.92 -25.31 -2.10
CA UNK K 27 60.79 -24.83 -2.88
C UNK K 27 60.86 -23.34 -3.13
N UNK K 28 61.51 -22.59 -2.23
CA UNK K 28 61.68 -21.17 -2.45
C UNK K 28 62.72 -20.91 -3.54
N UNK K 29 63.75 -21.75 -3.62
CA UNK K 29 64.69 -21.66 -4.72
C UNK K 29 64.07 -22.12 -6.03
N UNK K 30 63.15 -23.08 -5.94
CA UNK K 30 62.39 -23.52 -7.11
C UNK K 30 61.45 -22.42 -7.60
N UNK K 31 60.86 -21.68 -6.66
CA UNK K 31 59.93 -20.60 -7.01
C UNK K 31 60.67 -19.42 -7.59
N UNK K 32 61.84 -19.11 -7.06
CA UNK K 32 62.60 -17.99 -7.58
C UNK K 32 63.26 -18.29 -8.91
N UNK K 33 63.65 -19.55 -9.13
CA UNK K 33 64.13 -19.95 -10.44
C UNK K 33 63.02 -20.00 -11.46
N UNK K 34 61.81 -20.35 -11.01
CA UNK K 34 60.62 -20.27 -11.84
C UNK K 34 60.26 -18.84 -12.16
N UNK K 35 60.52 -17.93 -11.24
CA UNK K 35 60.24 -16.53 -11.48
C UNK K 35 61.24 -15.90 -12.41
N UNK K 36 62.51 -16.32 -12.37
CA UNK K 36 63.47 -15.83 -13.35
C UNK K 36 63.20 -16.41 -14.73
N UNK K 37 62.70 -17.65 -14.76
CA UNK K 37 62.33 -18.27 -16.01
C UNK K 37 61.10 -17.65 -16.63
N UNK K 38 60.14 -17.23 -15.81
CA UNK K 38 59.01 -16.49 -16.34
C UNK K 38 59.37 -15.05 -16.64
N UNK K 39 60.42 -14.56 -16.00
CA UNK K 39 60.84 -13.19 -16.13
C UNK K 39 61.52 -12.89 -17.43
N UNK K 40 62.41 -13.79 -17.88
CA UNK K 40 63.39 -13.43 -18.90
C UNK K 40 62.79 -13.28 -20.28
N UNK K 41 63.43 -12.45 -21.10
CA UNK K 41 62.99 -12.25 -22.45
C UNK K 41 63.42 -13.42 -23.32
N UNK K 42 62.85 -13.47 -24.51
CA UNK K 42 63.47 -14.27 -25.55
C UNK K 42 64.77 -13.60 -25.98
N UNK K 43 65.66 -14.42 -26.53
CA UNK K 43 67.10 -14.46 -26.30
C UNK K 43 67.85 -13.12 -26.12
N UNK K 44 67.67 -12.19 -27.03
CA UNK K 44 68.33 -10.90 -26.94
C UNK K 44 67.54 -10.02 -26.00
N UNK K 45 68.11 -9.71 -24.85
CA UNK K 45 67.59 -8.62 -24.04
C UNK K 45 67.90 -7.34 -24.77
N UNK K 46 66.89 -6.80 -25.47
CA UNK K 46 67.04 -5.87 -26.59
C UNK K 46 67.51 -4.51 -26.11
N UNK K 47 68.81 -4.28 -26.29
CA UNK K 47 69.59 -3.40 -25.44
C UNK K 47 69.30 -1.93 -25.71
N UNK K 48 69.61 -1.11 -24.71
CA UNK K 48 69.17 0.27 -24.68
C UNK K 48 70.02 1.10 -25.61
N UNK K 49 69.45 2.23 -26.01
CA UNK K 49 70.12 3.22 -26.81
C UNK K 49 69.41 4.53 -26.60
N UNK K 50 70.11 5.61 -26.91
CA UNK K 50 69.48 6.86 -27.24
C UNK K 50 69.87 7.18 -28.66
N UNK K 51 69.22 8.17 -29.24
CA UNK K 51 69.49 8.51 -30.62
C UNK K 51 69.15 9.96 -30.85
N UNK K 52 69.61 10.46 -31.99
CA UNK K 52 69.12 11.72 -32.52
C UNK K 52 69.05 11.59 -34.02
N UNK K 53 68.11 12.30 -34.61
CA UNK K 53 67.95 12.26 -36.06
C UNK K 53 67.39 13.58 -36.50
N UNK K 54 67.90 14.08 -37.62
CA UNK K 54 67.26 15.21 -38.23
C UNK K 54 66.06 14.72 -39.01
N UNK K 55 65.13 15.63 -39.25
CA UNK K 55 63.96 15.34 -40.05
C UNK K 55 64.04 16.15 -41.32
N UNK K 56 63.67 15.55 -42.44
CA UNK K 56 63.61 16.26 -43.69
C UNK K 56 62.23 16.89 -43.84
N UNK K 57 61.97 17.49 -45.00
CA UNK K 57 60.64 18.01 -45.22
C UNK K 57 60.09 17.67 -46.59
N UNK K 58 60.96 17.48 -47.58
CA UNK K 58 60.48 17.52 -48.96
C UNK K 58 59.92 16.17 -49.43
N UNK K 59 60.80 15.19 -49.59
CA UNK K 59 60.39 13.82 -49.92
C UNK K 59 61.55 12.94 -49.46
N UNK K 60 61.43 12.37 -48.26
CA UNK K 60 62.44 11.47 -47.77
C UNK K 60 61.74 10.38 -46.99
N UNK K 61 62.53 9.60 -46.27
CA UNK K 61 61.95 8.59 -45.39
C UNK K 61 61.37 9.27 -44.17
N UNK K 62 60.24 8.76 -43.71
CA UNK K 62 59.73 9.15 -42.42
C UNK K 62 60.62 8.57 -41.34
N UNK K 63 60.79 9.29 -40.25
CA UNK K 63 61.77 8.94 -39.24
C UNK K 63 61.30 7.75 -38.40
N UNK K 64 62.17 6.76 -38.29
CA UNK K 64 61.81 5.52 -37.62
C UNK K 64 62.21 5.59 -36.16
N UNK K 65 61.27 5.29 -35.28
CA UNK K 65 61.55 5.23 -33.84
C UNK K 65 61.35 3.79 -33.40
N UNK K 66 62.42 3.18 -32.91
CA UNK K 66 62.39 1.76 -32.55
C UNK K 66 62.08 1.62 -31.08
N UNK K 67 60.82 1.36 -30.75
CA UNK K 67 60.42 1.23 -29.37
C UNK K 67 60.31 -0.25 -28.99
N UNK K 68 59.89 -0.53 -27.76
CA UNK K 68 59.67 -1.89 -27.28
C UNK K 68 58.54 -1.84 -26.27
N UNK K 69 58.36 -2.91 -25.50
CA UNK K 69 57.31 -2.89 -24.49
C UNK K 69 57.69 -2.08 -23.25
N UNK K 70 58.97 -1.74 -23.07
CA UNK K 70 59.41 -0.72 -22.13
C UNK K 70 59.16 0.66 -22.71
N UNK K 71 59.28 1.68 -21.86
CA UNK K 71 58.91 3.03 -22.25
C UNK K 71 59.97 3.66 -23.13
N UNK K 72 59.62 4.77 -23.76
CA UNK K 72 60.51 5.46 -24.68
C UNK K 72 60.09 6.91 -24.75
N UNK K 73 61.02 7.76 -25.14
CA UNK K 73 60.79 9.19 -25.14
C UNK K 73 61.14 9.77 -26.49
N UNK K 74 60.27 10.61 -27.02
CA UNK K 74 60.56 11.35 -28.23
C UNK K 74 60.69 12.80 -27.78
N UNK K 75 61.93 13.25 -27.70
CA UNK K 75 62.21 14.64 -27.41
C UNK K 75 62.38 15.37 -28.72
N UNK K 76 61.41 16.20 -29.07
CA UNK K 76 61.55 17.04 -30.24
C UNK K 76 62.48 18.20 -29.92
N UNK K 77 63.02 18.82 -30.97
CA UNK K 77 63.75 20.06 -30.86
C UNK K 77 62.81 21.17 -30.39
N UNK K 78 63.37 22.19 -29.73
CA UNK K 78 62.79 22.86 -28.56
C UNK K 78 61.45 23.61 -28.78
N UNK K 79 60.91 23.67 -29.99
CA UNK K 79 59.52 24.04 -30.20
C UNK K 79 58.60 22.95 -29.66
N UNK K 80 57.40 23.35 -29.31
CA UNK K 80 56.45 22.48 -28.64
C UNK K 80 55.60 21.72 -29.65
N UNK K 81 55.27 20.49 -29.29
CA UNK K 81 54.33 19.70 -30.06
C UNK K 81 52.94 20.26 -29.84
N UNK K 82 52.14 20.34 -30.91
CA UNK K 82 50.79 20.86 -30.74
C UNK K 82 49.75 19.77 -30.67
N UNK K 83 49.85 18.74 -31.50
CA UNK K 83 48.87 17.67 -31.48
C UNK K 83 49.52 16.38 -31.92
N UNK K 84 49.32 15.33 -31.14
CA UNK K 84 49.66 13.99 -31.55
C UNK K 84 48.47 13.41 -32.28
N UNK K 85 48.72 12.55 -33.25
CA UNK K 85 47.65 11.75 -33.84
C UNK K 85 48.24 10.38 -34.07
N UNK K 86 47.84 9.42 -33.25
CA UNK K 86 48.43 8.10 -33.25
C UNK K 86 47.44 7.09 -33.79
N UNK K 87 47.97 5.92 -34.13
CA UNK K 87 47.16 4.75 -34.45
C UNK K 87 47.12 3.90 -33.19
N UNK K 88 46.08 4.12 -32.38
CA UNK K 88 46.02 3.72 -30.98
C UNK K 88 45.79 2.22 -30.83
N UNK K 89 45.75 1.81 -29.56
CA UNK K 89 45.72 0.43 -29.05
C UNK K 89 46.88 -0.42 -29.54
N UNK K 90 48.02 0.20 -29.78
CA UNK K 90 49.27 -0.47 -29.94
C UNK K 90 50.38 0.27 -29.23
N UNK K 91 50.14 1.52 -28.84
CA UNK K 91 51.16 2.36 -28.24
C UNK K 91 50.44 3.45 -27.45
N UNK K 92 50.84 3.67 -26.21
CA UNK K 92 50.24 4.69 -25.36
C UNK K 92 51.20 5.86 -25.31
N UNK K 93 50.79 6.98 -25.91
CA UNK K 93 51.64 8.14 -26.02
C UNK K 93 51.24 9.12 -24.94
N UNK K 94 51.87 9.03 -23.78
CA UNK K 94 51.60 9.95 -22.68
C UNK K 94 52.39 11.21 -22.95
N UNK K 95 51.67 12.34 -23.02
CA UNK K 95 52.27 13.64 -23.19
C UNK K 95 51.30 14.70 -22.72
N UNK K 96 51.86 15.79 -22.25
CA UNK K 96 51.13 17.01 -21.95
C UNK K 96 51.20 17.93 -23.15
N UNK K 97 51.06 19.22 -22.90
CA UNK K 97 51.35 20.30 -23.83
C UNK K 97 52.81 20.76 -23.80
N UNK K 98 53.75 19.85 -23.53
CA UNK K 98 55.19 20.11 -23.54
C UNK K 98 55.76 19.81 -24.93
N UNK K 99 57.08 19.69 -25.01
CA UNK K 99 57.77 19.44 -26.27
C UNK K 99 58.39 18.07 -26.35
N UNK K 100 57.92 17.12 -25.55
CA UNK K 100 58.45 15.77 -25.57
C UNK K 100 57.36 14.79 -25.21
N UNK K 101 57.19 13.76 -26.03
CA UNK K 101 56.08 12.82 -25.88
C UNK K 101 56.64 11.44 -25.57
N UNK K 102 56.24 10.86 -24.45
CA UNK K 102 56.78 9.57 -24.06
C UNK K 102 55.82 8.50 -24.51
N UNK K 103 56.25 7.65 -25.42
CA UNK K 103 55.43 6.58 -25.94
C UNK K 103 55.85 5.26 -25.29
N UNK K 104 54.88 4.41 -25.00
CA UNK K 104 55.15 3.09 -24.45
C UNK K 104 54.34 2.11 -25.26
N UNK K 105 55.00 1.24 -26.00
CA UNK K 105 54.30 0.43 -26.97
C UNK K 105 53.70 -0.78 -26.30
N UNK K 106 52.38 -0.89 -26.38
CA UNK K 106 51.63 -1.96 -25.72
C UNK K 106 51.81 -3.28 -26.44
N UNK K 107 51.85 -3.27 -27.76
CA UNK K 107 51.95 -4.49 -28.53
C UNK K 107 53.37 -5.03 -28.49
N UNK K 108 53.50 -6.33 -28.77
CA UNK K 108 54.82 -6.95 -28.70
C UNK K 108 55.59 -6.73 -29.99
N UNK K 109 54.91 -6.77 -31.12
CA UNK K 109 55.48 -6.47 -32.42
C UNK K 109 54.33 -5.93 -33.26
N UNK K 110 54.45 -4.67 -33.68
CA UNK K 110 53.52 -4.02 -34.61
C UNK K 110 54.19 -2.77 -35.16
N UNK K 111 53.92 -2.48 -36.43
CA UNK K 111 54.28 -1.21 -37.00
C UNK K 111 53.22 -0.19 -36.61
N UNK K 112 53.56 1.08 -36.73
CA UNK K 112 52.69 2.18 -36.36
C UNK K 112 53.17 3.43 -37.06
N UNK K 113 52.27 4.38 -37.28
CA UNK K 113 52.65 5.61 -37.96
C UNK K 113 52.08 6.80 -37.20
N UNK K 114 52.80 7.30 -36.21
CA UNK K 114 52.36 8.45 -35.46
C UNK K 114 52.55 9.71 -36.27
N UNK K 115 51.85 10.77 -35.89
CA UNK K 115 52.00 12.04 -36.60
C UNK K 115 51.93 13.18 -35.61
N UNK K 116 53.01 13.92 -35.49
CA UNK K 116 53.11 15.04 -34.58
C UNK K 116 52.98 16.32 -35.39
N UNK K 117 51.97 17.11 -35.09
CA UNK K 117 51.93 18.49 -35.52
C UNK K 117 52.56 19.28 -34.39
N UNK K 118 53.68 19.94 -34.68
CA UNK K 118 54.35 20.83 -33.75
C UNK K 118 53.81 22.24 -33.94
N UNK K 119 54.49 23.26 -33.44
CA UNK K 119 54.14 24.63 -33.81
C UNK K 119 54.82 24.97 -35.14
N UNK K 120 54.23 24.48 -36.22
CA UNK K 120 54.68 24.62 -37.60
C UNK K 120 53.46 24.41 -38.47
N UNK K 121 53.68 24.18 -39.77
CA UNK K 121 52.54 24.01 -40.68
C UNK K 121 52.73 22.92 -41.72
N UNK K 122 53.70 22.04 -41.53
CA UNK K 122 53.83 20.85 -42.35
C UNK K 122 54.12 19.73 -41.37
N UNK K 123 53.06 19.03 -40.97
CA UNK K 123 53.10 18.21 -39.76
C UNK K 123 53.89 16.94 -39.98
N UNK K 124 54.77 16.64 -39.04
CA UNK K 124 55.72 15.56 -39.23
C UNK K 124 55.04 14.24 -38.96
N UNK K 125 55.38 13.25 -39.75
CA UNK K 125 54.99 11.90 -39.43
C UNK K 125 56.21 11.21 -38.87
N UNK K 126 55.99 10.05 -38.26
CA UNK K 126 57.07 9.26 -37.68
C UNK K 126 56.62 7.83 -37.63
N UNK K 127 57.43 6.92 -38.16
CA UNK K 127 57.06 5.53 -38.17
C UNK K 127 57.61 4.87 -36.91
N UNK K 128 56.72 4.49 -36.01
CA UNK K 128 57.12 3.79 -34.82
C UNK K 128 57.11 2.30 -35.10
N UNK K 129 58.19 1.64 -34.77
CA UNK K 129 58.26 0.20 -34.95
C UNK K 129 58.57 -0.44 -33.63
N UNK K 130 57.82 -1.46 -33.29
CA UNK K 130 58.08 -2.21 -32.09
C UNK K 130 59.23 -3.18 -32.33
N UNK K 131 59.94 -3.50 -31.25
CA UNK K 131 60.75 -4.70 -31.05
C UNK K 131 61.99 -4.82 -31.93
N UNK K 132 62.38 -3.80 -32.68
CA UNK K 132 63.44 -3.96 -33.67
C UNK K 132 64.81 -3.74 -33.01
N UNK K 133 65.24 -4.77 -32.26
CA UNK K 133 66.65 -5.07 -31.92
C UNK K 133 67.42 -4.10 -31.04
N UNK K 134 66.85 -2.95 -30.69
CA UNK K 134 67.42 -1.96 -29.80
C UNK K 134 66.29 -1.07 -29.33
N UNK K 135 66.36 -0.64 -28.08
CA UNK K 135 65.31 0.16 -27.49
C UNK K 135 65.73 1.61 -27.46
N UNK K 136 65.08 2.44 -28.25
CA UNK K 136 65.41 3.85 -28.31
C UNK K 136 64.73 4.54 -27.15
N UNK K 137 65.43 4.64 -26.01
CA UNK K 137 64.84 5.19 -24.80
C UNK K 137 64.70 6.70 -24.84
N UNK K 138 65.49 7.38 -25.68
CA UNK K 138 65.28 8.80 -25.95
C UNK K 138 65.76 9.09 -27.36
N UNK K 139 64.84 9.42 -28.24
CA UNK K 139 65.20 9.84 -29.58
C UNK K 139 64.99 11.34 -29.67
N UNK K 140 65.99 12.03 -30.19
CA UNK K 140 65.97 13.49 -30.27
C UNK K 140 65.73 13.88 -31.71
N UNK K 141 64.55 14.42 -31.98
CA UNK K 141 64.19 14.82 -33.33
C UNK K 141 64.62 16.25 -33.57
N UNK K 142 65.65 16.44 -34.36
CA UNK K 142 66.06 17.75 -34.81
C UNK K 142 65.28 18.05 -36.07
N UNK K 143 64.28 18.91 -35.95
CA UNK K 143 63.43 19.23 -37.09
C UNK K 143 64.12 20.20 -38.02
N UNK K 144 63.60 20.29 -39.24
CA UNK K 144 64.11 21.23 -40.22
C UNK K 144 63.41 22.57 -40.11
N UNK L 1 40.92 -37.74 -35.84
CA UNK L 1 42.18 -37.32 -35.28
C UNK L 1 42.65 -36.07 -35.97
N UNK L 2 42.85 -36.23 -37.28
CA UNK L 2 43.16 -35.11 -38.15
C UNK L 2 41.98 -34.16 -38.28
N UNK L 3 40.75 -34.68 -38.18
CA UNK L 3 39.58 -33.83 -38.09
C UNK L 3 39.55 -33.01 -36.81
N UNK L 4 40.03 -33.58 -35.70
CA UNK L 4 40.04 -32.85 -34.43
C UNK L 4 41.12 -31.80 -34.41
N UNK L 5 42.28 -32.08 -35.02
CA UNK L 5 43.32 -31.07 -35.18
C UNK L 5 42.92 -29.99 -36.16
N UNK L 6 42.10 -30.35 -37.16
CA UNK L 6 41.57 -29.38 -38.09
C UNK L 6 40.53 -28.49 -37.44
N UNK L 7 39.72 -29.03 -36.54
CA UNK L 7 38.72 -28.23 -35.84
C UNK L 7 39.34 -27.30 -34.81
N UNK L 8 40.41 -27.75 -34.15
CA UNK L 8 41.14 -26.88 -33.24
C UNK L 8 41.90 -25.79 -33.98
N UNK L 9 42.39 -26.13 -35.17
CA UNK L 9 43.01 -25.15 -36.05
C UNK L 9 42.00 -24.14 -36.56
N UNK L 10 40.75 -24.56 -36.78
CA UNK L 10 39.72 -23.64 -37.24
C UNK L 10 39.25 -22.71 -36.15
N UNK L 11 39.24 -23.18 -34.91
CA UNK L 11 38.86 -22.32 -33.79
C UNK L 11 39.92 -21.27 -33.50
N UNK L 12 41.19 -21.70 -33.53
CA UNK L 12 42.30 -20.76 -33.34
C UNK L 12 42.46 -19.83 -34.53
N UNK L 13 42.11 -20.29 -35.71
CA UNK L 13 42.15 -19.47 -36.89
C UNK L 13 41.03 -18.45 -36.91
N UNK L 14 39.88 -18.79 -36.33
CA UNK L 14 38.78 -17.83 -36.26
C UNK L 14 39.07 -16.73 -35.27
N UNK L 15 39.74 -17.08 -34.16
CA UNK L 15 40.19 -16.06 -33.21
C UNK L 15 41.30 -15.20 -33.79
N UNK L 16 42.20 -15.81 -34.57
CA UNK L 16 43.28 -15.07 -35.20
C UNK L 16 42.78 -14.20 -36.34
N UNK L 17 41.71 -14.62 -37.01
CA UNK L 17 41.16 -13.83 -38.08
C UNK L 17 40.37 -12.65 -37.57
N UNK L 18 39.68 -12.82 -36.45
CA UNK L 18 38.97 -11.69 -35.86
C UNK L 18 39.92 -10.69 -35.24
N UNK L 19 41.02 -11.17 -34.67
CA UNK L 19 42.04 -10.27 -34.15
C UNK L 19 42.79 -9.57 -35.26
N UNK L 20 43.01 -10.24 -36.39
CA UNK L 20 43.66 -9.58 -37.52
C UNK L 20 42.69 -8.66 -38.27
N UNK L 21 41.39 -8.85 -38.12
CA UNK L 21 40.45 -7.95 -38.77
C UNK L 21 40.13 -6.74 -37.93
N UNK L 22 40.33 -6.80 -36.62
CA UNK L 22 40.10 -5.64 -35.77
C UNK L 22 41.19 -4.58 -35.98
N UNK L 23 40.79 -3.32 -35.88
CA UNK L 23 41.70 -2.20 -36.15
C UNK L 23 41.21 -0.98 -35.38
N UNK L 24 42.00 -0.55 -34.39
CA UNK L 24 41.62 0.60 -33.58
C UNK L 24 41.83 1.89 -34.35
N UNK L 25 41.04 2.90 -34.00
CA UNK L 25 40.95 4.10 -34.82
C UNK L 25 42.10 5.05 -34.53
N UNK L 26 42.08 6.20 -35.20
CA UNK L 26 43.04 7.24 -34.90
C UNK L 26 42.68 7.92 -33.59
N UNK L 27 43.67 8.54 -32.96
CA UNK L 27 43.43 9.36 -31.78
C UNK L 27 44.26 10.61 -31.90
N UNK L 28 43.60 11.77 -31.95
CA UNK L 28 44.27 13.04 -32.16
C UNK L 28 44.22 13.82 -30.86
N UNK L 29 45.21 13.61 -30.00
CA UNK L 29 45.30 14.33 -28.75
C UNK L 29 45.85 15.72 -29.00
N UNK L 30 45.09 16.74 -28.60
CA UNK L 30 45.48 18.12 -28.81
C UNK L 30 45.57 18.80 -27.45
N UNK L 31 46.71 19.43 -27.16
CA UNK L 31 46.98 19.96 -25.84
C UNK L 31 47.42 21.41 -25.94
N UNK L 32 46.60 22.31 -25.43
CA UNK L 32 46.92 23.73 -25.45
C UNK L 32 47.60 24.14 -24.16
N UNK M 1 38.71 -46.15 45.53
CA UNK M 1 38.16 -45.17 44.60
C UNK M 1 39.16 -44.05 44.40
N UNK M 2 40.15 -44.01 45.30
CA UNK M 2 41.16 -42.97 45.26
C UNK M 2 42.12 -43.15 44.09
N UNK M 3 42.36 -44.40 43.70
CA UNK M 3 43.14 -44.67 42.50
C UNK M 3 42.35 -44.32 41.25
N UNK M 4 41.02 -44.46 41.31
CA UNK M 4 40.17 -44.06 40.20
C UNK M 4 40.14 -42.55 40.04
N UNK M 5 40.18 -41.85 41.16
CA UNK M 5 40.27 -40.39 41.12
C UNK M 5 41.63 -39.91 40.67
N UNK M 6 42.69 -40.65 41.05
CA UNK M 6 44.04 -40.28 40.67
C UNK M 6 44.30 -40.51 39.19
N UNK M 7 43.77 -41.62 38.66
CA UNK M 7 43.83 -41.86 37.23
C UNK M 7 42.89 -40.95 36.45
N UNK M 8 41.82 -40.48 37.08
CA UNK M 8 40.92 -39.54 36.41
C UNK M 8 41.55 -38.16 36.28
N UNK M 9 42.25 -37.71 37.32
CA UNK M 9 42.95 -36.44 37.24
C UNK M 9 44.14 -36.51 36.32
N UNK M 10 44.80 -37.67 36.24
CA UNK M 10 45.87 -37.87 35.28
C UNK M 10 45.35 -37.92 33.85
N UNK M 11 44.15 -38.46 33.67
CA UNK M 11 43.57 -38.56 32.34
C UNK M 11 43.06 -37.21 31.86
N UNK M 12 42.47 -36.43 32.77
CA UNK M 12 42.02 -35.10 32.40
C UNK M 12 43.19 -34.15 32.23
N UNK M 13 44.29 -34.40 32.93
CA UNK M 13 45.49 -33.62 32.71
C UNK M 13 46.15 -33.97 31.40
N UNK M 14 46.04 -35.22 30.96
CA UNK M 14 46.53 -35.54 29.63
C UNK M 14 45.57 -35.06 28.56
N UNK M 15 44.30 -34.91 28.90
CA UNK M 15 43.32 -34.54 27.90
C UNK M 15 43.32 -33.04 27.65
N UNK M 16 43.35 -32.23 28.72
CA UNK M 16 43.04 -30.82 28.59
C UNK M 16 44.22 -30.04 28.03
N UNK M 17 45.30 -29.95 28.78
CA UNK M 17 46.54 -29.48 28.20
C UNK M 17 47.12 -30.71 27.50
N UNK M 18 46.80 -30.84 26.21
CA UNK M 18 46.99 -32.10 25.53
C UNK M 18 48.43 -32.32 25.13
N UNK M 19 49.07 -31.31 24.59
CA UNK M 19 50.49 -31.40 24.28
C UNK M 19 51.30 -31.30 25.57
N UNK M 20 52.46 -31.95 25.56
CA UNK M 20 53.31 -31.97 26.74
C UNK M 20 54.00 -30.64 26.91
N UNK M 21 54.40 -30.38 28.15
CA UNK M 21 55.02 -29.11 28.50
C UNK M 21 56.41 -28.94 27.93
N UNK M 22 57.10 -30.04 27.61
CA UNK M 22 58.31 -29.94 26.82
C UNK M 22 58.01 -29.88 25.35
N UNK M 23 56.91 -30.51 24.93
CA UNK M 23 56.59 -30.62 23.52
C UNK M 23 56.08 -29.30 22.97
N UNK M 24 55.53 -28.45 23.81
CA UNK M 24 55.14 -27.11 23.39
C UNK M 24 56.35 -26.24 23.08
N UNK M 25 57.43 -26.41 23.85
CA UNK M 25 58.66 -25.69 23.55
C UNK M 25 59.35 -26.28 22.33
N UNK M 26 59.19 -27.59 22.13
CA UNK M 26 59.70 -28.23 20.93
C UNK M 26 58.94 -27.78 19.69
N UNK M 27 57.64 -27.56 19.83
CA UNK M 27 56.86 -27.08 18.69
C UNK M 27 57.09 -25.62 18.44
N UNK M 28 57.43 -24.85 19.47
CA UNK M 28 57.75 -23.44 19.27
C UNK M 28 59.09 -23.27 18.59
N UNK M 29 60.05 -24.17 18.89
CA UNK M 29 61.31 -24.16 18.17
C UNK M 29 61.14 -24.66 16.74
N UNK M 30 60.20 -25.59 16.55
CA UNK M 30 59.85 -26.04 15.21
C UNK M 30 59.18 -24.95 14.39
N UNK M 31 58.35 -24.13 15.04
CA UNK M 31 57.66 -23.04 14.36
C UNK M 31 58.60 -21.92 14.03
N UNK M 32 59.55 -21.63 14.92
CA UNK M 32 60.49 -20.55 14.65
C UNK M 32 61.54 -20.96 13.62
N UNK M 33 61.91 -22.24 13.59
CA UNK M 33 62.79 -22.73 12.54
C UNK M 33 62.08 -22.78 11.21
N UNK M 34 60.78 -23.06 11.23
CA UNK M 34 59.94 -22.98 10.05
C UNK M 34 59.78 -21.55 9.57
N UNK M 35 59.76 -20.61 10.50
CA UNK M 35 59.64 -19.22 10.13
C UNK M 35 60.94 -18.67 9.56
N UNK M 36 62.09 -19.14 10.04
CA UNK M 36 63.36 -18.73 9.43
C UNK M 36 63.55 -19.37 8.07
N UNK M 37 63.01 -20.58 7.91
CA UNK M 37 63.05 -21.27 6.63
C UNK M 37 62.12 -20.62 5.61
N UNK M 38 60.98 -20.12 6.05
CA UNK M 38 60.13 -19.38 5.13
C UNK M 38 60.65 -17.97 4.93
N UNK M 39 61.45 -17.49 5.87
CA UNK M 39 61.96 -16.13 5.84
C UNK M 39 63.04 -15.93 4.83
N UNK M 40 63.98 -16.87 4.74
CA UNK M 40 65.27 -16.61 4.11
C UNK M 40 65.17 -16.51 2.59
N UNK M 41 66.09 -15.76 2.01
CA UNK M 41 66.14 -15.60 0.58
C UNK M 41 66.77 -16.82 -0.06
N UNK M 42 66.64 -16.91 -1.36
CA UNK M 42 67.53 -17.79 -2.09
C UNK M 42 68.92 -17.19 -2.09
N UNK M 43 69.90 -18.08 -2.29
CA UNK M 43 71.19 -18.14 -1.57
C UNK M 43 71.89 -16.84 -1.20
N UNK M 44 72.08 -15.94 -2.15
CA UNK M 44 72.74 -14.68 -1.89
C UNK M 44 71.72 -13.71 -1.30
N UNK M 45 71.89 -13.37 -0.04
CA UNK M 45 71.18 -12.22 0.51
C UNK M 45 71.79 -10.99 -0.12
N UNK M 46 71.12 -10.45 -1.13
CA UNK M 46 71.67 -9.58 -2.17
C UNK M 46 72.02 -8.23 -1.60
N UNK M 47 73.32 -8.04 -1.35
CA UNK M 47 73.82 -7.15 -0.31
C UNK M 47 73.72 -5.70 -0.72
N UNK M 48 73.70 -4.85 0.30
CA UNK M 48 73.35 -3.46 0.14
C UNK M 48 74.50 -2.70 -0.48
N UNK M 49 74.16 -1.57 -1.09
CA UNK M 49 75.11 -0.64 -1.65
C UNK M 49 74.44 0.70 -1.75
N UNK M 50 75.26 1.73 -1.83
CA UNK M 50 74.84 2.99 -2.40
C UNK M 50 75.71 3.23 -3.62
N UNK M 51 75.33 4.21 -4.42
CA UNK M 51 76.08 4.46 -5.63
C UNK M 51 75.91 5.92 -6.02
N UNK M 52 76.74 6.34 -6.95
CA UNK M 52 76.53 7.58 -7.65
C UNK M 52 76.96 7.38 -9.09
N UNK M 53 76.32 8.10 -10.00
CA UNK M 53 76.63 7.99 -11.40
C UNK M 53 76.33 9.31 -12.06
N UNK M 54 77.22 9.73 -12.95
CA UNK M 54 76.87 10.86 -13.78
C UNK M 54 75.97 10.37 -14.90
N UNK M 55 75.24 11.31 -15.48
CA UNK M 55 74.39 11.01 -16.62
C UNK M 55 74.92 11.76 -17.81
N UNK M 56 74.92 11.10 -18.97
CA UNK M 56 75.32 11.77 -20.18
C UNK M 56 74.11 12.43 -20.82
N UNK M 57 74.28 12.98 -22.01
CA UNK M 57 73.13 13.55 -22.69
C UNK M 57 73.07 13.15 -24.15
N UNK M 58 74.20 12.89 -24.78
CA UNK M 58 74.21 12.86 -26.24
C UNK M 58 73.77 11.53 -26.82
N UNK M 59 74.61 10.50 -26.66
CA UNK M 59 74.26 9.13 -27.04
C UNK M 59 75.15 8.23 -26.19
N UNK M 60 74.61 7.74 -25.09
CA UNK M 60 75.35 6.82 -24.26
C UNK M 60 74.37 5.80 -23.72
N UNK M 61 74.82 5.02 -22.74
CA UNK M 61 73.94 4.09 -22.08
C UNK M 61 73.02 4.84 -21.14
N UNK M 62 71.77 4.40 -21.08
CA UNK M 62 70.88 4.88 -20.04
C UNK M 62 71.32 4.31 -18.72
N UNK M 63 71.14 5.09 -17.65
CA UNK M 63 71.71 4.75 -16.36
C UNK M 63 70.94 3.63 -15.69
N UNK M 64 71.66 2.60 -15.26
CA UNK M 64 71.04 1.41 -14.71
C UNK M 64 70.93 1.54 -13.20
N UNK M 65 69.73 1.34 -12.67
CA UNK M 65 69.51 1.33 -11.23
C UNK M 65 69.10 -0.07 -10.83
N UNK M 66 69.90 -0.70 -9.99
CA UNK M 66 69.69 -2.10 -9.62
C UNK M 66 68.90 -2.15 -8.32
N UNK M 67 67.59 -2.36 -8.43
CA UNK M 67 66.74 -2.40 -7.26
C UNK M 67 66.43 -3.85 -6.89
N UNK M 68 65.62 -4.05 -5.86
CA UNK M 68 65.18 -5.37 -5.45
C UNK M 68 63.77 -5.24 -4.89
N UNK M 69 63.29 -6.26 -4.18
CA UNK M 69 61.97 -6.15 -3.57
C UNK M 69 61.95 -5.28 -2.31
N UNK M 70 63.11 -4.99 -1.72
CA UNK M 70 63.27 -3.94 -0.72
C UNK M 70 63.30 -2.58 -1.40
N UNK M 71 63.18 -1.53 -0.61
CA UNK M 71 63.03 -0.18 -1.14
C UNK M 71 64.36 0.36 -1.62
N UNK M 72 64.29 1.45 -2.38
CA UNK M 72 65.47 2.06 -2.97
C UNK M 72 65.18 3.52 -3.23
N UNK M 73 66.23 4.32 -3.31
CA UNK M 73 66.08 5.75 -3.44
C UNK M 73 66.89 6.25 -4.61
N UNK M 74 66.30 7.08 -5.44
CA UNK M 74 67.02 7.76 -6.50
C UNK M 74 67.07 9.21 -6.08
N UNK M 75 68.24 9.63 -5.61
CA UNK M 75 68.46 11.02 -5.28
C UNK M 75 69.11 11.67 -6.49
N UNK M 76 68.35 12.52 -7.16
CA UNK M 76 68.92 13.29 -8.25
C UNK M 76 69.75 14.44 -7.68
N UNK M 77 70.63 14.97 -8.51
CA UNK M 77 71.35 16.21 -8.19
C UNK M 77 70.37 17.35 -8.12
N UNK M 78 70.74 18.39 -7.34
CA UNK M 78 69.83 19.15 -6.47
C UNK M 78 68.68 19.93 -7.13
N UNK M 79 68.57 19.95 -8.46
CA UNK M 79 67.35 20.36 -9.14
C UNK M 79 66.26 19.34 -8.91
N UNK M 80 65.03 19.80 -8.99
CA UNK M 80 63.87 19.00 -8.66
C UNK M 80 63.37 18.22 -9.86
N UNK M 81 62.87 17.02 -9.60
CA UNK M 81 62.20 16.22 -10.61
C UNK M 81 60.85 16.85 -10.90
N UNK M 82 60.46 16.91 -12.17
CA UNK M 82 59.17 17.48 -12.49
C UNK M 82 58.10 16.44 -12.73
N UNK M 83 58.42 15.36 -13.44
CA UNK M 83 57.44 14.33 -13.72
C UNK M 83 58.13 12.99 -13.87
N UNK M 84 57.63 12.00 -13.16
CA UNK M 84 58.02 10.63 -13.39
C UNK M 84 57.10 10.06 -14.46
N UNK M 85 57.62 9.14 -15.26
CA UNK M 85 56.78 8.35 -16.15
C UNK M 85 57.33 6.95 -16.11
N UNK M 86 56.63 6.05 -15.44
CA UNK M 86 57.12 4.71 -15.20
C UNK M 86 56.32 3.71 -16.01
N UNK M 87 56.87 2.51 -16.11
CA UNK M 87 56.15 1.35 -16.64
C UNK M 87 55.64 0.57 -15.44
N UNK M 88 54.41 0.88 -15.03
CA UNK M 88 53.87 0.54 -13.73
C UNK M 88 53.52 -0.93 -13.60
N UNK M 89 53.04 -1.28 -12.41
CA UNK M 89 52.77 -2.64 -11.88
C UNK M 89 53.98 -3.55 -11.93
N UNK M 90 55.15 -2.98 -11.80
CA UNK M 90 56.36 -3.71 -11.50
C UNK M 90 57.19 -2.98 -10.48
N UNK M 91 56.92 -1.70 -10.24
CA UNK M 91 57.70 -0.87 -9.36
C UNK M 91 56.82 0.28 -8.91
N UNK M 92 56.80 0.55 -7.60
CA UNK M 92 56.01 1.63 -7.04
C UNK M 92 56.95 2.78 -6.72
N UNK M 93 56.83 3.86 -7.45
CA UNK M 93 57.73 5.00 -7.31
C UNK M 93 57.03 6.04 -6.46
N UNK M 94 57.23 5.98 -5.16
CA UNK M 94 56.65 6.97 -4.25
C UNK M 94 57.55 8.19 -4.28
N UNK M 95 56.96 9.33 -4.62
CA UNK M 95 57.66 10.61 -4.64
C UNK M 95 56.64 11.72 -4.56
N UNK M 96 57.06 12.81 -3.95
CA UNK M 96 56.33 14.07 -3.97
C UNK M 96 56.86 14.92 -5.10
N UNK M 97 56.70 16.23 -4.96
CA UNK M 97 57.35 17.25 -5.78
C UNK M 97 58.74 17.66 -5.28
N UNK M 98 59.49 16.74 -4.68
CA UNK M 98 60.84 16.94 -4.21
C UNK M 98 61.83 16.55 -5.30
N UNK M 99 63.10 16.37 -4.93
CA UNK M 99 64.15 16.04 -5.88
C UNK M 99 64.69 14.63 -5.70
N UNK M 100 63.94 13.75 -5.07
CA UNK M 100 64.38 12.38 -4.86
C UNK M 100 63.17 11.46 -4.85
N UNK M 101 63.23 10.39 -5.65
CA UNK M 101 62.09 9.50 -5.85
C UNK M 101 62.45 8.12 -5.32
N UNK M 102 61.67 7.61 -4.38
CA UNK M 102 61.98 6.33 -3.77
C UNK M 102 61.16 5.27 -4.50
N UNK M 103 61.84 4.36 -5.18
CA UNK M 103 61.18 3.30 -5.91
C UNK M 103 61.28 2.00 -5.10
N UNK M 104 60.22 1.20 -5.13
CA UNK M 104 60.23 -0.10 -4.47
C UNK M 104 59.69 -1.08 -5.47
N UNK M 105 60.52 -2.01 -5.92
CA UNK M 105 60.14 -2.85 -7.04
C UNK M 105 59.28 -4.00 -6.57
N UNK M 106 58.06 -4.07 -7.09
CA UNK M 106 57.09 -5.07 -6.69
C UNK M 106 57.42 -6.44 -7.25
N UNK M 107 57.91 -6.48 -8.48
CA UNK M 107 58.20 -7.75 -9.13
C UNK M 107 59.49 -8.34 -8.60
N UNK M 108 59.64 -9.66 -8.76
CA UNK M 108 60.82 -10.32 -8.24
C UNK M 108 62.00 -10.20 -9.20
N UNK M 109 61.72 -10.27 -10.49
CA UNK M 109 62.72 -10.06 -11.53
C UNK M 109 61.95 -9.52 -12.72
N UNK M 110 62.27 -8.27 -13.12
CA UNK M 110 61.74 -7.64 -14.33
C UNK M 110 62.60 -6.45 -14.68
N UNK M 111 62.81 -6.22 -15.96
CA UNK M 111 63.40 -4.99 -16.42
C UNK M 111 62.33 -3.91 -16.45
N UNK M 112 62.76 -2.66 -16.49
CA UNK M 112 61.86 -1.52 -16.47
C UNK M 112 62.61 -0.32 -17.02
N UNK M 113 61.89 0.65 -17.56
CA UNK M 113 62.54 1.83 -18.11
C UNK M 113 61.80 3.08 -17.64
N UNK M 114 62.19 3.59 -16.48
CA UNK M 114 61.57 4.80 -15.96
C UNK M 114 62.10 6.01 -16.70
N UNK M 115 61.36 7.12 -16.62
CA UNK M 115 61.81 8.33 -17.28
C UNK M 115 61.47 9.52 -16.41
N UNK M 116 62.48 10.23 -15.96
CA UNK M 116 62.33 11.41 -15.12
C UNK M 116 62.56 12.63 -15.96
N UNK M 117 61.55 13.48 -16.05
CA UNK M 117 61.71 14.84 -16.52
C UNK M 117 61.97 15.65 -15.26
N UNK M 118 63.14 16.26 -15.19
CA UNK M 118 63.52 17.17 -14.10
C UNK M 118 63.14 18.58 -14.53
N UNK M 119 63.68 19.60 -13.85
CA UNK M 119 63.54 20.96 -14.37
C UNK M 119 64.65 21.21 -15.40
N UNK M 120 64.42 20.69 -16.61
CA UNK M 120 65.31 20.75 -17.76
C UNK M 120 64.45 20.53 -18.99
N UNK M 121 65.07 20.23 -20.13
CA UNK M 121 64.30 20.07 -21.35
C UNK M 121 64.77 18.92 -22.22
N UNK M 122 65.57 18.00 -21.70
CA UNK M 122 65.91 16.77 -22.39
C UNK M 122 65.79 15.70 -21.32
N UNK M 123 64.63 15.05 -21.27
CA UNK M 123 64.22 14.30 -20.10
C UNK M 123 64.97 12.99 -19.99
N UNK M 124 65.48 12.71 -18.81
CA UNK M 124 66.37 11.58 -18.63
C UNK M 124 65.57 10.31 -18.56
N UNK M 125 66.10 9.26 -19.16
CA UNK M 125 65.56 7.94 -18.94
C UNK M 125 66.50 7.23 -17.97
N UNK M 126 66.02 6.11 -17.43
CA UNK M 126 66.80 5.33 -16.49
C UNK M 126 66.28 3.91 -16.55
N UNK M 127 67.17 2.96 -16.73
CA UNK M 127 66.75 1.57 -16.82
C UNK M 127 66.81 0.96 -15.44
N UNK M 128 65.66 0.66 -14.87
CA UNK M 128 65.59 0.01 -13.59
C UNK M 128 65.60 -1.49 -13.82
N UNK M 129 66.48 -2.18 -13.12
CA UNK M 129 66.53 -3.63 -13.21
C UNK M 129 66.35 -4.22 -11.84
N UNK M 130 65.47 -5.18 -11.74
CA UNK M 130 65.27 -5.88 -10.49
C UNK M 130 66.38 -6.90 -10.30
N UNK M 131 66.67 -7.19 -9.03
CA UNK M 131 67.31 -8.41 -8.52
C UNK M 131 68.76 -8.63 -8.94
N UNK M 132 69.43 -7.66 -9.54
CA UNK M 132 70.76 -7.90 -10.11
C UNK M 132 71.83 -7.71 -9.04
N UNK M 133 71.94 -8.71 -8.15
CA UNK M 133 73.12 -9.05 -7.35
C UNK M 133 73.61 -8.07 -6.28
N UNK M 134 73.02 -6.88 -6.20
CA UNK M 134 73.31 -5.86 -5.19
C UNK M 134 72.13 -4.91 -5.16
N UNK M 135 71.81 -4.42 -3.98
CA UNK M 135 70.66 -3.56 -3.82
C UNK M 135 71.13 -2.12 -3.70
N UNK M 136 70.81 -1.31 -4.69
CA UNK M 136 71.22 0.09 -4.68
C UNK M 136 70.23 0.86 -3.83
N UNK M 137 70.50 0.98 -2.54
CA UNK M 137 69.58 1.62 -1.61
C UNK M 137 69.55 3.13 -1.76
N UNK M 138 70.59 3.74 -2.30
CA UNK M 138 70.57 5.14 -2.67
C UNK M 138 71.50 5.35 -3.85
N UNK M 139 70.95 5.66 -5.00
CA UNK M 139 71.76 6.00 -6.16
C UNK M 139 71.67 7.50 -6.37
N UNK M 140 72.81 8.13 -6.55
CA UNK M 140 72.90 9.58 -6.67
C UNK M 140 73.19 9.93 -8.12
N UNK M 141 72.20 10.49 -8.79
CA UNK M 141 72.32 10.82 -10.20
C UNK M 141 72.88 12.23 -10.33
N UNK M 142 74.13 12.33 -10.74
CA UNK M 142 74.73 13.61 -11.05
C UNK M 142 74.43 13.87 -12.51
N UNK M 143 73.50 14.78 -12.77
CA UNK M 143 73.10 15.05 -14.13
C UNK M 143 74.11 15.96 -14.82
N UNK M 144 74.03 16.01 -16.14
CA UNK M 144 74.90 16.88 -16.92
C UNK M 144 74.26 18.25 -17.10
N UNK N 1 48.41 -40.92 -18.56
CA UNK N 1 49.38 -40.52 -17.55
C UNK N 1 50.18 -39.33 -18.05
N UNK N 2 50.86 -39.59 -19.17
CA UNK N 2 51.55 -38.52 -19.89
C UNK N 2 50.58 -37.54 -20.51
N UNK N 3 49.39 -38.00 -20.87
CA UNK N 3 48.32 -37.10 -21.31
C UNK N 3 47.85 -36.19 -20.17
N UNK N 4 47.80 -36.72 -18.94
CA UNK N 4 47.37 -35.92 -17.80
C UNK N 4 48.42 -34.90 -17.39
N UNK N 5 49.70 -35.28 -17.49
CA UNK N 5 50.78 -34.33 -17.25
C UNK N 5 50.87 -33.30 -18.36
N UNK N 6 50.50 -33.69 -19.58
CA UNK N 6 50.42 -32.74 -20.69
C UNK N 6 49.28 -31.76 -20.53
N UNK N 7 48.14 -32.22 -19.99
CA UNK N 7 47.01 -31.33 -19.79
C UNK N 7 47.23 -30.37 -18.64
N UNK N 8 47.92 -30.82 -17.59
CA UNK N 8 48.27 -29.93 -16.50
C UNK N 8 49.34 -28.93 -16.91
N UNK N 9 50.25 -29.36 -17.80
CA UNK N 9 51.21 -28.46 -18.40
C UNK N 9 50.55 -27.44 -19.30
N UNK N 10 49.47 -27.82 -19.99
CA UNK N 10 48.76 -26.89 -20.85
C UNK N 10 47.96 -25.87 -20.08
N UNK N 11 47.43 -26.27 -18.92
CA UNK N 11 46.70 -25.33 -18.07
C UNK N 11 47.63 -24.32 -17.43
N UNK N 12 48.77 -24.78 -16.93
CA UNK N 12 49.77 -23.90 -16.36
C UNK N 12 50.45 -23.04 -17.42
N UNK N 13 50.56 -23.56 -18.62
CA UNK N 13 51.12 -22.81 -19.72
C UNK N 13 50.16 -21.74 -20.22
N UNK N 14 48.86 -22.00 -20.13
CA UNK N 14 47.88 -20.99 -20.55
C UNK N 14 47.82 -19.85 -19.55
N UNK N 15 47.98 -20.16 -18.26
CA UNK N 15 48.09 -19.10 -17.26
C UNK N 15 49.39 -18.32 -17.38
N UNK N 16 50.47 -19.02 -17.72
CA UNK N 16 51.76 -18.37 -17.89
C UNK N 16 51.81 -17.55 -19.17
N UNK N 17 51.07 -17.97 -20.19
CA UNK N 17 51.04 -17.22 -21.43
C UNK N 17 50.18 -15.98 -21.32
N UNK N 18 49.10 -16.04 -20.54
CA UNK N 18 48.29 -14.85 -20.34
C UNK N 18 48.98 -13.85 -19.44
N UNK N 19 49.72 -14.35 -18.44
CA UNK N 19 50.52 -13.47 -17.60
C UNK N 19 51.69 -12.87 -18.36
N UNK N 20 52.29 -13.61 -19.28
CA UNK N 20 53.37 -13.05 -20.08
C UNK N 20 52.84 -12.14 -21.18
N UNK N 21 51.58 -12.26 -21.55
CA UNK N 21 51.03 -11.36 -22.56
C UNK N 21 50.47 -10.09 -21.96
N UNK N 22 50.15 -10.08 -20.67
CA UNK N 22 49.68 -8.87 -20.04
C UNK N 22 50.82 -7.87 -19.84
N UNK N 23 50.50 -6.58 -19.95
CA UNK N 23 51.50 -5.53 -19.88
C UNK N 23 50.83 -4.24 -19.41
N UNK N 24 51.19 -3.78 -18.22
CA UNK N 24 50.59 -2.57 -17.66
C UNK N 24 51.16 -1.34 -18.32
N UNK N 25 50.37 -0.28 -18.37
CA UNK N 25 50.69 0.86 -19.19
C UNK N 25 51.69 1.78 -18.51
N UNK N 26 52.01 2.89 -19.17
CA UNK N 26 52.84 3.91 -18.56
C UNK N 26 52.04 4.67 -17.51
N UNK N 27 52.74 5.28 -16.58
CA UNK N 27 52.10 6.18 -15.62
C UNK N 27 52.99 7.40 -15.45
N UNK N 28 52.47 8.57 -15.80
CA UNK N 28 53.26 9.81 -15.78
C UNK N 28 52.75 10.66 -14.63
N UNK N 29 53.30 10.45 -13.44
CA UNK N 29 52.94 11.25 -12.29
C UNK N 29 53.62 12.60 -12.36
N UNK N 30 52.84 13.66 -12.32
CA UNK N 30 53.37 15.02 -12.41
C UNK N 30 52.96 15.78 -11.16
N UNK N 31 53.92 16.37 -10.47
CA UNK N 31 53.69 16.96 -9.16
C UNK N 31 54.22 18.39 -9.14
N UNK N 32 53.33 19.35 -9.03
CA UNK N 32 53.71 20.75 -8.97
C UNK N 32 53.86 21.20 -7.54
N UNK O 1 18.90 -45.22 57.63
CA UNK O 1 18.76 -44.26 56.54
C UNK O 1 19.82 -43.20 56.63
N UNK O 2 20.45 -43.15 57.81
CA UNK O 2 21.47 -42.15 58.08
C UNK O 2 22.75 -42.43 57.31
N UNK O 3 23.04 -43.71 57.07
CA UNK O 3 24.16 -44.06 56.21
C UNK O 3 23.85 -43.74 54.76
N UNK O 4 22.57 -43.82 54.37
CA UNK O 4 22.16 -43.45 53.02
C UNK O 4 22.26 -41.96 52.81
N UNK O 5 21.97 -41.20 53.86
CA UNK O 5 22.13 -39.75 53.80
C UNK O 5 23.59 -39.34 53.82
N UNK O 6 24.43 -40.09 54.54
CA UNK O 6 25.85 -39.80 54.64
C UNK O 6 26.57 -40.11 53.34
N UNK O 7 26.19 -41.22 52.69
CA UNK O 7 26.70 -41.53 51.38
C UNK O 7 26.14 -40.63 50.30
N UNK O 8 24.93 -40.09 50.51
CA UNK O 8 24.36 -39.16 49.55
C UNK O 8 25.06 -37.81 49.59
N UNK O 9 25.40 -37.33 50.79
CA UNK O 9 26.15 -36.09 50.91
C UNK O 9 27.58 -36.25 50.44
N UNK O 10 28.15 -37.44 50.63
CA UNK O 10 29.48 -37.72 50.08
C UNK O 10 29.47 -37.82 48.57
N UNK O 11 28.37 -38.34 48.01
CA UNK O 11 28.26 -38.46 46.57
C UNK O 11 28.00 -37.14 45.91
N UNK O 12 27.19 -36.29 46.53
CA UNK O 12 26.95 -34.96 45.99
C UNK O 12 28.16 -34.07 46.20
N UNK O 13 28.96 -34.32 47.23
CA UNK O 13 30.20 -33.60 47.40
C UNK O 13 31.24 -34.04 46.40
N UNK O 14 31.21 -35.29 45.99
CA UNK O 14 32.10 -35.70 44.92
C UNK O 14 31.58 -35.23 43.57
N UNK O 15 30.27 -35.03 43.46
CA UNK O 15 29.71 -34.67 42.17
C UNK O 15 29.86 -33.19 41.90
N UNK O 16 29.57 -32.33 42.87
CA UNK O 16 29.40 -30.90 42.59
C UNK O 16 30.74 -30.20 42.44
N UNK O 17 31.51 -30.12 43.51
CA UNK O 17 32.90 -29.72 43.36
C UNK O 17 33.60 -31.00 42.93
N UNK O 18 33.73 -31.18 41.63
CA UNK O 18 34.08 -32.49 41.08
C UNK O 18 35.56 -32.78 41.20
N UNK O 19 36.39 -31.81 40.87
CA UNK O 19 37.82 -31.97 41.06
C UNK O 19 38.16 -31.84 42.53
N UNK O 20 39.22 -32.52 42.95
CA UNK O 20 39.63 -32.53 44.34
C UNK O 20 40.28 -31.21 44.69
N UNK O 21 40.27 -30.90 45.98
CA UNK O 21 40.79 -29.64 46.47
C UNK O 21 42.30 -29.56 46.39
N UNK O 22 43.01 -30.67 46.36
CA UNK O 22 44.41 -30.67 46.02
C UNK O 22 44.63 -30.67 44.53
N UNK O 23 43.70 -31.28 43.80
CA UNK O 23 43.85 -31.44 42.37
C UNK O 23 43.64 -30.15 41.63
N UNK O 24 42.87 -29.22 42.21
CA UNK O 24 42.71 -27.90 41.63
C UNK O 24 44.00 -27.09 41.72
N UNK O 25 44.75 -27.27 42.81
CA UNK O 25 46.03 -26.61 42.91
C UNK O 25 47.06 -27.28 42.02
N UNK O 26 46.91 -28.58 41.81
CA UNK O 26 47.77 -29.30 40.88
C UNK O 26 47.49 -28.89 39.45
N UNK O 27 46.24 -28.61 39.13
CA UNK O 27 45.89 -28.17 37.79
C UNK O 27 46.28 -26.72 37.57
N UNK O 28 46.29 -25.91 38.63
CA UNK O 28 46.73 -24.54 38.49
C UNK O 28 48.23 -24.45 38.31
N UNK O 29 48.98 -25.36 38.94
CA UNK O 29 50.41 -25.43 38.69
C UNK O 29 50.70 -26.00 37.30
N UNK O 30 49.84 -26.89 36.83
CA UNK O 30 49.93 -27.40 35.46
C UNK O 30 49.63 -26.33 34.44
N UNK O 31 48.68 -25.46 34.75
CA UNK O 31 48.30 -24.38 33.84
C UNK O 31 49.35 -23.30 33.80
N UNK O 32 49.97 -23.00 34.94
CA UNK O 32 50.99 -21.98 34.96
C UNK O 32 52.30 -22.47 34.37
N UNK O 33 52.60 -23.77 34.51
CA UNK O 33 53.75 -24.33 33.83
C UNK O 33 53.52 -24.42 32.34
N UNK O 34 52.27 -24.66 31.93
CA UNK O 34 51.89 -24.61 30.54
C UNK O 34 51.97 -23.20 29.99
N UNK O 35 51.69 -22.21 30.82
CA UNK O 35 51.76 -20.84 30.39
C UNK O 35 53.21 -20.36 30.27
N UNK O 36 54.11 -20.85 31.13
CA UNK O 36 55.53 -20.52 30.96
C UNK O 36 56.12 -21.23 29.76
N UNK O 37 55.61 -22.43 29.47
CA UNK O 37 56.04 -23.18 28.30
C UNK O 37 55.54 -22.55 27.01
N UNK O 38 54.35 -21.99 27.02
CA UNK O 38 53.88 -21.25 25.85
C UNK O 38 54.51 -19.88 25.79
N UNK O 39 54.97 -19.38 26.92
CA UNK O 39 55.53 -18.05 27.02
C UNK O 39 56.90 -17.93 26.42
N UNK O 40 57.77 -18.92 26.68
CA UNK O 40 59.20 -18.74 26.51
C UNK O 40 59.62 -18.70 25.05
N UNK O 41 60.72 -18.01 24.79
CA UNK O 41 61.25 -17.93 23.45
C UNK O 41 61.99 -19.19 23.11
N UNK O 42 62.31 -19.35 21.83
CA UNK O 42 63.34 -20.29 21.47
C UNK O 42 64.68 -19.74 21.92
N UNK O 43 65.63 -20.67 22.09
CA UNK O 43 66.59 -20.75 23.21
C UNK O 43 67.20 -19.45 23.74
N UNK O 44 67.74 -18.62 22.88
CA UNK O 44 68.33 -17.36 23.29
C UNK O 44 67.23 -16.34 23.48
N UNK O 45 66.99 -15.94 24.72
CA UNK O 45 66.20 -14.74 24.95
C UNK O 45 67.04 -13.56 24.52
N UNK O 46 66.76 -13.05 23.32
CA UNK O 46 67.67 -12.25 22.50
C UNK O 46 67.89 -10.88 23.10
N UNK O 47 69.03 -10.74 23.78
CA UNK O 47 69.21 -9.81 24.89
C UNK O 47 69.31 -8.38 24.42
N UNK O 48 69.00 -7.48 25.34
CA UNK O 48 68.80 -6.08 25.03
C UNK O 48 70.12 -5.40 24.80
N UNK O 49 70.06 -4.29 24.07
CA UNK O 49 71.19 -3.42 23.84
C UNK O 49 70.66 -2.06 23.48
N UNK O 50 71.51 -1.07 23.63
CA UNK O 50 71.37 0.18 22.91
C UNK O 50 72.61 0.32 22.05
N UNK O 51 72.57 1.27 21.13
CA UNK O 51 73.68 1.44 20.23
C UNK O 51 73.72 2.87 19.77
N UNK O 52 74.84 3.23 19.16
CA UNK O 52 74.94 4.44 18.38
C UNK O 52 75.82 4.15 17.18
N UNK O 53 75.54 4.84 16.09
CA UNK O 53 76.31 4.65 14.87
C UNK O 53 76.31 5.95 14.10
N UNK O 54 77.46 6.29 13.55
CA UNK O 54 77.47 7.39 12.61
C UNK O 54 76.98 6.88 11.27
N UNK O 55 76.52 7.81 10.46
CA UNK O 55 76.08 7.49 9.11
C UNK O 55 77.03 8.16 8.14
N UNK O 56 77.36 7.45 7.07
CA UNK O 56 78.19 8.03 6.02
C UNK O 56 77.29 8.71 5.00
N UNK O 57 77.88 9.19 3.92
CA UNK O 57 77.05 9.76 2.87
C UNK O 57 77.45 9.31 1.49
N UNK O 58 78.72 8.97 1.28
CA UNK O 58 79.22 8.88 -0.09
C UNK O 58 78.93 7.52 -0.73
N UNK O 59 79.61 6.48 -0.26
CA UNK O 59 79.34 5.11 -0.69
C UNK O 59 79.86 4.22 0.44
N UNK O 60 78.94 3.80 1.31
CA UNK O 60 79.32 2.89 2.38
C UNK O 60 78.17 1.94 2.59
N UNK O 61 78.23 1.19 3.69
CA UNK O 61 77.13 0.32 4.05
C UNK O 61 75.99 1.15 4.59
N UNK O 62 74.77 0.77 4.25
CA UNK O 62 73.61 1.34 4.91
C UNK O 62 73.56 0.81 6.33
N UNK O 63 73.08 1.64 7.24
CA UNK O 63 73.17 1.35 8.67
C UNK O 63 72.16 0.29 9.08
N UNK O 64 72.64 -0.74 9.77
CA UNK O 64 71.81 -1.88 10.11
C UNK O 64 71.21 -1.67 11.48
N UNK O 65 69.90 -1.80 11.59
CA UNK O 65 69.21 -1.73 12.87
C UNK O 65 68.62 -3.10 13.16
N UNK O 66 69.06 -3.72 14.25
CA UNK O 66 68.66 -5.08 14.57
C UNK O 66 67.49 -5.05 15.53
N UNK O 67 66.28 -5.21 14.99
CA UNK O 67 65.09 -5.16 15.81
C UNK O 67 64.60 -6.58 16.10
N UNK O 68 63.49 -6.70 16.81
CA UNK O 68 62.87 -7.99 17.10
C UNK O 68 61.36 -7.77 17.16
N UNK O 69 60.62 -8.73 17.69
CA UNK O 69 59.18 -8.55 17.81
C UNK O 69 58.78 -7.63 18.97
N UNK O 70 59.70 -7.34 19.89
CA UNK O 70 59.56 -6.25 20.85
C UNK O 70 59.89 -4.93 20.19
N UNK O 71 59.56 -3.84 20.85
CA UNK O 71 59.67 -2.51 20.25
C UNK O 71 61.11 -2.04 20.22
N UNK O 72 61.36 -0.98 19.45
CA UNK O 72 62.69 -0.44 19.27
C UNK O 72 62.58 1.00 18.88
N UNK O 73 63.63 1.75 19.13
CA UNK O 73 63.60 3.19 18.91
C UNK O 73 64.79 3.60 18.06
N UNK O 74 64.55 4.41 17.06
CA UNK O 74 65.61 5.00 16.27
C UNK O 74 65.59 6.48 16.63
N UNK O 75 66.55 6.88 17.46
CA UNK O 75 66.73 8.27 17.79
C UNK O 75 67.76 8.85 16.85
N UNK O 76 67.32 9.68 15.93
CA UNK O 76 68.26 10.37 15.07
C UNK O 76 68.90 11.52 15.85
N UNK O 77 70.04 11.99 15.34
CA UNK O 77 70.68 13.20 15.84
C UNK O 77 69.78 14.39 15.54
N UNK O 78 69.92 15.45 16.35
CA UNK O 78 68.81 16.28 16.85
C UNK O 78 68.00 17.06 15.80
N UNK O 79 68.35 17.02 14.52
CA UNK O 79 67.44 17.45 13.46
C UNK O 79 66.28 16.47 13.34
N UNK O 80 65.18 16.98 12.83
CA UNK O 80 63.93 16.23 12.79
C UNK O 80 63.83 15.41 11.52
N UNK O 81 63.20 14.24 11.64
CA UNK O 81 62.86 13.43 10.49
C UNK O 81 61.72 14.08 9.74
N UNK O 82 61.78 14.09 8.42
CA UNK O 82 60.70 14.71 7.67
C UNK O 82 59.73 13.68 7.11
N UNK O 83 60.21 12.56 6.60
CA UNK O 83 59.33 11.55 6.04
C UNK O 83 59.96 10.19 6.17
N UNK O 84 59.20 9.25 6.70
CA UNK O 84 59.58 7.85 6.67
C UNK O 84 59.04 7.27 5.38
N UNK O 85 59.75 6.29 4.83
CA UNK O 85 59.21 5.49 3.73
C UNK O 85 59.66 4.07 4.00
N UNK O 86 58.73 3.23 4.43
CA UNK O 86 59.04 1.88 4.87
C UNK O 86 58.49 0.88 3.88
N UNK O 87 58.99 -0.34 4.00
CA UNK O 87 58.44 -1.50 3.31
C UNK O 87 57.52 -2.20 4.29
N UNK O 88 56.24 -1.83 4.25
CA UNK O 88 55.27 -2.08 5.31
C UNK O 88 54.83 -3.54 5.35
N UNK O 89 53.96 -3.81 6.34
CA UNK O 89 53.47 -5.12 6.79
C UNK O 89 54.57 -6.09 7.17
N UNK O 90 55.67 -5.55 7.67
CA UNK O 90 56.66 -6.31 8.39
C UNK O 90 57.15 -5.56 9.59
N UNK O 91 56.87 -4.26 9.68
CA UNK O 91 57.36 -3.42 10.75
C UNK O 91 56.44 -2.21 10.85
N UNK O 92 56.00 -1.88 12.05
CA UNK O 92 55.12 -0.74 12.28
C UNK O 92 55.95 0.39 12.86
N UNK O 93 56.13 1.44 12.10
CA UNK O 93 56.98 2.54 12.49
C UNK O 93 56.10 3.65 13.02
N UNK O 94 55.85 3.65 14.31
CA UNK O 94 55.06 4.69 14.94
C UNK O 94 55.97 5.88 15.17
N UNK O 95 55.60 7.02 14.62
CA UNK O 95 56.32 8.28 14.79
C UNK O 95 55.38 9.43 14.48
N UNK O 96 55.63 10.54 15.16
CA UNK O 96 55.02 11.81 14.86
C UNK O 96 55.94 12.58 13.93
N UNK O 97 55.80 13.91 13.97
CA UNK O 97 56.74 14.87 13.38
C UNK O 97 57.90 15.24 14.30
N UNK O 98 58.36 14.32 15.15
CA UNK O 98 59.49 14.50 16.04
C UNK O 98 60.77 14.03 15.36
N UNK O 99 61.84 13.82 16.13
CA UNK O 99 63.12 13.40 15.61
C UNK O 99 63.50 11.99 16.01
N UNK O 100 62.53 11.16 16.38
CA UNK O 100 62.81 9.79 16.77
C UNK O 100 61.62 8.91 16.40
N UNK O 101 61.89 7.82 15.72
CA UNK O 101 60.84 6.95 15.17
C UNK O 101 60.92 5.60 15.84
N UNK O 102 59.85 5.16 16.48
CA UNK O 102 59.88 3.90 17.19
C UNK O 102 59.31 2.84 16.28
N UNK O 103 60.13 1.87 15.89
CA UNK O 103 59.69 0.79 15.02
C UNK O 103 59.46 -0.46 15.86
N UNK O 104 58.43 -1.22 15.51
CA UNK O 104 58.15 -2.49 16.17
C UNK O 104 57.93 -3.51 15.08
N UNK O 105 58.80 -4.49 14.97
CA UNK O 105 58.79 -5.37 13.82
C UNK O 105 57.76 -6.45 14.02
N UNK O 106 56.78 -6.50 13.13
CA UNK O 106 55.67 -7.45 13.21
C UNK O 106 56.12 -8.85 12.84
N UNK O 107 56.97 -8.98 11.84
CA UNK O 107 57.40 -10.29 11.37
C UNK O 107 58.41 -10.90 12.32
N UNK O 108 58.54 -12.22 12.26
CA UNK O 108 59.45 -12.90 13.18
C UNK O 108 60.88 -12.86 12.67
N UNK O 109 61.04 -13.00 11.36
CA UNK O 109 62.35 -12.87 10.71
C UNK O 109 62.04 -12.36 9.30
N UNK O 110 62.54 -11.15 8.99
CA UNK O 110 62.47 -10.56 7.66
C UNK O 110 63.47 -9.42 7.58
N UNK O 111 64.09 -9.26 6.42
CA UNK O 111 64.87 -8.07 6.15
C UNK O 111 63.92 -6.97 5.73
N UNK O 112 64.41 -5.73 5.79
CA UNK O 112 63.62 -4.56 5.46
C UNK O 112 64.57 -3.42 5.17
N UNK O 113 64.12 -2.46 4.38
CA UNK O 113 64.97 -1.32 4.04
C UNK O 113 64.17 -0.04 4.19
N UNK O 114 64.18 0.53 5.40
CA UNK O 114 63.49 1.78 5.64
C UNK O 114 64.29 2.94 5.08
N UNK O 115 63.62 4.07 4.87
CA UNK O 115 64.32 5.24 4.35
C UNK O 115 63.77 6.48 5.01
N UNK O 116 64.61 7.18 5.75
CA UNK O 116 64.25 8.39 6.46
C UNK O 116 64.80 9.57 5.70
N UNK O 117 63.93 10.44 5.25
CA UNK O 117 64.31 11.77 4.82
C UNK O 117 64.17 12.64 6.06
N UNK O 118 65.29 13.20 6.50
CA UNK O 118 65.32 14.15 7.61
C UNK O 118 65.18 15.56 7.03
N UNK O 119 65.51 16.58 7.81
CA UNK O 119 65.62 17.92 7.24
C UNK O 119 67.02 18.08 6.62
N UNK O 120 67.18 17.51 5.44
CA UNK O 120 68.41 17.47 4.65
C UNK O 120 67.99 17.23 3.21
N UNK O 121 68.95 16.86 2.36
CA UNK O 121 68.62 16.65 0.96
C UNK O 121 69.30 15.45 0.33
N UNK O 122 69.83 14.54 1.13
CA UNK O 122 70.31 13.26 0.63
C UNK O 122 69.79 12.25 1.63
N UNK O 123 68.65 11.64 1.31
CA UNK O 123 67.83 10.97 2.30
C UNK O 123 68.45 9.63 2.69
N UNK O 124 68.51 9.40 4.00
CA UNK O 124 69.23 8.25 4.50
C UNK O 124 68.39 7.00 4.35
N UNK O 125 69.04 5.92 3.99
CA UNK O 125 68.40 4.63 4.07
C UNK O 125 68.90 3.94 5.32
N UNK O 126 68.23 2.86 5.71
CA UNK O 126 68.61 2.10 6.87
C UNK O 126 68.07 0.69 6.70
N UNK O 127 68.92 -0.29 6.85
CA UNK O 127 68.49 -1.67 6.67
C UNK O 127 68.05 -2.21 8.02
N UNK O 128 66.77 -2.44 8.17
CA UNK O 128 66.24 -3.03 9.38
C UNK O 128 66.24 -4.53 9.23
N UNK O 129 66.80 -5.23 10.21
CA UNK O 129 66.82 -6.67 10.18
C UNK O 129 66.15 -7.19 11.44
N UNK O 130 65.24 -8.11 11.27
CA UNK O 130 64.61 -8.74 12.40
C UNK O 130 65.54 -9.79 12.98
N UNK O 131 65.38 -10.02 14.30
CA UNK O 131 65.74 -11.25 15.02
C UNK O 131 67.24 -11.53 15.13
N UNK O 132 68.13 -10.61 14.74
CA UNK O 132 69.55 -10.94 14.67
C UNK O 132 70.21 -10.73 16.03
N UNK O 133 69.97 -11.68 16.93
CA UNK O 133 70.80 -12.03 18.09
C UNK O 133 70.95 -11.01 19.22
N UNK O 134 70.42 -9.80 19.08
CA UNK O 134 70.42 -8.75 20.08
C UNK O 134 69.34 -7.76 19.67
N UNK O 135 68.67 -7.19 20.66
CA UNK O 135 67.58 -6.28 20.40
C UNK O 135 68.05 -4.87 20.63
N UNK O 136 68.12 -4.09 19.56
CA UNK O 136 68.58 -2.72 19.66
C UNK O 136 67.40 -1.86 20.09
N UNK O 137 67.22 -1.69 21.41
CA UNK O 137 66.07 -0.97 21.94
C UNK O 137 66.17 0.53 21.74
N UNK O 138 67.37 1.07 21.56
CA UNK O 138 67.54 2.46 21.16
C UNK O 138 68.82 2.57 20.35
N UNK O 139 68.71 2.85 19.07
CA UNK O 139 69.87 3.11 18.25
C UNK O 139 69.93 4.60 17.97
N UNK O 140 71.09 5.18 18.16
CA UNK O 140 71.29 6.60 18.02
C UNK O 140 72.06 6.87 16.73
N UNK O 141 71.38 7.43 15.75
CA UNK O 141 71.98 7.70 14.47
C UNK O 141 72.63 9.07 14.49
N UNK O 142 73.94 9.10 14.51
CA UNK O 142 74.68 10.35 14.37
C UNK O 142 74.90 10.54 12.88
N UNK O 143 74.16 11.47 12.30
CA UNK O 143 74.25 11.70 10.87
C UNK O 143 75.46 12.53 10.53
N UNK O 144 75.83 12.52 9.26
CA UNK O 144 76.95 13.31 8.78
C UNK O 144 76.49 14.70 8.36
N UNK P 1 50.07 -43.55 0.59
CA UNK P 1 50.74 -43.12 1.81
C UNK P 1 51.68 -41.98 1.49
N UNK P 2 52.63 -42.30 0.62
CA UNK P 2 53.53 -41.29 0.07
C UNK P 2 52.80 -40.31 -0.83
N UNK P 3 51.73 -40.76 -1.48
CA UNK P 3 50.85 -39.86 -2.23
C UNK P 3 50.12 -38.89 -1.30
N UNK P 4 49.73 -39.35 -0.10
CA UNK P 4 49.03 -38.49 0.84
C UNK P 4 49.96 -37.48 1.48
N UNK P 5 51.21 -37.90 1.76
CA UNK P 5 52.22 -36.96 2.24
C UNK P 5 52.64 -35.98 1.16
N UNK P 6 52.60 -36.41 -0.11
CA UNK P 6 52.86 -35.52 -1.22
C UNK P 6 51.75 -34.52 -1.43
N UNK P 7 50.50 -34.92 -1.21
CA UNK P 7 49.38 -34.00 -1.35
C UNK P 7 49.31 -32.99 -0.22
N UNK P 8 49.67 -33.41 1.00
CA UNK P 8 49.76 -32.48 2.11
C UNK P 8 50.93 -31.53 1.96
N UNK P 9 52.02 -32.01 1.37
CA UNK P 9 53.15 -31.16 1.02
C UNK P 9 52.79 -30.17 -0.08
N UNK P 10 51.92 -30.56 -1.01
CA UNK P 10 51.51 -29.66 -2.08
C UNK P 10 50.56 -28.58 -1.59
N UNK P 11 49.72 -28.92 -0.60
CA UNK P 11 48.82 -27.92 -0.02
C UNK P 11 49.58 -26.90 0.81
N UNK P 12 50.54 -27.37 1.61
CA UNK P 12 51.37 -26.47 2.41
C UNK P 12 52.33 -25.69 1.54
N UNK P 13 52.76 -26.27 0.42
CA UNK P 13 53.61 -25.58 -0.51
C UNK P 13 52.86 -24.52 -1.28
N UNK P 14 51.57 -24.74 -1.55
CA UNK P 14 50.79 -23.74 -2.25
C UNK P 14 50.50 -22.54 -1.35
N UNK P 15 50.29 -22.79 -0.06
CA UNK P 15 50.15 -21.70 0.90
C UNK P 15 51.46 -20.95 1.10
N UNK P 16 52.58 -21.69 1.10
CA UNK P 16 53.89 -21.07 1.25
C UNK P 16 54.31 -20.32 0.00
N UNK P 17 53.86 -20.76 -1.16
CA UNK P 17 54.18 -20.07 -2.39
C UNK P 17 53.38 -18.81 -2.55
N UNK P 18 52.12 -18.82 -2.11
CA UNK P 18 51.33 -17.60 -2.18
C UNK P 18 51.78 -16.58 -1.16
N UNK P 19 52.22 -17.03 0.01
CA UNK P 19 52.80 -16.14 1.00
C UNK P 19 54.14 -15.60 0.57
N UNK P 20 54.94 -16.40 -0.13
CA UNK P 20 56.21 -15.90 -0.63
C UNK P 20 56.03 -15.03 -1.87
N UNK P 21 54.92 -15.15 -2.56
CA UNK P 21 54.68 -14.28 -3.71
C UNK P 21 54.03 -12.97 -3.35
N UNK P 22 53.37 -12.89 -2.19
CA UNK P 22 52.79 -11.64 -1.76
C UNK P 22 53.86 -10.66 -1.30
N UNK P 23 53.63 -9.37 -1.54
CA UNK P 23 54.61 -8.33 -1.24
C UNK P 23 53.89 -7.02 -1.02
N UNK P 24 53.93 -6.50 0.21
CA UNK P 24 53.25 -5.26 0.53
C UNK P 24 54.02 -4.07 0.00
N UNK P 25 53.30 -3.00 -0.30
CA UNK P 25 53.87 -1.90 -1.05
C UNK P 25 54.69 -0.97 -0.16
N UNK P 26 55.21 0.09 -0.74
CA UNK P 26 55.87 1.12 0.02
C UNK P 26 54.86 1.95 0.78
N UNK P 27 55.30 2.59 1.85
CA UNK P 27 54.46 3.55 2.56
C UNK P 27 55.31 4.75 2.91
N UNK P 28 54.95 5.91 2.39
CA UNK P 28 55.73 7.13 2.58
C UNK P 28 54.96 8.05 3.51
N UNK P 29 55.17 7.89 4.80
CA UNK P 29 54.53 8.75 5.78
C UNK P 29 55.25 10.07 5.86
N UNK P 30 54.53 11.16 5.64
CA UNK P 30 55.12 12.49 5.64
C UNK P 30 54.40 13.32 6.69
N UNK P 31 55.17 13.92 7.60
CA UNK P 31 54.61 14.58 8.77
C UNK P 31 55.18 15.99 8.88
N UNK P 32 54.31 16.98 8.70
CA UNK P 32 54.71 18.37 8.81
C UNK P 32 54.48 18.89 10.21
N UNK Q 1 -3.96 -42.83 62.05
CA UNK Q 1 -3.69 -41.92 60.94
C UNK Q 1 -2.67 -40.89 61.37
N UNK Q 2 -2.46 -40.81 62.68
CA UNK Q 2 -1.53 -39.85 63.26
C UNK Q 2 -0.09 -40.21 62.95
N UNK Q 3 0.20 -41.51 62.87
CA UNK Q 3 1.52 -41.95 62.45
C UNK Q 3 1.73 -41.69 60.97
N UNK Q 4 0.66 -41.74 60.18
CA UNK Q 4 0.74 -41.42 58.76
C UNK Q 4 0.99 -39.94 58.55
N UNK Q 5 0.41 -39.11 59.41
CA UNK Q 5 0.65 -37.68 59.37
C UNK Q 5 2.05 -37.33 59.87
N UNK Q 6 2.54 -38.09 60.85
CA UNK Q 6 3.87 -37.85 61.41
C UNK Q 6 4.96 -38.24 60.43
N UNK Q 7 4.76 -39.37 59.74
CA UNK Q 7 5.68 -39.76 58.67
C UNK Q 7 5.55 -38.89 57.45
N UNK Q 8 4.38 -38.29 57.22
CA UNK Q 8 4.20 -37.38 56.10
C UNK Q 8 4.93 -36.06 56.33
N UNK Q 9 4.87 -35.55 57.55
CA UNK Q 9 5.61 -34.33 57.88
C UNK Q 9 7.09 -34.57 57.94
N UNK Q 10 7.51 -35.77 58.34
CA UNK Q 10 8.92 -36.13 58.28
C UNK Q 10 9.41 -36.30 56.85
N UNK Q 11 8.53 -36.80 55.98
CA UNK Q 11 8.91 -36.99 54.58
C UNK Q 11 8.96 -35.69 53.83
N UNK Q 12 8.04 -34.78 54.13
CA UNK Q 12 8.06 -33.46 53.50
C UNK Q 12 9.18 -32.61 54.05
N UNK Q 13 9.57 -32.85 55.31
CA UNK Q 13 10.72 -32.17 55.87
C UNK Q 13 12.00 -32.70 55.28
N UNK Q 14 12.05 -33.98 54.94
CA UNK Q 14 13.23 -34.47 54.23
C UNK Q 14 13.21 -34.04 52.77
N UNK Q 15 12.03 -33.79 52.22
CA UNK Q 15 11.95 -33.46 50.82
C UNK Q 15 12.27 -32.01 50.56
N UNK Q 16 11.71 -31.10 51.36
CA UNK Q 16 11.73 -29.68 50.99
C UNK Q 16 13.08 -29.03 51.28
N UNK Q 17 13.45 -28.93 52.54
CA UNK Q 17 14.83 -28.61 52.86
C UNK Q 17 15.56 -29.93 52.74
N UNK Q 18 16.11 -30.18 51.55
CA UNK Q 18 16.54 -31.52 51.19
C UNK Q 18 17.88 -31.87 51.81
N UNK Q 19 18.83 -30.95 51.75
CA UNK Q 19 20.10 -31.17 52.42
C UNK Q 19 19.94 -30.98 53.91
N UNK Q 20 20.75 -31.69 54.67
CA UNK Q 20 20.68 -31.64 56.12
C UNK Q 20 21.25 -30.34 56.62
N UNK Q 21 20.82 -29.97 57.83
CA UNK Q 21 21.22 -28.71 58.43
C UNK Q 21 22.67 -28.69 58.86
N UNK Q 22 23.28 -29.85 59.11
CA UNK Q 22 24.72 -29.91 59.25
C UNK Q 22 25.42 -29.99 57.92
N UNK Q 23 24.77 -30.60 56.94
CA UNK Q 23 25.38 -30.83 55.65
C UNK Q 23 25.49 -29.56 54.83
N UNK Q 24 24.62 -28.59 55.11
CA UNK Q 24 24.74 -27.28 54.47
C UNK Q 24 25.96 -26.53 54.97
N UNK Q 25 26.30 -26.68 56.24
CA UNK Q 25 27.52 -26.08 56.75
C UNK Q 25 28.74 -26.82 56.28
N UNK Q 26 28.59 -28.13 56.08
CA UNK Q 26 29.67 -28.93 55.50
C UNK Q 26 29.91 -28.57 54.04
N UNK Q 27 28.85 -28.26 53.32
CA UNK Q 27 29.00 -27.87 51.92
C UNK Q 27 29.51 -26.44 51.81
N UNK Q 28 29.21 -25.60 52.79
CA UNK Q 28 29.75 -24.24 52.76
C UNK Q 28 31.23 -24.23 53.09
N UNK Q 29 31.68 -25.14 53.96
CA UNK Q 29 33.10 -25.27 54.21
C UNK Q 29 33.81 -25.92 53.02
N UNK Q 30 33.10 -26.80 52.30
CA UNK Q 30 33.62 -27.38 51.08
C UNK Q 30 33.74 -26.34 49.98
N UNK Q 31 32.78 -25.42 49.92
CA UNK Q 31 32.78 -24.36 48.91
C UNK Q 31 33.85 -23.33 49.19
N UNK Q 32 34.06 -23.01 50.46
CA UNK Q 32 35.09 -22.04 50.80
C UNK Q 32 36.49 -22.60 50.69
N UNK Q 33 36.65 -23.91 50.96
CA UNK Q 33 37.93 -24.55 50.72
C UNK Q 33 38.21 -24.70 49.24
N UNK Q 34 37.16 -24.91 48.46
CA UNK Q 34 37.26 -24.90 47.01
C UNK Q 34 37.59 -23.52 46.48
N UNK Q 35 37.12 -22.49 47.14
CA UNK Q 35 37.41 -21.14 46.71
C UNK Q 35 38.82 -20.73 47.07
N UNK Q 36 39.36 -21.22 48.19
CA UNK Q 36 40.77 -20.95 48.50
C UNK Q 36 41.69 -21.74 47.59
N UNK Q 37 41.24 -22.93 47.19
CA UNK Q 37 41.99 -23.74 46.25
C UNK Q 37 41.99 -23.16 44.86
N UNK Q 38 40.89 -22.56 44.44
CA UNK Q 38 40.89 -21.86 43.16
C UNK Q 38 41.57 -20.51 43.27
N UNK Q 39 41.66 -19.98 44.48
CA UNK Q 39 42.22 -18.68 44.72
C UNK Q 39 43.72 -18.64 44.62
N UNK Q 40 44.40 -19.64 45.18
CA UNK Q 40 45.81 -19.53 45.49
C UNK Q 40 46.69 -19.59 44.26
N UNK Q 41 47.85 -18.95 44.36
CA UNK Q 41 48.80 -18.95 43.28
C UNK Q 41 49.56 -20.27 43.24
N UNK Q 42 50.26 -20.49 42.15
CA UNK Q 42 51.30 -21.50 42.18
C UNK Q 42 52.44 -20.97 43.04
N UNK Q 43 53.22 -21.94 43.55
CA UNK Q 43 53.76 -22.01 44.93
C UNK Q 43 54.21 -20.71 45.60
N UNK Q 44 55.07 -19.94 44.94
CA UNK Q 44 55.55 -18.70 45.50
C UNK Q 44 54.51 -17.62 45.27
N UNK Q 45 53.89 -17.16 46.34
CA UNK Q 45 53.14 -15.92 46.26
C UNK Q 45 54.13 -14.79 46.11
N UNK Q 46 54.30 -14.33 44.87
CA UNK Q 46 55.48 -13.61 44.37
C UNK Q 46 55.55 -12.22 44.98
N UNK Q 47 56.41 -12.09 45.98
CA UNK Q 47 56.25 -11.12 47.06
C UNK Q 47 56.59 -9.72 46.61
N UNK Q 48 56.04 -8.77 47.35
CA UNK Q 48 56.03 -7.38 46.95
C UNK Q 48 57.39 -6.76 47.16
N UNK Q 49 57.63 -5.69 46.42
CA UNK Q 49 58.84 -4.88 46.55
C UNK Q 49 58.52 -3.52 45.99
N UNK Q 50 59.33 -2.55 46.39
CA UNK Q 50 59.50 -1.34 45.64
C UNK Q 50 60.95 -1.28 45.23
N UNK Q 51 61.28 -0.38 44.33
CA UNK Q 51 62.65 -0.30 43.85
C UNK Q 51 62.92 1.11 43.37
N UNK Q 52 64.19 1.38 43.17
CA UNK Q 52 64.61 2.55 42.44
C UNK Q 52 65.82 2.17 41.61
N UNK Q 53 65.97 2.83 40.47
CA UNK Q 53 67.08 2.54 39.59
C UNK Q 53 67.41 3.81 38.82
N UNK Q 54 68.70 4.07 38.67
CA UNK Q 54 69.08 5.13 37.76
C UNK Q 54 69.03 4.57 36.35
N UNK Q 55 68.93 5.48 35.40
CA UNK Q 55 68.95 5.12 34.00
C UNK Q 55 70.20 5.70 33.38
N UNK Q 56 70.84 4.93 32.51
CA UNK Q 56 72.00 5.43 31.79
C UNK Q 56 71.53 6.10 30.50
N UNK Q 57 72.48 6.51 29.66
CA UNK Q 57 72.07 7.07 28.38
C UNK Q 57 72.88 6.53 27.23
N UNK Q 58 74.13 6.13 27.48
CA UNK Q 58 75.05 5.94 26.35
C UNK Q 58 74.92 4.58 25.69
N UNK Q 59 75.33 3.53 26.39
CA UNK Q 59 75.17 2.15 25.94
C UNK Q 59 75.21 1.29 27.21
N UNK Q 60 74.04 0.96 27.73
CA UNK Q 60 73.99 0.08 28.89
C UNK Q 60 72.79 -0.81 28.73
N UNK Q 61 72.44 -1.51 29.81
CA UNK Q 61 71.24 -2.31 29.80
C UNK Q 61 70.02 -1.41 29.90
N UNK Q 62 68.97 -1.76 29.19
CA UNK Q 62 67.69 -1.11 29.41
C UNK Q 62 67.14 -1.57 30.73
N UNK Q 63 66.43 -0.68 31.41
CA UNK Q 63 66.02 -0.90 32.79
C UNK Q 63 64.88 -1.90 32.87
N UNK Q 64 65.04 -2.91 33.70
CA UNK Q 64 64.08 -4.00 33.79
C UNK Q 64 63.06 -3.70 34.88
N UNK Q 65 61.80 -3.78 34.53
CA UNK Q 65 60.72 -3.61 35.51
C UNK Q 65 59.99 -4.94 35.63
N UNK Q 66 60.01 -5.53 36.81
CA UNK Q 66 59.46 -6.86 37.02
C UNK Q 66 58.03 -6.73 37.53
N UNK Q 67 57.07 -6.87 36.63
CA UNK Q 67 55.67 -6.74 37.00
C UNK Q 67 55.04 -8.12 37.15
N UNK Q 68 53.74 -8.16 37.44
CA UNK Q 68 52.99 -9.40 37.54
C UNK Q 68 51.57 -9.11 37.09
N UNK Q 69 50.64 -10.02 37.38
CA UNK Q 69 49.26 -9.77 37.00
C UNK Q 69 48.55 -8.79 37.92
N UNK Q 70 49.11 -8.49 39.09
CA UNK Q 70 48.72 -7.36 39.92
C UNK Q 70 49.33 -6.08 39.35
N UNK Q 71 48.86 -4.94 39.85
CA UNK Q 71 49.23 -3.65 39.28
C UNK Q 71 50.62 -3.25 39.72
N UNK Q 72 51.17 -2.23 39.04
CA UNK Q 72 52.52 -1.77 39.31
C UNK Q 72 52.62 -0.33 38.85
N UNK Q 73 53.58 0.39 39.42
CA UNK Q 73 53.70 1.80 39.16
C UNK Q 73 55.12 2.13 38.76
N UNK Q 74 55.27 2.90 37.70
CA UNK Q 74 56.56 3.42 37.30
C UNK Q 74 56.52 4.90 37.59
N UNK Q 75 57.16 5.30 38.67
CA UNK Q 75 57.30 6.70 39.01
C UNK Q 75 58.62 7.18 38.46
N UNK Q 76 58.55 8.00 37.41
CA UNK Q 76 59.76 8.61 36.90
C UNK Q 76 60.16 9.76 37.80
N UNK Q 77 61.43 10.16 37.70
CA UNK Q 77 61.94 11.36 38.35
C UNK Q 77 61.25 12.57 37.73
N UNK Q 78 61.17 13.66 38.52
CA UNK Q 78 60.01 14.56 38.58
C UNK Q 78 59.63 15.32 37.30
N UNK Q 79 60.39 15.21 36.21
CA UNK Q 79 59.91 15.62 34.90
C UNK Q 79 58.80 14.69 34.43
N UNK Q 80 57.96 15.22 33.56
CA UNK Q 80 56.76 14.53 33.13
C UNK Q 80 57.05 13.66 31.91
N UNK Q 81 56.36 12.52 31.85
CA UNK Q 81 56.39 11.66 30.68
C UNK Q 81 55.59 12.34 29.58
N UNK Q 82 56.09 12.27 28.35
CA UNK Q 82 55.36 12.90 27.26
C UNK Q 82 54.56 11.89 26.44
N UNK Q 83 55.13 10.73 26.15
CA UNK Q 83 54.44 9.74 25.36
C UNK Q 83 54.91 8.35 25.74
N UNK Q 84 53.97 7.48 26.01
CA UNK Q 84 54.26 6.07 26.15
C UNK Q 84 54.16 5.44 24.77
N UNK Q 85 54.94 4.41 24.52
CA UNK Q 85 54.76 3.58 23.34
C UNK Q 85 55.02 2.16 23.78
N UNK Q 86 53.95 1.38 23.90
CA UNK Q 86 54.01 0.05 24.45
C UNK Q 86 53.78 -0.98 23.36
N UNK Q 87 54.15 -2.22 23.68
CA UNK Q 87 53.80 -3.37 22.88
C UNK Q 87 52.56 -3.99 23.52
N UNK Q 88 51.39 -3.58 23.04
CA UNK Q 88 50.11 -3.73 23.72
C UNK Q 88 49.60 -5.17 23.66
N UNK Q 89 48.44 -5.36 24.30
CA UNK Q 89 47.75 -6.62 24.59
C UNK Q 89 48.61 -7.61 25.36
N UNK Q 90 49.50 -7.10 26.18
CA UNK Q 90 50.16 -7.86 27.21
C UNK Q 90 50.26 -7.08 28.49
N UNK Q 91 50.04 -5.77 28.44
CA UNK Q 91 50.19 -4.89 29.58
C UNK Q 91 49.35 -3.66 29.33
N UNK Q 92 48.55 -3.25 30.31
CA UNK Q 92 47.71 -2.06 30.19
C UNK Q 92 48.37 -0.96 30.98
N UNK Q 93 48.85 0.06 30.30
CA UNK Q 93 49.58 1.15 30.92
C UNK Q 93 48.63 2.31 31.09
N UNK Q 94 47.97 2.38 32.22
CA UNK Q 94 47.07 3.49 32.51
C UNK Q 94 47.91 4.64 33.00
N UNK Q 95 47.81 5.78 32.32
CA UNK Q 95 48.50 7.01 32.69
C UNK Q 95 47.79 8.18 32.05
N UNK Q 96 47.86 9.29 32.74
CA UNK Q 96 47.45 10.58 32.21
C UNK Q 96 48.67 11.28 31.63
N UNK Q 97 48.60 12.60 31.57
CA UNK Q 97 49.73 13.50 31.30
C UNK Q 97 50.54 13.86 32.56
N UNK Q 98 50.63 12.97 33.53
CA UNK Q 98 51.41 13.15 34.75
C UNK Q 98 52.81 12.58 34.55
N UNK Q 99 53.55 12.36 35.64
CA UNK Q 99 54.91 11.87 35.60
C UNK Q 99 55.05 10.47 36.14
N UNK Q 100 53.98 9.70 36.19
CA UNK Q 100 54.02 8.33 36.69
C UNK Q 100 52.99 7.49 35.97
N UNK Q 101 53.41 6.35 35.44
CA UNK Q 101 52.56 5.51 34.60
C UNK Q 101 52.34 4.18 35.30
N UNK Q 102 51.09 3.82 35.56
CA UNK Q 102 50.81 2.59 36.27
C UNK Q 102 50.51 1.51 35.25
N UNK Q 103 51.36 0.50 35.20
CA UNK Q 103 51.19 -0.61 34.27
C UNK Q 103 50.62 -1.80 35.01
N UNK Q 104 49.72 -2.53 34.36
CA UNK Q 104 49.17 -3.75 34.92
C UNK Q 104 49.26 -4.82 33.85
N UNK Q 105 50.07 -5.84 34.08
CA UNK Q 105 50.40 -6.76 33.01
C UNK Q 105 49.30 -7.80 32.88
N UNK Q 106 48.67 -7.84 31.72
CA UNK Q 106 47.56 -8.75 31.45
C UNK Q 106 48.02 -10.18 31.30
N UNK Q 107 49.15 -10.39 30.65
CA UNK Q 107 49.63 -11.73 30.38
C UNK Q 107 50.23 -12.34 31.64
N UNK Q 108 50.30 -13.66 31.66
CA UNK Q 108 50.81 -14.34 32.86
C UNK Q 108 52.33 -14.39 32.86
N UNK Q 109 52.92 -14.59 31.68
CA UNK Q 109 54.37 -14.54 31.50
C UNK Q 109 54.58 -14.09 30.05
N UNK Q 110 55.21 -12.93 29.89
CA UNK Q 110 55.63 -12.39 28.61
C UNK Q 110 56.66 -11.30 28.84
N UNK Q 111 57.64 -11.22 27.95
CA UNK Q 111 58.52 -10.08 27.92
C UNK Q 111 57.84 -8.95 27.17
N UNK Q 112 58.35 -7.74 27.35
CA UNK Q 112 57.77 -6.54 26.74
C UNK Q 112 58.83 -5.47 26.75
N UNK Q 113 58.72 -4.52 25.83
CA UNK Q 113 59.70 -3.44 25.75
C UNK Q 113 58.98 -2.12 25.60
N UNK Q 114 58.61 -1.49 26.72
CA UNK Q 114 57.94 -0.21 26.68
C UNK Q 114 58.95 0.88 26.38
N UNK Q 115 58.46 2.03 25.92
CA UNK Q 115 59.34 3.14 25.64
C UNK Q 115 58.68 4.43 26.04
N UNK Q 116 59.27 5.13 27.00
CA UNK Q 116 58.75 6.38 27.50
C UNK Q 116 59.59 7.51 26.94
N UNK Q 117 58.96 8.39 26.20
CA UNK Q 117 59.53 9.68 25.87
C UNK Q 117 59.06 10.62 26.97
N UNK Q 118 59.98 11.16 27.75
CA UNK Q 118 59.69 12.15 28.77
C UNK Q 118 59.83 13.53 28.15
N UNK Q 119 59.94 14.58 28.96
CA UNK Q 119 60.31 15.89 28.41
C UNK Q 119 61.83 15.95 28.30
N UNK Q 120 62.35 15.32 27.25
CA UNK Q 120 63.77 15.20 26.93
C UNK Q 120 63.85 14.90 25.44
N UNK Q 121 65.00 14.46 24.97
CA UNK Q 121 65.16 14.20 23.54
C UNK Q 121 65.94 12.94 23.22
N UNK Q 122 66.12 12.05 24.18
CA UNK Q 122 66.67 10.73 23.90
C UNK Q 122 65.79 9.79 24.71
N UNK Q 123 64.79 9.22 24.04
CA UNK Q 123 63.66 8.62 24.72
C UNK Q 123 64.02 7.29 25.33
N UNK Q 124 63.64 7.10 26.59
CA UNK Q 124 64.09 5.95 27.34
C UNK Q 124 63.28 4.74 26.94
N UNK Q 125 63.95 3.61 26.87
CA UNK Q 125 63.24 2.36 26.76
C UNK Q 125 63.27 1.70 28.13
N UNK Q 126 62.44 0.68 28.29
CA UNK Q 126 62.37 -0.06 29.55
C UNK Q 126 61.85 -1.44 29.24
N UNK Q 127 62.54 -2.45 29.70
CA UNK Q 127 62.12 -3.81 29.44
C UNK Q 127 61.22 -4.27 30.57
N UNK Q 128 59.95 -4.44 30.29
CA UNK Q 128 59.01 -4.95 31.27
C UNK Q 128 59.00 -6.46 31.17
N UNK Q 129 59.15 -7.12 32.30
CA UNK Q 129 59.10 -8.57 32.32
C UNK Q 129 58.02 -9.00 33.30
N UNK Q 130 57.17 -9.89 32.86
CA UNK Q 130 56.16 -10.44 33.74
C UNK Q 130 56.78 -11.50 34.62
N UNK Q 131 56.18 -11.67 35.81
CA UNK Q 131 56.22 -12.86 36.65
C UNK Q 131 57.58 -13.21 37.27
N UNK Q 132 58.58 -12.35 37.18
CA UNK Q 132 59.92 -12.74 37.59
C UNK Q 132 60.11 -12.49 39.08
N UNK Q 133 59.53 -13.39 39.88
CA UNK Q 133 59.90 -13.72 41.27
C UNK Q 133 59.72 -12.66 42.35
N UNK Q 134 59.34 -11.43 41.99
CA UNK Q 134 59.06 -10.34 42.90
C UNK Q 134 58.24 -9.32 42.14
N UNK Q 135 57.31 -8.69 42.82
CA UNK Q 135 56.41 -7.74 42.19
C UNK Q 135 56.86 -6.33 42.51
N UNK Q 136 57.33 -5.61 41.51
CA UNK Q 136 57.80 -4.25 41.72
C UNK Q 136 56.60 -3.34 41.70
N UNK Q 137 56.00 -3.09 42.87
CA UNK Q 137 54.79 -2.30 42.98
C UNK Q 137 55.02 -0.81 42.78
N UNK Q 138 56.24 -0.34 42.99
CA UNK Q 138 56.62 1.02 42.62
C UNK Q 138 58.10 1.04 42.30
N UNK Q 139 58.43 1.26 41.04
CA UNK Q 139 59.81 1.44 40.64
C UNK Q 139 60.04 2.91 40.35
N UNK Q 140 61.11 3.44 40.92
CA UNK Q 140 61.42 4.85 40.81
C UNK Q 140 62.58 5.03 39.85
N UNK Q 141 62.30 5.57 38.68
CA UNK Q 141 63.33 5.74 37.66
C UNK Q 141 63.99 7.09 37.85
N UNK Q 142 65.22 7.08 38.31
CA UNK Q 142 66.04 8.28 38.40
C UNK Q 142 66.75 8.40 37.06
N UNK Q 143 66.29 9.33 36.23
CA UNK Q 143 66.87 9.49 34.92
C UNK Q 143 68.18 10.25 34.98
N UNK Q 144 68.95 10.16 33.91
CA UNK Q 144 70.20 10.88 33.81
C UNK Q 144 69.99 12.26 33.21
N UNK R 1 44.61 -45.20 18.69
CA UNK R 1 44.87 -44.76 20.05
C UNK R 1 45.92 -43.68 20.03
N UNK R 2 47.08 -44.07 19.52
CA UNK R 2 48.16 -43.13 19.27
C UNK R 2 47.82 -42.15 18.15
N UNK R 3 46.99 -42.57 17.19
CA UNK R 3 46.45 -41.68 16.19
C UNK R 3 45.51 -40.63 16.81
N UNK R 4 44.74 -41.03 17.82
CA UNK R 4 43.82 -40.11 18.47
C UNK R 4 44.54 -39.11 19.36
N UNK R 5 45.61 -39.57 20.02
CA UNK R 5 46.46 -38.66 20.78
C UNK R 5 47.26 -37.75 19.87
N UNK R 6 47.60 -38.23 18.67
CA UNK R 6 48.27 -37.39 17.68
C UNK R 6 47.33 -36.35 17.10
N UNK R 7 46.06 -36.68 16.92
CA UNK R 7 45.09 -35.72 16.40
C UNK R 7 44.72 -34.66 17.42
N UNK R 8 44.65 -35.05 18.70
CA UNK R 8 44.42 -34.08 19.75
C UNK R 8 45.63 -33.18 19.97
N UNK R 9 46.83 -33.74 19.78
CA UNK R 9 48.05 -32.96 19.80
C UNK R 9 48.12 -32.00 18.62
N UNK R 10 47.58 -32.39 17.46
CA UNK R 10 47.58 -31.50 16.31
C UNK R 10 46.58 -30.38 16.43
N UNK R 11 45.45 -30.63 17.10
CA UNK R 11 44.46 -29.57 17.33
C UNK R 11 44.97 -28.54 18.34
N UNK R 12 45.59 -29.03 19.42
CA UNK R 12 46.17 -28.15 20.42
C UNK R 12 47.41 -27.43 19.89
N UNK R 13 48.13 -28.08 18.99
CA UNK R 13 49.28 -27.46 18.36
C UNK R 13 48.88 -26.40 17.37
N UNK R 14 47.74 -26.58 16.70
CA UNK R 14 47.27 -25.57 15.77
C UNK R 14 46.78 -24.33 16.48
N UNK R 15 46.15 -24.52 17.65
CA UNK R 15 45.77 -23.38 18.48
C UNK R 15 46.98 -22.69 19.08
N UNK R 16 47.99 -23.47 19.46
CA UNK R 16 49.22 -22.90 20.01
C UNK R 16 50.06 -22.22 18.96
N UNK R 17 49.98 -22.69 17.71
CA UNK R 17 50.73 -22.07 16.64
C UNK R 17 50.09 -20.78 16.19
N UNK R 18 48.76 -20.71 16.21
CA UNK R 18 48.09 -19.47 15.85
C UNK R 18 48.25 -18.42 16.94
N UNK R 19 48.26 -18.86 18.20
CA UNK R 19 48.52 -17.94 19.30
C UNK R 19 49.97 -17.47 19.32
N UNK R 20 50.91 -18.35 18.94
CA UNK R 20 52.30 -17.92 18.87
C UNK R 20 52.58 -17.10 17.62
N UNK R 21 51.74 -17.19 16.60
CA UNK R 21 51.94 -16.37 15.42
C UNK R 21 51.27 -15.01 15.52
N UNK R 22 50.28 -14.86 16.40
CA UNK R 22 49.66 -13.56 16.59
C UNK R 22 50.58 -12.62 17.36
N UNK R 23 50.50 -11.32 17.01
CA UNK R 23 51.40 -10.33 17.59
C UNK R 23 50.72 -8.97 17.54
N UNK R 24 50.38 -8.42 18.70
CA UNK R 24 49.70 -7.13 18.75
C UNK R 24 50.66 -5.99 18.47
N UNK R 25 50.14 -4.90 17.93
CA UNK R 25 50.98 -3.86 17.38
C UNK R 25 51.52 -2.94 18.46
N UNK R 26 52.25 -1.92 18.05
CA UNK R 26 52.69 -0.89 18.96
C UNK R 26 51.53 0.02 19.33
N UNK R 27 51.64 0.68 20.47
CA UNK R 27 50.67 1.70 20.84
C UNK R 27 51.42 2.88 21.43
N UNK R 28 51.31 4.03 20.79
CA UNK R 28 52.06 5.22 21.19
C UNK R 28 51.08 6.20 21.80
N UNK R 29 50.85 6.09 23.10
CA UNK R 29 49.98 7.01 23.80
C UNK R 29 50.71 8.31 24.07
N UNK R 30 50.15 9.41 23.60
CA UNK R 30 50.78 10.72 23.77
C UNK R 30 49.81 11.61 24.51
N UNK R 31 50.28 12.23 25.60
CA UNK R 31 49.41 12.95 26.52
C UNK R 31 49.97 14.34 26.77
N UNK R 32 49.27 15.36 26.29
CA UNK R 32 49.69 16.73 26.49
C UNK R 32 49.05 17.32 27.73
N UNK S 1 -26.62 -39.70 58.60
CA UNK S 1 -25.95 -38.87 57.62
C UNK S 1 -25.08 -37.85 58.32
N UNK S 2 -25.33 -37.71 59.63
CA UNK S 2 -24.61 -36.73 60.44
C UNK S 2 -23.17 -37.16 60.66
N UNK S 3 -22.93 -38.47 60.74
CA UNK S 3 -21.56 -38.98 60.80
C UNK S 3 -20.85 -38.80 59.47
N UNK S 4 -21.60 -38.86 58.36
CA UNK S 4 -21.03 -38.61 57.04
C UNK S 4 -20.66 -37.16 56.88
N UNK S 5 -21.46 -36.27 57.45
CA UNK S 5 -21.14 -34.85 57.44
C UNK S 5 -19.97 -34.52 58.37
N UNK S 6 -19.88 -35.24 59.50
CA UNK S 6 -18.81 -35.01 60.45
C UNK S 6 -17.47 -35.49 59.92
N UNK S 7 -17.48 -36.64 59.25
CA UNK S 7 -16.28 -37.12 58.58
C UNK S 7 -15.94 -36.31 57.34
N UNK S 8 -16.95 -35.69 56.71
CA UNK S 8 -16.69 -34.83 55.56
C UNK S 8 -16.02 -33.54 55.97
N UNK S 9 -16.46 -32.95 57.09
CA UNK S 9 -15.83 -31.74 57.59
C UNK S 9 -14.45 -32.02 58.15
N UNK S 10 -14.25 -33.22 58.72
CA UNK S 10 -12.93 -33.62 59.16
C UNK S 10 -12.00 -33.89 58.00
N UNK S 11 -12.55 -34.40 56.90
CA UNK S 11 -11.74 -34.69 55.72
C UNK S 11 -11.37 -33.42 54.98
N UNK S 12 -12.30 -32.46 54.91
CA UNK S 12 -11.99 -31.20 54.27
C UNK S 12 -11.09 -30.34 55.14
N UNK S 13 -11.16 -30.52 56.46
CA UNK S 13 -10.24 -29.86 57.34
C UNK S 13 -8.85 -30.46 57.26
N UNK S 14 -8.75 -31.76 56.99
CA UNK S 14 -7.44 -32.31 56.74
C UNK S 14 -6.94 -31.97 55.36
N UNK S 15 -7.85 -31.71 54.43
CA UNK S 15 -7.43 -31.47 53.06
C UNK S 15 -6.97 -30.02 52.87
N UNK S 16 -7.73 -29.06 53.40
CA UNK S 16 -7.52 -27.67 53.01
C UNK S 16 -6.32 -27.05 53.70
N UNK S 17 -6.39 -26.90 55.01
CA UNK S 17 -5.19 -26.59 55.76
C UNK S 17 -4.52 -27.94 55.95
N UNK S 18 -3.62 -28.28 55.03
CA UNK S 18 -3.14 -29.65 54.89
C UNK S 18 -2.12 -29.99 55.94
N UNK S 19 -1.17 -29.12 56.17
CA UNK S 19 -0.20 -29.33 57.24
C UNK S 19 -0.85 -29.06 58.58
N UNK S 20 -0.37 -29.76 59.61
CA UNK S 20 -0.93 -29.62 60.94
C UNK S 20 -0.50 -28.31 61.56
N UNK S 21 -1.29 -27.86 62.52
CA UNK S 21 -1.06 -26.59 63.18
C UNK S 21 0.16 -26.59 64.07
N UNK S 22 0.59 -27.75 64.56
CA UNK S 22 1.90 -27.86 65.19
C UNK S 22 3.00 -28.03 64.17
N UNK S 23 2.68 -28.67 63.05
CA UNK S 23 3.68 -28.98 62.05
C UNK S 23 4.12 -27.76 61.28
N UNK S 24 3.26 -26.74 61.20
CA UNK S 24 3.65 -25.48 60.59
C UNK S 24 4.67 -24.74 61.44
N UNK S 25 4.55 -24.84 62.76
CA UNK S 25 5.55 -24.24 63.63
C UNK S 25 6.83 -25.05 63.63
N UNK S 26 6.69 -26.37 63.44
CA UNK S 26 7.86 -27.22 63.30
C UNK S 26 8.59 -26.96 62.00
N UNK S 27 7.86 -26.65 60.93
CA UNK S 27 8.49 -26.34 59.67
C UNK S 27 9.07 -24.94 59.67
N UNK S 28 8.50 -24.03 60.46
CA UNK S 28 9.08 -22.70 60.55
C UNK S 28 10.36 -22.71 61.36
N UNK S 29 10.44 -23.59 62.38
CA UNK S 29 11.70 -23.75 63.09
C UNK S 29 12.72 -24.48 62.25
N UNK S 30 12.26 -25.38 61.37
CA UNK S 30 13.14 -26.04 60.42
C UNK S 30 13.67 -25.07 59.38
N UNK S 31 12.83 -24.11 58.96
CA UNK S 31 13.24 -23.12 57.97
C UNK S 31 14.19 -22.11 58.55
N UNK S 32 13.97 -21.72 59.81
CA UNK S 32 14.87 -20.77 60.43
C UNK S 32 16.19 -21.38 60.83
N UNK S 33 16.19 -22.67 61.20
CA UNK S 33 17.44 -23.37 61.43
C UNK S 33 18.20 -23.60 60.14
N UNK S 34 17.46 -23.82 59.05
CA UNK S 34 18.05 -23.89 57.73
C UNK S 34 18.62 -22.57 57.29
N UNK S 35 17.98 -21.47 57.70
CA UNK S 35 18.46 -20.17 57.34
C UNK S 35 19.70 -19.77 58.15
N UNK S 36 19.80 -20.22 59.40
CA UNK S 36 21.04 -19.98 60.16
C UNK S 36 22.17 -20.85 59.65
N UNK S 37 21.82 -22.05 59.16
CA UNK S 37 22.81 -22.94 58.58
C UNK S 37 23.30 -22.43 57.24
N UNK S 38 22.43 -21.80 56.45
CA UNK S 38 22.91 -21.19 55.22
C UNK S 38 23.58 -19.85 55.50
N UNK S 39 23.27 -19.26 56.65
CA UNK S 39 23.79 -17.97 57.01
C UNK S 39 25.23 -17.99 57.42
N UNK S 40 25.62 -18.97 58.21
CA UNK S 40 26.85 -18.89 58.98
C UNK S 40 28.11 -19.04 58.13
N UNK S 41 29.18 -18.43 58.59
CA UNK S 41 30.44 -18.52 57.89
C UNK S 41 31.10 -19.86 58.17
N UNK S 42 32.13 -20.17 57.39
CA UNK S 42 33.04 -21.19 57.82
C UNK S 42 33.85 -20.67 58.99
N UNK S 43 34.37 -21.63 59.78
CA UNK S 43 34.40 -21.64 61.25
C UNK S 43 34.67 -20.32 61.98
N UNK S 44 35.72 -19.61 61.62
CA UNK S 44 36.05 -18.35 62.26
C UNK S 44 35.20 -17.25 61.65
N UNK S 45 34.28 -16.71 62.43
CA UNK S 45 33.65 -15.46 62.05
C UNK S 45 34.70 -14.38 62.20
N UNK S 46 35.29 -13.98 61.06
CA UNK S 46 36.60 -13.33 60.97
C UNK S 46 36.54 -11.92 61.50
N UNK S 47 37.01 -11.76 62.75
CA UNK S 47 36.54 -10.73 63.67
C UNK S 47 37.08 -9.36 63.29
N UNK S 48 36.36 -8.36 63.77
CA UNK S 48 36.55 -6.99 63.33
C UNK S 48 37.79 -6.40 63.96
N UNK S 49 38.32 -5.38 63.31
CA UNK S 49 39.44 -4.61 63.80
C UNK S 49 39.40 -3.27 63.12
N UNK S 50 40.06 -2.31 63.72
CA UNK S 50 40.54 -1.14 63.02
C UNK S 50 42.05 -1.16 63.14
N UNK S 51 42.70 -0.31 62.37
CA UNK S 51 44.15 -0.29 62.37
C UNK S 51 44.63 1.07 61.97
N UNK S 52 45.92 1.30 62.19
CA UNK S 52 46.62 2.42 61.59
C UNK S 52 48.01 1.95 61.24
N UNK S 53 48.56 2.54 60.19
CA UNK S 53 49.89 2.17 59.76
C UNK S 53 50.52 3.38 59.09
N UNK S 54 51.79 3.60 59.38
CA UNK S 54 52.51 4.59 58.61
C UNK S 54 52.92 3.96 57.30
N UNK S 55 53.18 4.82 56.33
CA UNK S 55 53.66 4.39 55.04
C UNK S 55 55.07 4.90 54.85
N UNK S 56 55.92 4.06 54.28
CA UNK S 56 57.28 4.48 53.98
C UNK S 56 57.30 5.09 52.59
N UNK S 57 58.50 5.42 52.10
CA UNK S 57 58.57 5.92 50.74
C UNK S 57 59.71 5.30 49.95
N UNK S 58 60.78 4.87 50.62
CA UNK S 58 62.01 4.60 49.89
C UNK S 58 62.04 3.20 49.27
N UNK S 59 62.16 2.19 50.12
CA UNK S 59 62.07 0.79 49.69
C UNK S 59 61.65 0.00 50.93
N UNK S 60 60.37 -0.27 51.04
CA UNK S 60 59.89 -1.07 52.14
C UNK S 60 58.76 -1.94 51.63
N UNK S 61 58.04 -2.57 52.55
CA UNK S 61 56.87 -3.33 52.16
C UNK S 61 55.74 -2.39 51.81
N UNK S 62 54.98 -2.75 50.79
CA UNK S 62 53.73 -2.05 50.53
C UNK S 62 52.73 -2.42 51.62
N UNK S 63 51.88 -1.46 51.98
CA UNK S 63 51.02 -1.61 53.15
C UNK S 63 49.87 -2.57 52.87
N UNK S 64 49.70 -3.53 53.75
CA UNK S 64 48.72 -4.58 53.55
C UNK S 64 47.41 -4.19 54.22
N UNK S 65 46.33 -4.26 53.47
CA UNK S 65 45.00 -4.01 54.01
C UNK S 65 44.21 -5.30 53.93
N UNK S 66 43.79 -5.82 55.08
CA UNK S 66 43.14 -7.12 55.14
C UNK S 66 41.64 -6.92 55.12
N UNK S 67 41.03 -7.08 53.96
CA UNK S 67 39.60 -6.87 53.83
C UNK S 67 38.89 -8.23 53.82
N UNK S 68 37.57 -8.21 53.64
CA UNK S 68 36.77 -9.42 53.54
C UNK S 68 35.60 -9.13 52.61
N UNK S 69 34.59 -9.99 52.61
CA UNK S 69 33.42 -9.71 51.77
C UNK S 69 32.49 -8.65 52.37
N UNK S 70 32.64 -8.31 53.65
CA UNK S 70 32.05 -7.13 54.25
C UNK S 70 32.87 -5.90 53.87
N UNK S 71 32.32 -4.72 54.13
CA UNK S 71 32.92 -3.47 53.66
C UNK S 71 34.10 -3.09 54.53
N UNK S 72 34.89 -2.14 54.03
CA UNK S 72 36.09 -1.70 54.72
C UNK S 72 36.41 -0.29 54.27
N UNK S 73 37.15 0.43 55.11
CA UNK S 73 37.43 1.82 54.84
C UNK S 73 38.91 2.08 54.93
N UNK S 74 39.45 2.79 53.96
CA UNK S 74 40.82 3.24 54.00
C UNK S 74 40.75 4.74 54.19
N UNK S 75 41.00 5.17 55.42
CA UNK S 75 41.08 6.59 55.72
C UNK S 75 42.53 7.00 55.62
N UNK S 76 42.87 7.76 54.59
CA UNK S 76 44.20 8.31 54.50
C UNK S 76 44.33 9.49 55.44
N UNK S 77 45.59 9.83 55.76
CA UNK S 77 45.89 11.06 56.49
C UNK S 77 45.52 12.26 55.62
N UNK S 78 45.22 13.38 56.29
CA UNK S 78 44.15 14.33 55.92
C UNK S 78 44.26 15.03 54.56
N UNK S 79 45.34 14.84 53.80
CA UNK S 79 45.35 15.19 52.39
C UNK S 79 44.43 14.27 51.60
N UNK S 80 43.95 14.78 50.48
CA UNK S 80 42.94 14.10 49.70
C UNK S 80 43.57 13.15 48.68
N UNK S 81 42.89 12.04 48.44
CA UNK S 81 43.27 11.11 47.39
C UNK S 81 42.93 11.75 46.06
N UNK S 82 43.81 11.62 45.08
CA UNK S 82 43.52 12.20 43.77
C UNK S 82 43.00 11.18 42.78
N UNK S 83 43.58 9.98 42.74
CA UNK S 83 43.14 8.97 41.80
C UNK S 83 43.40 7.59 42.38
N UNK S 84 42.37 6.76 42.34
CA UNK S 84 42.54 5.35 42.63
C UNK S 84 42.87 4.66 41.32
N UNK S 85 43.65 3.60 41.40
CA UNK S 85 43.84 2.70 40.26
C UNK S 85 43.87 1.30 40.81
N UNK S 86 42.79 0.56 40.60
CA UNK S 86 42.60 -0.74 41.20
C UNK S 86 42.70 -1.82 40.14
N UNK S 87 42.87 -3.04 40.61
CA UNK S 87 42.76 -4.23 39.79
C UNK S 87 41.35 -4.78 40.00
N UNK S 88 40.43 -4.36 39.13
CA UNK S 88 38.99 -4.43 39.34
C UNK S 88 38.46 -5.85 39.17
N UNK S 89 37.15 -5.98 39.38
CA UNK S 89 36.34 -7.20 39.48
C UNK S 89 36.84 -8.17 40.53
N UNK S 90 37.43 -7.64 41.58
CA UNK S 90 37.67 -8.37 42.80
C UNK S 90 37.36 -7.52 44.01
N UNK S 91 37.23 -6.21 43.83
CA UNK S 91 37.04 -5.28 44.92
C UNK S 91 36.39 -4.03 44.35
N UNK S 92 35.33 -3.54 44.99
CA UNK S 92 34.63 -2.34 44.54
C UNK S 92 35.03 -1.21 45.47
N UNK S 93 35.78 -0.25 44.93
CA UNK S 93 36.30 0.84 45.73
C UNK S 93 35.41 2.05 45.51
N UNK S 94 34.40 2.20 46.35
CA UNK S 94 33.51 3.34 46.28
C UNK S 94 34.20 4.50 46.98
N UNK S 95 34.38 5.59 46.25
CA UNK S 95 34.96 6.83 46.78
C UNK S 95 34.56 7.98 45.90
N UNK S 96 34.45 9.14 46.52
CA UNK S 96 34.31 10.40 45.83
C UNK S 96 35.69 11.02 45.66
N UNK S 97 35.70 12.35 45.55
CA UNK S 97 36.90 13.19 45.64
C UNK S 97 37.24 13.59 47.08
N UNK S 98 36.96 12.75 48.06
CA UNK S 98 37.30 12.97 49.46
C UNK S 98 38.65 12.35 49.77
N UNK S 99 38.96 12.17 51.05
CA UNK S 99 40.24 11.64 51.49
C UNK S 99 40.13 10.26 52.11
N UNK S 100 39.05 9.53 51.81
CA UNK S 100 38.87 8.19 52.36
C UNK S 100 38.10 7.35 51.38
N UNK S 101 38.62 6.17 51.07
CA UNK S 101 38.06 5.30 50.02
C UNK S 101 37.55 4.03 50.66
N UNK S 102 36.27 3.72 50.49
CA UNK S 102 35.71 2.54 51.12
C UNK S 102 35.73 1.42 50.10
N UNK S 103 36.49 0.37 50.37
CA UNK S 103 36.59 -0.77 49.48
C UNK S 103 35.75 -1.91 50.04
N UNK S 104 35.10 -2.65 49.16
CA UNK S 104 34.33 -3.82 49.55
C UNK S 104 34.73 -4.94 48.62
N UNK S 105 35.36 -5.97 49.14
CA UNK S 105 35.99 -6.95 48.29
C UNK S 105 34.95 -7.97 47.85
N UNK S 106 34.74 -8.06 46.53
CA UNK S 106 33.75 -8.94 45.95
C UNK S 106 34.16 -10.39 46.01
N UNK S 107 35.44 -10.67 45.79
CA UNK S 107 35.92 -12.04 45.77
C UNK S 107 36.04 -12.60 47.18
N UNK S 108 36.02 -13.92 47.29
CA UNK S 108 36.07 -14.54 48.60
C UNK S 108 37.49 -14.64 49.11
N UNK S 109 38.43 -14.92 48.22
CA UNK S 109 39.85 -14.93 48.54
C UNK S 109 40.57 -14.57 47.24
N UNK S 110 41.27 -13.43 47.25
CA UNK S 110 42.13 -12.98 46.15
C UNK S 110 43.07 -11.91 46.68
N UNK S 111 44.29 -11.91 46.17
CA UNK S 111 45.19 -10.80 46.40
C UNK S 111 44.85 -9.69 45.41
N UNK S 112 45.31 -8.49 45.70
CA UNK S 112 45.04 -7.32 44.90
C UNK S 112 46.09 -6.27 45.21
N UNK S 113 46.34 -5.37 44.26
CA UNK S 113 47.33 -4.33 44.49
C UNK S 113 46.77 -2.99 44.05
N UNK S 114 46.08 -2.30 44.95
CA UNK S 114 45.53 -0.99 44.63
C UNK S 114 46.62 0.05 44.65
N UNK S 115 46.37 1.18 44.01
CA UNK S 115 47.36 2.25 44.00
C UNK S 115 46.65 3.59 44.10
N UNK S 116 46.91 4.31 45.17
CA UNK S 116 46.31 5.61 45.41
C UNK S 116 47.36 6.67 45.12
N UNK S 117 47.05 7.53 44.17
CA UNK S 117 47.76 8.78 44.01
C UNK S 117 46.98 9.79 44.85
N UNK S 118 47.62 10.34 45.86
CA UNK S 118 47.05 11.40 46.69
C UNK S 118 47.46 12.74 46.10
N UNK S 119 47.33 13.83 46.85
CA UNK S 119 47.93 15.09 46.41
C UNK S 119 49.40 15.11 46.82
N UNK S 120 50.21 14.40 46.04
CA UNK S 120 51.65 14.22 46.22
C UNK S 120 52.22 13.84 44.86
N UNK S 121 53.44 13.33 44.83
CA UNK S 121 54.05 12.99 43.55
C UNK S 121 54.84 11.70 43.56
N UNK S 122 54.64 10.85 44.56
CA UNK S 122 55.18 9.49 44.55
C UNK S 122 54.04 8.63 45.04
N UNK S 123 53.30 8.06 44.10
CA UNK S 123 51.98 7.54 44.37
C UNK S 123 52.05 6.22 45.13
N UNK S 124 51.26 6.12 46.19
CA UNK S 124 51.37 5.00 47.08
C UNK S 124 50.68 3.79 46.50
N UNK S 125 51.29 2.64 46.70
CA UNK S 125 50.60 1.40 46.41
C UNK S 125 50.13 0.82 47.73
N UNK S 126 49.26 -0.16 47.64
CA UNK S 126 48.72 -0.82 48.82
C UNK S 126 48.27 -2.20 48.42
N UNK S 127 48.72 -3.21 49.13
CA UNK S 127 48.35 -4.58 48.78
C UNK S 127 47.10 -4.95 49.57
N UNK S 128 45.99 -5.09 48.88
CA UNK S 128 44.76 -5.52 49.51
C UNK S 128 44.71 -7.03 49.47
N UNK S 129 44.44 -7.63 50.60
CA UNK S 129 44.30 -9.07 50.67
C UNK S 129 42.95 -9.41 51.23
N UNK S 130 42.26 -10.31 50.57
CA UNK S 130 40.98 -10.77 51.07
C UNK S 130 41.22 -11.80 52.17
N UNK S 131 40.25 -11.89 53.08
CA UNK S 131 39.94 -13.03 53.94
C UNK S 131 40.99 -13.39 54.98
N UNK S 132 42.01 -12.57 55.21
CA UNK S 132 43.11 -12.97 56.07
C UNK S 132 42.79 -12.65 57.53
N UNK S 133 41.94 -13.49 58.12
CA UNK S 133 41.80 -13.75 59.56
C UNK S 133 41.32 -12.62 60.47
N UNK S 134 41.14 -11.40 59.95
CA UNK S 134 40.62 -10.25 60.68
C UNK S 134 40.16 -9.26 59.63
N UNK S 135 39.07 -8.56 59.94
CA UNK S 135 38.50 -7.62 59.00
C UNK S 135 38.88 -6.22 59.39
N UNK S 136 39.69 -5.56 58.58
CA UNK S 136 40.12 -4.21 58.89
C UNK S 136 39.04 -3.26 58.43
N UNK S 137 38.11 -2.93 59.32
CA UNK S 137 36.96 -2.10 58.96
C UNK S 137 37.32 -0.64 58.80
N UNK S 138 38.41 -0.19 59.39
CA UNK S 138 38.96 1.14 59.12
C UNK S 138 40.45 1.09 59.31
N UNK S 139 41.20 1.23 58.23
CA UNK S 139 42.65 1.35 58.33
C UNK S 139 43.03 2.78 58.07
N UNK S 140 43.87 3.32 58.94
CA UNK S 140 44.27 4.72 58.88
C UNK S 140 45.69 4.80 58.37
N UNK S 141 45.85 5.28 57.15
CA UNK S 141 47.16 5.37 56.53
C UNK S 141 47.79 6.71 56.90
N UNK S 142 48.79 6.68 57.75
CA UNK S 142 49.58 7.87 58.05
C UNK S 142 50.71 7.89 57.03
N UNK S 143 50.61 8.79 56.06
CA UNK S 143 51.60 8.85 55.01
C UNK S 143 52.84 9.58 55.49
N UNK S 144 53.92 9.40 54.74
CA UNK S 144 55.18 10.09 55.04
C UNK S 144 55.23 11.44 54.35
N UNK T 1 33.32 -45.80 34.12
CA UNK T 1 33.03 -45.28 35.45
C UNK T 1 34.07 -44.24 35.81
N UNK T 2 35.32 -44.70 35.82
CA UNK T 2 36.46 -43.82 36.00
C UNK T 2 36.65 -42.91 34.80
N UNK T 3 36.25 -43.36 33.61
CA UNK T 3 36.21 -42.50 32.43
C UNK T 3 35.17 -41.40 32.58
N UNK T 4 34.03 -41.70 33.21
CA UNK T 4 32.98 -40.70 33.39
C UNK T 4 33.35 -39.68 34.45
N UNK T 5 34.03 -40.14 35.52
CA UNK T 5 34.55 -39.20 36.51
C UNK T 5 35.70 -38.38 35.96
N UNK T 6 36.47 -38.96 35.03
CA UNK T 6 37.52 -38.21 34.35
C UNK T 6 36.96 -37.16 33.41
N UNK T 7 35.84 -37.47 32.74
CA UNK T 7 35.23 -36.50 31.83
C UNK T 7 34.55 -35.37 32.58
N UNK T 8 33.95 -35.67 33.72
CA UNK T 8 33.37 -34.63 34.55
C UNK T 8 34.44 -33.77 35.20
N UNK T 9 35.57 -34.38 35.53
CA UNK T 9 36.73 -33.64 36.01
C UNK T 9 37.33 -32.76 34.92
N UNK T 10 37.28 -33.20 33.67
CA UNK T 10 37.79 -32.39 32.57
C UNK T 10 36.90 -31.22 32.23
N UNK T 11 35.58 -31.39 32.40
CA UNK T 11 34.65 -30.29 32.17
C UNK T 11 34.77 -29.22 33.25
N UNK T 12 34.86 -29.66 34.51
CA UNK T 12 35.05 -28.73 35.62
C UNK T 12 36.43 -28.11 35.61
N UNK T 13 37.42 -28.83 35.10
CA UNK T 13 38.75 -28.30 34.97
C UNK T 13 38.86 -27.30 33.85
N UNK T 14 38.07 -27.46 32.79
CA UNK T 14 38.08 -26.50 31.70
C UNK T 14 37.41 -25.20 32.11
N UNK T 15 36.36 -25.29 32.92
CA UNK T 15 35.74 -24.09 33.48
C UNK T 15 36.65 -23.41 34.50
N UNK T 16 37.38 -24.20 35.29
CA UNK T 16 38.30 -23.65 36.26
C UNK T 16 39.53 -23.07 35.60
N UNK T 17 39.93 -23.61 34.46
CA UNK T 17 41.09 -23.07 33.76
C UNK T 17 40.76 -21.80 33.03
N UNK T 18 39.54 -21.68 32.51
CA UNK T 18 39.14 -20.43 31.85
C UNK T 18 38.91 -19.33 32.88
N UNK T 19 38.39 -19.69 34.04
CA UNK T 19 38.25 -18.72 35.12
C UNK T 19 39.59 -18.30 35.70
N UNK T 20 40.54 -19.22 35.77
CA UNK T 20 41.87 -18.85 36.24
C UNK T 20 42.67 -18.13 35.19
N UNK T 21 42.32 -18.25 33.91
CA UNK T 21 43.02 -17.51 32.89
C UNK T 21 42.45 -16.12 32.66
N UNK T 22 41.20 -15.88 33.05
CA UNK T 22 40.63 -14.55 32.92
C UNK T 22 41.21 -13.59 33.95
N UNK T 23 41.36 -12.33 33.55
CA UNK T 23 42.01 -11.33 34.40
C UNK T 23 41.48 -9.96 34.01
N UNK T 24 40.75 -9.31 34.91
CA UNK T 24 40.18 -8.01 34.63
C UNK T 24 41.24 -6.93 34.72
N UNK T 25 41.04 -5.86 33.97
CA UNK T 25 42.09 -4.88 33.77
C UNK T 25 42.19 -3.91 34.93
N UNK T 26 43.10 -2.95 34.81
CA UNK T 26 43.19 -1.88 35.78
C UNK T 26 42.03 -0.92 35.60
N UNK T 27 41.71 -0.19 36.66
CA UNK T 27 40.73 0.89 36.57
C UNK T 27 41.25 2.07 37.36
N UNK T 28 41.48 3.19 36.68
CA UNK T 28 42.07 4.38 37.30
C UNK T 28 40.99 5.43 37.42
N UNK T 29 40.25 5.40 38.51
CA UNK T 29 39.23 6.40 38.76
C UNK T 29 39.87 7.68 39.26
N UNK T 30 39.61 8.78 38.55
CA UNK T 30 40.19 10.07 38.90
C UNK T 30 39.06 11.04 39.15
N UNK T 31 39.08 11.70 40.31
CA UNK T 31 37.96 12.52 40.77
C UNK T 31 38.46 13.90 41.17
N UNK T 32 38.07 14.91 40.40
CA UNK T 32 38.46 16.27 40.70
C UNK T 32 37.41 16.96 41.54
N UNK U 1 -46.73 -35.80 47.50
CA UNK U 1 -45.73 -35.03 46.78
C UNK U 1 -45.09 -34.01 47.71
N UNK U 2 -45.75 -33.80 48.84
CA UNK U 2 -45.30 -32.82 49.81
C UNK U 2 -44.04 -33.28 50.52
N UNK U 3 -43.91 -34.59 50.72
CA UNK U 3 -42.68 -35.15 51.25
C UNK U 3 -41.54 -35.07 50.24
N UNK U 4 -41.88 -35.14 48.95
CA UNK U 4 -40.88 -34.98 47.89
C UNK U 4 -40.41 -33.55 47.80
N UNK U 5 -41.31 -32.61 48.05
CA UNK U 5 -40.94 -31.20 48.09
C UNK U 5 -40.13 -30.87 49.34
N UNK U 6 -40.46 -31.53 50.46
CA UNK U 6 -39.76 -31.29 51.72
C UNK U 6 -38.34 -31.86 51.69
N UNK U 7 -38.18 -33.03 51.10
CA UNK U 7 -36.86 -33.59 50.88
C UNK U 7 -36.09 -32.85 49.81
N UNK U 8 -36.79 -32.23 48.85
CA UNK U 8 -36.12 -31.44 47.83
C UNK U 8 -35.56 -30.15 48.40
N UNK U 9 -36.32 -29.49 49.27
CA UNK U 9 -35.83 -28.28 49.93
C UNK U 9 -34.74 -28.58 50.92
N UNK U 10 -34.80 -29.75 51.57
CA UNK U 10 -33.72 -30.18 52.44
C UNK U 10 -32.48 -30.54 51.66
N UNK U 11 -32.64 -31.09 50.47
CA UNK U 11 -31.50 -31.46 49.64
C UNK U 11 -30.84 -30.24 49.02
N UNK U 12 -31.65 -29.26 48.61
CA UNK U 12 -31.08 -28.04 48.07
C UNK U 12 -30.48 -27.18 49.17
N UNK U 13 -31.00 -27.29 50.39
CA UNK U 13 -30.40 -26.61 51.51
C UNK U 13 -29.09 -27.26 51.91
N UNK U 14 -28.97 -28.58 51.74
CA UNK U 14 -27.68 -29.19 51.97
C UNK U 14 -26.73 -28.94 50.82
N UNK U 15 -27.27 -28.69 49.64
CA UNK U 15 -26.41 -28.52 48.48
C UNK U 15 -25.83 -27.12 48.41
N UNK U 16 -26.67 -26.10 48.62
CA UNK U 16 -26.28 -24.74 48.27
C UNK U 16 -25.35 -24.12 49.31
N UNK U 17 -25.85 -23.91 50.51
CA UNK U 17 -24.95 -23.62 51.62
C UNK U 17 -24.45 -24.97 52.06
N UNK U 18 -23.31 -25.38 51.52
CA UNK U 18 -22.89 -26.77 51.59
C UNK U 18 -22.30 -27.11 52.94
N UNK U 19 -21.43 -26.26 53.45
CA UNK U 19 -20.89 -26.45 54.78
C UNK U 19 -21.95 -26.10 55.81
N UNK U 20 -21.86 -26.76 56.96
CA UNK U 20 -22.83 -26.55 58.02
C UNK U 20 -22.57 -25.22 58.70
N UNK U 21 -23.62 -24.70 59.33
CA UNK U 21 -23.55 -23.40 59.99
C UNK U 21 -22.70 -23.40 61.24
N UNK U 22 -22.51 -24.55 61.88
CA UNK U 22 -21.51 -24.67 62.92
C UNK U 22 -20.14 -24.94 62.34
N UNK U 23 -20.10 -25.61 61.19
CA UNK U 23 -18.83 -26.01 60.60
C UNK U 23 -18.10 -24.85 59.97
N UNK U 24 -18.83 -23.81 59.58
CA UNK U 24 -18.20 -22.60 59.10
C UNK U 24 -17.49 -21.85 60.21
N UNK U 25 -18.04 -21.87 61.42
CA UNK U 25 -17.37 -21.27 62.56
C UNK U 25 -16.21 -22.13 63.01
N UNK U 26 -16.34 -23.45 62.84
CA UNK U 26 -15.23 -24.34 63.13
C UNK U 26 -14.09 -24.17 62.14
N UNK U 27 -14.41 -23.89 60.88
CA UNK U 27 -13.37 -23.66 59.89
C UNK U 27 -12.75 -22.29 60.04
N UNK U 28 -13.51 -21.32 60.56
CA UNK U 28 -12.94 -20.00 60.80
C UNK U 28 -12.00 -20.03 62.00
N UNK U 29 -12.31 -20.85 63.00
CA UNK U 29 -11.38 -21.04 64.11
C UNK U 29 -10.16 -21.83 63.69
N UNK U 30 -10.35 -22.75 62.73
CA UNK U 30 -9.23 -23.50 62.15
C UNK U 30 -8.34 -22.59 61.32
N UNK U 31 -8.95 -21.63 60.61
CA UNK U 31 -8.19 -20.70 59.78
C UNK U 31 -7.43 -19.71 60.62
N UNK U 32 -8.03 -19.26 61.72
CA UNK U 32 -7.35 -18.29 62.57
C UNK U 32 -6.27 -18.94 63.41
N UNK U 33 -6.46 -20.20 63.80
CA UNK U 33 -5.40 -20.93 64.47
C UNK U 33 -4.27 -21.26 63.52
N UNK U 34 -4.60 -21.49 62.25
CA UNK U 34 -3.61 -21.67 61.20
C UNK U 34 -2.86 -20.37 60.92
N UNK U 35 -3.54 -19.25 61.07
CA UNK U 35 -2.90 -17.97 60.86
C UNK U 35 -1.99 -17.59 62.01
N UNK U 36 -2.34 -17.97 63.25
CA UNK U 36 -1.42 -17.74 64.36
C UNK U 36 -0.22 -18.67 64.30
N UNK U 37 -0.44 -19.88 63.76
CA UNK U 37 0.63 -20.83 63.58
C UNK U 37 1.58 -20.41 62.46
N UNK U 38 1.06 -19.80 61.40
CA UNK U 38 1.94 -19.25 60.39
C UNK U 38 2.54 -17.93 60.83
N UNK U 39 1.90 -17.27 61.78
CA UNK U 39 2.33 -15.98 62.25
C UNK U 39 3.54 -16.04 63.14
N UNK U 40 3.59 -17.00 64.05
CA UNK U 40 4.51 -16.92 65.19
C UNK U 40 5.95 -17.16 64.80
N UNK U 41 6.85 -16.57 65.59
CA UNK U 41 8.27 -16.73 65.36
C UNK U 41 8.72 -18.09 65.88
N UNK U 42 9.93 -18.46 65.50
CA UNK U 42 10.60 -19.50 66.25
C UNK U 42 10.99 -18.94 67.60
N UNK U 43 11.17 -19.88 68.55
CA UNK U 43 10.71 -19.83 69.95
C UNK U 43 10.78 -18.48 70.68
N UNK U 44 11.93 -17.84 70.67
CA UNK U 44 12.08 -16.55 71.35
C UNK U 44 11.54 -15.46 70.44
N UNK U 45 10.44 -14.85 70.85
CA UNK U 45 10.05 -13.60 70.24
C UNK U 45 11.04 -12.55 70.69
N UNK U 46 12.00 -12.23 69.82
CA UNK U 46 13.29 -11.63 70.15
C UNK U 46 13.11 -10.19 70.59
N UNK U 47 13.15 -9.99 71.90
CA UNK U 47 12.46 -8.90 72.58
C UNK U 47 13.15 -7.57 72.37
N UNK U 48 12.37 -6.52 72.53
CA UNK U 48 12.77 -5.19 72.14
C UNK U 48 13.75 -4.61 73.13
N UNK U 49 14.52 -3.64 72.66
CA UNK U 49 15.44 -2.89 73.48
C UNK U 49 15.71 -1.58 72.78
N UNK U 50 16.17 -0.62 73.54
CA UNK U 50 16.92 0.50 73.01
C UNK U 50 18.29 0.43 73.62
N UNK U 51 19.21 1.22 73.08
CA UNK U 51 20.57 1.18 73.58
C UNK U 51 21.24 2.51 73.31
N UNK U 52 22.37 2.69 73.95
CA UNK U 52 23.29 3.76 73.58
C UNK U 52 24.69 3.23 73.74
N UNK U 53 25.60 3.75 72.92
CA UNK U 53 26.98 3.32 72.97
C UNK U 53 27.85 4.47 72.52
N UNK U 54 28.96 4.66 73.21
CA UNK U 54 29.95 5.57 72.70
C UNK U 54 30.74 4.87 71.61
N UNK U 55 31.35 5.67 70.76
CA UNK U 55 32.22 5.16 69.71
C UNK U 55 33.63 5.61 70.01
N UNK U 56 34.58 4.71 69.78
CA UNK U 56 35.98 5.07 69.94
C UNK U 56 36.50 5.61 68.62
N UNK U 57 37.80 5.88 68.55
CA UNK U 57 38.35 6.30 67.28
C UNK U 57 39.65 5.60 66.94
N UNK U 58 40.41 5.17 67.95
CA UNK U 58 41.81 4.82 67.68
C UNK U 58 41.98 3.40 67.16
N UNK U 59 41.74 2.42 68.03
CA UNK U 59 41.74 1.01 67.65
C UNK U 59 40.89 0.29 68.69
N UNK U 60 39.62 0.08 68.37
CA UNK U 60 38.76 -0.65 69.28
C UNK U 60 37.84 -1.50 68.44
N UNK U 61 36.82 -2.07 69.08
CA UNK U 61 35.80 -2.80 68.36
C UNK U 61 34.91 -1.83 67.61
N UNK U 62 34.50 -2.22 66.41
CA UNK U 62 33.46 -1.49 65.73
C UNK U 62 32.15 -1.77 66.43
N UNK U 63 31.27 -0.77 66.44
CA UNK U 63 30.07 -0.81 67.26
C UNK U 63 29.03 -1.74 66.64
N UNK U 64 28.53 -2.67 67.45
CA UNK U 64 27.61 -3.69 66.96
C UNK U 64 26.18 -3.22 67.14
N UNK U 65 25.41 -3.28 66.07
CA UNK U 65 23.98 -2.95 66.12
C UNK U 65 23.21 -4.22 65.82
N UNK U 66 22.41 -4.67 66.78
CA UNK U 66 21.71 -5.94 66.66
C UNK U 66 20.31 -5.69 66.13
N UNK U 67 20.12 -5.87 64.84
CA UNK U 67 18.82 -5.63 64.22
C UNK U 67 18.09 -6.96 64.02
N UNK U 68 16.91 -6.91 63.42
CA UNK U 68 16.13 -8.09 63.09
C UNK U 68 15.35 -7.79 61.81
N UNK U 69 14.36 -8.62 61.49
CA UNK U 69 13.56 -8.34 60.30
C UNK U 69 12.54 -7.22 60.51
N UNK U 70 12.27 -6.83 61.76
CA UNK U 70 11.57 -5.60 62.08
C UNK U 70 12.53 -4.42 61.96
N UNK U 71 11.98 -3.21 61.97
CA UNK U 71 12.76 -2.01 61.71
C UNK U 71 13.61 -1.63 62.90
N UNK U 72 14.57 -0.72 62.68
CA UNK U 72 15.49 -0.30 63.72
C UNK U 72 16.01 1.07 63.35
N UNK U 73 16.45 1.80 64.36
CA UNK U 73 16.88 3.18 64.16
C UNK U 73 18.25 3.38 64.73
N UNK U 74 19.11 4.02 63.97
CA UNK U 74 20.43 4.43 64.46
C UNK U 74 20.36 5.93 64.57
N UNK U 75 20.22 6.41 65.80
CA UNK U 75 20.26 7.84 66.06
C UNK U 75 21.67 8.19 66.45
N UNK U 76 22.37 8.89 65.55
CA UNK U 76 23.69 9.39 65.89
C UNK U 76 23.56 10.61 66.79
N UNK U 77 24.64 10.92 67.50
CA UNK U 77 24.75 12.17 68.24
C UNK U 77 24.74 13.33 67.27
N UNK U 78 24.30 14.50 67.76
CA UNK U 78 23.47 15.46 67.02
C UNK U 78 24.07 16.10 65.76
N UNK U 79 25.32 15.83 65.40
CA UNK U 79 25.82 16.11 64.07
C UNK U 79 25.18 15.19 63.05
N UNK U 80 25.13 15.66 61.83
CA UNK U 80 24.40 14.98 60.77
C UNK U 80 25.29 13.97 60.05
N UNK U 81 24.67 12.87 59.63
CA UNK U 81 25.33 11.88 58.80
C UNK U 81 25.49 12.46 57.41
N UNK U 82 26.65 12.25 56.79
CA UNK U 82 26.83 12.77 55.45
C UNK U 82 26.63 11.73 54.37
N UNK U 83 27.13 10.51 54.57
CA UNK U 83 26.98 9.47 53.57
C UNK U 83 26.96 8.12 54.24
N UNK U 84 25.97 7.32 53.90
CA UNK U 84 25.95 5.92 54.27
C UNK U 84 26.67 5.15 53.18
N UNK U 85 27.33 4.07 53.55
CA UNK U 85 27.84 3.13 52.56
C UNK U 85 27.61 1.75 53.14
N UNK U 86 26.63 1.04 52.60
CA UNK U 86 26.19 -0.23 53.14
C UNK U 86 26.58 -1.36 52.22
N UNK U 87 26.52 -2.57 52.77
CA UNK U 87 26.63 -3.79 51.98
C UNK U 87 25.21 -4.27 51.73
N UNK U 88 24.66 -3.86 50.58
CA UNK U 88 23.24 -3.88 50.30
C UNK U 88 22.72 -5.28 50.01
N UNK U 89 21.40 -5.34 49.78
CA UNK U 89 20.55 -6.54 49.64
C UNK U 89 20.62 -7.47 50.82
N UNK U 90 20.85 -6.92 52.00
CA UNK U 90 20.63 -7.59 53.25
C UNK U 90 19.98 -6.67 54.25
N UNK U 91 19.98 -5.37 54.00
CA UNK U 91 19.47 -4.38 54.93
C UNK U 91 19.12 -3.13 54.14
N UNK U 92 17.94 -2.58 54.36
CA UNK U 92 17.48 -1.38 53.66
C UNK U 92 17.61 -0.21 54.63
N UNK U 93 18.54 0.69 54.35
CA UNK U 93 18.82 1.80 55.23
C UNK U 93 18.11 3.02 54.69
N UNK U 94 16.89 3.25 55.14
CA UNK U 94 16.13 4.42 54.73
C UNK U 94 16.60 5.58 55.58
N UNK U 95 17.07 6.63 54.92
CA UNK U 95 17.51 7.87 55.57
C UNK U 95 17.49 8.99 54.57
N UNK U 96 17.23 10.18 55.08
CA UNK U 96 17.40 11.41 54.35
C UNK U 96 18.77 11.98 54.63
N UNK U 97 18.89 13.29 54.48
CA UNK U 97 20.03 14.10 54.93
C UNK U 97 19.90 14.56 56.39
N UNK U 98 19.26 13.77 57.26
CA UNK U 98 19.11 14.05 58.67
C UNK U 98 20.26 13.40 59.45
N UNK U 99 20.11 13.27 60.76
CA UNK U 99 21.14 12.71 61.62
C UNK U 99 20.75 11.37 62.21
N UNK U 100 19.81 10.66 61.61
CA UNK U 100 19.39 9.36 62.09
C UNK U 100 18.94 8.50 60.93
N UNK U 101 19.48 7.28 60.86
CA UNK U 101 19.26 6.40 59.72
C UNK U 101 18.51 5.16 60.19
N UNK U 102 17.35 4.90 59.61
CA UNK U 102 16.54 3.78 60.06
C UNK U 102 16.85 2.61 59.13
N UNK U 103 17.42 1.55 59.69
CA UNK U 103 17.76 0.36 58.93
C UNK U 103 16.72 -0.72 59.20
N UNK U 104 16.36 -1.48 58.18
CA UNK U 104 15.45 -2.60 58.33
C UNK U 104 16.08 -3.78 57.62
N UNK U 105 16.45 -4.80 58.36
CA UNK U 105 17.28 -5.86 57.80
C UNK U 105 16.39 -6.85 57.06
N UNK U 106 16.64 -6.99 55.76
CA UNK U 106 15.85 -7.86 54.91
C UNK U 106 16.15 -9.33 55.15
N UNK U 107 17.41 -9.66 55.39
CA UNK U 107 17.81 -11.04 55.57
C UNK U 107 17.41 -11.54 56.96
N UNK U 108 17.30 -12.86 57.09
CA UNK U 108 16.87 -13.42 58.37
C UNK U 108 18.03 -13.54 59.34
N UNK U 109 19.21 -13.90 58.82
CA UNK U 109 20.44 -13.95 59.60
C UNK U 109 21.56 -13.66 58.60
N UNK U 110 22.27 -12.55 58.81
CA UNK U 110 23.47 -12.18 58.06
C UNK U 110 24.24 -11.13 58.83
N UNK U 111 25.55 -11.20 58.77
CA UNK U 111 26.38 -10.11 59.25
C UNK U 111 26.44 -9.04 58.16
N UNK U 112 26.84 -7.84 58.56
CA UNK U 112 26.92 -6.70 57.67
C UNK U 112 27.84 -5.67 58.28
N UNK U 113 28.45 -4.84 57.45
CA UNK U 113 29.36 -3.82 57.97
C UNK U 113 29.04 -2.49 57.31
N UNK U 114 28.12 -1.73 57.90
CA UNK U 114 27.77 -0.42 57.37
C UNK U 114 28.86 0.58 57.72
N UNK U 115 28.89 1.69 56.99
CA UNK U 115 29.87 2.73 57.29
C UNK U 115 29.24 4.09 57.10
N UNK U 116 29.17 4.85 58.17
CA UNK U 116 28.59 6.18 58.15
C UNK U 116 29.71 7.19 58.20
N UNK U 117 29.79 8.01 57.17
CA UNK U 117 30.57 9.23 57.22
C UNK U 117 29.62 10.30 57.70
N UNK U 118 29.90 10.88 58.86
CA UNK U 118 29.14 12.00 59.41
C UNK U 118 29.79 13.29 58.95
N UNK U 119 29.47 14.42 59.57
CA UNK U 119 30.24 15.63 59.31
C UNK U 119 31.49 15.62 60.20
N UNK U 120 32.48 14.84 59.76
CA UNK U 120 33.77 14.62 60.42
C UNK U 120 34.74 14.16 59.34
N UNK U 121 35.88 13.60 59.75
CA UNK U 121 36.86 13.18 58.76
C UNK U 121 37.52 11.86 59.07
N UNK U 122 36.97 11.07 59.98
CA UNK U 122 37.42 9.70 60.19
C UNK U 122 36.14 8.90 60.30
N UNK U 123 35.72 8.31 59.19
CA UNK U 123 34.36 7.85 59.01
C UNK U 123 34.11 6.57 59.80
N UNK U 124 33.00 6.54 60.52
CA UNK U 124 32.75 5.46 61.45
C UNK U 124 32.25 4.26 60.70
N UNK U 125 32.69 3.09 61.13
CA UNK U 125 32.08 1.88 60.66
C UNK U 125 31.17 1.38 61.78
N UNK U 126 30.32 0.42 61.44
CA UNK U 126 29.39 -0.16 62.38
C UNK U 126 29.04 -1.54 61.89
N UNK U 127 29.17 -2.54 62.76
CA UNK U 127 28.86 -3.89 62.35
C UNK U 127 27.40 -4.18 62.68
N UNK U 128 26.59 -4.32 61.66
CA UNK U 128 25.20 -4.68 61.85
C UNK U 128 25.08 -6.18 61.85
N UNK U 129 24.42 -6.72 62.85
CA UNK U 129 24.20 -8.15 62.91
C UNK U 129 22.72 -8.42 63.00
N UNK U 130 22.24 -9.31 62.17
CA UNK U 130 20.86 -9.70 62.23
C UNK U 130 20.65 -10.69 63.37
N UNK U 131 19.43 -10.70 63.91
CA UNK U 131 18.80 -11.79 64.65
C UNK U 131 19.42 -12.13 66.00
N UNK U 132 20.34 -11.34 66.52
CA UNK U 132 21.07 -11.74 67.72
C UNK U 132 20.31 -11.33 68.97
N UNK U 133 19.25 -12.11 69.27
CA UNK U 133 18.63 -12.30 70.59
C UNK U 133 17.92 -11.12 71.25
N UNK U 134 17.99 -9.92 70.67
CA UNK U 134 17.32 -8.71 71.12
C UNK U 134 17.28 -7.75 69.96
N UNK U 135 16.21 -7.01 69.86
CA UNK U 135 16.02 -6.09 68.75
C UNK U 135 16.30 -4.68 69.20
N UNK U 136 17.38 -4.10 68.68
CA UNK U 136 17.76 -2.75 69.07
C UNK U 136 16.94 -1.78 68.24
N UNK U 137 15.77 -1.38 68.76
CA UNK U 137 14.86 -0.53 68.01
C UNK U 137 15.33 0.92 67.93
N UNK U 138 16.19 1.35 68.84
CA UNK U 138 16.85 2.65 68.72
C UNK U 138 18.20 2.56 69.40
N UNK U 139 19.27 2.61 68.64
CA UNK U 139 20.60 2.67 69.20
C UNK U 139 21.11 4.09 69.05
N UNK U 140 21.64 4.64 70.13
CA UNK U 140 22.10 6.02 70.17
C UNK U 140 23.62 6.01 70.16
N UNK U 141 24.20 6.44 69.05
CA UNK U 141 25.64 6.45 68.91
C UNK U 141 26.19 7.78 69.41
N UNK U 142 26.84 7.76 70.56
CA UNK U 142 27.54 8.92 71.07
C UNK U 142 28.94 8.86 70.49
N UNK U 143 29.21 9.71 69.51
CA UNK U 143 30.50 9.69 68.85
C UNK U 143 31.55 10.39 69.70
N UNK U 144 32.81 10.15 69.36
CA UNK U 144 33.92 10.80 70.05
C UNK U 144 34.27 12.11 69.38
N UNK V 1 17.63 -45.23 44.89
CA UNK V 1 16.94 -44.64 46.02
C UNK V 1 17.84 -43.62 46.67
N UNK V 2 18.99 -44.12 47.12
CA UNK V 2 20.05 -43.27 47.64
C UNK V 2 20.67 -42.42 46.55
N UNK V 3 20.68 -42.92 45.31
CA UNK V 3 21.07 -42.11 44.16
C UNK V 3 20.10 -40.97 43.91
N UNK V 4 18.80 -41.21 44.12
CA UNK V 4 17.80 -40.16 43.91
C UNK V 4 17.84 -39.11 45.00
N UNK V 5 18.11 -39.53 46.24
CA UNK V 5 18.30 -38.58 47.32
C UNK V 5 19.61 -37.82 47.18
N UNK V 6 20.62 -38.45 46.57
CA UNK V 6 21.87 -37.78 46.27
C UNK V 6 21.71 -36.76 45.15
N UNK V 7 20.88 -37.07 44.16
CA UNK V 7 20.65 -36.13 43.06
C UNK V 7 19.81 -34.93 43.49
N UNK V 8 18.84 -35.17 44.38
CA UNK V 8 18.06 -34.07 44.92
C UNK V 8 18.90 -33.20 45.87
N UNK V 9 19.82 -33.84 46.59
CA UNK V 9 20.79 -33.12 47.40
C UNK V 9 21.75 -32.31 46.55
N UNK V 10 22.10 -32.80 45.37
CA UNK V 10 23.00 -32.07 44.48
C UNK V 10 22.32 -30.89 43.82
N UNK V 11 21.02 -31.00 43.54
CA UNK V 11 20.27 -29.88 42.97
C UNK V 11 20.08 -28.77 43.99
N UNK V 12 19.73 -29.16 45.23
CA UNK V 12 19.57 -28.18 46.30
C UNK V 12 20.90 -27.60 46.74
N UNK V 13 21.96 -28.39 46.61
CA UNK V 13 23.30 -27.90 46.92
C UNK V 13 23.81 -26.95 45.87
N UNK V 14 23.41 -27.15 44.61
CA UNK V 14 23.84 -26.24 43.56
C UNK V 14 23.13 -24.90 43.67
N UNK V 15 21.87 -24.92 44.09
CA UNK V 15 21.16 -23.67 44.37
C UNK V 15 21.71 -22.97 45.60
N UNK V 16 22.09 -23.75 46.61
CA UNK V 16 22.66 -23.18 47.83
C UNK V 16 24.07 -22.67 47.61
N UNK V 17 24.80 -23.28 46.68
CA UNK V 17 26.15 -22.82 46.39
C UNK V 17 26.14 -21.57 45.55
N UNK V 18 25.17 -21.44 44.64
CA UNK V 18 25.08 -20.21 43.86
C UNK V 18 24.58 -19.06 44.70
N UNK V 19 23.67 -19.33 45.65
CA UNK V 19 23.22 -18.31 46.57
C UNK V 19 24.31 -17.92 47.56
N UNK V 20 25.14 -18.87 47.98
CA UNK V 20 26.24 -18.52 48.86
C UNK V 20 27.39 -17.86 48.10
N UNK V 21 27.48 -18.04 46.80
CA UNK V 21 28.51 -17.37 46.03
C UNK V 21 28.12 -15.98 45.59
N UNK V 22 26.83 -15.68 45.52
CA UNK V 22 26.40 -14.34 45.16
C UNK V 22 26.65 -13.35 46.29
N UNK V 23 26.98 -12.12 45.93
CA UNK V 23 27.36 -11.09 46.91
C UNK V 23 27.05 -9.73 46.32
N UNK V 24 26.09 -9.01 46.90
CA UNK V 24 25.71 -7.71 46.40
C UNK V 24 26.73 -6.66 46.80
N UNK V 25 26.84 -5.62 45.99
CA UNK V 25 27.95 -4.70 46.12
C UNK V 25 27.70 -3.67 47.23
N UNK V 26 28.63 -2.75 47.38
CA UNK V 26 28.45 -1.64 48.29
C UNK V 26 27.46 -0.64 47.69
N UNK V 27 26.84 0.15 48.55
CA UNK V 27 26.01 1.25 48.10
C UNK V 27 26.29 2.45 48.98
N UNK V 28 26.77 3.53 48.38
CA UNK V 28 27.18 4.71 49.13
C UNK V 28 26.17 5.82 48.84
N UNK V 29 25.11 5.86 49.62
CA UNK V 29 24.12 6.90 49.47
C UNK V 29 24.62 8.19 50.10
N UNK V 30 24.66 9.26 49.32
CA UNK V 30 25.15 10.54 49.80
C UNK V 30 24.04 11.56 49.63
N UNK V 31 23.71 12.28 50.70
CA UNK V 31 22.54 13.15 50.71
C UNK V 31 22.94 14.53 51.22
N UNK V 32 22.87 15.51 50.34
CA UNK V 32 23.20 16.88 50.70
C UNK V 32 21.97 17.64 51.11
N UNK W 1 -61.74 -31.71 30.15
CA UNK W 1 -60.50 -31.01 29.78
C UNK W 1 -60.17 -29.97 30.83
N UNK W 2 -61.17 -29.68 31.67
CA UNK W 2 -61.01 -28.67 32.71
C UNK W 2 -60.09 -29.14 33.81
N UNK W 3 -60.10 -30.44 34.09
CA UNK W 3 -59.14 -31.02 35.02
C UNK W 3 -57.74 -31.03 34.45
N UNK W 4 -57.62 -31.15 33.12
CA UNK W 4 -56.33 -31.09 32.46
C UNK W 4 -55.78 -29.68 32.50
N UNK W 5 -56.66 -28.69 32.39
CA UNK W 5 -56.25 -27.30 32.50
C UNK W 5 -55.90 -26.93 33.94
N UNK W 6 -56.61 -27.53 34.90
CA UNK W 6 -56.37 -27.25 36.32
C UNK W 6 -55.05 -27.87 36.78
N UNK W 7 -54.76 -29.08 36.32
CA UNK W 7 -53.48 -29.70 36.59
C UNK W 7 -52.35 -29.04 35.80
N UNK W 8 -52.66 -28.43 34.65
CA UNK W 8 -51.64 -27.72 33.89
C UNK W 8 -51.25 -26.42 34.57
N UNK W 9 -52.22 -25.69 35.12
CA UNK W 9 -51.92 -24.47 35.85
C UNK W 9 -51.24 -24.77 37.17
N UNK W 10 -51.57 -25.91 37.79
CA UNK W 10 -50.88 -26.32 38.99
C UNK W 10 -49.45 -26.77 38.70
N UNK W 11 -49.24 -27.36 37.53
CA UNK W 11 -47.91 -27.82 37.16
C UNK W 11 -47.02 -26.66 36.76
N UNK W 12 -47.59 -25.67 36.06
CA UNK W 12 -46.81 -24.50 35.70
C UNK W 12 -46.58 -23.60 36.90
N UNK W 13 -47.48 -23.65 37.88
CA UNK W 13 -47.25 -22.93 39.12
C UNK W 13 -46.20 -23.60 39.96
N UNK W 14 -46.09 -24.93 39.89
CA UNK W 14 -44.98 -25.58 40.56
C UNK W 14 -43.70 -25.42 39.80
N UNK W 15 -43.78 -25.21 38.49
CA UNK W 15 -42.58 -25.13 37.69
C UNK W 15 -41.94 -23.75 37.76
N UNK W 16 -42.75 -22.69 37.65
CA UNK W 16 -42.20 -21.36 37.39
C UNK W 16 -41.64 -20.74 38.67
N UNK W 17 -42.50 -20.44 39.62
CA UNK W 17 -42.01 -20.13 40.96
C UNK W 17 -41.76 -21.48 41.59
N UNK W 18 -40.52 -21.96 41.47
CA UNK W 18 -40.23 -23.36 41.74
C UNK W 18 -40.13 -23.65 43.21
N UNK W 19 -39.45 -22.80 43.96
CA UNK W 19 -39.40 -22.95 45.40
C UNK W 19 -40.72 -22.51 46.00
N UNK W 20 -41.07 -23.11 47.13
CA UNK W 20 -42.32 -22.81 47.80
C UNK W 20 -42.23 -21.46 48.49
N UNK W 21 -43.40 -20.88 48.70
CA UNK W 21 -43.49 -19.55 49.30
C UNK W 21 -43.12 -19.52 50.76
N UNK W 22 -43.22 -20.64 51.46
CA UNK W 22 -42.62 -20.74 52.77
C UNK W 22 -41.16 -21.09 52.71
N UNK W 23 -40.76 -21.82 51.67
CA UNK W 23 -39.40 -22.30 51.56
C UNK W 23 -38.45 -21.20 51.18
N UNK W 24 -38.94 -20.15 50.52
CA UNK W 24 -38.13 -18.98 50.24
C UNK W 24 -37.79 -18.21 51.50
N UNK W 25 -38.72 -18.15 52.44
CA UNK W 25 -38.44 -17.52 53.72
C UNK W 25 -37.55 -18.39 54.57
N UNK W 26 -37.67 -19.71 54.41
CA UNK W 26 -36.77 -20.64 55.09
C UNK W 26 -35.35 -20.55 54.54
N UNK W 27 -35.23 -20.33 53.23
CA UNK W 27 -33.91 -20.18 52.65
C UNK W 27 -33.31 -18.82 52.95
N UNK W 28 -34.15 -17.81 53.15
CA UNK W 28 -33.62 -16.50 53.53
C UNK W 28 -33.14 -16.50 54.96
N UNK W 29 -33.81 -17.26 55.84
CA UNK W 29 -33.30 -17.43 57.20
C UNK W 29 -32.07 -18.29 57.24
N UNK W 30 -31.97 -19.24 56.31
CA UNK W 30 -30.76 -20.06 56.16
C UNK W 30 -29.60 -19.22 55.65
N UNK W 31 -29.88 -18.28 54.75
CA UNK W 31 -28.84 -17.42 54.20
C UNK W 31 -28.36 -16.41 55.21
N UNK W 32 -29.28 -15.88 56.01
CA UNK W 32 -28.87 -14.90 57.01
C UNK W 32 -28.17 -15.55 58.20
N UNK W 33 -28.54 -16.79 58.54
CA UNK W 33 -27.80 -17.51 59.55
C UNK W 33 -26.43 -17.94 59.05
N UNK W 34 -26.33 -18.22 57.75
CA UNK W 34 -25.06 -18.48 57.11
C UNK W 34 -24.20 -17.22 57.06
N UNK W 35 -24.83 -16.07 56.93
CA UNK W 35 -24.10 -14.83 56.90
C UNK W 35 -23.61 -14.43 58.27
N UNK W 36 -24.37 -14.73 59.34
CA UNK W 36 -23.87 -14.48 60.69
C UNK W 36 -22.77 -15.46 61.06
N UNK W 37 -22.85 -16.68 60.53
CA UNK W 37 -21.82 -17.68 60.75
C UNK W 37 -20.55 -17.34 60.01
N UNK W 38 -20.65 -16.77 58.81
CA UNK W 38 -19.46 -16.30 58.13
C UNK W 38 -18.97 -15.00 58.71
N UNK W 39 -19.85 -14.26 59.36
CA UNK W 39 -19.55 -12.97 59.90
C UNK W 39 -18.70 -13.02 61.15
N UNK W 40 -19.00 -13.94 62.06
CA UNK W 40 -18.53 -13.83 63.43
C UNK W 40 -17.04 -14.14 63.58
N UNK W 41 -16.44 -13.54 64.59
CA UNK W 41 -15.04 -13.77 64.85
C UNK W 41 -14.85 -15.11 65.55
N UNK W 42 -13.61 -15.55 65.61
CA UNK W 42 -13.28 -16.58 66.58
C UNK W 42 -13.34 -15.97 67.97
N UNK W 43 -13.54 -16.86 68.95
CA UNK W 43 -14.43 -16.72 70.11
C UNK W 43 -14.56 -15.34 70.78
N UNK W 44 -13.43 -14.74 71.14
CA UNK W 44 -13.45 -13.43 71.78
C UNK W 44 -13.60 -12.37 70.71
N UNK W 45 -14.74 -11.70 70.69
CA UNK W 45 -14.84 -10.47 69.94
C UNK W 45 -14.01 -9.43 70.67
N UNK W 46 -12.81 -9.19 70.16
CA UNK W 46 -11.67 -8.62 70.88
C UNK W 46 -11.90 -7.16 71.19
N UNK W 47 -12.29 -6.90 72.43
CA UNK W 47 -13.12 -5.75 72.80
C UNK W 47 -12.33 -4.46 72.79
N UNK W 48 -13.06 -3.37 72.65
CA UNK W 48 -12.50 -2.08 72.36
C UNK W 48 -11.88 -1.48 73.61
N UNK W 49 -10.94 -0.57 73.39
CA UNK W 49 -10.32 0.19 74.45
C UNK W 49 -9.76 1.45 73.83
N UNK W 50 -9.53 2.43 74.67
CA UNK W 50 -8.59 3.50 74.38
C UNK W 50 -7.51 3.40 75.42
N UNK W 51 -6.43 4.13 75.21
CA UNK W 51 -5.31 4.07 76.13
C UNK W 51 -4.54 5.36 76.06
N UNK W 52 -3.67 5.53 77.04
CA UNK W 52 -2.63 6.54 76.97
C UNK W 52 -1.39 5.97 77.60
N UNK W 53 -0.24 6.42 77.12
CA UNK W 53 1.02 5.94 77.64
C UNK W 53 2.05 7.03 77.48
N UNK W 54 2.87 7.21 78.49
CA UNK W 54 4.02 8.07 78.31
C UNK W 54 5.09 7.29 77.58
N UNK W 55 6.00 8.02 76.97
CA UNK W 55 7.13 7.42 76.29
C UNK W 55 8.39 7.84 77.03
N UNK W 56 9.31 6.91 77.17
CA UNK W 56 10.59 7.22 77.78
C UNK W 56 11.56 7.67 76.69
N UNK W 57 12.81 7.89 77.06
CA UNK W 57 13.78 8.23 76.04
C UNK W 57 15.08 7.47 76.18
N UNK W 58 15.43 7.06 77.40
CA UNK W 58 16.82 6.65 77.63
C UNK W 58 17.08 5.20 77.25
N UNK W 59 16.53 4.27 78.01
CA UNK W 59 16.58 2.84 77.70
C UNK W 59 15.39 2.21 78.43
N UNK W 60 14.30 2.01 77.71
CA UNK W 60 13.15 1.37 78.30
C UNK W 60 12.51 0.51 77.22
N UNK W 61 11.31 0.02 77.50
CA UNK W 61 10.57 -0.71 76.50
C UNK W 61 10.01 0.25 75.47
N UNK W 62 10.03 -0.18 74.22
CA UNK W 62 9.31 0.55 73.18
C UNK W 62 7.82 0.36 73.41
N UNK W 63 7.05 1.39 73.10
CA UNK W 63 5.64 1.42 73.46
C UNK W 63 4.82 0.50 72.56
N UNK W 64 4.03 -0.36 73.18
CA UNK W 64 3.28 -1.37 72.45
C UNK W 64 1.90 -0.84 72.12
N UNK W 65 1.52 -0.93 70.85
CA UNK W 65 0.19 -0.56 70.42
C UNK W 65 -0.51 -1.81 69.91
N UNK W 66 -1.60 -2.17 70.55
CA UNK W 66 -2.29 -3.43 70.25
C UNK W 66 -3.42 -3.15 69.27
N UNK W 67 -3.16 -3.40 68.00
CA UNK W 67 -4.16 -3.14 66.97
C UNK W 67 -4.85 -4.44 66.58
N UNK W 68 -5.76 -4.37 65.61
CA UNK W 68 -6.44 -5.54 65.08
C UNK W 68 -6.73 -5.29 63.61
N UNK W 69 -7.60 -6.09 63.00
CA UNK W 69 -7.94 -5.84 61.61
C UNK W 69 -8.91 -4.67 61.42
N UNK W 70 -9.56 -4.21 62.48
CA UNK W 70 -10.27 -2.94 62.51
C UNK W 70 -9.26 -1.81 62.69
N UNK W 71 -9.72 -0.57 62.47
CA UNK W 71 -8.83 0.57 62.43
C UNK W 71 -8.43 0.99 63.84
N UNK W 72 -7.41 1.84 63.91
CA UNK W 72 -6.86 2.29 65.19
C UNK W 72 -6.18 3.62 64.98
N UNK W 73 -6.06 4.38 66.05
CA UNK W 73 -5.54 5.72 65.94
C UNK W 73 -4.41 5.90 66.95
N UNK W 74 -3.32 6.49 66.50
CA UNK W 74 -2.23 6.87 67.39
C UNK W 74 -2.25 8.38 67.42
N UNK W 75 -2.77 8.92 68.50
CA UNK W 75 -2.75 10.36 68.72
C UNK W 75 -1.53 10.68 69.55
N UNK W 76 -0.54 11.30 68.93
CA UNK W 76 0.61 11.77 69.68
C UNK W 76 0.25 13.04 70.43
N UNK W 77 1.05 13.34 71.45
CA UNK W 77 0.96 14.63 72.15
C UNK W 77 1.34 15.74 71.19
N UNK W 78 0.82 16.95 71.47
CA UNK W 78 0.33 17.90 70.45
C UNK W 78 1.35 18.44 69.44
N UNK W 79 2.64 18.12 69.54
CA UNK W 79 3.57 18.31 68.44
C UNK W 79 3.25 17.36 67.30
N UNK W 80 3.66 17.77 66.11
CA UNK W 80 3.29 17.07 64.89
C UNK W 80 4.31 15.99 64.57
N UNK W 81 3.82 14.89 64.00
CA UNK W 81 4.67 13.85 63.48
C UNK W 81 5.31 14.36 62.20
N UNK W 82 6.59 14.06 62.01
CA UNK W 82 7.25 14.52 60.79
C UNK W 82 7.38 13.42 59.74
N UNK W 83 7.70 12.20 60.15
CA UNK W 83 7.85 11.13 59.19
C UNK W 83 7.54 9.80 59.86
N UNK W 84 6.67 9.04 59.23
CA UNK W 84 6.46 7.65 59.62
C UNK W 84 7.47 6.81 58.86
N UNK W 85 7.91 5.71 59.47
CA UNK W 85 8.68 4.70 58.75
C UNK W 85 8.19 3.37 59.26
N UNK W 86 7.41 2.68 58.45
CA UNK W 86 6.76 1.44 58.85
C UNK W 86 7.38 0.26 58.15
N UNK W 87 7.08 -0.92 58.69
CA UNK W 87 7.38 -2.17 58.03
C UNK W 87 6.11 -2.62 57.33
N UNK W 88 5.99 -2.25 56.06
CA UNK W 88 4.74 -2.23 55.31
C UNK W 88 4.29 -3.61 54.91
N UNK W 89 3.13 -3.65 54.25
CA UNK W 89 2.32 -4.81 53.87
C UNK W 89 1.94 -5.69 55.04
N UNK W 90 1.78 -5.09 56.20
CA UNK W 90 1.12 -5.70 57.33
C UNK W 90 0.22 -4.70 58.02
N UNK W 91 0.37 -3.41 57.74
CA UNK W 91 -0.37 -2.36 58.41
C UNK W 91 -0.37 -1.14 57.49
N UNK W 92 -1.53 -0.54 57.29
CA UNK W 92 -1.66 0.64 56.44
C UNK W 92 -1.81 1.85 57.35
N UNK W 93 -0.80 2.69 57.36
CA UNK W 93 -0.78 3.84 58.26
C UNK W 93 -1.19 5.05 57.47
N UNK W 94 -2.49 5.36 57.47
CA UNK W 94 -3.00 6.52 56.79
C UNK W 94 -2.78 7.71 57.71
N UNK W 95 -2.06 8.72 57.21
CA UNK W 95 -1.81 9.96 57.93
C UNK W 95 -1.44 11.03 56.95
N UNK W 96 -1.79 12.25 57.29
CA UNK W 96 -1.33 13.44 56.61
C UNK W 96 -0.10 13.97 57.33
N UNK W 97 0.13 15.28 57.19
CA UNK W 97 1.08 16.06 57.97
C UNK W 97 0.49 16.60 59.28
N UNK W 98 -0.43 15.88 59.90
CA UNK W 98 -1.03 16.22 61.18
C UNK W 98 -0.25 15.57 62.31
N UNK W 99 -0.83 15.51 63.50
CA UNK W 99 -0.19 14.97 64.68
C UNK W 99 -0.81 13.66 65.15
N UNK W 100 -1.54 12.97 64.28
CA UNK W 100 -2.16 11.71 64.65
C UNK W 100 -2.23 10.81 63.44
N UNK W 101 -1.77 9.57 63.58
CA UNK W 101 -1.63 8.64 62.48
C UNK W 101 -2.56 7.46 62.70
N UNK W 102 -3.47 7.20 61.77
CA UNK W 102 -4.43 6.13 61.96
C UNK W 102 -3.90 4.91 61.24
N UNK W 103 -3.60 3.86 61.99
CA UNK W 103 -3.08 2.62 61.42
C UNK W 103 -4.20 1.60 61.37
N UNK W 104 -4.23 0.80 60.31
CA UNK W 104 -5.20 -0.28 60.19
C UNK W 104 -4.43 -1.51 59.77
N UNK W 105 -4.39 -2.50 60.63
CA UNK W 105 -3.47 -3.61 60.41
C UNK W 105 -4.11 -4.61 59.47
N UNK W 106 -3.45 -4.83 58.33
CA UNK W 106 -3.94 -5.71 57.28
C UNK W 106 -3.81 -7.17 57.67
N UNK W 107 -2.73 -7.54 58.33
CA UNK W 107 -2.49 -8.93 58.68
C UNK W 107 -3.35 -9.34 59.87
N UNK W 108 -3.57 -10.64 60.00
CA UNK W 108 -4.43 -11.12 61.07
C UNK W 108 -3.67 -11.24 62.38
N UNK W 109 -2.41 -11.66 62.30
CA UNK W 109 -1.51 -11.71 63.46
C UNK W 109 -0.12 -11.52 62.89
N UNK W 110 0.55 -10.43 63.29
CA UNK W 110 1.94 -10.15 62.98
C UNK W 110 2.46 -9.07 63.92
N UNK W 111 3.71 -9.20 64.31
CA UNK W 111 4.38 -8.12 65.00
C UNK W 111 4.86 -7.11 63.97
N UNK W 112 5.17 -5.90 64.44
CA UNK W 112 5.60 -4.81 63.57
C UNK W 112 6.31 -3.80 64.43
N UNK W 113 7.20 -3.02 63.83
CA UNK W 113 7.93 -2.02 64.58
C UNK W 113 7.92 -0.70 63.81
N UNK W 114 6.90 0.11 64.03
CA UNK W 114 6.82 1.41 63.37
C UNK W 114 7.77 2.38 64.03
N UNK W 115 8.10 3.46 63.33
CA UNK W 115 8.98 4.46 63.89
C UNK W 115 8.52 5.84 63.45
N UNK W 116 8.13 6.66 64.41
CA UNK W 116 7.66 8.01 64.16
C UNK W 116 8.75 8.98 64.55
N UNK W 117 9.22 9.75 63.57
CA UNK W 117 10.00 10.94 63.84
C UNK W 117 8.98 12.06 63.94
N UNK W 118 8.89 12.69 65.11
CA UNK W 118 8.05 13.85 65.32
C UNK W 118 8.88 15.10 65.06
N UNK W 119 8.42 16.27 65.51
CA UNK W 119 9.30 17.44 65.48
C UNK W 119 10.18 17.42 66.74
N UNK W 120 11.22 16.60 66.68
CA UNK W 120 12.19 16.36 67.74
C UNK W 120 13.44 15.81 67.07
N UNK W 121 14.34 15.23 67.86
CA UNK W 121 15.59 14.73 67.28
C UNK W 121 16.05 13.40 67.85
N UNK W 122 15.18 12.67 68.53
CA UNK W 122 15.46 11.30 68.94
C UNK W 122 14.18 10.56 68.63
N UNK W 123 14.13 9.92 67.46
CA UNK W 123 12.88 9.50 66.86
C UNK W 123 12.31 8.29 67.55
N UNK W 124 11.03 8.33 67.87
CA UNK W 124 10.43 7.31 68.68
C UNK W 124 10.15 6.09 67.86
N UNK W 125 10.36 4.93 68.44
CA UNK W 125 9.88 3.70 67.84
C UNK W 125 8.62 3.30 68.60
N UNK W 126 7.88 2.36 68.03
CA UNK W 126 6.67 1.86 68.63
C UNK W 126 6.43 0.46 68.10
N UNK W 127 6.22 -0.49 68.97
CA UNK W 127 5.99 -1.86 68.53
C UNK W 127 4.50 -2.07 68.37
N UNK W 128 4.07 -2.23 67.14
CA UNK W 128 2.68 -2.52 66.86
C UNK W 128 2.50 -4.02 66.87
N UNK W 129 1.51 -4.48 67.61
CA UNK W 129 1.21 -5.90 67.64
C UNK W 129 -0.23 -6.11 67.24
N UNK W 130 -0.45 -7.03 66.32
CA UNK W 130 -1.79 -7.37 65.93
C UNK W 130 -2.41 -8.28 66.96
N UNK W 131 -3.74 -8.22 67.06
CA UNK W 131 -4.65 -9.25 67.58
C UNK W 131 -4.53 -9.55 69.07
N UNK W 132 -3.80 -8.76 69.84
CA UNK W 132 -3.52 -9.14 71.24
C UNK W 132 -4.66 -8.64 72.14
N UNK W 133 -5.77 -9.37 72.09
CA UNK W 133 -6.82 -9.46 73.12
C UNK W 133 -7.64 -8.22 73.47
N UNK W 134 -7.32 -7.06 72.90
CA UNK W 134 -8.05 -5.82 73.06
C UNK W 134 -7.64 -4.91 71.92
N UNK W 135 -8.59 -4.13 71.43
CA UNK W 135 -8.34 -3.26 70.29
C UNK W 135 -8.15 -1.84 70.78
N UNK W 136 -6.94 -1.34 70.63
CA UNK W 136 -6.64 0.02 71.08
C UNK W 136 -7.09 0.98 69.98
N UNK W 137 -8.34 1.44 70.06
CA UNK W 137 -8.91 2.29 69.02
C UNK W 137 -8.37 3.71 69.05
N UNK W 138 -7.84 4.17 70.18
CA UNK W 138 -7.10 5.42 70.25
C UNK W 138 -6.08 5.32 71.36
N UNK W 139 -4.82 5.30 70.99
CA UNK W 139 -3.75 5.34 71.97
C UNK W 139 -3.14 6.73 71.96
N UNK W 140 -2.98 7.31 73.13
CA UNK W 140 -2.49 8.67 73.28
C UNK W 140 -1.06 8.61 73.78
N UNK W 141 -0.12 8.96 72.92
CA UNK W 141 1.29 8.92 73.27
C UNK W 141 1.70 10.24 73.88
N UNK W 142 1.92 10.26 75.17
CA UNK W 142 2.47 11.42 75.85
C UNK W 142 3.98 11.28 75.79
N UNK W 143 4.61 12.06 74.93
CA UNK W 143 6.04 11.97 74.75
C UNK W 143 6.78 12.68 75.87
N UNK W 144 8.06 12.36 75.99
CA UNK W 144 8.91 13.00 76.98
C UNK W 144 9.54 14.28 76.42
N UNK X 1 -0.77 -43.53 49.40
CA UNK X 1 -1.77 -42.86 50.23
C UNK X 1 -1.08 -41.85 51.11
N UNK X 2 -0.18 -42.38 51.93
CA UNK X 2 0.69 -41.54 52.75
C UNK X 2 1.68 -40.76 51.90
N UNK X 3 2.08 -41.32 50.75
CA UNK X 3 2.86 -40.59 49.78
C UNK X 3 2.09 -39.42 49.18
N UNK X 4 0.79 -39.59 48.96
CA UNK X 4 -0.03 -38.53 48.39
C UNK X 4 -0.30 -37.42 49.39
N UNK X 5 -0.49 -37.80 50.67
CA UNK X 5 -0.61 -36.80 51.73
C UNK X 5 0.71 -36.11 52.00
N UNK X 6 1.83 -36.81 51.78
CA UNK X 6 3.14 -36.19 51.90
C UNK X 6 3.41 -35.22 50.75
N UNK X 7 2.94 -35.54 49.55
CA UNK X 7 3.14 -34.64 48.42
C UNK X 7 2.26 -33.40 48.51
N UNK X 8 1.04 -33.55 49.03
CA UNK X 8 0.19 -32.40 49.26
C UNK X 8 0.71 -31.53 50.40
N UNK X 9 1.31 -32.17 51.40
CA UNK X 9 1.99 -31.45 52.47
C UNK X 9 3.21 -30.71 51.96
N UNK X 10 3.92 -31.28 50.98
CA UNK X 10 5.09 -30.62 50.42
C UNK X 10 4.73 -29.44 49.54
N UNK X 11 3.59 -29.53 48.84
CA UNK X 11 3.14 -28.40 48.02
C UNK X 11 2.67 -27.23 48.89
N UNK X 12 1.91 -27.55 49.95
CA UNK X 12 1.46 -26.52 50.88
C UNK X 12 2.60 -25.97 51.71
N UNK X 13 3.60 -26.80 51.98
CA UNK X 13 4.77 -26.36 52.70
C UNK X 13 5.66 -25.48 51.85
N UNK X 14 5.70 -25.72 50.54
CA UNK X 14 6.48 -24.87 49.66
C UNK X 14 5.86 -23.50 49.49
N UNK X 15 4.52 -23.45 49.46
CA UNK X 15 3.83 -22.17 49.45
C UNK X 15 3.97 -21.43 50.78
N UNK X 16 3.95 -22.18 51.88
CA UNK X 16 4.12 -21.58 53.20
C UNK X 16 5.55 -21.13 53.44
N UNK X 17 6.50 -21.82 52.84
CA UNK X 17 7.90 -21.42 53.00
C UNK X 17 8.23 -20.21 52.17
N UNK X 18 7.63 -20.08 50.99
CA UNK X 18 7.86 -18.89 50.18
C UNK X 18 7.17 -17.67 50.77
N UNK X 19 5.99 -17.88 51.36
CA UNK X 19 5.32 -16.80 52.06
C UNK X 19 6.03 -16.41 53.34
N UNK X 20 6.63 -17.36 54.04
CA UNK X 20 7.40 -17.02 55.23
C UNK X 20 8.76 -16.45 54.88
N UNK X 21 9.27 -16.68 53.68
CA UNK X 21 10.53 -16.10 53.29
C UNK X 21 10.38 -14.71 52.70
N UNK X 22 9.20 -14.37 52.19
CA UNK X 22 8.98 -13.02 51.67
C UNK X 22 8.90 -12.00 52.80
N UNK X 23 9.39 -10.79 52.52
CA UNK X 23 9.47 -9.74 53.55
C UNK X 23 9.45 -8.39 52.85
N UNK X 24 8.38 -7.62 53.05
CA UNK X 24 8.26 -6.32 52.42
C UNK X 24 9.14 -5.29 53.10
N UNK X 25 9.57 -4.30 52.35
CA UNK X 25 10.62 -3.41 52.81
C UNK X 25 10.07 -2.33 53.73
N UNK X 26 10.95 -1.44 54.16
CA UNK X 26 10.53 -0.29 54.93
C UNK X 26 9.85 0.72 54.01
N UNK X 27 9.01 1.57 54.58
CA UNK X 27 8.44 2.69 53.86
C UNK X 27 8.47 3.91 54.74
N UNK X 28 9.19 4.95 54.31
CA UNK X 28 9.38 6.15 55.11
C UNK X 28 8.59 7.28 54.47
N UNK X 29 7.33 7.39 54.86
CA UNK X 29 6.49 8.46 54.35
C UNK X 29 6.81 9.75 55.08
N UNK X 30 7.17 10.79 54.32
CA UNK X 30 7.54 12.07 54.90
C UNK X 30 6.61 13.12 54.33
N UNK X 31 5.98 13.90 55.21
CA UNK X 31 4.92 14.82 54.82
C UNK X 31 5.19 16.20 55.38
N UNK X 32 5.48 17.14 54.50
CA UNK X 32 5.74 18.51 54.91
C UNK X 32 4.48 19.34 54.87
N UNK Y 1 -69.89 -24.97 -14.53
CA UNK Y 1 -68.64 -24.38 -14.06
C UNK Y 1 -68.93 -23.25 -13.09
N UNK Y 2 -70.19 -22.82 -13.10
CA UNK Y 2 -70.62 -21.72 -12.25
C UNK Y 2 -70.66 -22.11 -10.79
N UNK Y 3 -70.97 -23.38 -10.52
CA UNK Y 3 -70.89 -23.90 -9.16
C UNK Y 3 -69.45 -24.04 -8.71
N UNK Y 4 -68.54 -24.32 -9.65
CA UNK Y 4 -67.12 -24.39 -9.34
C UNK Y 4 -66.57 -23.02 -9.03
N UNK Y 5 -67.07 -22.00 -9.72
CA UNK Y 5 -66.68 -20.63 -9.44
C UNK Y 5 -67.27 -20.13 -8.13
N UNK Y 6 -68.49 -20.58 -7.82
CA UNK Y 6 -69.16 -20.17 -6.59
C UNK Y 6 -68.51 -20.80 -5.37
N UNK Y 7 -68.13 -22.07 -5.48
CA UNK Y 7 -67.37 -22.72 -4.42
C UNK Y 7 -65.95 -22.21 -4.34
N UNK Y 8 -65.39 -21.72 -5.45
CA UNK Y 8 -64.05 -21.15 -5.43
C UNK Y 8 -64.03 -19.80 -4.71
N UNK Y 9 -65.05 -18.98 -4.94
CA UNK Y 9 -65.14 -17.69 -4.25
C UNK Y 9 -65.49 -17.89 -2.79
N UNK Y 10 -66.26 -18.93 -2.46
CA UNK Y 10 -66.53 -19.26 -1.07
C UNK Y 10 -65.29 -19.80 -0.38
N UNK Y 11 -64.45 -20.54 -1.10
CA UNK Y 11 -63.25 -21.09 -0.52
C UNK Y 11 -62.18 -20.02 -0.32
N UNK Y 12 -62.07 -19.09 -1.26
CA UNK Y 12 -61.12 -18.00 -1.11
C UNK Y 12 -61.60 -17.01 -0.07
N UNK Y 13 -62.92 -16.89 0.10
CA UNK Y 13 -63.45 -16.07 1.17
C UNK Y 13 -63.24 -16.70 2.53
N UNK Y 14 -63.26 -18.02 2.59
CA UNK Y 14 -62.90 -18.66 3.85
C UNK Y 14 -61.40 -18.64 4.07
N UNK Y 15 -60.63 -18.58 2.99
CA UNK Y 15 -59.19 -18.65 3.14
C UNK Y 15 -58.59 -17.31 3.53
N UNK Y 16 -59.02 -16.23 2.89
CA UNK Y 16 -58.29 -14.96 2.98
C UNK Y 16 -58.61 -14.23 4.29
N UNK Y 17 -59.84 -13.79 4.46
CA UNK Y 17 -60.26 -13.35 5.77
C UNK Y 17 -60.61 -14.65 6.49
N UNK Y 18 -59.64 -15.20 7.21
CA UNK Y 18 -59.73 -16.58 7.66
C UNK Y 18 -60.63 -16.71 8.89
N UNK Y 19 -60.47 -15.83 9.85
CA UNK Y 19 -61.36 -15.83 11.00
C UNK Y 19 -62.71 -15.24 10.59
N UNK Y 20 -63.75 -15.71 11.29
CA UNK Y 20 -65.10 -15.27 10.98
C UNK Y 20 -65.33 -13.87 11.49
N UNK Y 21 -66.30 -13.19 10.89
CA UNK Y 21 -66.59 -11.82 11.22
C UNK Y 21 -67.22 -11.65 12.58
N UNK Y 22 -67.86 -12.68 13.12
CA UNK Y 22 -68.25 -12.67 14.51
C UNK Y 22 -67.11 -13.09 15.41
N UNK Y 23 -66.24 -13.96 14.90
CA UNK Y 23 -65.17 -14.52 15.70
C UNK Y 23 -64.07 -13.51 15.97
N UNK Y 24 -63.93 -12.52 15.09
CA UNK Y 24 -62.99 -11.43 15.34
C UNK Y 24 -63.45 -10.54 16.48
N UNK Y 25 -64.75 -10.34 16.62
CA UNK Y 25 -65.27 -9.59 17.75
C UNK Y 25 -65.21 -10.42 19.02
N UNK Y 26 -65.35 -11.73 18.88
CA UNK Y 26 -65.19 -12.63 20.02
C UNK Y 26 -63.75 -12.68 20.49
N UNK Y 27 -62.80 -12.59 19.56
CA UNK Y 27 -61.40 -12.59 19.93
C UNK Y 27 -60.98 -11.24 20.49
N UNK Y 28 -61.64 -10.16 20.06
CA UNK Y 28 -61.33 -8.86 20.62
C UNK Y 28 -61.87 -8.73 22.03
N UNK Y 29 -63.02 -9.35 22.31
CA UNK Y 29 -63.51 -9.40 23.68
C UNK Y 29 -62.66 -10.31 24.54
N UNK Y 30 -62.12 -11.37 23.94
CA UNK Y 30 -61.18 -12.26 24.64
C UNK Y 30 -59.87 -11.54 24.95
N UNK Y 31 -59.42 -10.69 24.03
CA UNK Y 31 -58.17 -9.95 24.22
C UNK Y 31 -58.33 -8.87 25.25
N UNK Y 32 -59.49 -8.21 25.27
CA UNK Y 32 -59.70 -7.15 26.24
C UNK Y 32 -59.97 -7.70 27.63
N UNK Y 33 -60.61 -8.87 27.72
CA UNK Y 33 -60.76 -9.53 29.01
C UNK Y 33 -59.44 -10.07 29.52
N UNK Y 34 -58.58 -10.50 28.59
CA UNK Y 34 -57.22 -10.89 28.92
C UNK Y 34 -56.39 -9.70 29.37
N UNK Y 35 -56.66 -8.54 28.81
CA UNK Y 35 -55.94 -7.34 29.19
C UNK Y 35 -56.39 -6.82 30.55
N UNK Y 36 -57.68 -6.97 30.90
CA UNK Y 36 -58.11 -6.60 32.24
C UNK Y 36 -57.61 -7.59 33.27
N UNK Y 37 -57.48 -8.85 32.86
CA UNK Y 37 -56.93 -9.88 33.75
C UNK Y 37 -55.44 -9.69 33.97
N UNK Y 38 -54.71 -9.25 32.96
CA UNK Y 38 -53.32 -8.92 33.18
C UNK Y 38 -53.16 -7.59 33.87
N UNK Y 39 -54.18 -6.74 33.77
CA UNK Y 39 -54.14 -5.41 34.32
C UNK Y 39 -54.27 -5.37 35.81
N UNK Y 40 -55.18 -6.17 36.36
CA UNK Y 40 -55.67 -5.94 37.72
C UNK Y 40 -54.65 -6.32 38.79
N UNK Y 41 -54.76 -5.65 39.92
CA UNK Y 41 -53.88 -5.92 41.04
C UNK Y 41 -54.32 -7.19 41.76
N UNK Y 42 -53.45 -7.68 42.62
CA UNK Y 42 -53.92 -8.61 43.62
C UNK Y 42 -54.77 -7.86 44.62
N UNK Y 43 -55.64 -8.62 45.29
CA UNK Y 43 -57.04 -8.32 45.60
C UNK Y 43 -57.41 -6.88 45.98
N UNK Y 44 -56.70 -6.30 46.94
CA UNK Y 44 -56.97 -4.93 47.36
C UNK Y 44 -56.30 -3.98 46.39
N UNK Y 45 -57.09 -3.25 45.61
CA UNK Y 45 -56.57 -2.10 44.91
C UNK Y 45 -56.28 -1.04 45.95
N UNK Y 46 -54.99 -0.92 46.31
CA UNK Y 46 -54.52 -0.34 47.57
C UNK Y 46 -54.73 1.16 47.58
N UNK Y 47 -55.78 1.58 48.27
CA UNK Y 47 -56.53 2.79 47.97
C UNK Y 47 -55.77 4.04 48.41
N UNK Y 48 -56.13 5.14 47.78
CA UNK Y 48 -55.37 6.36 47.86
C UNK Y 48 -55.62 7.05 49.18
N UNK Y 49 -54.66 7.88 49.56
CA UNK Y 49 -54.76 8.72 50.74
C UNK Y 49 -53.81 9.88 50.55
N UNK Y 50 -54.05 10.93 51.30
CA UNK Y 50 -53.03 11.90 51.62
C UNK Y 50 -52.87 11.87 53.12
N UNK Y 51 -51.81 12.51 53.60
CA UNK Y 51 -51.55 12.49 55.03
C UNK Y 51 -50.76 13.72 55.41
N UNK Y 52 -50.69 13.95 56.69
CA UNK Y 52 -49.74 14.89 57.26
C UNK Y 52 -49.25 14.33 58.57
N UNK Y 53 -48.01 14.65 58.91
CA UNK Y 53 -47.42 14.16 60.14
C UNK Y 53 -46.41 15.18 60.61
N UNK Y 54 -46.40 15.43 61.90
CA UNK Y 54 -45.31 16.20 62.45
C UNK Y 54 -44.10 15.28 62.61
N UNK Y 55 -42.95 15.89 62.68
CA UNK Y 55 -41.71 15.17 62.91
C UNK Y 55 -41.16 15.59 64.26
N UNK Y 56 -40.65 14.63 65.00
CA UNK Y 56 -40.01 14.94 66.27
C UNK Y 56 -38.53 15.22 66.03
N UNK Y 57 -37.77 15.41 67.10
CA UNK Y 57 -36.35 15.59 66.91
C UNK Y 57 -35.52 14.78 67.89
N UNK Y 58 -36.05 14.49 69.07
CA UNK Y 58 -35.18 14.03 70.15
C UNK Y 58 -34.91 12.54 70.09
N UNK Y 59 -35.92 11.72 70.38
CA UNK Y 59 -35.84 10.28 70.24
C UNK Y 59 -37.28 9.79 70.07
N UNK Y 60 -37.68 9.58 68.84
CA UNK Y 60 -39.01 9.05 68.58
C UNK Y 60 -38.92 8.13 67.39
N UNK Y 61 -40.07 7.74 66.87
CA UNK Y 61 -40.09 6.93 65.66
C UNK Y 61 -39.76 7.80 64.47
N UNK Y 62 -39.01 7.25 63.53
CA UNK Y 62 -38.83 7.90 62.25
C UNK Y 62 -40.14 7.82 61.49
N UNK Y 63 -40.43 8.84 60.70
CA UNK Y 63 -41.73 8.99 60.08
C UNK Y 63 -41.90 8.02 58.91
N UNK Y 64 -42.99 7.27 58.91
CA UNK Y 64 -43.22 6.23 57.93
C UNK Y 64 -44.01 6.79 56.77
N UNK Y 65 -43.51 6.60 55.56
CA UNK Y 65 -44.22 6.99 54.36
C UNK Y 65 -44.58 5.73 53.59
N UNK Y 66 -45.87 5.49 53.41
CA UNK Y 66 -46.34 4.25 52.80
C UNK Y 66 -46.56 4.48 51.31
N UNK Y 67 -45.59 4.09 50.50
CA UNK Y 67 -45.69 4.29 49.06
C UNK Y 67 -46.11 2.98 48.39
N UNK Y 68 -46.19 3.00 47.07
CA UNK Y 68 -46.51 1.81 46.28
C UNK Y 68 -45.77 1.93 44.96
N UNK Y 69 -46.15 1.12 43.97
CA UNK Y 69 -45.50 1.22 42.67
C UNK Y 69 -46.01 2.42 41.85
N UNK Y 70 -47.12 3.03 42.23
CA UNK Y 70 -47.55 4.33 41.74
C UNK Y 70 -46.75 5.42 42.45
N UNK Y 71 -46.85 6.64 41.94
CA UNK Y 71 -46.01 7.73 42.42
C UNK Y 71 -46.53 8.27 43.74
N UNK Y 72 -45.71 9.07 44.41
CA UNK Y 72 -46.04 9.63 45.71
C UNK Y 72 -45.24 10.89 45.91
N UNK Y 73 -45.74 11.75 46.78
CA UNK Y 73 -45.12 13.05 46.97
C UNK Y 73 -44.87 13.28 48.45
N UNK Y 74 -43.69 13.75 48.77
CA UNK Y 74 -43.37 14.15 50.13
C UNK Y 74 -43.24 15.67 50.07
N UNK Y 75 -44.26 16.35 50.54
CA UNK Y 75 -44.22 17.80 50.65
C UNK Y 75 -43.77 18.14 52.06
N UNK Y 76 -42.54 18.63 52.17
CA UNK Y 76 -42.09 19.11 53.46
C UNK Y 76 -42.70 20.47 53.74
N UNK Y 77 -42.70 20.86 55.02
CA UNK Y 77 -43.06 22.20 55.44
C UNK Y 77 -42.04 23.19 54.89
N UNK Y 78 -42.48 24.45 54.72
CA UNK Y 78 -42.11 25.31 53.58
C UNK Y 78 -40.63 25.68 53.41
N UNK Y 79 -39.75 25.29 54.33
CA UNK Y 79 -38.32 25.33 54.08
C UNK Y 79 -37.94 24.28 53.04
N UNK Y 80 -36.84 24.54 52.35
CA UNK Y 80 -36.43 23.73 51.22
C UNK Y 80 -35.56 22.57 51.68
N UNK Y 81 -35.70 21.44 50.98
CA UNK Y 81 -34.83 20.31 51.17
C UNK Y 81 -33.48 20.64 50.57
N UNK Y 82 -32.40 20.26 51.25
CA UNK Y 82 -31.08 20.55 50.72
C UNK Y 82 -30.45 19.34 50.03
N UNK Y 83 -30.58 18.15 50.63
CA UNK Y 83 -29.98 16.97 50.03
C UNK Y 83 -30.79 15.75 50.41
N UNK Y 84 -31.15 14.97 49.42
CA UNK Y 84 -31.70 13.64 49.65
C UNK Y 84 -30.55 12.67 49.76
N UNK Y 85 -30.70 11.63 50.55
CA UNK Y 85 -29.77 10.51 50.53
C UNK Y 85 -30.62 9.26 50.68
N UNK Y 86 -30.77 8.52 49.60
CA UNK Y 86 -31.67 7.38 49.56
C UNK Y 86 -30.88 6.10 49.47
N UNK Y 87 -31.58 5.00 49.75
CA UNK Y 87 -31.08 3.66 49.50
C UNK Y 87 -31.65 3.22 48.17
N UNK Y 88 -30.90 3.46 47.09
CA UNK Y 88 -31.39 3.46 45.72
C UNK Y 88 -31.65 2.06 45.19
N UNK Y 89 -32.12 2.02 43.95
CA UNK Y 89 -32.63 0.87 43.20
C UNK Y 89 -33.76 0.15 43.90
N UNK Y 90 -34.55 0.87 44.66
CA UNK Y 90 -35.83 0.43 45.13
C UNK Y 90 -36.85 1.54 45.05
N UNK Y 91 -36.41 2.78 44.87
CA UNK Y 91 -37.29 3.94 44.86
C UNK Y 91 -36.58 5.05 44.09
N UNK Y 92 -37.28 5.69 43.17
CA UNK Y 92 -36.72 6.78 42.37
C UNK Y 92 -37.27 8.08 42.92
N UNK Y 93 -36.42 8.87 43.53
CA UNK Y 93 -36.82 10.09 44.18
C UNK Y 93 -36.53 11.24 43.25
N UNK Y 94 -37.48 11.61 42.41
CA UNK Y 94 -37.32 12.72 41.50
C UNK Y 94 -37.60 14.00 42.28
N UNK Y 95 -36.62 14.90 42.31
CA UNK Y 95 -36.75 16.19 42.96
C UNK Y 95 -35.72 17.13 42.39
N UNK Y 96 -36.08 18.40 42.37
CA UNK Y 96 -35.18 19.48 42.09
C UNK Y 96 -34.61 20.03 43.40
N UNK Y 97 -34.20 21.29 43.36
CA UNK Y 97 -33.88 22.10 44.54
C UNK Y 97 -35.09 22.81 45.15
N UNK Y 98 -36.28 22.21 45.06
CA UNK Y 98 -37.51 22.72 45.64
C UNK Y 98 -37.69 22.15 47.06
N UNK Y 99 -38.89 22.25 47.60
CA UNK Y 99 -39.21 21.80 48.94
C UNK Y 99 -40.13 20.59 48.98
N UNK Y 100 -40.20 19.85 47.88
CA UNK Y 100 -41.06 18.67 47.82
C UNK Y 100 -40.44 17.65 46.90
N UNK Y 101 -40.31 16.41 47.37
CA UNK Y 101 -39.61 15.36 46.64
C UNK Y 101 -40.61 14.26 46.28
N UNK Y 102 -40.75 13.96 45.01
CA UNK Y 102 -41.72 12.96 44.59
C UNK Y 102 -40.99 11.64 44.43
N UNK Y 103 -41.34 10.67 45.25
CA UNK Y 103 -40.73 9.35 45.20
C UNK Y 103 -41.67 8.39 44.50
N UNK Y 104 -41.11 7.49 43.71
CA UNK Y 104 -41.89 6.45 43.04
C UNK Y 104 -41.17 5.14 43.27
N UNK Y 105 -41.79 4.24 44.01
CA UNK Y 105 -41.08 3.08 44.48
C UNK Y 105 -41.07 2.01 43.40
N UNK Y 106 -39.87 1.64 42.96
CA UNK Y 106 -39.69 0.68 41.88
C UNK Y 106 -40.00 -0.73 42.32
N UNK Y 107 -39.62 -1.09 43.54
CA UNK Y 107 -39.80 -2.44 44.03
C UNK Y 107 -41.27 -2.67 44.42
N UNK Y 108 -41.65 -3.94 44.45
CA UNK Y 108 -43.05 -4.25 44.76
C UNK Y 108 -43.30 -4.27 46.25
N UNK Y 109 -42.33 -4.76 47.01
CA UNK Y 109 -42.37 -4.74 48.47
C UNK Y 109 -40.91 -4.69 48.91
N UNK Y 110 -40.54 -3.60 49.59
CA UNK Y 110 -39.23 -3.43 50.23
C UNK Y 110 -39.31 -2.29 51.22
N UNK Y 111 -38.61 -2.43 52.33
CA UNK Y 111 -38.41 -1.32 53.24
C UNK Y 111 -37.28 -0.46 52.70
N UNK Y 112 -37.20 0.77 53.19
CA UNK Y 112 -36.22 1.74 52.75
C UNK Y 112 -36.10 2.81 53.81
N UNK Y 113 -34.95 3.46 53.87
CA UNK Y 113 -34.75 4.50 54.88
C UNK Y 113 -34.13 5.72 54.21
N UNK Y 114 -34.96 6.61 53.69
CA UNK Y 114 -34.46 7.83 53.07
C UNK Y 114 -34.05 8.82 54.14
N UNK Y 115 -33.23 9.79 53.75
CA UNK Y 115 -32.81 10.81 54.70
C UNK Y 115 -32.73 12.15 54.00
N UNK Y 116 -33.55 13.08 54.45
CA UNK Y 116 -33.61 14.42 53.89
C UNK Y 116 -32.90 15.36 54.82
N UNK Y 117 -31.85 16.01 54.34
CA UNK Y 117 -31.28 17.17 54.99
C UNK Y 117 -32.00 18.35 54.36
N UNK Y 118 -32.74 19.10 55.17
CA UNK Y 118 -33.40 20.33 54.74
C UNK Y 118 -32.45 21.49 55.01
N UNK Y 119 -32.95 22.72 55.01
CA UNK Y 119 -32.15 23.84 55.49
C UNK Y 119 -32.26 23.91 57.02
N UNK Y 120 -31.51 23.03 57.68
CA UNK Y 120 -31.46 22.85 59.12
C UNK Y 120 -30.14 22.17 59.43
N UNK Y 121 -30.00 21.63 60.63
CA UNK Y 121 -28.73 21.00 61.00
C UNK Y 121 -28.88 19.72 61.80
N UNK Y 122 -30.06 19.12 61.81
CA UNK Y 122 -30.26 17.79 62.37
C UNK Y 122 -31.13 17.08 61.35
N UNK Y 123 -30.49 16.33 60.45
CA UNK Y 123 -31.13 15.92 59.21
C UNK Y 123 -32.13 14.81 59.45
N UNK Y 124 -33.30 14.97 58.87
CA UNK Y 124 -34.40 14.07 59.16
C UNK Y 124 -34.23 12.77 58.40
N UNK Y 125 -34.56 11.68 59.06
CA UNK Y 125 -34.69 10.43 58.34
C UNK Y 125 -36.17 10.17 58.15
N UNK Y 126 -36.47 9.21 57.28
CA UNK Y 126 -37.85 8.85 57.00
C UNK Y 126 -37.84 7.42 56.50
N UNK Y 127 -38.68 6.59 57.08
CA UNK Y 127 -38.72 5.19 56.67
C UNK Y 127 -39.78 5.03 55.61
N UNK Y 128 -39.36 4.77 54.39
CA UNK Y 128 -40.28 4.53 53.31
C UNK Y 128 -40.59 3.05 53.27
N UNK Y 129 -41.87 2.72 53.23
CA UNK Y 129 -42.28 1.33 53.14
C UNK Y 129 -43.15 1.16 51.92
N UNK Y 130 -42.84 0.16 51.13
CA UNK Y 130 -43.66 -0.16 49.99
C UNK Y 130 -44.89 -0.92 50.44
N UNK Y 131 -45.96 -0.77 49.65
CA UNK Y 131 -47.11 -1.69 49.53
C UNK Y 131 -47.99 -1.83 50.77
N UNK Y 132 -47.82 -1.01 51.79
CA UNK Y 132 -48.54 -1.24 53.05
C UNK Y 132 -49.92 -0.60 53.00
N UNK Y 133 -50.83 -1.26 52.28
CA UNK Y 133 -52.30 -1.20 52.42
C UNK Y 133 -53.01 0.12 52.10
N UNK Y 134 -52.28 1.20 51.81
CA UNK Y 134 -52.80 2.49 51.41
C UNK Y 134 -51.67 3.25 50.75
N UNK Y 135 -52.00 4.02 49.73
CA UNK Y 135 -51.00 4.73 48.97
C UNK Y 135 -51.01 6.19 49.39
N UNK Y 136 -49.93 6.62 50.03
CA UNK Y 136 -49.83 8.00 50.49
C UNK Y 136 -49.38 8.85 49.31
N UNK Y 137 -50.34 9.39 48.56
CA UNK Y 137 -50.03 10.14 47.36
C UNK Y 137 -49.47 11.53 47.65
N UNK Y 138 -49.73 12.07 48.83
CA UNK Y 138 -49.08 13.29 49.29
C UNK Y 138 -48.99 13.25 50.80
N UNK Y 139 -47.79 13.14 51.33
CA UNK Y 139 -47.58 13.22 52.76
C UNK Y 139 -46.96 14.57 53.07
N UNK Y 140 -47.51 15.26 54.05
CA UNK Y 140 -47.08 16.59 54.40
C UNK Y 140 -46.29 16.52 55.71
N UNK Y 141 -44.99 16.73 55.62
CA UNK Y 141 -44.14 16.64 56.79
C UNK Y 141 -44.06 18.00 57.46
N UNK Y 142 -44.71 18.14 58.60
CA UNK Y 142 -44.58 19.34 59.41
C UNK Y 142 -43.39 19.11 60.33
N UNK Y 143 -42.28 19.77 60.03
CA UNK Y 143 -41.08 19.57 60.81
C UNK Y 143 -41.15 20.36 62.11
N UNK Y 144 -40.26 20.00 63.03
CA UNK Y 144 -40.18 20.70 64.31
C UNK Y 144 -39.19 21.86 64.21
N UNK Z 1 -36.82 -37.83 39.84
CA UNK Z 1 -38.03 -37.01 39.81
C UNK Z 1 -37.93 -35.95 40.87
N UNK Z 2 -37.83 -36.43 42.11
CA UNK Z 2 -37.58 -35.57 43.25
C UNK Z 2 -36.19 -34.95 43.20
N UNK Z 3 -35.22 -35.65 42.59
CA UNK Z 3 -33.91 -35.08 42.31
C UNK Z 3 -33.99 -33.94 41.30
N UNK Z 4 -34.88 -34.06 40.30
CA UNK Z 4 -35.02 -33.02 39.29
C UNK Z 4 -35.73 -31.80 39.84
N UNK Z 5 -36.72 -32.02 40.72
CA UNK Z 5 -37.37 -30.90 41.40
C UNK Z 5 -36.44 -30.26 42.42
N UNK Z 6 -35.53 -31.04 43.00
CA UNK Z 6 -34.52 -30.50 43.89
C UNK Z 6 -33.48 -29.68 43.15
N UNK Z 7 -33.12 -30.10 41.94
CA UNK Z 7 -32.16 -29.35 41.14
C UNK Z 7 -32.73 -28.05 40.59
N UNK Z 8 -34.01 -28.08 40.23
CA UNK Z 8 -34.69 -26.86 39.80
C UNK Z 8 -34.90 -25.90 40.96
N UNK Z 9 -35.15 -26.45 42.16
CA UNK Z 9 -35.21 -25.66 43.36
C UNK Z 9 -33.87 -25.06 43.72
N UNK Z 10 -32.77 -25.77 43.45
CA UNK Z 10 -31.44 -25.25 43.73
C UNK Z 10 -31.02 -24.17 42.77
N UNK Z 11 -31.47 -24.25 41.51
CA UNK Z 11 -31.17 -23.20 40.54
C UNK Z 11 -31.94 -21.93 40.84
N UNK Z 12 -33.23 -22.08 41.18
CA UNK Z 12 -34.03 -20.92 41.56
C UNK Z 12 -33.63 -20.35 42.90
N UNK Z 13 -33.12 -21.20 43.79
CA UNK Z 13 -32.62 -20.75 45.07
C UNK Z 13 -31.30 -20.02 44.93
N UNK Z 14 -30.48 -20.42 43.96
CA UNK Z 14 -29.22 -19.72 43.76
C UNK Z 14 -29.44 -18.34 43.16
N UNK Z 15 -30.44 -18.22 42.28
CA UNK Z 15 -30.81 -16.90 41.76
C UNK Z 15 -31.45 -16.04 42.84
N UNK Z 16 -32.25 -16.65 43.71
CA UNK Z 16 -32.88 -15.92 44.80
C UNK Z 16 -31.88 -15.54 45.87
N UNK Z 17 -30.84 -16.33 46.06
CA UNK Z 17 -29.83 -16.00 47.04
C UNK Z 17 -28.91 -14.92 46.56
N UNK Z 18 -28.61 -14.89 45.26
CA UNK Z 18 -27.79 -13.81 44.74
C UNK Z 18 -28.54 -12.50 44.69
N UNK Z 19 -29.85 -12.57 44.41
CA UNK Z 19 -30.68 -11.37 44.45
C UNK Z 19 -30.88 -10.88 45.87
N UNK Z 20 -30.98 -11.78 46.84
CA UNK Z 20 -31.10 -11.36 48.22
C UNK Z 20 -29.77 -10.91 48.80
N UNK Z 21 -28.65 -11.30 48.21
CA UNK Z 21 -27.37 -10.84 48.69
C UNK Z 21 -26.94 -9.53 48.07
N UNK Z 22 -27.49 -9.18 46.92
CA UNK Z 22 -27.17 -7.89 46.31
C UNK Z 22 -27.83 -6.74 47.06
N UNK Z 23 -27.14 -5.60 47.11
CA UNK Z 23 -27.60 -4.45 47.89
C UNK Z 23 -27.02 -3.19 47.28
N UNK Z 24 -27.87 -2.34 46.71
CA UNK Z 24 -27.42 -1.11 46.09
C UNK Z 24 -27.05 -0.07 47.13
N UNK Z 25 -26.12 0.81 46.77
CA UNK Z 25 -25.50 1.68 47.75
C UNK Z 25 -26.38 2.89 48.06
N UNK Z 26 -25.87 3.76 48.90
CA UNK Z 26 -26.54 5.02 49.17
C UNK Z 26 -26.37 5.96 47.97
N UNK Z 27 -27.27 6.92 47.85
CA UNK Z 27 -27.13 7.97 46.86
C UNK Z 27 -27.51 9.29 47.50
N UNK Z 28 -26.56 10.22 47.57
CA UNK Z 28 -26.78 11.49 48.26
C UNK Z 28 -26.86 12.58 47.20
N UNK Z 29 -28.06 12.82 46.69
CA UNK Z 29 -28.25 13.87 45.71
C UNK Z 29 -28.30 15.21 46.41
N UNK Z 30 -27.44 16.13 46.01
CA UNK Z 30 -27.36 17.45 46.63
C UNK Z 30 -27.60 18.49 45.55
N UNK Z 31 -28.55 19.39 45.78
CA UNK Z 31 -29.01 20.32 44.76
C UNK Z 31 -28.99 21.74 45.30
N UNK Z 32 -28.10 22.56 44.75
CA UNK Z 32 -28.00 23.95 45.16
C UNK Z 32 -28.85 24.84 44.28
N UNK AA 1 -69.78 -27.95 8.60
CA UNK AA 1 -68.47 -27.32 8.64
C UNK AA 1 -68.45 -26.24 9.71
N UNK AA 2 -69.65 -25.88 10.15
CA UNK AA 2 -69.81 -24.83 11.14
C UNK AA 2 -69.34 -25.27 12.51
N UNK AA 3 -69.50 -26.56 12.81
CA UNK AA 3 -68.94 -27.11 14.04
C UNK AA 3 -67.43 -27.20 13.97
N UNK AA 4 -66.89 -27.41 12.77
CA UNK AA 4 -65.44 -27.41 12.58
C UNK AA 4 -64.87 -26.02 12.75
N UNK AA 5 -65.61 -25.02 12.31
CA UNK AA 5 -65.20 -23.63 12.51
C UNK AA 5 -65.33 -23.21 13.97
N UNK AA 6 -66.36 -23.73 14.65
CA UNK AA 6 -66.58 -23.40 16.06
C UNK AA 6 -65.53 -24.03 16.96
N UNK AA 7 -65.17 -25.28 16.66
CA UNK AA 7 -64.07 -25.92 17.37
C UNK AA 7 -62.73 -25.35 16.99
N UNK AA 8 -62.60 -24.79 15.78
CA UNK AA 8 -61.35 -24.15 15.39
C UNK AA 8 -61.14 -22.83 16.12
N UNK AA 9 -62.20 -22.05 16.28
CA UNK AA 9 -62.10 -20.81 17.03
C UNK AA 9 -61.93 -21.06 18.51
N UNK AA 10 -62.50 -22.15 19.02
CA UNK AA 10 -62.27 -22.54 20.40
C UNK AA 10 -60.86 -23.05 20.62
N UNK AA 11 -60.30 -23.71 19.62
CA UNK AA 11 -58.94 -24.22 19.72
C UNK AA 11 -57.90 -23.12 19.61
N UNK AA 12 -58.16 -22.14 18.73
CA UNK AA 12 -57.25 -21.01 18.62
C UNK AA 12 -57.39 -20.08 19.80
N UNK AA 13 -58.57 -20.03 20.42
CA UNK AA 13 -58.73 -19.28 21.64
C UNK AA 13 -58.06 -19.94 22.80
N UNK AA 14 -58.00 -21.27 22.81
CA UNK AA 14 -57.22 -21.93 23.84
C UNK AA 14 -55.74 -21.84 23.55
N UNK AA 15 -55.38 -21.70 22.28
CA UNK AA 15 -53.97 -21.70 21.93
C UNK AA 15 -53.33 -20.35 22.17
N UNK AA 16 -53.99 -19.27 21.75
CA UNK AA 16 -53.33 -17.98 21.67
C UNK AA 16 -53.20 -17.30 23.03
N UNK AA 17 -54.31 -16.93 23.62
CA UNK AA 17 -54.29 -16.57 25.03
C UNK AA 17 -54.34 -17.90 25.76
N UNK AA 18 -53.15 -18.42 26.08
CA UNK AA 18 -53.04 -19.82 26.48
C UNK AA 18 -53.46 -20.04 27.91
N UNK AA 19 -53.02 -19.19 28.81
CA UNK AA 19 -53.47 -19.27 30.19
C UNK AA 19 -54.89 -18.74 30.30
N UNK AA 20 -55.62 -19.28 31.26
CA UNK AA 20 -57.01 -18.90 31.46
C UNK AA 20 -57.09 -17.53 32.08
N UNK AA 21 -58.24 -16.89 31.88
CA UNK AA 21 -58.46 -15.53 32.35
C UNK AA 21 -58.59 -15.45 33.86
N UNK AA 22 -58.97 -16.53 34.52
CA UNK AA 22 -58.87 -16.59 35.97
C UNK AA 22 -57.48 -16.98 36.41
N UNK AA 23 -56.80 -17.78 35.59
CA UNK AA 23 -55.50 -18.31 35.97
C UNK AA 23 -54.41 -17.26 35.89
N UNK AA 24 -54.62 -16.24 35.07
CA UNK AA 24 -53.69 -15.12 35.04
C UNK AA 24 -53.76 -14.30 36.32
N UNK AA 25 -54.96 -14.15 36.88
CA UNK AA 25 -55.09 -13.47 38.15
C UNK AA 25 -54.57 -14.34 39.30
N UNK AA 26 -54.71 -15.65 39.15
CA UNK AA 26 -54.13 -16.58 40.11
C UNK AA 26 -52.61 -16.57 40.07
N UNK AA 27 -52.04 -16.40 38.89
CA UNK AA 27 -50.60 -16.34 38.77
C UNK AA 27 -50.07 -14.99 39.21
N UNK AA 28 -50.87 -13.93 39.08
CA UNK AA 28 -50.43 -12.64 39.57
C UNK AA 28 -50.48 -12.58 41.09
N UNK AA 29 -51.43 -13.28 41.71
CA UNK AA 29 -51.43 -13.39 43.16
C UNK AA 29 -50.32 -14.29 43.64
N UNK AA 30 -49.96 -15.30 42.84
CA UNK AA 30 -48.82 -16.16 43.13
C UNK AA 30 -47.51 -15.39 43.02
N UNK AA 31 -47.42 -14.49 42.05
CA UNK AA 31 -46.21 -13.70 41.84
C UNK AA 31 -46.05 -12.65 42.93
N UNK AA 32 -47.16 -12.05 43.36
CA UNK AA 32 -47.06 -11.04 44.40
C UNK AA 32 -46.83 -11.65 45.77
N UNK AA 33 -47.36 -12.86 46.01
CA UNK AA 33 -47.04 -13.56 47.24
C UNK AA 33 -45.61 -14.05 47.25
N UNK AA 34 -45.09 -14.41 46.06
CA UNK AA 34 -43.69 -14.73 45.90
C UNK AA 34 -42.80 -13.53 46.11
N UNK AA 35 -43.30 -12.35 45.73
CA UNK AA 35 -42.53 -11.15 45.90
C UNK AA 35 -42.52 -10.69 47.36
N UNK AA 36 -43.60 -10.92 48.10
CA UNK AA 36 -43.57 -10.62 49.54
C UNK AA 36 -42.72 -11.62 50.29
N UNK AA 37 -42.68 -12.86 49.80
CA UNK AA 37 -41.84 -13.88 50.39
C UNK AA 37 -40.37 -13.63 50.11
N UNK AA 38 -40.04 -13.11 48.94
CA UNK AA 38 -38.66 -12.73 48.69
C UNK AA 38 -38.32 -11.40 49.35
N UNK AA 39 -39.35 -10.61 49.64
CA UNK AA 39 -39.17 -9.29 50.21
C UNK AA 39 -38.80 -9.32 51.66
N UNK AA 40 -39.43 -10.18 52.45
CA UNK AA 40 -39.45 -10.03 53.90
C UNK AA 40 -38.12 -10.39 54.55
N UNK AA 41 -37.85 -9.76 55.69
CA UNK AA 41 -36.64 -10.03 56.41
C UNK AA 41 -36.76 -11.33 57.18
N UNK AA 42 -35.64 -11.81 57.68
CA UNK AA 42 -35.70 -12.79 58.72
C UNK AA 42 -36.20 -12.12 60.00
N UNK AA 43 -36.75 -12.96 60.88
CA UNK AA 43 -37.99 -12.74 61.66
C UNK AA 43 -38.26 -11.32 62.21
N UNK AA 44 -37.28 -10.74 62.90
CA UNK AA 44 -37.45 -9.41 63.45
C UNK AA 44 -37.18 -8.39 62.36
N UNK AA 45 -38.21 -7.68 61.94
CA UNK AA 45 -38.00 -6.48 61.15
C UNK AA 45 -37.41 -5.44 62.08
N UNK AA 46 -36.09 -5.27 62.00
CA UNK AA 46 -35.24 -4.71 63.06
C UNK AA 46 -35.48 -3.23 63.21
N UNK AA 47 -36.27 -2.89 64.23
CA UNK AA 47 -37.11 -1.70 64.26
C UNK AA 47 -36.29 -0.44 64.48
N UNK AA 48 -36.88 0.67 64.06
CA UNK AA 48 -36.18 1.94 63.93
C UNK AA 48 -35.99 2.56 65.30
N UNK AA 49 -34.99 3.42 65.38
CA UNK AA 49 -34.72 4.21 66.56
C UNK AA 49 -33.94 5.43 66.12
N UNK AA 50 -33.94 6.44 66.96
CA UNK AA 50 -32.92 7.45 66.97
C UNK AA 50 -32.25 7.38 68.32
N UNK AA 51 -31.12 8.05 68.46
CA UNK AA 51 -30.39 7.98 69.70
C UNK AA 51 -29.57 9.25 69.85
N UNK AA 52 -29.07 9.45 71.06
CA UNK AA 52 -28.02 10.41 71.31
C UNK AA 52 -27.10 9.82 72.35
N UNK AA 53 -25.84 10.20 72.27
CA UNK AA 53 -24.85 9.70 73.21
C UNK AA 53 -23.77 10.75 73.36
N UNK AA 54 -23.34 10.96 74.58
CA UNK AA 54 -22.15 11.76 74.77
C UNK AA 54 -20.93 10.91 74.47
N UNK AA 55 -19.83 11.57 74.17
CA UNK AA 55 -18.58 10.90 73.95
C UNK AA 55 -17.62 11.31 75.04
N UNK AA 56 -16.85 10.35 75.53
CA UNK AA 56 -15.83 10.64 76.52
C UNK AA 56 -14.54 11.02 75.81
N UNK AA 57 -13.46 11.19 76.57
CA UNK AA 57 -12.19 11.46 75.92
C UNK AA 57 -11.06 10.66 76.53
N UNK AA 58 -11.15 10.29 77.80
CA UNK AA 58 -9.95 9.85 78.50
C UNK AA 58 -9.65 8.37 78.28
N UNK AA 59 -10.48 7.51 78.85
CA UNK AA 59 -10.40 6.06 78.62
C UNK AA 59 -11.79 5.51 78.92
N UNK AA 60 -12.58 5.32 77.89
CA UNK AA 60 -13.89 4.74 78.07
C UNK AA 60 -14.18 3.86 76.87
N UNK AA 61 -15.42 3.43 76.75
CA UNK AA 61 -15.82 2.66 75.57
C UNK AA 61 -15.94 3.59 74.39
N UNK AA 62 -15.53 3.11 73.23
CA UNK AA 62 -15.83 3.82 71.99
C UNK AA 62 -17.30 3.69 71.71
N UNK AA 63 -17.88 4.72 71.12
CA UNK AA 63 -19.32 4.83 70.98
C UNK AA 63 -19.84 3.89 69.89
N UNK AA 64 -20.84 3.09 70.23
CA UNK AA 64 -21.34 2.07 69.33
C UNK AA 64 -22.50 2.63 68.52
N UNK AA 65 -22.44 2.50 67.21
CA UNK AA 65 -23.52 2.90 66.34
C UNK AA 65 -24.07 1.65 65.68
N UNK AA 66 -25.34 1.35 65.93
CA UNK AA 66 -25.95 0.12 65.45
C UNK AA 66 -26.66 0.38 64.14
N UNK AA 67 -26.00 0.07 63.03
CA UNK AA 67 -26.60 0.31 61.72
C UNK AA 67 -27.17 -0.99 61.16
N UNK AA 68 -27.70 -0.93 59.95
CA UNK AA 68 -28.22 -2.11 59.25
C UNK AA 68 -27.97 -1.91 57.77
N UNK AA 69 -28.63 -2.70 56.93
CA UNK AA 69 -28.46 -2.52 55.49
C UNK AA 69 -29.26 -1.33 54.94
N UNK AA 70 -30.21 -0.79 55.71
CA UNK AA 70 -30.82 0.51 55.45
C UNK AA 70 -29.87 1.61 55.91
N UNK AA 71 -30.18 2.84 55.52
CA UNK AA 71 -29.27 3.96 55.75
C UNK AA 71 -29.34 4.42 57.19
N UNK AA 72 -28.36 5.25 57.58
CA UNK AA 72 -28.25 5.74 58.94
C UNK AA 72 -27.48 7.03 58.92
N UNK AA 73 -27.69 7.83 59.95
CA UNK AA 73 -27.09 9.16 59.99
C UNK AA 73 -26.36 9.34 61.31
N UNK AA 74 -25.15 9.86 61.24
CA UNK AA 74 -24.42 10.24 62.43
C UNK AA 74 -24.37 11.75 62.40
N UNK AA 75 -25.20 12.38 63.23
CA UNK AA 75 -25.17 13.82 63.39
C UNK AA 75 -24.29 14.13 64.57
N UNK AA 76 -23.11 14.68 64.30
CA UNK AA 76 -22.26 15.14 65.37
C UNK AA 76 -22.80 16.46 65.91
N UNK AA 77 -22.37 16.80 67.14
CA UNK AA 77 -22.62 18.11 67.71
C UNK AA 77 -21.89 19.16 66.90
N UNK AA 78 -22.40 20.40 66.95
CA UNK AA 78 -22.48 21.31 65.80
C UNK AA 78 -21.15 21.77 65.17
N UNK AA 79 -19.99 21.40 65.71
CA UNK AA 79 -18.73 21.52 64.99
C UNK AA 79 -18.70 20.52 63.84
N UNK AA 80 -17.90 20.86 62.84
CA UNK AA 80 -17.87 20.11 61.60
C UNK AA 80 -16.85 18.98 61.67
N UNK AA 81 -17.18 17.88 61.01
CA UNK AA 81 -16.26 16.78 60.84
C UNK AA 81 -15.20 17.20 59.84
N UNK AA 82 -13.95 16.85 60.10
CA UNK AA 82 -12.89 17.22 59.16
C UNK AA 82 -12.48 16.07 58.26
N UNK AA 83 -12.36 14.87 58.80
CA UNK AA 83 -11.96 13.74 57.98
C UNK AA 83 -12.55 12.47 58.55
N UNK AA 84 -13.18 11.69 57.69
CA UNK AA 84 -13.58 10.34 58.03
C UNK AA 84 -12.42 9.42 57.69
N UNK AA 85 -12.26 8.34 58.44
CA UNK AA 85 -11.36 7.27 58.07
C UNK AA 85 -12.06 5.98 58.43
N UNK AA 86 -12.54 5.28 57.42
CA UNK AA 86 -13.36 4.09 57.62
C UNK AA 86 -12.60 2.85 57.21
N UNK AA 87 -13.12 1.72 57.66
CA UNK AA 87 -12.68 0.42 57.18
C UNK AA 87 -13.66 -0.01 56.11
N UNK AA 88 -13.33 0.30 54.85
CA UNK AA 88 -14.25 0.32 53.73
C UNK AA 88 -14.61 -1.06 53.26
N UNK AA 89 -15.48 -1.09 52.23
CA UNK AA 89 -16.18 -2.24 51.65
C UNK AA 89 -16.97 -3.04 52.65
N UNK AA 90 -17.48 -2.38 53.67
CA UNK AA 90 -18.51 -2.89 54.52
C UNK AA 90 -19.54 -1.84 54.84
N UNK AA 91 -19.24 -0.58 54.57
CA UNK AA 91 -20.11 0.53 54.92
C UNK AA 91 -19.73 1.70 54.02
N UNK AA 92 -20.73 2.34 53.41
CA UNK AA 92 -20.51 3.48 52.53
C UNK AA 92 -20.89 4.73 53.30
N UNK AA 93 -19.91 5.54 53.63
CA UNK AA 93 -20.12 6.72 54.44
C UNK AA 93 -20.19 7.91 53.51
N UNK AA 94 -21.39 8.26 53.06
CA UNK AA 94 -21.59 9.41 52.21
C UNK AA 94 -21.64 10.63 53.11
N UNK AA 95 -20.74 11.59 52.85
CA UNK AA 95 -20.68 12.85 53.57
C UNK AA 95 -19.95 13.87 52.72
N UNK AA 96 -20.33 15.11 52.90
CA UNK AA 96 -19.61 16.25 52.37
C UNK AA 96 -18.67 16.76 53.44
N UNK AA 97 -18.34 18.06 53.34
CA UNK AA 97 -17.67 18.84 54.37
C UNK AA 97 -18.63 19.47 55.39
N UNK AA 98 -19.75 18.82 55.68
CA UNK AA 98 -20.73 19.24 56.67
C UNK AA 98 -20.40 18.62 58.02
N UNK AA 99 -21.35 18.64 58.95
CA UNK AA 99 -21.17 18.12 60.29
C UNK AA 99 -21.99 16.87 60.57
N UNK AA 100 -22.41 16.15 59.53
CA UNK AA 100 -23.18 14.94 59.71
C UNK AA 100 -22.89 13.98 58.58
N UNK AA 101 -22.55 12.74 58.92
CA UNK AA 101 -22.11 11.75 57.94
C UNK AA 101 -23.12 10.62 57.89
N UNK AA 102 -23.67 10.35 56.72
CA UNK AA 102 -24.69 9.32 56.60
C UNK AA 102 -24.01 8.05 56.15
N UNK AA 103 -24.03 7.03 56.98
CA UNK AA 103 -23.43 5.75 56.67
C UNK AA 103 -24.51 4.76 56.28
N UNK AA 104 -24.22 3.92 55.30
CA UNK AA 104 -25.14 2.87 54.89
C UNK AA 104 -24.34 1.59 54.80
N UNK AA 105 -24.63 0.63 55.66
CA UNK AA 105 -23.76 -0.51 55.81
C UNK AA 105 -24.08 -1.53 54.73
N UNK AA 106 -23.09 -1.83 53.89
CA UNK AA 106 -23.25 -2.74 52.77
C UNK AA 106 -23.33 -4.18 53.22
N UNK AA 107 -22.56 -4.56 54.22
CA UNK AA 107 -22.52 -5.93 54.68
C UNK AA 107 -23.75 -6.25 55.51
N UNK AA 108 -24.06 -7.54 55.63
CA UNK AA 108 -25.26 -7.94 56.36
C UNK AA 108 -24.98 -8.02 57.84
N UNK AA 109 -23.80 -8.48 58.22
CA UNK AA 109 -23.35 -8.52 59.61
C UNK AA 109 -21.82 -8.41 59.53
N UNK AA 110 -21.28 -7.32 60.10
CA UNK AA 110 -19.85 -7.10 60.27
C UNK AA 110 -19.63 -6.01 61.28
N UNK AA 111 -18.59 -6.15 62.08
CA UNK AA 111 -18.14 -5.07 62.92
C UNK AA 111 -17.30 -4.13 62.08
N UNK AA 112 -17.10 -2.92 62.59
CA UNK AA 112 -16.35 -1.87 61.89
C UNK AA 112 -15.91 -0.85 62.89
N UNK AA 113 -14.84 -0.13 62.60
CA UNK AA 113 -14.35 0.88 63.52
C UNK AA 113 -14.03 2.16 62.75
N UNK AA 114 -15.03 3.01 62.58
CA UNK AA 114 -14.82 4.28 61.89
C UNK AA 114 -14.11 5.25 62.80
N UNK AA 115 -13.50 6.28 62.21
CA UNK AA 115 -12.82 7.28 63.01
C UNK AA 115 -13.03 8.64 62.40
N UNK AA 116 -13.68 9.52 63.14
CA UNK AA 116 -13.97 10.87 62.70
C UNK AA 116 -13.02 11.82 63.39
N UNK AA 117 -12.22 12.53 62.61
CA UNK AA 117 -11.52 13.70 63.09
C UNK AA 117 -12.45 14.86 62.79
N UNK AA 118 -12.89 15.55 63.84
CA UNK AA 118 -13.70 16.75 63.73
C UNK AA 118 -12.76 17.96 63.71
N UNK AA 119 -13.29 19.15 63.94
CA UNK AA 119 -12.39 20.29 64.17
C UNK AA 119 -11.99 20.30 65.65
N UNK AA 120 -11.04 19.44 65.99
CA UNK AA 120 -10.49 19.22 67.32
C UNK AA 120 -9.12 18.59 67.12
N UNK AA 121 -8.55 18.02 68.19
CA UNK AA 121 -7.22 17.45 68.08
C UNK AA 121 -7.05 16.14 68.82
N UNK AA 122 -8.13 15.47 69.19
CA UNK AA 122 -8.07 14.12 69.71
C UNK AA 122 -9.22 13.40 69.01
N UNK AA 123 -8.90 12.71 67.92
CA UNK AA 123 -9.90 12.31 66.94
C UNK AA 123 -10.71 11.15 67.45
N UNK AA 124 -12.03 11.26 67.31
CA UNK AA 124 -12.92 10.30 67.91
C UNK AA 124 -12.96 9.05 67.08
N UNK AA 125 -13.02 7.91 67.74
CA UNK AA 125 -13.33 6.68 67.06
C UNK AA 125 -14.78 6.35 67.35
N UNK AA 126 -15.34 5.41 66.59
CA UNK AA 126 -16.71 4.99 66.77
C UNK AA 126 -16.82 3.58 66.24
N UNK AA 127 -17.37 2.68 67.02
CA UNK AA 127 -17.50 1.30 66.58
C UNK AA 127 -18.86 1.13 65.93
N UNK AA 128 -18.86 0.93 64.63
CA UNK AA 128 -20.09 0.68 63.91
C UNK AA 128 -20.34 -0.81 63.90
N UNK AA 129 -21.54 -1.21 64.28
CA UNK AA 129 -21.90 -2.61 64.26
C UNK AA 129 -23.13 -2.78 63.40
N UNK AA 130 -23.07 -3.74 62.50
CA UNK AA 130 -24.22 -4.05 61.69
C UNK AA 130 -25.20 -4.90 62.48
N UNK AA 131 -26.48 -4.77 62.12
CA UNK AA 131 -27.55 -5.76 62.34
C UNK AA 131 -27.96 -5.97 63.79
N UNK AA 132 -27.49 -5.18 64.74
CA UNK AA 132 -27.73 -5.49 66.15
C UNK AA 132 -29.07 -4.92 66.60
N UNK AA 133 -30.14 -5.60 66.20
CA UNK AA 133 -31.47 -5.61 66.83
C UNK AA 133 -32.30 -4.32 66.83
N UNK AA 134 -31.75 -3.20 66.36
CA UNK AA 134 -32.43 -1.92 66.23
C UNK AA 134 -31.61 -1.10 65.26
N UNK AA 135 -32.30 -0.31 64.45
CA UNK AA 135 -31.65 0.49 63.44
C UNK AA 135 -31.56 1.93 63.90
N UNK AA 136 -30.35 2.39 64.17
CA UNK AA 136 -30.14 3.75 64.63
C UNK AA 136 -30.15 4.67 63.42
N UNK AA 137 -31.32 5.18 63.06
CA UNK AA 137 -31.47 6.00 61.85
C UNK AA 137 -30.89 7.40 62.02
N UNK AA 138 -30.76 7.88 63.25
CA UNK AA 138 -30.03 9.12 63.51
C UNK AA 138 -29.44 9.03 64.91
N UNK AA 139 -28.14 8.96 65.00
CA UNK AA 139 -27.45 9.00 66.28
C UNK AA 139 -26.81 10.37 66.42
N UNK AA 140 -27.03 10.99 67.56
CA UNK AA 140 -26.54 12.34 67.82
C UNK AA 140 -25.36 12.27 68.77
N UNK AA 141 -24.18 12.54 68.27
CA UNK AA 141 -22.98 12.46 69.08
C UNK AA 141 -22.73 13.80 69.74
N UNK AA 142 -22.95 13.86 71.04
CA UNK AA 142 -22.61 15.04 71.82
C UNK AA 142 -21.17 14.83 72.27
N UNK AA 143 -20.25 15.56 71.66
CA UNK AA 143 -18.85 15.40 71.96
C UNK AA 143 -18.50 16.13 73.24
N UNK AA 144 -17.35 15.79 73.81
CA UNK AA 144 -16.86 16.45 75.00
C UNK AA 144 -16.01 17.66 74.65
N UNK BA 1 -19.65 -40.96 47.61
CA UNK BA 1 -20.82 -40.21 48.06
C UNK BA 1 -20.40 -39.18 49.09
N UNK BA 2 -19.85 -39.72 50.17
CA UNK BA 2 -19.25 -38.87 51.20
C UNK BA 2 -18.00 -38.18 50.71
N UNK BA 3 -17.28 -38.79 49.77
CA UNK BA 3 -16.18 -38.14 49.08
C UNK BA 3 -16.65 -36.97 48.23
N UNK BA 4 -17.82 -37.10 47.60
CA UNK BA 4 -18.35 -36.02 46.77
C UNK BA 4 -18.87 -34.87 47.60
N UNK BA 5 -19.49 -35.18 48.75
CA UNK BA 5 -19.90 -34.14 49.69
C UNK BA 5 -18.70 -33.48 50.35
N UNK BA 6 -17.62 -34.24 50.54
CA UNK BA 6 -16.37 -33.68 51.05
C UNK BA 6 -15.69 -32.77 50.04
N UNK BA 7 -15.77 -33.11 48.75
CA UNK BA 7 -15.17 -32.27 47.73
C UNK BA 7 -15.95 -30.99 47.48
N UNK BA 8 -17.28 -31.08 47.59
CA UNK BA 8 -18.11 -29.88 47.49
C UNK BA 8 -17.95 -28.99 48.71
N UNK BA 9 -17.73 -29.60 49.88
CA UNK BA 9 -17.40 -28.87 51.08
C UNK BA 9 -16.04 -28.20 50.99
N UNK BA 10 -15.09 -28.84 50.31
CA UNK BA 10 -13.77 -28.26 50.15
C UNK BA 10 -13.76 -27.09 49.16
N UNK BA 11 -14.61 -27.16 48.13
CA UNK BA 11 -14.71 -26.05 47.18
C UNK BA 11 -15.38 -24.84 47.81
N UNK BA 12 -16.45 -25.08 48.57
CA UNK BA 12 -17.13 -23.99 49.27
C UNK BA 12 -16.30 -23.46 50.42
N UNK BA 13 -15.48 -24.32 51.02
CA UNK BA 13 -14.58 -23.88 52.07
C UNK BA 13 -13.42 -23.08 51.53
N UNK BA 14 -12.98 -23.38 50.32
CA UNK BA 14 -11.91 -22.60 49.72
C UNK BA 14 -12.37 -21.21 49.32
N UNK BA 15 -13.62 -21.11 48.85
CA UNK BA 15 -14.20 -19.80 48.57
C UNK BA 15 -14.47 -19.02 49.86
N UNK BA 16 -14.88 -19.71 50.92
CA UNK BA 16 -15.13 -19.07 52.20
C UNK BA 16 -13.83 -18.67 52.88
N UNK BA 17 -12.75 -19.42 52.64
CA UNK BA 17 -11.48 -19.07 53.24
C UNK BA 17 -10.83 -17.90 52.53
N UNK BA 18 -11.00 -17.80 51.21
CA UNK BA 18 -10.46 -16.66 50.49
C UNK BA 18 -11.24 -15.39 50.79
N UNK BA 19 -12.56 -15.53 50.98
CA UNK BA 19 -13.37 -14.39 51.38
C UNK BA 19 -13.09 -13.97 52.81
N UNK BA 20 -12.81 -14.92 53.70
CA UNK BA 20 -12.45 -14.55 55.06
C UNK BA 20 -11.02 -14.05 55.16
N UNK BA 21 -10.16 -14.36 54.20
CA UNK BA 21 -8.81 -13.84 54.24
C UNK BA 21 -8.68 -12.48 53.58
N UNK BA 22 -9.62 -12.11 52.70
CA UNK BA 22 -9.58 -10.78 52.11
C UNK BA 22 -9.98 -9.71 53.11
N UNK BA 23 -9.36 -8.53 52.99
CA UNK BA 23 -9.57 -7.44 53.94
C UNK BA 23 -9.28 -6.13 53.25
N UNK BA 24 -10.32 -5.31 53.07
CA UNK BA 24 -10.16 -4.03 52.39
C UNK BA 24 -9.50 -3.01 53.30
N UNK BA 25 -8.79 -2.07 52.70
CA UNK BA 25 -7.90 -1.20 53.46
C UNK BA 25 -8.67 -0.06 54.12
N UNK BA 26 -7.93 0.81 54.79
CA UNK BA 26 -8.53 2.01 55.33
C UNK BA 26 -8.81 3.00 54.22
N UNK BA 27 -9.75 3.91 54.47
CA UNK BA 27 -10.00 5.02 53.56
C UNK BA 27 -10.18 6.28 54.38
N UNK BA 28 -9.31 7.26 54.17
CA UNK BA 28 -9.33 8.49 54.96
C UNK BA 28 -9.81 9.62 54.06
N UNK BA 29 -11.12 9.81 54.00
CA UNK BA 29 -11.69 10.88 53.22
C UNK BA 29 -11.56 12.19 53.98
N UNK BA 30 -10.92 13.17 53.37
CA UNK BA 30 -10.68 14.47 53.99
C UNK BA 30 -11.32 15.53 53.12
N UNK BA 31 -12.17 16.36 53.73
CA UNK BA 31 -13.00 17.30 52.98
C UNK BA 31 -12.84 18.70 53.57
N UNK BA 32 -12.24 19.60 52.79
CA UNK BA 32 -12.06 20.97 53.23
C UNK BA 32 -13.20 21.84 52.76
N UNK CA 1 -62.15 -23.14 -36.39
CA UNK CA 1 -61.10 -22.58 -35.55
C UNK CA 1 -61.63 -21.40 -34.77
N UNK CA 2 -62.80 -20.93 -35.21
CA UNK CA 2 -63.43 -19.76 -34.60
C UNK CA 2 -63.98 -20.09 -33.23
N UNK CA 3 -64.43 -21.33 -33.03
CA UNK CA 3 -64.83 -21.78 -31.71
C UNK CA 3 -63.64 -21.95 -30.80
N UNK CA 4 -62.48 -22.30 -31.36
CA UNK CA 4 -61.26 -22.41 -30.59
C UNK CA 4 -60.77 -21.04 -30.16
N UNK CA 5 -60.95 -20.05 -31.02
CA UNK CA 5 -60.61 -18.68 -30.67
C UNK CA 5 -61.59 -18.10 -29.65
N UNK CA 6 -62.87 -18.49 -29.75
CA UNK CA 6 -63.89 -18.00 -28.83
C UNK CA 6 -63.71 -18.58 -27.45
N UNK CA 7 -63.38 -19.87 -27.38
CA UNK CA 7 -63.06 -20.49 -26.10
C UNK CA 7 -61.71 -20.03 -25.56
N UNK CA 8 -60.79 -19.62 -26.43
CA UNK CA 8 -59.52 -19.09 -25.98
C UNK CA 8 -59.67 -17.71 -25.35
N UNK CA 9 -60.51 -16.86 -25.94
CA UNK CA 9 -60.76 -15.55 -25.35
C UNK CA 9 -61.59 -15.66 -24.10
N UNK CA 10 -62.47 -16.65 -24.02
CA UNK CA 10 -63.20 -16.91 -22.78
C UNK CA 10 -62.31 -17.46 -21.70
N UNK CA 11 -61.32 -18.26 -22.08
CA UNK CA 11 -60.39 -18.82 -21.10
C UNK CA 11 -59.41 -17.79 -20.59
N UNK CA 12 -58.94 -16.91 -21.48
CA UNK CA 12 -58.05 -15.85 -21.05
C UNK CA 12 -58.79 -14.78 -20.27
N UNK CA 13 -60.08 -14.61 -20.54
CA UNK CA 13 -60.90 -13.71 -19.75
C UNK CA 13 -61.19 -14.29 -18.39
N UNK CA 14 -61.30 -15.61 -18.28
CA UNK CA 14 -61.42 -16.20 -16.96
C UNK CA 14 -60.09 -16.22 -16.25
N UNK CA 15 -58.99 -16.23 -16.99
CA UNK CA 15 -57.68 -16.35 -16.37
C UNK CA 15 -57.19 -15.01 -15.84
N UNK CA 16 -57.33 -13.95 -16.64
CA UNK CA 16 -56.61 -12.71 -16.35
C UNK CA 16 -57.30 -11.91 -15.25
N UNK CA 17 -58.49 -11.41 -15.52
CA UNK CA 17 -59.31 -10.90 -14.43
C UNK CA 17 -59.96 -12.14 -13.84
N UNK CA 18 -59.30 -12.69 -12.81
CA UNK CA 18 -59.62 -14.04 -12.37
C UNK CA 18 -60.86 -14.09 -11.52
N UNK CA 19 -61.00 -13.15 -10.59
CA UNK CA 19 -62.22 -13.07 -9.81
C UNK CA 19 -63.33 -12.46 -10.66
N UNK CA 20 -64.56 -12.85 -10.35
CA UNK CA 20 -65.71 -12.38 -11.11
C UNK CA 20 -66.02 -10.95 -10.75
N UNK CA 21 -66.70 -10.27 -11.67
CA UNK CA 21 -67.02 -8.86 -11.51
C UNK CA 21 -68.06 -8.60 -10.44
N UNK CA 22 -68.89 -9.59 -10.12
CA UNK CA 22 -69.72 -9.51 -8.93
C UNK CA 22 -68.97 -9.92 -7.69
N UNK CA 23 -68.03 -10.83 -7.84
CA UNK CA 23 -67.32 -11.39 -6.71
C UNK CA 23 -66.32 -10.42 -6.13
N UNK CA 24 -65.85 -9.47 -6.93
CA UNK CA 24 -65.00 -8.41 -6.43
C UNK CA 24 -65.76 -7.45 -5.54
N UNK CA 25 -67.02 -7.19 -5.86
CA UNK CA 25 -67.85 -6.37 -4.99
C UNK CA 25 -68.26 -7.13 -3.76
N UNK CA 26 -68.41 -8.45 -3.89
CA UNK CA 26 -68.69 -9.29 -2.73
C UNK CA 26 -67.49 -9.37 -1.80
N UNK CA 27 -66.29 -9.37 -2.35
CA UNK CA 27 -65.10 -9.39 -1.52
C UNK CA 27 -64.81 -8.03 -0.91
N UNK CA 28 -65.24 -6.96 -1.58
CA UNK CA 28 -65.08 -5.63 -0.99
C UNK CA 28 -66.05 -5.42 0.16
N UNK CA 29 -67.25 -5.99 0.06
CA UNK CA 29 -68.17 -5.95 1.18
C UNK CA 29 -67.72 -6.85 2.30
N UNK CA 30 -67.05 -7.95 1.96
CA UNK CA 30 -66.45 -8.83 2.96
C UNK CA 30 -65.29 -8.16 3.67
N UNK CA 31 -64.51 -7.36 2.93
CA UNK CA 31 -63.37 -6.67 3.50
C UNK CA 31 -63.81 -5.52 4.39
N UNK CA 32 -64.87 -4.81 3.98
CA UNK CA 32 -65.34 -3.71 4.80
C UNK CA 32 -66.09 -4.18 6.03
N UNK CA 33 -66.78 -5.33 5.93
CA UNK CA 33 -67.38 -5.91 7.12
C UNK CA 33 -66.33 -6.47 8.06
N UNK CA 34 -65.23 -6.98 7.49
CA UNK CA 34 -64.09 -7.39 8.28
C UNK CA 34 -63.40 -6.22 8.94
N UNK CA 35 -63.41 -5.07 8.27
CA UNK CA 35 -62.80 -3.89 8.84
C UNK CA 35 -63.65 -3.28 9.95
N UNK CA 36 -64.98 -3.38 9.85
CA UNK CA 36 -65.83 -2.93 10.95
C UNK CA 36 -65.75 -3.88 12.13
N UNK CA 37 -65.55 -5.17 11.83
CA UNK CA 37 -65.39 -6.15 12.88
C UNK CA 37 -64.05 -6.01 13.58
N UNK CA 38 -63.00 -5.65 12.86
CA UNK CA 38 -61.74 -5.36 13.53
C UNK CA 38 -61.76 -4.00 14.18
N UNK CA 39 -62.64 -3.13 13.72
CA UNK CA 39 -62.72 -1.77 14.21
C UNK CA 39 -63.35 -1.65 15.57
N UNK CA 40 -64.43 -2.39 15.80
CA UNK CA 40 -65.34 -2.09 16.91
C UNK CA 40 -64.75 -2.44 18.27
N UNK CA 41 -65.20 -1.71 19.28
CA UNK CA 41 -64.76 -1.96 20.62
C UNK CA 41 -65.48 -3.17 21.20
N UNK CA 42 -64.97 -3.65 22.33
CA UNK CA 42 -65.80 -4.51 23.14
C UNK CA 42 -66.90 -3.69 23.77
N UNK CA 43 -67.97 -4.38 24.14
CA UNK CA 43 -69.39 -4.01 23.94
C UNK CA 43 -69.78 -2.54 24.12
N UNK CA 44 -69.41 -1.94 25.24
CA UNK CA 44 -69.74 -0.55 25.50
C UNK CA 44 -68.73 0.33 24.78
N UNK CA 45 -69.19 1.05 23.76
CA UNK CA 45 -68.40 2.14 23.23
C UNK CA 45 -68.42 3.24 24.28
N UNK CA 46 -67.33 3.33 25.04
CA UNK CA 46 -67.27 3.96 26.37
C UNK CA 46 -67.40 5.46 26.25
N UNK CA 47 -68.61 5.95 26.54
CA UNK CA 47 -69.14 7.18 25.96
C UNK CA 47 -68.51 8.41 26.58
N UNK CA 48 -68.58 9.49 25.82
CA UNK CA 48 -67.83 10.69 26.12
C UNK CA 48 -68.47 11.45 27.26
N UNK CA 49 -67.66 12.27 27.91
CA UNK CA 49 -68.10 13.17 28.95
C UNK CA 49 -67.09 14.28 29.06
N UNK CA 50 -67.52 15.37 29.65
CA UNK CA 50 -66.62 16.32 30.26
C UNK CA 50 -66.97 16.36 31.73
N UNK CA 51 -66.10 16.98 32.51
CA UNK CA 51 -66.33 17.02 33.94
C UNK CA 51 -65.66 18.24 34.52
N UNK CA 52 -66.01 18.54 35.75
CA UNK CA 52 -65.26 19.47 36.56
C UNK CA 52 -65.26 18.95 37.98
N UNK CA 53 -64.19 19.25 38.71
CA UNK CA 53 -64.08 18.81 40.08
C UNK CA 53 -63.24 19.81 40.83
N UNK CA 54 -63.64 20.12 42.05
CA UNK CA 54 -62.76 20.87 42.90
C UNK CA 54 -61.74 19.93 43.49
N UNK CA 55 -60.63 20.50 43.93
CA UNK CA 55 -59.59 19.75 44.58
C UNK CA 55 -59.50 20.21 46.02
N UNK CA 56 -59.31 19.27 46.93
CA UNK CA 56 -59.12 19.62 48.33
C UNK CA 56 -57.64 19.84 48.58
N UNK CA 57 -57.28 20.05 49.84
CA UNK CA 57 -55.86 20.17 50.14
C UNK CA 57 -55.45 19.38 51.36
N UNK CA 58 -56.37 19.16 52.31
CA UNK CA 58 -55.93 18.73 53.63
C UNK CA 58 -55.72 17.22 53.72
N UNK CA 59 -56.81 16.47 53.68
CA UNK CA 59 -56.76 15.01 53.63
C UNK CA 59 -58.08 14.57 53.00
N UNK CA 60 -58.06 14.31 51.70
CA UNK CA 60 -59.25 13.82 51.04
C UNK CA 60 -58.81 12.83 49.98
N UNK CA 61 -59.74 12.46 49.12
CA UNK CA 61 -59.40 11.60 48.00
C UNK CA 61 -58.64 12.40 46.97
N UNK CA 62 -57.65 11.77 46.36
CA UNK CA 62 -57.02 12.35 45.18
C UNK CA 62 -58.00 12.28 44.03
N UNK CA 63 -57.96 13.27 43.15
CA UNK CA 63 -58.96 13.43 42.13
C UNK CA 63 -58.78 12.42 41.01
N UNK CA 64 -59.84 11.71 40.67
CA UNK CA 64 -59.78 10.63 39.70
C UNK CA 64 -60.11 11.16 38.32
N UNK CA 65 -59.25 10.88 37.36
CA UNK CA 65 -59.49 11.25 35.97
C UNK CA 65 -59.62 9.96 35.18
N UNK CA 66 -60.79 9.76 34.57
CA UNK CA 66 -61.10 8.51 33.89
C UNK CA 66 -60.80 8.68 32.41
N UNK CA 67 -59.63 8.20 31.98
CA UNK CA 67 -59.23 8.34 30.59
C UNK CA 67 -59.46 7.02 29.87
N UNK CA 68 -59.10 6.97 28.59
CA UNK CA 68 -59.19 5.76 27.78
C UNK CA 68 -58.05 5.78 26.78
N UNK CA 69 -58.11 4.93 25.75
CA UNK CA 69 -57.06 4.97 24.74
C UNK CA 69 -57.21 6.12 23.76
N UNK CA 70 -58.36 6.79 23.71
CA UNK CA 70 -58.51 8.08 23.07
C UNK CA 70 -57.96 9.18 23.97
N UNK CA 71 -57.82 10.38 23.42
CA UNK CA 71 -57.14 11.46 24.11
C UNK CA 71 -58.04 12.08 25.15
N UNK CA 72 -57.45 12.88 26.04
CA UNK CA 72 -58.17 13.51 27.13
C UNK CA 72 -57.42 14.76 27.55
N UNK CA 73 -58.13 15.68 28.17
CA UNK CA 73 -57.56 16.96 28.51
C UNK CA 73 -57.80 17.26 29.98
N UNK CA 74 -56.77 17.69 30.67
CA UNK CA 74 -56.92 18.16 32.03
C UNK CA 74 -56.69 19.66 31.96
N UNK CA 75 -57.78 20.40 32.04
CA UNK CA 75 -57.71 21.85 32.11
C UNK CA 75 -57.74 22.24 33.58
N UNK CA 76 -56.60 22.71 34.08
CA UNK CA 76 -56.57 23.23 35.43
C UNK CA 76 -57.17 24.62 35.44
N UNK CA 77 -57.58 25.06 36.63
CA UNK CA 77 -58.00 26.44 36.85
C UNK CA 77 -56.80 27.36 36.65
N UNK CA 78 -57.10 28.62 36.28
CA UNK CA 78 -56.33 29.41 35.30
C UNK CA 78 -54.86 29.73 35.65
N UNK CA 79 -54.35 29.36 36.83
CA UNK CA 79 -52.93 29.32 37.07
C UNK CA 79 -52.28 28.22 36.25
N UNK CA 80 -51.00 28.39 35.96
CA UNK CA 80 -50.27 27.52 35.07
C UNK CA 80 -49.66 26.36 35.83
N UNK CA 81 -49.61 25.21 35.16
CA UNK CA 81 -48.92 24.04 35.67
C UNK CA 81 -47.43 24.29 35.56
N UNK CA 82 -46.67 23.92 36.58
CA UNK CA 82 -45.23 24.13 36.50
C UNK CA 82 -44.46 22.87 36.13
N UNK CA 83 -44.84 21.72 36.67
CA UNK CA 83 -44.14 20.48 36.36
C UNK CA 83 -45.10 19.32 36.48
N UNK CA 84 -45.13 18.49 35.46
CA UNK CA 84 -45.80 17.21 35.54
C UNK CA 84 -44.79 16.20 36.05
N UNK CA 85 -45.26 15.20 36.79
CA UNK CA 85 -44.44 14.05 37.13
C UNK CA 85 -45.35 12.85 37.02
N UNK CA 86 -45.17 12.06 35.98
CA UNK CA 86 -46.06 10.96 35.67
C UNK CA 86 -45.34 9.64 35.90
N UNK CA 87 -46.16 8.58 35.97
CA UNK CA 87 -45.65 7.21 35.95
C UNK CA 87 -45.78 6.72 34.52
N UNK CA 88 -44.71 6.89 33.75
CA UNK CA 88 -44.71 6.84 32.30
C UNK CA 88 -44.84 5.43 31.77
N UNK CA 89 -44.86 5.35 30.43
CA UNK CA 89 -45.15 4.17 29.59
C UNK CA 89 -46.48 3.52 29.90
N UNK CA 90 -47.45 4.32 30.32
CA UNK CA 90 -48.84 3.95 30.35
C UNK CA 90 -49.71 5.08 29.89
N UNK CA 91 -49.17 6.29 29.82
CA UNK CA 91 -49.93 7.48 29.47
C UNK CA 91 -48.96 8.52 28.96
N UNK CA 92 -49.26 9.14 27.83
CA UNK CA 92 -48.42 10.17 27.24
C UNK CA 92 -49.06 11.51 27.52
N UNK CA 93 -48.42 12.30 28.35
CA UNK CA 93 -48.97 13.58 28.78
C UNK CA 93 -48.31 14.67 27.97
N UNK CA 94 -48.91 15.02 26.85
CA UNK CA 94 -48.40 16.09 26.01
C UNK CA 94 -48.86 17.40 26.61
N UNK CA 95 -47.91 18.27 26.93
CA UNK CA 95 -48.18 19.60 27.46
C UNK CA 95 -46.97 20.47 27.22
N UNK CA 96 -47.24 21.75 27.05
CA UNK CA 96 -46.24 22.79 27.04
C UNK CA 96 -46.12 23.37 28.45
N UNK CA 97 -45.67 24.61 28.51
CA UNK CA 97 -45.71 25.46 29.70
C UNK CA 97 -47.03 26.25 29.84
N UNK CA 98 -48.14 25.69 29.39
CA UNK CA 98 -49.47 26.28 29.50
C UNK CA 98 -50.14 25.78 30.79
N UNK CA 99 -51.46 25.96 30.88
CA UNK CA 99 -52.22 25.58 32.06
C UNK CA 99 -53.15 24.41 31.81
N UNK CA 100 -52.90 23.61 30.79
CA UNK CA 100 -53.74 22.47 30.48
C UNK CA 100 -52.90 21.38 29.86
N UNK CA 101 -53.00 20.16 30.38
CA UNK CA 101 -52.15 19.06 29.97
C UNK CA 101 -53.02 17.97 29.34
N UNK CA 102 -52.74 17.61 28.10
CA UNK CA 102 -53.56 16.63 27.42
C UNK CA 102 -52.89 15.28 27.56
N UNK CA 103 -53.54 14.36 28.25
CA UNK CA 103 -53.02 13.03 28.45
C UNK CA 103 -53.71 12.06 27.51
N UNK CA 104 -52.97 11.10 26.97
CA UNK CA 104 -53.53 10.07 26.13
C UNK CA 104 -53.00 8.75 26.64
N UNK CA 105 -53.87 7.91 27.16
CA UNK CA 105 -53.41 6.73 27.88
C UNK CA 105 -53.10 5.62 26.90
N UNK CA 106 -51.85 5.18 26.90
CA UNK CA 106 -51.36 4.17 25.98
C UNK CA 106 -51.87 2.79 26.34
N UNK CA 107 -51.94 2.49 27.63
CA UNK CA 107 -52.35 1.16 28.07
C UNK CA 107 -53.86 1.01 27.96
N UNK CA 108 -54.31 -0.25 27.90
CA UNK CA 108 -55.73 -0.50 27.73
C UNK CA 108 -56.46 -0.43 29.04
N UNK CA 109 -55.83 -0.92 30.11
CA UNK CA 109 -56.37 -0.83 31.47
C UNK CA 109 -55.14 -0.80 32.37
N UNK CA 110 -54.96 0.30 33.09
CA UNK CA 110 -53.93 0.46 34.12
C UNK CA 110 -54.30 1.65 35.00
N UNK CA 111 -54.01 1.53 36.29
CA UNK CA 111 -54.07 2.69 37.16
C UNK CA 111 -52.78 3.48 37.01
N UNK CA 112 -52.82 4.73 37.46
CA UNK CA 112 -51.69 5.64 37.34
C UNK CA 112 -51.88 6.75 38.35
N UNK CA 113 -50.78 7.37 38.77
CA UNK CA 113 -50.88 8.45 39.74
C UNK CA 113 -50.01 9.61 39.29
N UNK CA 114 -50.58 10.51 38.48
CA UNK CA 114 -49.84 11.67 38.01
C UNK CA 114 -49.76 12.70 39.12
N UNK CA 115 -48.80 13.61 39.00
CA UNK CA 115 -48.68 14.67 40.00
C UNK CA 115 -48.30 15.97 39.33
N UNK CA 116 -49.18 16.95 39.44
CA UNK CA 116 -48.97 18.25 38.85
C UNK CA 116 -48.57 19.22 39.95
N UNK CA 117 -47.39 19.79 39.82
CA UNK CA 117 -47.03 20.97 40.57
C UNK CA 117 -47.42 22.15 39.69
N UNK CA 118 -48.36 22.96 40.19
CA UNK CA 118 -48.77 24.19 39.52
C UNK CA 118 -47.91 25.33 40.05
N UNK CA 119 -48.32 26.58 39.84
CA UNK CA 119 -47.66 27.69 40.53
C UNK CA 119 -48.27 27.84 41.92
N UNK CA 120 -47.84 26.96 42.82
CA UNK CA 120 -48.29 26.87 44.21
C UNK CA 120 -47.17 26.15 44.97
N UNK CA 121 -47.48 25.66 46.17
CA UNK CA 121 -46.45 25.01 46.96
C UNK CA 121 -46.92 23.77 47.70
N UNK CA 122 -48.06 23.22 47.34
CA UNK CA 122 -48.49 21.93 47.84
C UNK CA 122 -49.01 21.20 46.62
N UNK CA 123 -48.15 20.38 46.01
CA UNK CA 123 -48.35 19.93 44.64
C UNK CA 123 -49.43 18.87 44.57
N UNK CA 124 -50.34 19.04 43.62
CA UNK CA 124 -51.51 18.20 43.56
C UNK CA 124 -51.16 16.86 42.95
N UNK CA 125 -51.75 15.82 43.48
CA UNK CA 125 -51.69 14.54 42.82
C UNK CA 125 -53.02 14.32 42.14
N UNK CA 126 -53.07 13.33 41.25
CA UNK CA 126 -54.29 13.00 40.53
C UNK CA 126 -54.19 11.56 40.12
N UNK CA 127 -55.21 10.77 40.43
CA UNK CA 127 -55.18 9.37 40.07
C UNK CA 127 -55.83 9.20 38.71
N UNK CA 128 -55.04 8.86 37.72
CA UNK CA 128 -55.56 8.59 36.40
C UNK CA 128 -55.92 7.13 36.31
N UNK CA 129 -57.12 6.84 35.86
CA UNK CA 129 -57.53 5.46 35.68
C UNK CA 129 -57.95 5.26 34.25
N UNK CA 130 -57.45 4.22 33.64
CA UNK CA 130 -57.86 3.87 32.30
C UNK CA 130 -59.21 3.18 32.32
N UNK CA 131 -59.94 3.32 31.22
CA UNK CA 131 -61.01 2.44 30.76
C UNK CA 131 -62.27 2.39 31.63
N UNK CA 132 -62.42 3.26 32.62
CA UNK CA 132 -63.52 3.11 33.57
C UNK CA 132 -64.77 3.81 33.04
N UNK CA 133 -65.43 3.14 32.08
CA UNK CA 133 -66.84 3.27 31.71
C UNK CA 133 -67.35 4.59 31.12
N UNK CA 134 -66.51 5.62 31.06
CA UNK CA 134 -66.80 6.91 30.46
C UNK CA 134 -65.47 7.59 30.19
N UNK CA 135 -65.41 8.33 29.10
CA UNK CA 135 -64.18 8.98 28.70
C UNK CA 135 -64.24 10.44 29.04
N UNK CA 136 -63.43 10.86 29.98
CA UNK CA 136 -63.43 12.26 30.41
C UNK CA 136 -62.57 13.04 29.43
N UNK CA 137 -63.19 13.57 28.37
CA UNK CA 137 -62.44 14.26 27.32
C UNK CA 137 -61.96 15.63 27.74
N UNK CA 138 -62.58 16.25 28.74
CA UNK CA 138 -62.05 17.46 29.35
C UNK CA 138 -62.48 17.49 30.80
N UNK CA 139 -61.53 17.35 31.71
CA UNK CA 139 -61.81 17.50 33.12
C UNK CA 139 -61.25 18.84 33.58
N UNK CA 140 -62.07 19.60 34.28
CA UNK CA 140 -61.71 20.94 34.72
C UNK CA 140 -61.42 20.89 36.22
N UNK CA 141 -60.16 21.05 36.56
CA UNK CA 141 -59.75 20.99 37.96
C UNK CA 141 -59.83 22.39 38.56
N UNK CA 142 -60.80 22.60 39.41
CA UNK CA 142 -60.91 23.83 40.17
C UNK CA 142 -60.11 23.61 41.45
N UNK CA 143 -58.94 24.21 41.52
CA UNK CA 143 -58.06 24.01 42.67
C UNK CA 143 -58.52 24.86 43.83
N UNK CA 144 -58.02 24.52 45.01
CA UNK CA 144 -58.33 25.27 46.22
C UNK CA 144 -57.32 26.39 46.42
N UNK DA 1 -50.25 -34.44 26.51
CA UNK DA 1 -51.36 -33.58 26.16
C UNK DA 1 -51.51 -32.48 27.17
N UNK DA 2 -51.74 -32.92 28.41
CA UNK DA 2 -51.76 -32.02 29.54
C UNK DA 2 -50.39 -31.46 29.84
N UNK DA 3 -49.33 -32.21 29.53
CA UNK DA 3 -47.97 -31.69 29.58
C UNK DA 3 -47.73 -30.60 28.56
N UNK DA 4 -48.33 -30.72 27.37
CA UNK DA 4 -48.16 -29.72 26.33
C UNK DA 4 -48.94 -28.45 26.64
N UNK DA 5 -50.13 -28.61 27.23
CA UNK DA 5 -50.88 -27.44 27.69
C UNK DA 5 -50.22 -26.79 28.90
N UNK DA 6 -49.53 -27.59 29.72
CA UNK DA 6 -48.77 -27.04 30.83
C UNK DA 6 -47.53 -26.29 30.36
N UNK DA 7 -46.89 -26.76 29.30
CA UNK DA 7 -45.71 -26.08 28.77
C UNK DA 7 -46.08 -24.79 28.05
N UNK DA 8 -47.22 -24.79 27.36
CA UNK DA 8 -47.69 -23.55 26.74
C UNK DA 8 -48.17 -22.55 27.78
N UNK DA 9 -48.74 -23.05 28.88
CA UNK DA 9 -49.08 -22.21 30.01
C UNK DA 9 -47.85 -21.64 30.69
N UNK DA 10 -46.76 -22.40 30.73
CA UNK DA 10 -45.53 -21.92 31.34
C UNK DA 10 -44.83 -20.88 30.49
N UNK DA 11 -44.93 -21.00 29.16
CA UNK DA 11 -44.35 -20.00 28.27
C UNK DA 11 -45.10 -18.69 28.33
N UNK DA 12 -46.44 -18.78 28.33
CA UNK DA 12 -47.27 -17.59 28.44
C UNK DA 12 -47.20 -16.98 29.83
N UNK DA 13 -46.99 -17.81 30.85
CA UNK DA 13 -46.81 -17.33 32.20
C UNK DA 13 -45.48 -16.66 32.39
N UNK DA 14 -44.45 -17.11 31.69
CA UNK DA 14 -43.14 -16.46 31.79
C UNK DA 14 -43.14 -15.11 31.12
N UNK DA 15 -43.88 -14.99 30.01
CA UNK DA 15 -44.03 -13.68 29.38
C UNK DA 15 -44.89 -12.75 30.23
N UNK DA 16 -45.92 -13.30 30.87
CA UNK DA 16 -46.78 -12.50 31.74
C UNK DA 16 -46.09 -12.11 33.03
N UNK DA 17 -45.17 -12.94 33.50
CA UNK DA 17 -44.44 -12.61 34.71
C UNK DA 17 -43.37 -11.58 34.45
N UNK DA 18 -42.75 -11.60 33.28
CA UNK DA 18 -41.76 -10.58 32.95
C UNK DA 18 -42.43 -9.24 32.67
N UNK DA 19 -43.61 -9.28 32.06
CA UNK DA 19 -44.37 -8.05 31.86
C UNK DA 19 -44.92 -7.50 33.15
N UNK DA 20 -45.31 -8.36 34.09
CA UNK DA 20 -45.77 -7.88 35.37
C UNK DA 20 -44.62 -7.46 36.27
N UNK DA 21 -43.40 -7.91 36.01
CA UNK DA 21 -42.26 -7.47 36.80
C UNK DA 21 -41.63 -6.20 36.27
N UNK DA 22 -41.85 -5.87 35.00
CA UNK DA 22 -41.32 -4.62 34.47
C UNK DA 22 -42.11 -3.42 34.99
N UNK DA 23 -41.40 -2.32 35.19
CA UNK DA 23 -42.00 -1.12 35.79
C UNK DA 23 -41.22 0.10 35.32
N UNK DA 24 -41.86 0.95 34.53
CA UNK DA 24 -41.20 2.14 34.01
C UNK DA 24 -41.09 3.20 35.08
N UNK DA 25 -40.06 4.04 34.95
CA UNK DA 25 -39.68 4.93 36.04
C UNK DA 25 -40.55 6.17 36.07
N UNK DA 26 -40.24 7.07 37.00
CA UNK DA 26 -40.90 8.36 37.04
C UNK DA 26 -40.39 9.24 35.91
N UNK DA 27 -41.18 10.22 35.52
CA UNK DA 27 -40.73 11.23 34.58
C UNK DA 27 -41.22 12.59 35.06
N UNK DA 28 -40.28 13.48 35.36
CA UNK DA 28 -40.62 14.79 35.93
C UNK DA 28 -40.36 15.84 34.86
N UNK DA 29 -41.37 16.10 34.04
CA UNK DA 29 -41.26 17.12 33.02
C UNK DA 29 -41.44 18.50 33.65
N UNK DA 30 -40.46 19.36 33.46
CA UNK DA 30 -40.49 20.70 34.04
C UNK DA 30 -40.39 21.70 32.91
N UNK DA 31 -41.33 22.65 32.85
CA UNK DA 31 -41.47 23.55 31.73
C UNK DA 31 -41.52 24.99 32.21
N UNK DA 32 -40.49 25.75 31.89
CA UNK DA 32 -40.44 27.15 32.28
C UNK DA 32 -40.99 28.04 31.18
N UNK EA 1 -47.40 -22.68 -54.41
CA UNK EA 1 -46.67 -22.11 -53.30
C UNK EA 1 -47.37 -20.87 -52.79
N UNK EA 2 -48.30 -20.37 -53.61
CA UNK EA 2 -49.03 -19.17 -53.29
C UNK EA 2 -50.04 -19.40 -52.17
N UNK EA 3 -50.58 -20.61 -52.09
CA UNK EA 3 -51.43 -20.98 -50.97
C UNK EA 3 -50.62 -21.16 -49.71
N UNK EA 4 -49.36 -21.58 -49.84
CA UNK EA 4 -48.47 -21.69 -48.69
C UNK EA 4 -48.08 -20.33 -48.16
N UNK EA 5 -47.92 -19.37 -49.07
CA UNK EA 5 -47.65 -18.00 -48.68
C UNK EA 5 -48.87 -17.33 -48.07
N UNK EA 6 -50.06 -17.67 -48.57
CA UNK EA 6 -51.31 -17.09 -48.08
C UNK EA 6 -51.64 -17.62 -46.69
N UNK EA 7 -51.41 -18.91 -46.47
CA UNK EA 7 -51.57 -19.48 -45.14
C UNK EA 7 -50.46 -19.05 -44.20
N UNK EA 8 -49.29 -18.71 -44.72
CA UNK EA 8 -48.21 -18.21 -43.88
C UNK EA 8 -48.49 -16.81 -43.39
N UNK EA 9 -49.04 -15.95 -44.25
CA UNK EA 9 -49.41 -14.60 -43.84
C UNK EA 9 -50.61 -14.61 -42.92
N UNK EA 10 -51.52 -15.57 -43.11
CA UNK EA 10 -52.65 -15.73 -42.20
C UNK EA 10 -52.19 -16.27 -40.85
N UNK EA 11 -51.17 -17.12 -40.85
CA UNK EA 11 -50.67 -17.66 -39.61
C UNK EA 11 -49.86 -16.65 -38.82
N UNK EA 12 -49.07 -15.83 -39.52
CA UNK EA 12 -48.33 -14.78 -38.85
C UNK EA 12 -49.24 -13.65 -38.42
N UNK EA 13 -50.35 -13.45 -39.12
CA UNK EA 13 -51.33 -12.49 -38.68
C UNK EA 13 -52.10 -12.97 -37.47
N UNK EA 14 -52.29 -14.28 -37.36
CA UNK EA 14 -52.89 -14.80 -36.14
C UNK EA 14 -51.87 -14.84 -35.01
N UNK EA 15 -50.59 -14.94 -35.35
CA UNK EA 15 -49.58 -15.06 -34.32
C UNK EA 15 -49.22 -13.72 -33.70
N UNK EA 16 -49.02 -12.69 -34.54
CA UNK EA 16 -48.38 -11.46 -34.06
C UNK EA 16 -49.37 -10.59 -33.29
N UNK EA 17 -50.37 -10.06 -33.97
CA UNK EA 17 -51.48 -9.47 -33.24
C UNK EA 17 -52.34 -10.65 -32.85
N UNK EA 18 -52.11 -11.18 -31.65
CA UNK EA 18 -52.62 -12.49 -31.28
C UNK EA 18 -54.08 -12.45 -30.91
N UNK EA 19 -54.48 -11.47 -30.11
CA UNK EA 19 -55.88 -11.30 -29.80
C UNK EA 19 -56.61 -10.70 -30.98
N UNK EA 20 -57.88 -11.02 -31.10
CA UNK EA 20 -58.69 -10.56 -32.22
C UNK EA 20 -59.03 -9.10 -32.03
N UNK EA 21 -59.33 -8.44 -33.15
CA UNK EA 21 -59.61 -7.01 -33.16
C UNK EA 21 -60.94 -6.67 -32.50
N UNK EA 22 -61.88 -7.60 -32.45
CA UNK EA 22 -63.05 -7.43 -31.62
C UNK EA 22 -62.79 -7.81 -30.19
N UNK EA 23 -61.89 -8.76 -29.98
CA UNK EA 23 -61.63 -9.29 -28.66
C UNK EA 23 -60.84 -8.33 -27.81
N UNK EA 24 -60.07 -7.44 -28.44
CA UNK EA 24 -59.39 -6.39 -27.71
C UNK EA 24 -60.36 -5.36 -27.15
N UNK EA 25 -61.42 -5.06 -27.90
CA UNK EA 25 -62.46 -4.18 -27.39
C UNK EA 25 -63.30 -4.86 -26.34
N UNK EA 26 -63.47 -6.17 -26.47
CA UNK EA 26 -64.15 -6.95 -25.45
C UNK EA 26 -63.34 -7.02 -24.16
N UNK EA 27 -62.02 -7.09 -24.28
CA UNK EA 27 -61.17 -7.12 -23.10
C UNK EA 27 -61.05 -5.74 -22.47
N UNK EA 28 -61.17 -4.68 -23.27
CA UNK EA 28 -61.15 -3.34 -22.71
C UNK EA 28 -62.43 -3.03 -21.97
N UNK EA 29 -63.56 -3.57 -22.45
CA UNK EA 29 -64.81 -3.43 -21.71
C UNK EA 29 -64.80 -4.30 -20.46
N UNK EA 30 -64.11 -5.44 -20.52
CA UNK EA 30 -63.93 -6.28 -19.36
C UNK EA 30 -63.04 -5.62 -18.32
N UNK EA 31 -62.02 -4.90 -18.78
CA UNK EA 31 -61.10 -4.20 -17.87
C UNK EA 31 -61.76 -3.01 -17.24
N UNK EA 32 -62.58 -2.29 -17.99
CA UNK EA 32 -63.24 -1.12 -17.43
C UNK EA 32 -64.38 -1.51 -16.50
N UNK EA 33 -65.05 -2.63 -16.78
CA UNK EA 33 -66.06 -3.14 -15.85
C UNK EA 33 -65.41 -3.69 -14.59
N UNK EA 34 -64.22 -4.26 -14.74
CA UNK EA 34 -63.42 -4.68 -13.60
C UNK EA 34 -62.93 -3.49 -12.79
N UNK EA 35 -62.67 -2.38 -13.46
CA UNK EA 35 -62.22 -1.20 -12.76
C UNK EA 35 -63.36 -0.51 -12.03
N UNK EA 36 -64.59 -0.55 -12.57
CA UNK EA 36 -65.73 -0.02 -11.83
C UNK EA 36 -66.10 -0.91 -10.66
N UNK EA 37 -65.88 -2.22 -10.83
CA UNK EA 37 -66.13 -3.17 -9.76
C UNK EA 37 -65.10 -3.04 -8.65
N UNK EA 38 -63.85 -2.74 -8.99
CA UNK EA 38 -62.88 -2.47 -7.95
C UNK EA 38 -63.05 -1.07 -7.38
N UNK EA 39 -63.68 -0.20 -8.15
CA UNK EA 39 -63.84 1.19 -7.76
C UNK EA 39 -64.89 1.38 -6.70
N UNK EA 40 -66.01 0.70 -6.81
CA UNK EA 40 -67.22 1.10 -6.09
C UNK EA 40 -67.14 0.79 -4.60
N UNK EA 41 -67.88 1.58 -3.82
CA UNK EA 41 -67.92 1.38 -2.39
C UNK EA 41 -68.85 0.23 -2.06
N UNK EA 42 -68.77 -0.21 -0.82
CA UNK EA 42 -69.86 -1.01 -0.30
C UNK EA 42 -71.08 -0.11 -0.11
N UNK EA 43 -72.25 -0.75 -0.10
CA UNK EA 43 -73.49 -0.33 -0.77
C UNK EA 43 -73.85 1.16 -0.79
N UNK EA 44 -73.85 1.80 0.38
CA UNK EA 44 -74.17 3.21 0.45
C UNK EA 44 -72.94 4.02 0.09
N UNK EA 45 -72.99 4.70 -1.04
CA UNK EA 45 -72.01 5.74 -1.31
C UNK EA 45 -72.32 6.89 -0.38
N UNK EA 46 -71.55 6.98 0.71
CA UNK EA 46 -71.92 7.67 1.95
C UNK EA 46 -71.92 9.16 1.75
N UNK EA 47 -73.12 9.71 1.59
CA UNK EA 47 -73.38 10.93 0.83
C UNK EA 47 -72.93 12.16 1.58
N UNK EA 48 -72.68 13.21 0.81
CA UNK EA 48 -72.02 14.40 1.29
C UNK EA 48 -72.97 15.23 2.12
N UNK EA 49 -72.38 16.05 2.98
CA UNK EA 49 -73.10 17.01 3.78
C UNK EA 49 -72.12 18.09 4.19
N UNK EA 50 -72.68 19.23 4.56
CA UNK EA 50 -71.99 20.17 5.40
C UNK EA 50 -72.80 20.29 6.66
N UNK EA 51 -72.22 20.93 7.68
CA UNK EA 51 -72.91 21.04 8.94
C UNK EA 51 -72.42 22.27 9.67
N UNK EA 52 -73.14 22.64 10.69
CA UNK EA 52 -72.66 23.58 11.69
C UNK EA 52 -73.17 23.13 13.04
N UNK EA 53 -72.39 23.43 14.07
CA UNK EA 53 -72.77 23.05 15.41
C UNK EA 53 -72.18 24.05 16.37
N UNK EA 54 -72.96 24.44 17.36
CA UNK EA 54 -72.38 25.20 18.44
C UNK EA 54 -71.65 24.26 19.37
N UNK EA 55 -70.73 24.81 20.13
CA UNK EA 55 -70.01 24.05 21.12
C UNK EA 55 -70.38 24.59 22.50
N UNK EA 56 -70.55 23.68 23.45
CA UNK EA 56 -70.83 24.09 24.81
C UNK EA 56 -69.51 24.27 25.55
N UNK EA 57 -69.58 24.53 26.84
CA UNK EA 57 -68.34 24.61 27.60
C UNK EA 57 -68.42 23.87 28.92
N UNK EA 58 -69.60 23.73 29.50
CA UNK EA 58 -69.66 23.36 30.92
C UNK EA 58 -69.56 21.85 31.12
N UNK EA 59 -70.61 21.12 30.73
CA UNK EA 59 -70.62 19.67 30.76
C UNK EA 59 -71.67 19.25 29.74
N UNK EA 60 -71.24 18.92 28.54
CA UNK EA 60 -72.16 18.44 27.52
C UNK EA 60 -71.44 17.39 26.71
N UNK EA 61 -72.03 17.00 25.60
CA UNK EA 61 -71.39 16.08 24.69
C UNK EA 61 -70.28 16.80 23.95
N UNK EA 62 -69.18 16.10 23.73
CA UNK EA 62 -68.17 16.60 22.81
C UNK EA 62 -68.70 16.50 21.41
N UNK EA 63 -68.32 17.46 20.57
CA UNK EA 63 -68.91 17.60 19.25
C UNK EA 63 -68.42 16.52 18.30
N UNK EA 64 -69.34 15.85 17.64
CA UNK EA 64 -69.02 14.71 16.79
C UNK EA 64 -68.83 15.18 15.36
N UNK EA 65 -67.70 14.84 14.76
CA UNK EA 65 -67.45 15.14 13.36
C UNK EA 65 -67.38 13.82 12.61
N UNK EA 66 -68.29 13.63 11.66
CA UNK EA 66 -68.40 12.36 10.95
C UNK EA 66 -67.62 12.44 9.65
N UNK EA 67 -66.40 11.91 9.67
CA UNK EA 67 -65.55 11.96 8.49
C UNK EA 67 -65.59 10.62 7.76
N UNK EA 68 -64.82 10.49 6.69
CA UNK EA 68 -64.70 9.24 5.95
C UNK EA 68 -63.28 9.17 5.38
N UNK EA 69 -63.05 8.28 4.43
CA UNK EA 69 -61.72 8.22 3.83
C UNK EA 69 -61.46 9.34 2.81
N UNK EA 70 -62.49 10.04 2.37
CA UNK EA 70 -62.37 11.30 1.66
C UNK EA 70 -62.10 12.42 2.66
N UNK EA 71 -61.70 13.59 2.14
CA UNK EA 71 -61.25 14.67 2.99
C UNK EA 71 -62.42 15.38 3.65
N UNK EA 72 -62.11 16.20 4.64
CA UNK EA 72 -63.13 16.91 5.40
C UNK EA 72 -62.50 18.15 6.00
N UNK EA 73 -63.33 19.12 6.32
CA UNK EA 73 -62.84 20.40 6.79
C UNK EA 73 -63.55 20.78 8.08
N UNK EA 74 -62.80 21.21 9.07
CA UNK EA 74 -63.36 21.75 10.28
C UNK EA 74 -63.05 23.23 10.24
N UNK EA 75 -64.06 24.01 9.92
CA UNK EA 75 -63.95 25.46 9.96
C UNK EA 75 -64.44 25.93 11.31
N UNK EA 76 -63.53 26.37 12.15
CA UNK EA 76 -63.92 26.96 13.41
C UNK EA 76 -64.43 28.38 13.18
N UNK EA 77 -65.19 28.89 14.15
CA UNK EA 77 -65.58 30.29 14.16
C UNK EA 77 -64.35 31.16 14.34
N UNK EA 78 -64.43 32.41 13.86
CA UNK EA 78 -63.34 33.12 13.18
C UNK EA 78 -62.06 33.40 13.98
N UNK EA 79 -62.00 33.07 15.27
CA UNK EA 79 -60.74 33.00 15.98
C UNK EA 79 -59.91 31.83 15.47
N UNK EA 80 -58.60 31.95 15.63
CA UNK EA 80 -57.67 31.01 15.06
C UNK EA 80 -57.40 29.86 16.01
N UNK EA 81 -57.19 28.67 15.45
CA UNK EA 81 -56.76 27.52 16.21
C UNK EA 81 -55.31 27.71 16.59
N UNK EA 82 -54.95 27.35 17.82
CA UNK EA 82 -53.57 27.51 18.23
C UNK EA 82 -52.79 26.20 18.17
N UNK EA 83 -53.38 25.10 18.59
CA UNK EA 83 -52.68 23.83 18.58
C UNK EA 83 -53.68 22.71 18.41
N UNK EA 84 -53.41 21.83 17.47
CA UNK EA 84 -54.13 20.57 17.37
C UNK EA 84 -53.41 19.56 18.22
N UNK EA 85 -54.15 18.61 18.79
CA UNK EA 85 -53.54 17.45 19.43
C UNK EA 85 -54.43 16.28 19.06
N UNK EA 86 -53.94 15.44 18.16
CA UNK EA 86 -54.73 14.35 17.62
C UNK EA 86 -54.21 13.02 18.12
N UNK EA 87 -55.04 12.01 17.95
CA UNK EA 87 -54.63 10.62 18.14
C UNK EA 87 -54.29 10.06 16.77
N UNK EA 88 -53.02 10.14 16.41
CA UNK EA 88 -52.53 10.03 15.05
C UNK EA 88 -52.55 8.60 14.55
N UNK EA 89 -52.14 8.45 13.28
CA UNK EA 89 -52.18 7.25 12.44
C UNK EA 89 -53.57 6.67 12.30
N UNK EA 90 -54.58 7.51 12.35
CA UNK EA 90 -55.91 7.19 11.92
C UNK EA 90 -56.52 8.33 11.15
N UNK EA 91 -55.93 9.52 11.22
CA UNK EA 91 -56.47 10.71 10.60
C UNK EA 91 -55.33 11.70 10.41
N UNK EA 92 -55.21 12.26 9.22
CA UNK EA 92 -54.16 13.23 8.92
C UNK EA 92 -54.79 14.61 8.92
N UNK EA 93 -54.44 15.42 9.90
CA UNK EA 93 -55.03 16.73 10.07
C UNK EA 93 -54.08 17.76 9.48
N UNK EA 94 -54.24 18.07 8.21
CA UNK EA 94 -53.42 19.08 7.56
C UNK EA 94 -54.01 20.44 7.92
N UNK EA 95 -53.17 21.28 8.52
CA UNK EA 95 -53.53 22.64 8.87
C UNK EA 95 -52.28 23.46 9.03
N UNK EA 96 -52.41 24.74 8.73
CA UNK EA 96 -51.41 25.74 9.04
C UNK EA 96 -51.74 26.38 10.37
N UNK EA 97 -51.27 27.61 10.55
CA UNK EA 97 -51.67 28.53 11.62
C UNK EA 97 -52.91 29.36 11.28
N UNK EA 98 -53.84 28.82 10.49
CA UNK EA 98 -55.10 29.46 10.13
C UNK EA 98 -56.19 29.06 11.13
N UNK EA 99 -57.44 29.28 10.78
CA UNK EA 99 -58.58 28.99 11.64
C UNK EA 99 -59.43 27.85 11.14
N UNK EA 100 -58.89 26.99 10.28
CA UNK EA 100 -59.64 25.86 9.75
C UNK EA 100 -58.69 24.71 9.47
N UNK EA 101 -59.02 23.53 9.99
CA UNK EA 101 -58.15 22.37 9.93
C UNK EA 101 -58.80 21.29 9.07
N UNK EA 102 -58.14 20.86 8.02
CA UNK EA 102 -58.73 19.87 7.12
C UNK EA 102 -58.21 18.51 7.53
N UNK EA 103 -59.11 17.66 8.00
CA UNK EA 103 -58.75 16.31 8.41
C UNK EA 103 -59.14 15.32 7.31
N UNK EA 104 -58.31 14.32 7.10
CA UNK EA 104 -58.60 13.26 6.15
C UNK EA 104 -58.34 11.95 6.85
N UNK EA 105 -59.38 11.16 7.08
CA UNK EA 105 -59.25 10.01 7.95
C UNK EA 105 -58.68 8.84 7.17
N UNK EA 106 -57.52 8.36 7.61
CA UNK EA 106 -56.81 7.29 6.94
C UNK EA 106 -57.48 5.94 7.16
N UNK EA 107 -58.00 5.71 8.36
CA UNK EA 107 -58.60 4.43 8.69
C UNK EA 107 -59.98 4.32 8.07
N UNK EA 108 -60.45 3.07 7.91
CA UNK EA 108 -61.74 2.87 7.27
C UNK EA 108 -62.87 3.02 8.27
N UNK EA 109 -62.66 2.57 9.49
CA UNK EA 109 -63.61 2.75 10.59
C UNK EA 109 -62.76 2.77 11.86
N UNK EA 110 -62.77 3.91 12.56
CA UNK EA 110 -62.15 4.08 13.87
C UNK EA 110 -62.72 5.32 14.53
N UNK EA 111 -62.89 5.26 15.84
CA UNK EA 111 -63.18 6.45 16.61
C UNK EA 111 -61.89 7.19 16.87
N UNK EA 112 -61.99 8.47 17.23
CA UNK EA 112 -60.86 9.33 17.47
C UNK EA 112 -61.31 10.49 18.31
N UNK EA 113 -60.39 11.09 19.06
CA UNK EA 113 -60.76 12.23 19.91
C UNK EA 113 -59.74 13.33 19.74
N UNK EA 114 -59.95 14.20 18.75
CA UNK EA 114 -59.04 15.31 18.53
C UNK EA 114 -59.29 16.40 19.57
N UNK EA 115 -58.30 17.27 19.74
CA UNK EA 115 -58.46 18.37 20.68
C UNK EA 115 -57.81 19.61 20.13
N UNK EA 116 -58.63 20.63 19.91
CA UNK EA 116 -58.17 21.90 19.37
C UNK EA 116 -58.11 22.91 20.50
N UNK EA 117 -56.93 23.43 20.77
CA UNK EA 117 -56.78 24.63 21.56
C UNK EA 117 -56.81 25.77 20.56
N UNK EA 118 -57.80 26.64 20.68
CA UNK EA 118 -57.91 27.85 19.87
C UNK EA 118 -57.22 28.99 20.62
N UNK EA 119 -57.47 30.24 20.23
CA UNK EA 119 -57.03 31.35 21.07
C UNK EA 119 -58.06 31.59 22.16
N UNK EA 120 -58.00 30.75 23.19
CA UNK EA 120 -58.89 30.73 24.35
C UNK EA 120 -58.14 30.01 25.46
N UNK EA 121 -58.85 29.60 26.50
CA UNK EA 121 -58.18 28.95 27.62
C UNK EA 121 -58.93 27.77 28.20
N UNK EA 122 -59.91 27.24 27.49
CA UNK EA 122 -60.56 25.98 27.86
C UNK EA 122 -60.67 25.22 26.56
N UNK EA 123 -59.70 24.35 26.31
CA UNK EA 123 -59.44 23.83 24.97
C UNK EA 123 -60.49 22.81 24.58
N UNK EA 124 -61.02 22.96 23.37
CA UNK EA 124 -62.15 22.16 22.95
C UNK EA 124 -61.68 20.79 22.55
N UNK EA 125 -62.46 19.79 22.88
CA UNK EA 125 -62.24 18.48 22.32
C UNK EA 125 -63.28 18.27 21.24
N UNK EA 126 -63.08 17.25 20.43
CA UNK EA 126 -64.00 16.93 19.35
C UNK EA 126 -63.84 15.45 19.04
N UNK EA 127 -64.94 14.73 19.01
CA UNK EA 127 -64.87 13.31 18.73
C UNK EA 127 -65.04 13.10 17.24
N UNK EA 128 -63.97 12.68 16.58
CA UNK EA 128 -64.04 12.37 15.18
C UNK EA 128 -64.41 10.91 15.02
N UNK EA 129 -65.41 10.64 14.21
CA UNK EA 129 -65.80 9.28 13.94
C UNK EA 129 -65.73 9.02 12.46
N UNK EA 130 -65.10 7.93 12.09
CA UNK EA 130 -65.06 7.54 10.70
C UNK EA 130 -66.37 6.89 10.30
N UNK EA 131 -66.69 7.01 9.01
CA UNK EA 131 -67.59 6.14 8.24
C UNK EA 131 -69.06 6.19 8.64
N UNK EA 132 -69.49 7.11 9.49
CA UNK EA 132 -70.85 7.05 10.02
C UNK EA 132 -71.81 7.75 9.07
N UNK EA 133 -72.13 7.06 7.97
CA UNK EA 133 -73.35 7.23 7.14
C UNK EA 133 -73.55 8.53 6.38
N UNK EA 134 -72.69 9.53 6.56
CA UNK EA 134 -72.70 10.80 5.86
C UNK EA 134 -71.32 11.42 6.03
N UNK EA 135 -70.86 12.09 5.00
CA UNK EA 135 -69.53 12.68 5.01
C UNK EA 135 -69.64 14.16 5.26
N UNK EA 136 -69.16 14.59 6.41
CA UNK EA 136 -69.23 16.01 6.76
C UNK EA 136 -68.05 16.71 6.11
N UNK EA 137 -68.26 17.21 4.88
CA UNK EA 137 -67.18 17.82 4.12
C UNK EA 137 -66.79 19.19 4.63
N UNK EA 138 -67.68 19.88 5.34
CA UNK EA 138 -67.33 21.10 6.05
C UNK EA 138 -68.22 21.22 7.27
N UNK EA 139 -67.63 21.09 8.45
CA UNK EA 139 -68.36 21.33 9.68
C UNK EA 139 -67.93 22.65 10.25
N UNK EA 140 -68.89 23.48 10.61
CA UNK EA 140 -68.62 24.82 11.10
C UNK EA 140 -68.86 24.85 12.60
N UNK EA 141 -67.78 24.98 13.35
CA UNK EA 141 -67.87 24.98 14.80
C UNK EA 141 -68.08 26.39 15.30
N UNK EA 142 -69.27 26.68 15.76
CA UNK EA 142 -69.56 27.96 16.40
C UNK EA 142 -69.25 27.77 17.88
N UNK EA 143 -68.14 28.33 18.32
CA UNK EA 143 -67.72 28.15 19.70
C UNK EA 143 -68.49 29.08 20.61
N UNK EA 144 -68.44 28.77 21.91
CA UNK EA 144 -69.10 29.60 22.91
C UNK EA 144 -68.16 30.70 23.40
N UNK FA 1 -57.72 -31.28 9.12
CA UNK FA 1 -58.61 -30.41 8.37
C UNK FA 1 -59.04 -29.26 9.25
N UNK FA 2 -59.69 -29.63 10.35
CA UNK FA 2 -60.06 -28.68 11.37
C UNK FA 2 -58.84 -28.15 12.11
N UNK FA 3 -57.77 -28.95 12.19
CA UNK FA 3 -56.49 -28.47 12.68
C UNK FA 3 -55.87 -27.43 11.77
N UNK FA 4 -56.04 -27.60 10.44
CA UNK FA 4 -55.48 -26.64 9.50
C UNK FA 4 -56.26 -25.34 9.48
N UNK FA 5 -57.59 -25.43 9.64
CA UNK FA 5 -58.40 -24.23 9.78
C UNK FA 5 -58.16 -23.54 11.11
N UNK FA 6 -57.82 -24.32 12.15
CA UNK FA 6 -57.45 -23.75 13.44
C UNK FA 6 -56.10 -23.05 13.38
N UNK FA 7 -55.16 -23.60 12.61
CA UNK FA 7 -53.85 -22.97 12.49
C UNK FA 7 -53.89 -21.71 11.65
N UNK FA 8 -54.73 -21.70 10.62
CA UNK FA 8 -54.92 -20.49 9.83
C UNK FA 8 -55.66 -19.42 10.62
N UNK FA 9 -56.59 -19.85 11.48
CA UNK FA 9 -57.26 -18.95 12.39
C UNK FA 9 -56.31 -18.39 13.44
N UNK FA 10 -55.32 -19.18 13.86
CA UNK FA 10 -54.35 -18.70 14.84
C UNK FA 10 -53.36 -17.73 14.24
N UNK FA 11 -53.01 -17.91 12.96
CA UNK FA 11 -52.12 -16.97 12.29
C UNK FA 11 -52.81 -15.63 12.04
N UNK FA 12 -54.06 -15.68 11.60
CA UNK FA 12 -54.83 -14.45 11.39
C UNK FA 12 -55.20 -13.79 12.69
N UNK FA 13 -55.37 -14.59 13.74
CA UNK FA 13 -55.65 -14.05 15.05
C UNK FA 13 -54.43 -13.41 15.68
N UNK FA 14 -53.24 -13.92 15.37
CA UNK FA 14 -52.02 -13.32 15.89
C UNK FA 14 -51.73 -11.99 15.22
N UNK FA 15 -52.04 -11.89 13.91
CA UNK FA 15 -51.92 -10.61 13.22
C UNK FA 15 -52.98 -9.61 13.69
N UNK FA 16 -54.19 -10.11 13.98
CA UNK FA 16 -55.26 -9.25 14.47
C UNK FA 16 -55.01 -8.82 15.91
N UNK FA 17 -54.35 -9.66 16.69
CA UNK FA 17 -54.05 -9.29 18.06
C UNK FA 17 -52.92 -8.30 18.15
N UNK FA 18 -51.93 -8.40 17.27
CA UNK FA 18 -50.86 -7.43 17.25
C UNK FA 18 -51.33 -6.08 16.72
N UNK FA 19 -52.23 -6.11 15.74
CA UNK FA 19 -52.83 -4.88 15.25
C UNK FA 19 -53.76 -4.24 16.28
N UNK FA 20 -54.48 -5.05 17.05
CA UNK FA 20 -55.32 -4.49 18.09
C UNK FA 20 -54.52 -4.07 19.32
N UNK FA 21 -53.30 -4.58 19.48
CA UNK FA 21 -52.48 -4.13 20.60
C UNK FA 21 -51.66 -2.90 20.28
N UNK FA 22 -51.42 -2.63 19.00
CA UNK FA 22 -50.69 -1.42 18.63
C UNK FA 22 -51.55 -0.18 18.82
N UNK FA 23 -50.91 0.92 19.20
CA UNK FA 23 -51.61 2.16 19.53
C UNK FA 23 -50.67 3.33 19.31
N UNK FA 24 -50.97 4.17 18.32
CA UNK FA 24 -50.13 5.31 18.02
C UNK FA 24 -50.32 6.42 19.03
N UNK FA 25 -49.29 7.22 19.23
CA UNK FA 25 -49.24 8.14 20.35
C UNK FA 25 -50.03 9.41 20.04
N UNK FA 26 -50.01 10.33 20.99
CA UNK FA 26 -50.59 11.64 20.76
C UNK FA 26 -49.68 12.46 19.85
N UNK FA 27 -50.26 13.45 19.19
CA UNK FA 27 -49.48 14.41 18.41
C UNK FA 27 -50.03 15.78 18.65
N UNK FA 28 -49.22 16.67 19.22
CA UNK FA 28 -49.66 18.01 19.59
C UNK FA 28 -49.02 19.00 18.64
N UNK FA 29 -49.68 19.26 17.53
CA UNK FA 29 -49.19 20.22 16.57
C UNK FA 29 -49.51 21.62 17.05
N UNK FA 30 -48.48 22.46 17.18
CA UNK FA 30 -48.65 23.82 17.67
C UNK FA 30 -48.14 24.76 16.61
N UNK FA 31 -48.95 25.74 16.21
CA UNK FA 31 -48.66 26.59 15.07
C UNK FA 31 -48.81 28.05 15.46
N UNK FA 32 -47.71 28.77 15.49
CA UNK FA 32 -47.73 30.18 15.82
C UNK FA 32 -47.83 31.03 14.58
N UNK GA 1 -27.42 -23.60 -66.42
CA UNK GA 1 -27.08 -23.02 -65.14
C UNK GA 1 -27.85 -21.73 -64.94
N UNK GA 2 -28.41 -21.24 -66.04
CA UNK GA 2 -29.16 -19.98 -66.03
C UNK GA 2 -30.48 -20.14 -65.30
N UNK GA 3 -31.08 -21.32 -65.38
CA UNK GA 3 -32.27 -21.60 -64.60
C UNK GA 3 -31.96 -21.74 -63.12
N UNK GA 4 -30.74 -22.22 -62.81
CA UNK GA 4 -30.30 -22.30 -61.43
C UNK GA 4 -30.05 -20.92 -60.85
N UNK GA 5 -29.54 -20.02 -61.68
CA UNK GA 5 -29.35 -18.64 -61.26
C UNK GA 5 -30.67 -17.90 -61.13
N UNK GA 6 -31.64 -18.23 -62.00
CA UNK GA 6 -32.95 -17.59 -61.96
C UNK GA 6 -33.76 -18.03 -60.76
N UNK GA 7 -33.68 -19.32 -60.43
CA UNK GA 7 -34.30 -19.81 -59.22
C UNK GA 7 -33.56 -19.37 -57.97
N UNK GA 8 -32.25 -19.11 -58.08
CA UNK GA 8 -31.50 -18.60 -56.94
C UNK GA 8 -31.86 -17.16 -56.61
N UNK GA 9 -32.04 -16.33 -57.64
CA UNK GA 9 -32.47 -14.96 -57.43
C UNK GA 9 -33.90 -14.88 -56.97
N UNK GA 10 -34.75 -15.81 -57.43
CA UNK GA 10 -36.11 -15.89 -56.94
C UNK GA 10 -36.16 -16.37 -55.50
N UNK GA 11 -35.26 -17.25 -55.12
CA UNK GA 11 -35.22 -17.76 -53.76
C UNK GA 11 -34.67 -16.73 -52.79
N UNK GA 12 -33.66 -15.98 -53.22
CA UNK GA 12 -33.13 -14.93 -52.37
C UNK GA 12 -34.07 -13.74 -52.29
N UNK GA 13 -34.87 -13.54 -53.34
CA UNK GA 13 -35.90 -12.52 -53.29
C UNK GA 13 -37.05 -12.92 -52.40
N UNK GA 14 -37.34 -14.22 -52.31
CA UNK GA 14 -38.33 -14.66 -51.34
C UNK GA 14 -37.76 -14.67 -49.95
N UNK GA 15 -36.44 -14.83 -49.82
CA UNK GA 15 -35.85 -14.94 -48.52
C UNK GA 15 -35.65 -13.59 -47.86
N UNK GA 16 -35.13 -12.61 -48.61
CA UNK GA 16 -34.63 -11.38 -47.99
C UNK GA 16 -35.77 -10.43 -47.62
N UNK GA 17 -36.46 -9.90 -48.62
CA UNK GA 17 -37.72 -9.24 -48.33
C UNK GA 17 -38.73 -10.38 -48.22
N UNK GA 18 -38.94 -10.84 -46.99
CA UNK GA 18 -39.59 -12.12 -46.78
C UNK GA 18 -41.10 -12.01 -46.93
N UNK GA 19 -41.69 -10.98 -46.34
CA UNK GA 19 -43.11 -10.74 -46.52
C UNK GA 19 -43.35 -10.17 -47.90
N UNK GA 20 -44.54 -10.45 -48.43
CA UNK GA 20 -44.89 -10.01 -49.76
C UNK GA 20 -45.21 -8.53 -49.76
N UNK GA 21 -45.08 -7.92 -50.93
CA UNK GA 21 -45.26 -6.50 -51.08
C UNK GA 21 -46.71 -6.06 -50.94
N UNK GA 22 -47.66 -6.96 -51.17
CA UNK GA 22 -49.04 -6.71 -50.79
C UNK GA 22 -49.29 -7.02 -49.34
N UNK GA 23 -48.56 -8.01 -48.81
CA UNK GA 23 -48.79 -8.46 -47.46
C UNK GA 23 -48.28 -7.49 -46.43
N UNK GA 24 -47.31 -6.66 -46.78
CA UNK GA 24 -46.86 -5.60 -45.91
C UNK GA 24 -47.91 -4.52 -45.76
N UNK GA 25 -48.65 -4.23 -46.82
CA UNK GA 25 -49.73 -3.27 -46.73
C UNK GA 25 -50.92 -3.87 -45.99
N UNK GA 26 -51.09 -5.19 -46.12
CA UNK GA 26 -52.12 -5.88 -45.37
C UNK GA 26 -51.80 -5.92 -43.89
N UNK GA 27 -50.52 -6.05 -43.55
CA UNK GA 27 -50.12 -6.05 -42.15
C UNK GA 27 -50.15 -4.65 -41.57
N UNK GA 28 -49.94 -3.63 -42.40
CA UNK GA 28 -50.04 -2.26 -41.91
C UNK GA 28 -51.48 -1.87 -41.66
N UNK GA 29 -52.41 -2.38 -42.47
CA UNK GA 29 -53.82 -2.17 -42.20
C UNK GA 29 -54.28 -2.97 -41.01
N UNK GA 30 -53.68 -4.14 -40.79
CA UNK GA 30 -53.93 -4.94 -39.59
C UNK GA 30 -53.42 -4.25 -38.34
N UNK GA 31 -52.27 -3.58 -38.45
CA UNK GA 31 -51.67 -2.89 -37.32
C UNK GA 31 -52.44 -1.64 -36.97
N UNK GA 32 -52.93 -0.93 -37.99
CA UNK GA 32 -53.68 0.29 -37.73
C UNK GA 32 -55.08 -0.01 -37.23
N UNK GA 33 -55.68 -1.12 -37.68
CA UNK GA 33 -56.95 -1.54 -37.12
C UNK GA 33 -56.80 -2.05 -35.71
N UNK GA 34 -55.65 -2.67 -35.42
CA UNK GA 34 -55.31 -3.07 -34.07
C UNK GA 34 -55.07 -1.86 -33.18
N UNK GA 35 -54.54 -0.80 -33.75
CA UNK GA 35 -54.29 0.41 -32.99
C UNK GA 35 -55.58 1.17 -32.71
N UNK GA 36 -56.55 1.14 -33.63
CA UNK GA 36 -57.85 1.75 -33.34
C UNK GA 36 -58.63 0.93 -32.34
N UNK GA 37 -58.43 -0.39 -32.38
CA UNK GA 37 -59.07 -1.28 -31.41
C UNK GA 37 -58.48 -1.13 -30.03
N UNK GA 38 -57.17 -0.89 -29.94
CA UNK GA 38 -56.59 -0.61 -28.63
C UNK GA 38 -56.87 0.82 -28.21
N UNK GA 39 -57.16 1.68 -29.18
CA UNK GA 39 -57.38 3.09 -28.92
C UNK GA 39 -58.70 3.38 -28.28
N UNK GA 40 -59.77 2.73 -28.74
CA UNK GA 40 -61.13 3.20 -28.48
C UNK GA 40 -61.57 2.96 -27.04
N UNK GA 41 -62.47 3.82 -26.60
CA UNK GA 41 -63.01 3.69 -25.26
C UNK GA 41 -64.05 2.60 -25.22
N UNK GA 42 -64.43 2.21 -24.01
CA UNK GA 42 -65.67 1.49 -23.86
C UNK GA 42 -66.82 2.43 -24.12
N UNK GA 43 -67.96 1.83 -24.49
CA UNK GA 43 -68.88 2.26 -25.56
C UNK GA 43 -69.14 3.76 -25.74
N UNK GA 44 -69.49 4.46 -24.67
CA UNK GA 44 -69.75 5.89 -24.75
C UNK GA 44 -68.43 6.62 -24.71
N UNK GA 45 -68.06 7.24 -25.82
CA UNK GA 45 -67.00 8.23 -25.77
C UNK GA 45 -67.54 9.45 -25.04
N UNK GA 46 -67.19 9.56 -23.76
CA UNK GA 46 -67.91 10.32 -22.73
C UNK GA 46 -67.78 11.81 -22.97
N UNK GA 47 -68.82 12.39 -23.56
CA UNK GA 47 -68.74 13.57 -24.40
C UNK GA 47 -68.51 14.83 -23.58
N UNK GA 48 -67.96 15.83 -24.26
CA UNK GA 48 -67.44 17.01 -23.62
C UNK GA 48 -68.57 17.92 -23.19
N UNK GA 49 -68.27 18.76 -22.20
CA UNK GA 49 -69.18 19.79 -21.73
C UNK GA 49 -68.34 20.85 -21.06
N UNK GA 50 -68.92 22.02 -20.93
CA UNK GA 50 -68.50 22.98 -19.93
C UNK GA 50 -69.69 23.19 -19.03
N UNK GA 51 -69.46 23.85 -17.90
CA UNK GA 51 -70.53 24.06 -16.95
C UNK GA 51 -70.24 25.30 -16.15
N UNK GA 52 -71.25 25.74 -15.44
CA UNK GA 52 -71.09 26.71 -14.37
C UNK GA 52 -72.05 26.35 -13.26
N UNK GA 53 -71.64 26.66 -12.04
CA UNK GA 53 -72.47 26.36 -10.89
C UNK GA 53 -72.18 27.40 -9.82
N UNK GA 54 -73.24 27.85 -9.16
CA UNK GA 54 -73.01 28.65 -7.98
C UNK GA 54 -72.69 27.73 -6.82
N UNK GA 55 -72.05 28.28 -5.82
CA UNK GA 55 -71.74 27.55 -4.61
C UNK GA 55 -72.54 28.16 -3.47
N UNK GA 56 -73.06 27.31 -2.60
CA UNK GA 56 -73.76 27.80 -1.43
C UNK GA 56 -72.76 27.97 -0.29
N UNK GA 57 -73.24 28.29 0.90
CA UNK GA 57 -72.33 28.37 2.02
C UNK GA 57 -72.87 27.69 3.26
N UNK GA 58 -74.20 27.63 3.41
CA UNK GA 58 -74.74 27.31 4.74
C UNK GA 58 -74.80 25.82 5.01
N UNK GA 59 -75.70 25.12 4.31
CA UNK GA 59 -75.78 23.66 4.39
C UNK GA 59 -76.46 23.23 3.09
N UNK GA 60 -75.65 22.84 2.11
CA UNK GA 60 -76.20 22.34 0.87
C UNK GA 60 -75.30 21.22 0.39
N UNK GA 61 -75.52 20.80 -0.86
CA UNK GA 61 -74.64 19.81 -1.45
C UNK GA 61 -73.32 20.46 -1.81
N UNK GA 62 -72.24 19.71 -1.62
CA UNK GA 62 -70.96 20.13 -2.15
C UNK GA 62 -70.99 19.98 -3.65
N UNK GA 63 -70.29 20.88 -4.34
CA UNK GA 63 -70.41 20.98 -5.79
C UNK GA 63 -69.67 19.84 -6.48
N UNK GA 64 -70.36 19.16 -7.38
CA UNK GA 64 -69.83 17.98 -8.04
C UNK GA 64 -69.14 18.37 -9.33
N UNK GA 65 -67.91 17.95 -9.50
CA UNK GA 65 -67.17 18.17 -10.74
C UNK GA 65 -66.93 16.82 -11.39
N UNK GA 66 -67.47 16.62 -12.58
CA UNK GA 66 -67.40 15.32 -13.24
C UNK GA 66 -66.22 15.31 -14.20
N UNK GA 67 -65.11 14.74 -13.75
CA UNK GA 67 -63.91 14.70 -14.58
C UNK GA 67 -63.78 13.32 -15.22
N UNK GA 68 -62.69 13.12 -15.97
CA UNK GA 68 -62.39 11.83 -16.59
C UNK GA 68 -60.87 11.69 -16.63
N UNK GA 69 -60.37 10.74 -17.42
CA UNK GA 69 -58.92 10.60 -17.54
C UNK GA 69 -58.29 11.65 -18.44
N UNK GA 70 -59.07 12.38 -19.24
CA UNK GA 70 -58.66 13.60 -19.90
C UNK GA 70 -58.67 14.75 -18.91
N UNK GA 71 -58.08 15.87 -19.30
CA UNK GA 71 -57.88 16.99 -18.39
C UNK GA 71 -59.16 17.77 -18.19
N UNK GA 72 -59.17 18.63 -17.17
CA UNK GA 72 -60.35 19.41 -16.83
C UNK GA 72 -59.89 20.64 -16.09
N UNK GA 73 -60.74 21.66 -16.11
CA UNK GA 73 -60.37 22.94 -15.55
C UNK GA 73 -61.45 23.40 -14.59
N UNK GA 74 -61.04 23.86 -13.42
CA UNK GA 74 -61.96 24.47 -12.48
C UNK GA 74 -61.58 25.95 -12.46
N UNK GA 75 -62.38 26.75 -13.14
CA UNK GA 75 -62.21 28.19 -13.11
C UNK GA 75 -63.11 28.74 -12.02
N UNK GA 76 -62.51 29.20 -10.93
CA UNK GA 76 -63.28 29.86 -9.90
C UNK GA 76 -63.60 31.27 -10.35
N UNK GA 77 -64.61 31.86 -9.71
CA UNK GA 77 -64.92 33.27 -9.87
C UNK GA 77 -63.78 34.11 -9.31
N UNK GA 78 -63.64 35.33 -9.84
CA UNK GA 78 -62.34 35.97 -10.14
C UNK GA 78 -61.39 36.24 -8.96
N UNK GA 79 -61.78 35.98 -7.72
CA UNK GA 79 -60.83 35.89 -6.62
C UNK GA 79 -59.94 34.67 -6.78
N UNK GA 80 -58.77 34.75 -6.20
CA UNK GA 80 -57.74 33.74 -6.38
C UNK GA 80 -57.88 32.63 -5.35
N UNK GA 81 -57.55 31.42 -5.78
CA UNK GA 81 -57.46 30.29 -4.88
C UNK GA 81 -56.22 30.45 -4.03
N UNK GA 82 -56.31 30.13 -2.74
CA UNK GA 82 -55.14 30.27 -1.90
C UNK GA 82 -54.45 28.94 -1.63
N UNK GA 83 -55.21 27.88 -1.40
CA UNK GA 83 -54.61 26.58 -1.14
C UNK GA 83 -55.55 25.48 -1.59
N UNK GA 84 -55.02 24.55 -2.36
CA UNK GA 84 -55.72 23.33 -2.66
C UNK GA 84 -55.38 22.32 -1.57
N UNK GA 85 -56.32 21.44 -1.26
CA UNK GA 85 -56.02 20.28 -0.42
C UNK GA 85 -56.78 19.12 -1.02
N UNK GA 86 -56.07 18.22 -1.67
CA UNK GA 86 -56.68 17.14 -2.42
C UNK GA 86 -56.43 15.82 -1.72
N UNK GA 87 -57.21 14.83 -2.13
CA UNK GA 87 -56.97 13.44 -1.76
C UNK GA 87 -56.21 12.80 -2.91
N UNK GA 88 -54.88 12.82 -2.83
CA UNK GA 88 -53.97 12.63 -3.94
C UNK GA 88 -53.89 11.17 -4.37
N UNK GA 89 -53.09 10.94 -5.42
CA UNK GA 89 -52.91 9.71 -6.18
C UNK GA 89 -54.19 9.17 -6.77
N UNK GA 90 -55.12 10.06 -7.09
CA UNK GA 90 -56.23 9.76 -7.93
C UNK GA 90 -56.49 10.89 -8.90
N UNK GA 91 -55.91 12.05 -8.66
CA UNK GA 91 -56.15 13.23 -9.48
C UNK GA 91 -54.96 14.16 -9.31
N UNK GA 92 -54.41 14.67 -10.40
CA UNK GA 92 -53.28 15.58 -10.37
C UNK GA 92 -53.81 16.98 -10.63
N UNK GA 93 -53.75 17.82 -9.61
CA UNK GA 93 -54.30 19.17 -9.70
C UNK GA 93 -53.17 20.12 -9.96
N UNK GA 94 -52.88 20.39 -11.22
CA UNK GA 94 -51.84 21.32 -11.60
C UNK GA 94 -52.43 22.72 -11.50
N UNK GA 95 -51.80 23.57 -10.68
CA UNK GA 95 -52.20 24.95 -10.51
C UNK GA 95 -51.03 25.73 -9.96
N UNK GA 96 -50.99 27.00 -10.34
CA UNK GA 96 -50.10 27.97 -9.75
C UNK GA 96 -50.83 28.70 -8.63
N UNK GA 97 -50.38 29.92 -8.34
CA UNK GA 97 -51.07 30.89 -7.50
C UNK GA 97 -52.09 31.75 -8.27
N UNK GA 98 -52.72 31.21 -9.31
CA UNK GA 98 -53.75 31.87 -10.09
C UNK GA 98 -55.13 31.56 -9.51
N UNK GA 99 -56.18 31.80 -10.27
CA UNK GA 99 -57.55 31.60 -9.83
C UNK GA 99 -58.24 30.46 -10.56
N UNK GA 100 -57.50 29.55 -11.15
CA UNK GA 100 -58.08 28.42 -11.86
C UNK GA 100 -57.15 27.23 -11.76
N UNK GA 101 -57.69 26.09 -11.36
CA UNK GA 101 -56.90 24.90 -11.08
C UNK GA 101 -57.29 23.80 -12.05
N UNK GA 102 -56.32 23.29 -12.82
CA UNK GA 102 -56.64 22.29 -13.82
C UNK GA 102 -56.36 20.93 -13.22
N UNK GA 103 -57.40 20.12 -13.06
CA UNK GA 103 -57.27 18.79 -12.50
C UNK GA 103 -57.32 17.77 -13.63
N UNK GA 104 -56.52 16.72 -13.51
CA UNK GA 104 -56.52 15.63 -14.47
C UNK GA 104 -56.58 14.34 -13.68
N UNK GA 105 -57.67 13.61 -13.80
CA UNK GA 105 -57.90 12.50 -12.88
C UNK GA 105 -57.17 11.28 -13.39
N UNK GA 106 -56.25 10.78 -12.56
CA UNK GA 106 -55.41 9.64 -12.91
C UNK GA 106 -56.18 8.34 -12.88
N UNK GA 107 -57.08 8.18 -11.92
CA UNK GA 107 -57.81 6.94 -11.78
C UNK GA 107 -58.92 6.84 -12.83
N UNK GA 108 -59.36 5.62 -13.10
CA UNK GA 108 -60.37 5.43 -14.13
C UNK GA 108 -61.76 5.68 -13.58
N UNK GA 109 -62.01 5.27 -12.34
CA UNK GA 109 -63.25 5.54 -11.63
C UNK GA 109 -62.88 5.60 -10.15
N UNK GA 110 -63.08 6.76 -9.54
CA UNK GA 110 -62.92 6.98 -8.10
C UNK GA 110 -63.61 8.27 -7.72
N UNK GA 111 -64.22 8.28 -6.54
CA UNK GA 111 -64.69 9.52 -5.96
C UNK GA 111 -63.52 10.22 -5.30
N UNK GA 112 -63.68 11.51 -5.04
CA UNK GA 112 -62.65 12.35 -4.45
C UNK GA 112 -63.30 13.57 -3.86
N UNK GA 113 -62.66 14.17 -2.87
CA UNK GA 113 -63.23 15.35 -2.23
C UNK GA 113 -62.15 16.41 -2.09
N UNK GA 114 -61.98 17.24 -3.11
CA UNK GA 114 -61.00 18.31 -3.06
C UNK GA 114 -61.52 19.44 -2.19
N UNK GA 115 -60.61 20.29 -1.72
CA UNK GA 115 -61.02 21.43 -0.93
C UNK GA 115 -60.17 22.63 -1.27
N UNK GA 116 -60.80 23.67 -1.79
CA UNK GA 116 -60.13 24.89 -2.18
C UNK GA 116 -60.41 25.95 -1.14
N UNK GA 117 -59.36 26.44 -0.51
CA UNK GA 117 -59.43 27.67 0.25
C UNK GA 117 -59.05 28.76 -0.74
N UNK GA 118 -59.98 29.67 -0.99
CA UNK GA 118 -59.76 30.84 -1.83
C UNK GA 118 -59.30 31.99 -0.94
N UNK GA 119 -59.35 33.23 -1.42
CA UNK GA 119 -59.15 34.37 -0.52
C UNK GA 119 -60.48 34.70 0.15
N UNK GA 120 -60.82 33.90 1.16
CA UNK GA 120 -62.04 33.97 1.95
C UNK GA 120 -61.74 33.29 3.28
N UNK GA 121 -62.78 32.95 4.03
CA UNK GA 121 -62.56 32.33 5.33
C UNK GA 121 -63.53 31.21 5.67
N UNK GA 122 -64.23 30.68 4.68
CA UNK GA 122 -65.03 29.47 4.85
C UNK GA 122 -64.73 28.64 3.62
N UNK GA 123 -63.78 27.73 3.75
CA UNK GA 123 -63.12 27.13 2.59
C UNK GA 123 -64.01 26.13 1.90
N UNK GA 124 -64.10 26.24 0.58
CA UNK GA 124 -65.06 25.46 -0.17
C UNK GA 124 -64.55 24.06 -0.35
N UNK GA 125 -65.45 23.11 -0.26
CA UNK GA 125 -65.12 21.77 -0.67
C UNK GA 125 -65.75 21.54 -2.04
N UNK GA 126 -65.34 20.48 -2.70
CA UNK GA 126 -65.86 20.13 -4.01
C UNK GA 126 -65.68 18.64 -4.20
N UNK GA 127 -66.74 17.96 -4.58
CA UNK GA 127 -66.65 16.53 -4.76
C UNK GA 127 -66.32 16.25 -6.21
N UNK GA 128 -65.11 15.76 -6.45
CA UNK GA 128 -64.72 15.38 -7.79
C UNK GA 128 -65.09 13.93 -8.00
N UNK GA 129 -65.77 13.66 -9.11
CA UNK GA 129 -66.11 12.30 -9.44
C UNK GA 129 -65.56 11.97 -10.81
N UNK GA 130 -64.90 10.83 -10.91
CA UNK GA 130 -64.41 10.38 -12.17
C UNK GA 130 -65.54 9.77 -12.98
N UNK GA 131 -65.40 9.83 -14.30
CA UNK GA 131 -66.03 8.96 -15.30
C UNK GA 131 -67.55 9.07 -15.43
N UNK GA 132 -68.19 10.04 -14.80
CA UNK GA 132 -69.65 10.06 -14.77
C UNK GA 132 -70.20 10.75 -16.00
N UNK GA 133 -70.18 10.03 -17.13
CA UNK GA 133 -71.02 10.18 -18.32
C UNK GA 133 -70.89 11.46 -19.15
N UNK GA 134 -70.09 12.44 -18.72
CA UNK GA 134 -69.80 13.67 -19.43
C UNK GA 134 -68.53 14.25 -18.83
N UNK GA 135 -67.72 14.85 -19.67
CA UNK GA 135 -66.44 15.38 -19.22
C UNK GA 135 -66.55 16.89 -19.07
N UNK GA 136 -66.48 17.36 -17.84
CA UNK GA 136 -66.58 18.79 -17.59
C UNK GA 136 -65.22 19.41 -17.83
N UNK GA 137 -64.98 19.86 -19.06
CA UNK GA 137 -63.67 20.39 -19.44
C UNK GA 137 -63.41 21.78 -18.87
N UNK GA 138 -64.45 22.52 -18.52
CA UNK GA 138 -64.29 23.77 -17.78
C UNK GA 138 -65.54 23.98 -16.94
N UNK GA 139 -65.40 23.89 -15.63
CA UNK GA 139 -66.48 24.21 -14.73
C UNK GA 139 -66.20 25.55 -14.09
N UNK GA 140 -67.19 26.43 -14.10
CA UNK GA 140 -67.04 27.78 -13.60
C UNK GA 140 -67.76 27.89 -12.27
N UNK GA 141 -67.00 28.01 -11.20
CA UNK GA 141 -67.56 28.08 -9.87
C UNK GA 141 -67.85 29.53 -9.53
N UNK GA 142 -69.11 29.89 -9.50
CA UNK GA 142 -69.54 31.20 -9.03
C UNK GA 142 -69.75 31.07 -7.53
N UNK GA 143 -68.83 31.61 -6.76
CA UNK GA 143 -68.90 31.49 -5.33
C UNK GA 143 -69.89 32.49 -4.75
N UNK GA 144 -70.30 32.24 -3.51
CA UNK GA 144 -71.21 33.14 -2.82
C UNK GA 144 -70.44 34.23 -2.07
N UNK HA 1 -59.12 -28.71 -9.80
CA UNK HA 1 -59.66 -27.83 -10.84
C UNK HA 1 -60.29 -26.62 -10.20
N UNK HA 2 -61.30 -26.92 -9.38
CA UNK HA 2 -61.93 -25.90 -8.56
C UNK HA 2 -60.98 -25.37 -7.48
N UNK HA 3 -60.06 -26.21 -7.01
CA UNK HA 3 -58.99 -25.77 -6.14
C UNK HA 3 -58.04 -24.79 -6.84
N UNK HA 4 -57.78 -25.02 -8.13
CA UNK HA 4 -56.88 -24.14 -8.87
C UNK HA 4 -57.53 -22.81 -9.19
N UNK HA 5 -58.84 -22.84 -9.48
CA UNK HA 5 -59.59 -21.60 -9.66
C UNK HA 5 -59.77 -20.86 -8.35
N UNK HA 6 -59.84 -21.59 -7.24
CA UNK HA 6 -59.89 -20.97 -5.93
C UNK HA 6 -58.55 -20.33 -5.54
N UNK HA 7 -57.45 -20.96 -5.93
CA UNK HA 7 -56.14 -20.40 -5.63
C UNK HA 7 -55.82 -19.18 -6.48
N UNK HA 8 -56.26 -19.18 -7.74
CA UNK HA 8 -56.11 -18.00 -8.58
C UNK HA 8 -57.01 -16.87 -8.13
N UNK HA 9 -58.19 -17.21 -7.62
CA UNK HA 9 -59.08 -16.24 -7.01
C UNK HA 9 -58.50 -15.67 -5.74
N UNK HA 10 -57.77 -16.48 -4.97
CA UNK HA 10 -57.14 -15.99 -3.75
C UNK HA 10 -55.96 -15.09 -4.01
N UNK HA 11 -55.21 -15.35 -5.10
CA UNK HA 11 -54.10 -14.47 -5.46
C UNK HA 11 -54.58 -13.13 -5.97
N UNK HA 12 -55.62 -13.15 -6.81
CA UNK HA 12 -56.21 -11.91 -7.31
C UNK HA 12 -56.95 -11.16 -6.23
N UNK HA 13 -57.51 -11.89 -5.27
CA UNK HA 13 -58.18 -11.27 -4.14
C UNK HA 13 -57.19 -10.66 -3.18
N UNK HA 14 -56.00 -11.23 -3.04
CA UNK HA 14 -54.99 -10.65 -2.17
C UNK HA 14 -54.43 -9.38 -2.75
N UNK HA 15 -54.28 -9.34 -4.08
CA UNK HA 15 -53.86 -8.09 -4.75
C UNK HA 15 -54.95 -7.04 -4.69
N UNK HA 16 -56.22 -7.47 -4.81
CA UNK HA 16 -57.34 -6.54 -4.73
C UNK HA 16 -57.56 -6.04 -3.32
N UNK HA 17 -57.24 -6.86 -2.32
CA UNK HA 17 -57.40 -6.44 -0.95
C UNK HA 17 -56.31 -5.49 -0.51
N UNK HA 18 -55.09 -5.69 -1.02
CA UNK HA 18 -54.02 -4.75 -0.70
C UNK HA 18 -54.21 -3.42 -1.41
N UNK HA 19 -54.74 -3.46 -2.63
CA UNK HA 19 -55.06 -2.23 -3.34
C UNK HA 19 -56.25 -1.51 -2.71
N UNK HA 20 -57.22 -2.25 -2.19
CA UNK HA 20 -58.33 -1.61 -1.52
C UNK HA 20 -57.96 -1.14 -0.12
N UNK HA 21 -56.91 -1.68 0.47
CA UNK HA 21 -56.47 -1.22 1.78
C UNK HA 21 -55.53 -0.05 1.71
N UNK HA 22 -54.86 0.15 0.57
CA UNK HA 22 -53.98 1.30 0.42
C UNK HA 22 -54.78 2.59 0.28
N UNK HA 23 -54.24 3.68 0.81
CA UNK HA 23 -54.95 4.96 0.84
C UNK HA 23 -53.92 6.08 0.90
N UNK HA 24 -53.83 6.88 -0.16
CA UNK HA 24 -52.86 7.97 -0.21
C UNK HA 24 -53.33 9.14 0.65
N UNK HA 25 -52.36 9.90 1.15
CA UNK HA 25 -52.66 10.88 2.19
C UNK HA 25 -53.21 12.16 1.59
N UNK HA 26 -53.46 13.13 2.46
CA UNK HA 26 -53.86 14.45 2.00
C UNK HA 26 -52.65 15.17 1.42
N UNK HA 27 -52.91 16.15 0.56
CA UNK HA 27 -51.87 17.04 0.06
C UNK HA 27 -52.40 18.45 0.05
N UNK HA 28 -51.76 19.32 0.83
CA UNK HA 28 -52.23 20.70 0.98
C UNK HA 28 -51.25 21.62 0.26
N UNK HA 29 -51.50 21.83 -1.01
CA UNK HA 29 -50.65 22.73 -1.79
C UNK HA 29 -51.04 24.17 -1.49
N UNK HA 30 -50.07 24.96 -1.06
CA UNK HA 30 -50.31 26.36 -0.70
C UNK HA 30 -49.42 27.22 -1.56
N UNK HA 31 -50.00 28.20 -2.24
CA UNK HA 31 -49.30 28.98 -3.25
C UNK HA 31 -49.49 30.46 -2.98
N UNK HA 32 -48.41 31.14 -2.62
CA UNK HA 32 -48.47 32.57 -2.36
C UNK HA 32 -48.11 33.35 -3.60
N UNK IA 1 -4.70 -25.83 -70.92
CA UNK IA 1 -4.78 -25.18 -69.63
C UNK IA 1 -5.51 -23.86 -69.74
N UNK IA 2 -5.65 -23.42 -70.99
CA UNK IA 2 -6.28 -22.13 -71.27
C UNK IA 2 -7.78 -22.19 -71.03
N UNK IA 3 -8.38 -23.36 -71.26
CA UNK IA 3 -9.78 -23.56 -70.93
C UNK IA 3 -9.98 -23.64 -69.43
N UNK IA 4 -8.98 -24.14 -68.69
CA UNK IA 4 -9.02 -24.18 -67.24
C UNK IA 4 -8.90 -22.78 -66.67
N UNK IA 5 -8.10 -21.94 -67.31
CA UNK IA 5 -7.99 -20.55 -66.89
C UNK IA 5 -9.25 -19.75 -67.25
N UNK IA 6 -9.89 -20.09 -68.37
CA UNK IA 6 -11.09 -19.40 -68.81
C UNK IA 6 -12.28 -19.76 -67.93
N UNK IA 7 -12.38 -21.02 -67.55
CA UNK IA 7 -13.40 -21.44 -66.60
C UNK IA 7 -13.10 -20.96 -65.19
N UNK IA 8 -11.82 -20.74 -64.86
CA UNK IA 8 -11.48 -20.21 -63.55
C UNK IA 8 -11.84 -18.75 -63.42
N UNK IA 9 -11.63 -17.97 -64.48
CA UNK IA 9 -12.03 -16.57 -64.46
C UNK IA 9 -13.53 -16.41 -64.53
N UNK IA 10 -14.22 -17.34 -65.21
CA UNK IA 10 -15.67 -17.34 -65.20
C UNK IA 10 -16.22 -17.75 -63.85
N UNK IA 11 -15.54 -18.65 -63.15
CA UNK IA 11 -15.99 -19.09 -61.85
C UNK IA 11 -15.74 -18.04 -60.79
N UNK IA 12 -14.62 -17.34 -60.87
CA UNK IA 12 -14.35 -16.27 -59.93
C UNK IA 12 -15.20 -15.05 -60.22
N UNK IA 13 -15.59 -14.86 -61.48
CA UNK IA 13 -16.53 -13.81 -61.81
C UNK IA 13 -17.92 -14.13 -61.35
N UNK IA 14 -18.29 -15.41 -61.33
CA UNK IA 14 -19.57 -15.75 -60.74
C UNK IA 14 -19.50 -15.72 -59.22
N UNK IA 15 -18.31 -15.92 -58.66
CA UNK IA 15 -18.20 -15.99 -57.22
C UNK IA 15 -18.17 -14.61 -56.58
N UNK IA 16 -17.38 -13.69 -57.15
CA UNK IA 16 -17.05 -12.46 -56.44
C UNK IA 16 -18.20 -11.45 -56.51
N UNK IA 17 -18.49 -10.95 -57.70
CA UNK IA 17 -19.73 -10.23 -57.87
C UNK IA 17 -20.77 -11.32 -58.07
N UNK IA 18 -21.41 -11.71 -56.97
CA UNK IA 18 -22.17 -12.95 -56.95
C UNK IA 18 -23.53 -12.79 -57.59
N UNK IA 19 -24.22 -11.72 -57.28
CA UNK IA 19 -25.49 -11.44 -57.93
C UNK IA 19 -25.23 -10.93 -59.34
N UNK IA 20 -26.17 -11.20 -60.24
CA UNK IA 20 -26.04 -10.81 -61.62
C UNK IA 20 -26.26 -9.32 -61.77
N UNK IA 21 -25.71 -8.77 -62.85
CA UNK IA 21 -25.77 -7.35 -63.10
C UNK IA 21 -27.16 -6.87 -63.46
N UNK IA 22 -28.02 -7.73 -63.98
CA UNK IA 22 -29.43 -7.41 -64.10
C UNK IA 22 -30.16 -7.65 -62.80
N UNK IA 23 -29.71 -8.62 -62.03
CA UNK IA 23 -30.41 -9.02 -60.82
C UNK IA 23 -30.23 -8.00 -59.72
N UNK IA 24 -29.14 -7.23 -59.74
CA UNK IA 24 -28.97 -6.14 -58.81
C UNK IA 24 -29.95 -5.02 -59.05
N UNK IA 25 -30.26 -4.75 -60.31
CA UNK IA 25 -31.27 -3.76 -60.62
C UNK IA 25 -32.66 -4.28 -60.32
N UNK IA 26 -32.86 -5.59 -60.46
CA UNK IA 26 -34.11 -6.22 -60.07
C UNK IA 26 -34.30 -6.20 -58.56
N UNK IA 27 -33.22 -6.34 -57.81
CA UNK IA 27 -33.32 -6.28 -56.36
C UNK IA 27 -33.47 -4.87 -55.87
N UNK IA 28 -32.93 -3.89 -56.62
CA UNK IA 28 -33.13 -2.49 -56.23
C UNK IA 28 -34.55 -2.04 -56.50
N UNK IA 29 -35.17 -2.57 -57.56
CA UNK IA 29 -36.59 -2.28 -57.79
C UNK IA 29 -37.46 -3.01 -56.79
N UNK IA 30 -37.01 -4.19 -56.34
CA UNK IA 30 -37.70 -4.92 -55.27
C UNK IA 30 -37.60 -4.19 -53.95
N UNK IA 31 -36.44 -3.57 -53.69
CA UNK IA 31 -36.23 -2.84 -52.44
C UNK IA 31 -37.01 -1.55 -52.42
N UNK IA 32 -37.09 -0.87 -53.56
CA UNK IA 32 -37.82 0.38 -53.61
C UNK IA 32 -39.33 0.16 -53.61
N UNK IA 33 -39.79 -0.95 -54.19
CA UNK IA 33 -41.20 -1.30 -54.10
C UNK IA 33 -41.55 -1.74 -52.69
N UNK IA 34 -40.61 -2.40 -52.01
CA UNK IA 34 -40.76 -2.73 -50.60
C UNK IA 34 -40.77 -1.49 -49.73
N UNK IA 35 -40.02 -0.47 -50.13
CA UNK IA 35 -39.99 0.76 -49.36
C UNK IA 35 -41.25 1.58 -49.56
N UNK IA 36 -41.85 1.53 -50.76
CA UNK IA 36 -43.15 2.20 -50.94
C UNK IA 36 -44.26 1.46 -50.24
N UNK IA 37 -44.12 0.14 -50.16
CA UNK IA 37 -45.09 -0.67 -49.45
C UNK IA 37 -44.99 -0.48 -47.94
N UNK IA 38 -43.79 -0.29 -47.42
CA UNK IA 38 -43.66 0.04 -46.01
C UNK IA 38 -44.00 1.49 -45.76
N UNK IA 39 -43.90 2.32 -46.79
CA UNK IA 39 -44.12 3.73 -46.66
C UNK IA 39 -45.57 4.11 -46.52
N UNK IA 40 -46.45 3.47 -47.29
CA UNK IA 40 -47.78 4.01 -47.52
C UNK IA 40 -48.70 3.86 -46.32
N UNK IA 41 -49.66 4.77 -46.22
CA UNK IA 41 -50.61 4.73 -45.14
C UNK IA 41 -51.67 3.67 -45.43
N UNK IA 42 -52.44 3.36 -44.40
CA UNK IA 42 -53.70 2.69 -44.65
C UNK IA 42 -54.65 3.67 -45.32
N UNK IA 43 -55.62 3.09 -46.04
CA UNK IA 43 -56.11 3.50 -47.35
C UNK IA 43 -56.22 4.99 -47.67
N UNK IA 44 -56.87 5.76 -46.81
CA UNK IA 44 -57.02 7.18 -47.02
C UNK IA 44 -55.75 7.87 -46.56
N UNK IA 45 -55.00 8.43 -47.49
CA UNK IA 45 -53.97 9.38 -47.13
C UNK IA 45 -54.67 10.65 -46.67
N UNK IA 46 -54.75 10.80 -45.35
CA UNK IA 46 -55.74 11.64 -44.65
C UNK IA 46 -55.45 13.11 -44.89
N UNK IA 47 -56.22 13.69 -45.80
CA UNK IA 47 -55.79 14.83 -46.61
C UNK IA 47 -55.80 16.12 -45.80
N UNK IA 48 -55.00 17.07 -46.30
CA UNK IA 48 -54.67 18.26 -45.55
C UNK IA 48 -55.83 19.23 -45.56
N UNK IA 49 -55.83 20.10 -44.56
CA UNK IA 49 -56.78 21.18 -44.46
C UNK IA 49 -56.17 22.25 -43.58
N UNK IA 50 -56.70 23.45 -43.70
CA UNK IA 50 -56.59 24.44 -42.66
C UNK IA 50 -58.00 24.74 -42.21
N UNK IA 51 -58.12 25.44 -41.09
CA UNK IA 51 -59.44 25.73 -40.57
C UNK IA 51 -59.39 26.99 -39.75
N UNK IA 52 -60.56 27.51 -39.44
CA UNK IA 52 -60.70 28.53 -38.42
C UNK IA 52 -62.00 28.26 -37.68
N UNK IA 53 -62.01 28.62 -36.41
CA UNK IA 53 -63.19 28.40 -35.59
C UNK IA 53 -63.23 29.48 -34.52
N UNK IA 54 -64.41 30.00 -34.28
CA UNK IA 54 -64.56 30.85 -33.11
C UNK IA 54 -64.69 29.97 -31.89
N UNK IA 55 -64.40 30.55 -30.75
CA UNK IA 55 -64.56 29.86 -29.49
C UNK IA 55 -65.65 30.57 -28.70
N UNK IA 56 -66.48 29.78 -28.03
CA UNK IA 56 -67.50 30.35 -27.18
C UNK IA 56 -66.93 30.53 -25.77
N UNK IA 57 -67.78 30.93 -24.83
CA UNK IA 57 -67.29 31.03 -23.47
C UNK IA 57 -68.26 30.43 -22.46
N UNK IA 58 -69.55 30.43 -22.77
CA UNK IA 58 -70.53 30.20 -21.70
C UNK IA 58 -70.75 28.73 -21.40
N UNK IA 59 -71.39 28.02 -22.33
CA UNK IA 59 -71.57 26.57 -22.25
C UNK IA 59 -71.79 26.10 -23.69
N UNK IA 60 -70.72 25.63 -24.32
CA UNK IA 60 -70.85 25.10 -25.66
C UNK IA 60 -69.90 23.92 -25.77
N UNK IA 61 -69.70 23.46 -27.00
CA UNK IA 61 -68.73 22.41 -27.23
C UNK IA 61 -67.33 22.99 -27.14
N UNK IA 62 -66.42 22.21 -26.56
CA UNK IA 62 -65.02 22.56 -26.65
C UNK IA 62 -64.56 22.34 -28.07
N UNK IA 63 -63.61 23.17 -28.52
CA UNK IA 63 -63.23 23.20 -29.92
C UNK IA 63 -62.37 22.00 -30.29
N UNK IA 64 -62.75 21.31 -31.35
CA UNK IA 64 -62.08 20.07 -31.73
C UNK IA 64 -60.99 20.38 -32.74
N UNK IA 65 -59.79 19.91 -32.46
CA UNK IA 65 -58.68 20.05 -33.40
C UNK IA 65 -58.29 18.66 -33.86
N UNK IA 66 -58.40 18.41 -35.17
CA UNK IA 66 -58.19 17.08 -35.72
C UNK IA 66 -56.76 16.98 -36.22
N UNK IA 67 -55.89 16.39 -35.41
CA UNK IA 67 -54.49 16.27 -35.78
C UNK IA 67 -54.22 14.86 -36.30
N UNK IA 68 -52.96 14.57 -36.62
CA UNK IA 68 -52.53 13.26 -37.07
C UNK IA 68 -51.10 13.06 -36.59
N UNK IA 69 -50.41 12.04 -37.12
CA UNK IA 69 -49.02 11.85 -36.74
C UNK IA 69 -48.06 12.84 -37.41
N UNK IA 70 -48.50 13.54 -38.45
CA UNK IA 70 -47.81 14.71 -38.98
C UNK IA 70 -48.10 15.92 -38.09
N UNK IA 71 -47.36 17.00 -38.29
CA UNK IA 71 -47.42 18.15 -37.40
C UNK IA 71 -48.65 18.98 -37.68
N UNK IA 72 -48.96 19.89 -36.76
CA UNK IA 72 -50.14 20.72 -36.85
C UNK IA 72 -49.91 21.98 -36.05
N UNK IA 73 -50.64 23.03 -36.38
CA UNK IA 73 -50.42 24.33 -35.77
C UNK IA 73 -51.73 24.87 -35.25
N UNK IA 74 -51.72 25.37 -34.03
CA UNK IA 74 -52.87 26.06 -33.48
C UNK IA 74 -52.44 27.51 -33.38
N UNK IA 75 -52.93 28.31 -34.32
CA UNK IA 75 -52.71 29.75 -34.29
C UNK IA 75 -53.89 30.39 -33.58
N UNK IA 76 -53.67 30.86 -32.37
CA UNK IA 76 -54.70 31.60 -31.68
C UNK IA 76 -54.78 33.01 -32.26
N UNK IA 77 -55.92 33.67 -32.02
CA UNK IA 77 -56.08 35.08 -32.33
C UNK IA 77 -55.15 35.90 -31.45
N UNK IA 78 -54.78 37.09 -31.93
CA UNK IA 78 -53.43 37.66 -31.80
C UNK IA 78 -52.92 37.96 -30.38
N UNK IA 79 -53.72 37.76 -29.34
CA UNK IA 79 -53.20 37.71 -27.98
C UNK IA 79 -52.37 36.44 -27.79
N UNK IA 80 -51.46 36.51 -26.84
CA UNK IA 80 -50.48 35.46 -26.63
C UNK IA 80 -51.00 34.41 -25.67
N UNK IA 81 -50.61 33.16 -25.92
CA UNK IA 81 -50.89 32.07 -25.00
C UNK IA 81 -49.99 32.22 -23.80
N UNK IA 82 -50.54 31.99 -22.61
CA UNK IA 82 -49.71 32.12 -21.42
C UNK IA 82 -49.22 30.77 -20.90
N UNK IA 83 -50.06 29.75 -20.90
CA UNK IA 83 -49.65 28.45 -20.40
C UNK IA 83 -50.44 27.36 -21.11
N UNK IA 84 -49.73 26.39 -21.62
CA UNK IA 84 -50.36 25.17 -22.10
C UNK IA 84 -50.45 24.21 -20.92
N UNK IA 85 -51.48 23.38 -20.92
CA UNK IA 85 -51.54 22.26 -19.99
C UNK IA 85 -52.12 21.10 -20.77
N UNK IA 86 -51.27 20.14 -21.11
CA UNK IA 86 -51.65 19.04 -21.98
C UNK IA 86 -51.71 17.75 -21.19
N UNK IA 87 -52.35 16.76 -21.81
CA UNK IA 87 -52.32 15.40 -21.33
C UNK IA 87 -51.25 14.68 -22.15
N UNK IA 88 -50.04 14.65 -21.62
CA UNK IA 88 -48.82 14.36 -22.35
C UNK IA 88 -48.67 12.88 -22.67
N UNK IA 89 -47.57 12.58 -23.37
CA UNK IA 89 -47.20 11.30 -24.00
C UNK IA 89 -48.25 10.79 -24.96
N UNK IA 90 -48.96 11.68 -25.60
CA UNK IA 90 -49.75 11.39 -26.76
C UNK IA 90 -49.61 12.47 -27.81
N UNK IA 91 -49.08 13.62 -27.43
CA UNK IA 91 -48.98 14.77 -28.31
C UNK IA 91 -47.87 15.67 -27.78
N UNK IA 92 -46.96 16.10 -28.65
CA UNK IA 92 -45.86 16.97 -28.26
C UNK IA 92 -46.20 18.38 -28.72
N UNK IA 93 -46.44 19.26 -27.78
CA UNK IA 93 -46.87 20.62 -28.09
C UNK IA 93 -45.66 21.52 -27.99
N UNK IA 94 -44.96 21.71 -29.09
CA UNK IA 94 -43.80 22.59 -29.12
C UNK IA 94 -44.32 24.01 -29.28
N UNK IA 95 -43.97 24.87 -28.33
CA UNK IA 95 -44.32 26.29 -28.35
C UNK IA 95 -43.37 27.05 -27.47
N UNK IA 96 -43.15 28.29 -27.84
CA UNK IA 96 -42.45 29.26 -27.03
C UNK IA 96 -43.47 30.06 -26.25
N UNK IA 97 -43.09 31.27 -25.87
CA UNK IA 97 -43.98 32.32 -25.35
C UNK IA 97 -44.62 33.17 -26.44
N UNK IA 98 -44.90 32.60 -27.60
CA UNK IA 98 -45.57 33.26 -28.71
C UNK IA 98 -47.07 33.03 -28.62
N UNK IA 99 -47.80 33.28 -29.70
CA UNK IA 99 -49.25 33.14 -29.75
C UNK IA 99 -49.71 32.00 -30.62
N UNK IA 100 -48.86 31.02 -30.89
CA UNK IA 100 -49.22 29.88 -31.72
C UNK IA 100 -48.44 28.67 -31.28
N UNK IA 101 -49.15 27.56 -31.04
CA UNK IA 101 -48.56 26.36 -30.47
C UNK IA 101 -48.65 25.24 -31.48
N UNK IA 102 -47.52 24.66 -31.86
CA UNK IA 102 -47.52 23.63 -32.88
C UNK IA 102 -47.53 22.29 -32.17
N UNK IA 103 -48.60 21.53 -32.33
CA UNK IA 103 -48.74 20.22 -31.72
C UNK IA 103 -48.45 19.15 -32.76
N UNK IA 104 -47.79 18.08 -32.34
CA UNK IA 104 -47.53 16.94 -33.22
C UNK IA 104 -47.91 15.70 -32.45
N UNK IA 105 -48.94 15.00 -32.89
CA UNK IA 105 -49.52 13.94 -32.08
C UNK IA 105 -48.72 12.67 -32.27
N UNK IA 106 -48.16 12.18 -31.16
CA UNK IA 106 -47.30 11.00 -31.17
C UNK IA 106 -48.10 9.72 -31.37
N UNK IA 107 -49.28 9.65 -30.76
CA UNK IA 107 -50.08 8.45 -30.83
C UNK IA 107 -50.78 8.34 -32.17
N UNK IA 108 -51.17 7.12 -32.54
CA UNK IA 108 -51.78 6.91 -33.85
C UNK IA 108 -53.27 7.24 -33.81
N UNK IA 109 -53.93 6.90 -32.71
CA UNK IA 109 -55.32 7.24 -32.48
C UNK IA 109 -55.46 7.36 -30.96
N UNK IA 110 -55.80 8.57 -30.48
CA UNK IA 110 -56.13 8.85 -29.09
C UNK IA 110 -56.84 10.18 -29.01
N UNK IA 111 -57.80 10.27 -28.10
CA UNK IA 111 -58.38 11.55 -27.76
C UNK IA 111 -57.47 12.24 -26.77
N UNK IA 112 -57.64 13.54 -26.62
CA UNK IA 112 -56.82 14.38 -25.75
C UNK IA 112 -57.58 15.64 -25.45
N UNK IA 113 -57.27 16.27 -24.31
CA UNK IA 113 -57.97 17.50 -23.95
C UNK IA 113 -56.95 18.53 -23.49
N UNK IA 114 -56.40 19.29 -24.43
CA UNK IA 114 -55.44 20.33 -24.07
C UNK IA 114 -56.16 21.52 -23.49
N UNK IA 115 -55.42 22.36 -22.77
CA UNK IA 115 -56.02 23.55 -22.19
C UNK IA 115 -55.03 24.70 -22.27
N UNK IA 116 -55.41 25.73 -23.01
CA UNK IA 116 -54.58 26.92 -23.19
C UNK IA 116 -55.15 28.03 -22.34
N UNK IA 117 -54.34 28.52 -21.41
CA UNK IA 117 -54.59 29.78 -20.76
C UNK IA 117 -53.85 30.81 -21.60
N UNK IA 118 -54.61 31.75 -22.18
CA UNK IA 118 -54.05 32.86 -22.93
C UNK IA 118 -53.86 34.03 -21.98
N UNK IA 119 -53.68 35.24 -22.49
CA UNK IA 119 -53.73 36.41 -21.63
C UNK IA 119 -55.20 36.82 -21.45
N UNK IA 120 -55.89 36.10 -20.58
CA UNK IA 120 -57.31 36.25 -20.26
C UNK IA 120 -57.51 35.61 -18.89
N UNK IA 121 -58.76 35.35 -18.51
CA UNK IA 121 -59.01 34.80 -17.19
C UNK IA 121 -60.09 33.73 -17.17
N UNK IA 122 -60.45 33.17 -18.32
CA UNK IA 122 -61.31 32.01 -18.38
C UNK IA 122 -60.67 31.12 -19.41
N UNK IA 123 -59.87 30.16 -18.94
CA UNK IA 123 -58.88 29.50 -19.79
C UNK IA 123 -59.54 28.50 -20.70
N UNK IA 124 -59.17 28.55 -21.97
CA UNK IA 124 -59.86 27.77 -22.98
C UNK IA 124 -59.39 26.34 -22.93
N UNK IA 125 -60.31 25.42 -23.12
CA UNK IA 125 -59.95 24.05 -23.36
C UNK IA 125 -60.09 23.79 -24.84
N UNK IA 126 -59.53 22.67 -25.28
CA UNK IA 126 -59.59 22.28 -26.68
C UNK IA 126 -59.43 20.78 -26.75
N UNK IA 127 -60.34 20.12 -27.44
CA UNK IA 127 -60.27 18.67 -27.53
C UNK IA 127 -59.48 18.30 -28.78
N UNK IA 128 -58.30 17.77 -28.58
CA UNK IA 128 -57.50 17.31 -29.68
C UNK IA 128 -57.84 15.87 -29.97
N UNK IA 129 -58.12 15.56 -31.22
CA UNK IA 129 -58.41 14.21 -31.61
C UNK IA 129 -57.45 13.79 -32.70
N UNK IA 130 -56.85 12.63 -32.53
CA UNK IA 130 -55.99 12.09 -33.55
C UNK IA 130 -56.81 11.48 -34.66
N UNK IA 131 -56.23 11.48 -35.85
CA UNK IA 131 -56.54 10.57 -36.98
C UNK IA 131 -57.91 10.74 -37.61
N UNK IA 132 -58.68 11.77 -37.28
CA UNK IA 132 -60.07 11.84 -37.74
C UNK IA 132 -60.13 12.49 -39.11
N UNK IA 133 -59.77 11.70 -40.13
CA UNK IA 133 -60.16 11.84 -41.55
C UNK IA 133 -59.68 13.07 -42.33
N UNK IA 134 -59.03 14.03 -41.69
CA UNK IA 134 -58.46 15.22 -42.30
C UNK IA 134 -57.44 15.77 -41.33
N UNK IA 135 -56.36 16.30 -41.86
CA UNK IA 135 -55.28 16.82 -41.02
C UNK IA 135 -55.37 18.32 -40.97
N UNK IA 136 -55.67 18.86 -39.81
CA UNK IA 136 -55.79 20.30 -39.65
C UNK IA 136 -54.39 20.86 -39.44
N UNK IA 137 -53.73 21.24 -40.54
CA UNK IA 137 -52.35 21.70 -40.47
C UNK IA 137 -52.22 23.11 -39.89
N UNK IA 138 -53.28 23.90 -39.94
CA UNK IA 138 -53.32 25.18 -39.23
C UNK IA 138 -54.76 25.47 -38.87
N UNK IA 139 -55.07 25.45 -37.58
CA UNK IA 139 -56.38 25.85 -37.11
C UNK IA 139 -56.26 27.21 -36.46
N UNK IA 140 -57.13 28.11 -36.84
CA UNK IA 140 -57.10 29.48 -36.36
C UNK IA 140 -58.22 29.69 -35.35
N UNK IA 141 -57.85 29.84 -34.09
CA UNK IA 141 -58.83 29.99 -33.04
C UNK IA 141 -59.14 31.46 -32.86
N UNK IA 142 -60.33 31.87 -33.28
CA UNK IA 142 -60.81 33.21 -33.03
C UNK IA 142 -61.52 33.17 -31.69
N UNK IA 143 -60.88 33.71 -30.66
CA UNK IA 143 -61.45 33.66 -29.33
C UNK IA 143 -62.52 34.73 -29.16
N UNK IA 144 -63.32 34.55 -28.12
CA UNK IA 144 -64.37 35.51 -27.80
C UNK IA 144 -63.84 36.61 -26.89
N UNK JA 1 -53.38 -27.06 -27.96
CA UNK JA 1 -53.47 -26.22 -29.16
C UNK JA 1 -54.23 -24.96 -28.84
N UNK JA 2 -55.48 -25.17 -28.41
CA UNK JA 2 -56.30 -24.09 -27.91
C UNK JA 2 -55.79 -23.54 -26.60
N UNK JA 3 -55.12 -24.39 -25.80
CA UNK JA 3 -54.42 -23.92 -24.61
C UNK JA 3 -53.24 -23.02 -24.96
N UNK JA 4 -52.54 -23.33 -26.07
CA UNK JA 4 -51.40 -22.52 -26.48
C UNK JA 4 -51.83 -21.19 -27.06
N UNK JA 5 -52.95 -21.19 -27.80
CA UNK JA 5 -53.52 -19.94 -28.29
C UNK JA 5 -54.11 -19.12 -27.16
N UNK JA 6 -54.61 -19.79 -26.11
CA UNK JA 6 -55.09 -19.09 -24.93
C UNK JA 6 -53.95 -18.49 -24.12
N UNK JA 7 -52.81 -19.16 -24.06
CA UNK JA 7 -51.66 -18.63 -23.34
C UNK JA 7 -51.01 -17.47 -24.07
N UNK JA 8 -50.98 -17.53 -25.40
CA UNK JA 8 -50.48 -16.40 -26.18
C UNK JA 8 -51.42 -15.21 -26.13
N UNK JA 9 -52.73 -15.50 -26.05
CA UNK JA 9 -53.73 -14.47 -25.84
C UNK JA 9 -53.60 -13.84 -24.46
N UNK JA 10 -53.22 -14.62 -23.46
CA UNK JA 10 -53.06 -14.09 -22.11
C UNK JA 10 -51.81 -13.25 -21.97
N UNK JA 11 -50.74 -13.59 -22.71
CA UNK JA 11 -49.53 -12.78 -22.69
C UNK JA 11 -49.73 -11.45 -23.39
N UNK JA 12 -50.41 -11.48 -24.55
CA UNK JA 12 -50.71 -10.25 -25.27
C UNK JA 12 -51.76 -9.42 -24.55
N UNK JA 13 -52.66 -10.07 -23.83
CA UNK JA 13 -53.65 -9.38 -23.04
C UNK JA 13 -53.04 -8.74 -21.81
N UNK JA 14 -52.00 -9.34 -21.25
CA UNK JA 14 -51.35 -8.74 -20.09
C UNK JA 14 -50.54 -7.52 -20.49
N UNK JA 15 -49.93 -7.56 -21.68
CA UNK JA 15 -49.25 -6.38 -22.20
C UNK JA 15 -50.24 -5.28 -22.58
N UNK JA 16 -51.40 -5.68 -23.12
CA UNK JA 16 -52.42 -4.70 -23.49
C UNK JA 16 -53.11 -4.13 -22.26
N UNK JA 17 -53.20 -4.90 -21.18
CA UNK JA 17 -53.82 -4.40 -19.98
C UNK JA 17 -52.91 -3.46 -19.22
N UNK JA 18 -51.60 -3.72 -19.26
CA UNK JA 18 -50.66 -2.80 -18.61
C UNK JA 18 -50.52 -1.51 -19.40
N UNK JA 19 -50.59 -1.60 -20.73
CA UNK JA 19 -50.59 -0.40 -21.55
C UNK JA 19 -51.87 0.39 -21.42
N UNK JA 20 -53.00 -0.29 -21.25
CA UNK JA 20 -54.25 0.42 -21.04
C UNK JA 20 -54.38 0.96 -19.61
N UNK JA 21 -53.62 0.41 -18.66
CA UNK JA 21 -53.67 0.93 -17.31
C UNK JA 21 -52.69 2.07 -17.10
N UNK JA 22 -51.66 2.18 -17.91
CA UNK JA 22 -50.74 3.30 -17.79
C UNK JA 22 -51.37 4.60 -18.27
N UNK JA 23 -51.00 5.69 -17.61
CA UNK JA 23 -51.60 7.00 -17.90
C UNK JA 23 -50.62 8.09 -17.51
N UNK JA 24 -50.11 8.83 -18.50
CA UNK JA 24 -49.14 9.87 -18.24
C UNK JA 24 -49.81 11.10 -17.66
N UNK JA 25 -49.07 11.86 -16.88
CA UNK JA 25 -49.65 12.90 -16.06
C UNK JA 25 -49.89 14.17 -16.86
N UNK JA 26 -50.38 15.20 -16.18
CA UNK JA 26 -50.53 16.50 -16.80
C UNK JA 26 -49.16 17.16 -16.95
N UNK JA 27 -49.05 18.08 -17.88
CA UNK JA 27 -47.86 18.91 -18.01
C UNK JA 27 -48.28 20.33 -18.26
N UNK JA 28 -47.93 21.23 -17.35
CA UNK JA 28 -48.34 22.62 -17.43
C UNK JA 28 -47.14 23.47 -17.78
N UNK JA 29 -46.90 23.63 -19.07
CA UNK JA 29 -45.80 24.46 -19.54
C UNK JA 29 -46.18 25.91 -19.45
N UNK JA 30 -45.39 26.70 -18.73
CA UNK JA 30 -45.68 28.12 -18.54
C UNK JA 30 -44.49 28.91 -19.07
N UNK JA 31 -44.75 29.86 -19.95
CA UNK JA 31 -43.70 30.57 -20.67
C UNK JA 31 -43.90 32.07 -20.55
N UNK JA 32 -43.00 32.73 -19.85
CA UNK JA 32 -43.06 34.17 -19.68
C UNK JA 32 -42.25 34.88 -20.74
#